data_7X4Y
#
_entry.id   7X4Y
#
_cell.length_a   109.736
_cell.length_b   130.689
_cell.length_c   109.761
_cell.angle_alpha   90.000
_cell.angle_beta   100.040
_cell.angle_gamma   90.000
#
_symmetry.space_group_name_H-M   'P 1 21 1'
#
loop_
_entity.id
_entity.type
_entity.pdbx_description
1 polymer 'Glutamate decarboxylase'
2 non-polymer "PYRIDOXAL-5'-PHOSPHATE"
3 non-polymer 'GAMMA-AMINO-BUTANOIC ACID'
4 water water
#
_entity_poly.entity_id   1
_entity_poly.type   'polypeptide(L)'
_entity_poly.pdbx_seq_one_letter_code
;MEDLNFRKGDAKTDVFGSDRMLQPSPVERIPDGPTTPEVAYQMVKDETFAQTQPRLNLATFVTTYMDDYATKLMNEAINI
NYIDETEYPRIAVMNGKCINIVANLWNSPEKDTWKTGALAIGSSEACMLGGVAAWLRWRKKRQAQGKPFDKPNFVISTGF
QVVWEKFAQLWQIEMREVPLTLEKTTLDPEEALKMCDENTICVVPIQGVTWTGLNDDVEALDKALDAYNAKTGYDIPIHV
DAASGGFILPFLYPDTKWDFRLKWVLSISVSGHKFGLVYPGLGWVCWKGKEYLPEEMSFSVNYLGANITQVGLNFSRPAA
QILGQYYQFIRLGFQGYKEVQYNSLQIAKYIHGEIAKMAPFVNYSENVVNPLFIWYLKPEYAKSAKWTLYDLQDKLSQHG
WMVPAYTLPSKLEDYVVMRVVVRQGFSRDMADMLLGDIKNAIAELEKLDFPTPTRMAQEKNLPVEAKMFNHGGRRHKTVK
K
;
_entity_poly.pdbx_strand_id   A,B,C,D,E,F
#
loop_
_chem_comp.id
_chem_comp.type
_chem_comp.name
_chem_comp.formula
ABU non-polymer 'GAMMA-AMINO-BUTANOIC ACID' 'C4 H9 N O2'
PLP non-polymer PYRIDOXAL-5'-PHOSPHATE 'C8 H10 N O6 P'
#
# COMPACT_ATOMS: atom_id res chain seq x y z
N GLU A 2 -28.93 2.75 -17.99
CA GLU A 2 -29.39 1.73 -17.05
C GLU A 2 -28.57 0.45 -17.23
N ASP A 3 -28.16 -0.16 -16.13
CA ASP A 3 -27.33 -1.35 -16.15
C ASP A 3 -28.15 -2.54 -15.69
N LEU A 4 -28.45 -3.45 -16.63
CA LEU A 4 -29.38 -4.53 -16.35
C LEU A 4 -28.90 -5.42 -15.22
N ASN A 5 -27.60 -5.73 -15.18
CA ASN A 5 -27.07 -6.73 -14.26
C ASN A 5 -26.43 -6.12 -13.02
N PHE A 6 -26.79 -4.87 -12.69
CA PHE A 6 -26.18 -4.19 -11.54
C PHE A 6 -26.38 -4.98 -10.25
N ARG A 7 -27.60 -5.46 -10.02
CA ARG A 7 -27.87 -6.16 -8.77
C ARG A 7 -27.30 -7.58 -8.76
N LYS A 8 -26.99 -8.15 -9.93
CA LYS A 8 -26.57 -9.54 -10.02
C LYS A 8 -25.08 -9.73 -9.81
N GLY A 9 -24.29 -8.66 -9.89
CA GLY A 9 -22.85 -8.75 -9.74
C GLY A 9 -22.12 -8.67 -11.06
N ASP A 10 -22.05 -7.45 -11.63
CA ASP A 10 -21.25 -7.21 -12.82
C ASP A 10 -20.16 -6.19 -12.49
N ALA A 11 -19.55 -5.60 -13.51
CA ALA A 11 -18.43 -4.68 -13.29
C ALA A 11 -18.85 -3.37 -12.63
N LYS A 12 -20.14 -3.00 -12.69
CA LYS A 12 -20.60 -1.74 -12.12
C LYS A 12 -21.25 -1.90 -10.76
N THR A 13 -21.48 -3.14 -10.31
CA THR A 13 -22.19 -3.44 -9.08
C THR A 13 -21.57 -2.74 -7.87
N ASP A 14 -22.41 -2.11 -7.05
CA ASP A 14 -22.01 -1.72 -5.70
C ASP A 14 -22.34 -2.84 -4.73
N VAL A 15 -21.36 -3.22 -3.90
CA VAL A 15 -21.53 -4.36 -2.99
C VAL A 15 -22.84 -4.27 -2.23
N PHE A 16 -23.16 -3.09 -1.69
CA PHE A 16 -24.34 -2.95 -0.85
C PHE A 16 -25.51 -2.36 -1.62
N GLY A 17 -25.53 -2.56 -2.93
CA GLY A 17 -26.74 -2.39 -3.71
C GLY A 17 -27.07 -3.64 -4.50
N SER A 18 -26.55 -4.78 -4.05
CA SER A 18 -26.68 -6.04 -4.79
C SER A 18 -27.62 -7.00 -4.06
N ASP A 19 -28.17 -7.94 -4.83
CA ASP A 19 -29.03 -8.99 -4.28
C ASP A 19 -28.28 -9.84 -3.26
N ARG A 20 -26.99 -10.11 -3.48
CA ARG A 20 -26.27 -11.01 -2.59
C ARG A 20 -26.22 -10.45 -1.17
N MET A 21 -26.15 -9.12 -1.03
CA MET A 21 -26.12 -8.48 0.28
C MET A 21 -27.52 -8.25 0.84
N LEU A 22 -28.57 -8.76 0.19
CA LEU A 22 -29.87 -8.96 0.80
C LEU A 22 -30.09 -10.41 1.22
N GLN A 23 -29.08 -11.25 1.11
CA GLN A 23 -29.17 -12.68 1.41
C GLN A 23 -28.25 -13.06 2.55
N PRO A 24 -28.63 -14.08 3.33
CA PRO A 24 -27.77 -14.52 4.43
C PRO A 24 -26.56 -15.28 3.92
N SER A 25 -25.53 -15.34 4.76
CA SER A 25 -24.35 -16.13 4.45
C SER A 25 -24.66 -17.62 4.59
N PRO A 26 -23.92 -18.48 3.89
CA PRO A 26 -24.23 -19.91 3.89
C PRO A 26 -23.87 -20.56 5.23
N VAL A 27 -24.84 -21.28 5.80
CA VAL A 27 -24.66 -21.97 7.07
C VAL A 27 -24.36 -23.46 6.89
N GLU A 28 -25.04 -24.10 5.95
CA GLU A 28 -24.99 -25.54 5.74
C GLU A 28 -24.29 -25.95 4.47
N ARG A 29 -24.55 -25.29 3.34
CA ARG A 29 -24.11 -25.81 2.06
C ARG A 29 -23.38 -24.74 1.28
N ILE A 30 -22.42 -25.19 0.47
CA ILE A 30 -21.69 -24.24 -0.38
C ILE A 30 -22.68 -23.58 -1.31
N PRO A 31 -22.60 -22.26 -1.52
CA PRO A 31 -23.47 -21.62 -2.52
C PRO A 31 -23.26 -22.25 -3.89
N ASP A 32 -24.33 -22.24 -4.69
CA ASP A 32 -24.25 -22.88 -6.01
C ASP A 32 -23.28 -22.16 -6.93
N GLY A 33 -23.20 -20.84 -6.82
CA GLY A 33 -22.44 -20.04 -7.76
C GLY A 33 -21.55 -19.00 -7.09
N PRO A 34 -20.73 -18.32 -7.89
CA PRO A 34 -19.77 -17.36 -7.35
C PRO A 34 -20.39 -15.98 -7.14
N THR A 35 -19.60 -15.11 -6.50
CA THR A 35 -19.90 -13.69 -6.40
C THR A 35 -18.63 -12.93 -6.76
N THR A 36 -18.71 -11.61 -6.73
CA THR A 36 -17.50 -10.83 -6.98
C THR A 36 -16.59 -10.91 -5.75
N PRO A 37 -15.28 -10.74 -5.95
CA PRO A 37 -14.39 -10.76 -4.78
C PRO A 37 -14.72 -9.69 -3.75
N GLU A 38 -15.15 -8.51 -4.20
CA GLU A 38 -15.50 -7.46 -3.24
C GLU A 38 -16.68 -7.87 -2.37
N VAL A 39 -17.70 -8.50 -2.98
CA VAL A 39 -18.87 -8.92 -2.20
C VAL A 39 -18.45 -9.97 -1.18
N ALA A 40 -17.71 -10.99 -1.63
CA ALA A 40 -17.30 -12.07 -0.72
C ALA A 40 -16.38 -11.56 0.38
N TYR A 41 -15.48 -10.63 0.04
CA TYR A 41 -14.58 -10.05 1.04
C TYR A 41 -15.37 -9.38 2.17
N GLN A 42 -16.39 -8.57 1.83
CA GLN A 42 -17.21 -7.93 2.85
C GLN A 42 -18.00 -8.96 3.65
N MET A 43 -18.60 -9.94 2.99
CA MET A 43 -19.41 -10.91 3.72
C MET A 43 -18.60 -11.62 4.79
N VAL A 44 -17.36 -12.03 4.49
CA VAL A 44 -16.54 -12.67 5.51
C VAL A 44 -16.03 -11.64 6.51
N LYS A 45 -15.45 -10.53 6.02
CA LYS A 45 -14.88 -9.51 6.91
C LYS A 45 -15.92 -8.97 7.90
N ASP A 46 -17.11 -8.65 7.40
CA ASP A 46 -18.10 -7.99 8.24
C ASP A 46 -18.51 -8.88 9.41
N GLU A 47 -18.37 -10.20 9.29
CA GLU A 47 -18.73 -11.06 10.40
C GLU A 47 -17.73 -10.98 11.56
N THR A 48 -16.49 -10.53 11.32
CA THR A 48 -15.49 -10.43 12.38
C THR A 48 -15.60 -9.15 13.20
N PHE A 49 -16.49 -8.22 12.82
CA PHE A 49 -16.60 -6.96 13.54
C PHE A 49 -17.16 -7.16 14.96
N ALA A 50 -18.23 -7.94 15.08
CA ALA A 50 -19.00 -8.00 16.34
C ALA A 50 -18.42 -9.03 17.31
N GLN A 51 -17.17 -8.81 17.68
CA GLN A 51 -16.49 -9.63 18.67
C GLN A 51 -15.33 -8.82 19.23
N THR A 52 -14.66 -9.40 20.22
CA THR A 52 -13.55 -8.72 20.87
C THR A 52 -12.47 -8.39 19.85
N GLN A 53 -11.98 -7.16 19.93
CA GLN A 53 -10.82 -6.70 19.19
C GLN A 53 -9.57 -7.27 19.84
N PRO A 54 -8.63 -7.82 19.07
CA PRO A 54 -7.50 -8.52 19.70
C PRO A 54 -6.70 -7.69 20.68
N ARG A 55 -6.42 -6.40 20.40
CA ARG A 55 -5.60 -5.64 21.33
C ARG A 55 -6.34 -5.36 22.64
N LEU A 56 -7.67 -5.53 22.65
CA LEU A 56 -8.44 -5.38 23.88
C LEU A 56 -8.77 -6.72 24.53
N ASN A 57 -8.32 -7.84 23.96
CA ASN A 57 -8.48 -9.19 24.51
C ASN A 57 -7.43 -9.36 25.61
N LEU A 58 -7.84 -9.21 26.87
CA LEU A 58 -6.90 -9.35 27.98
C LEU A 58 -6.95 -10.75 28.57
N ALA A 59 -7.76 -11.64 28.00
CA ALA A 59 -7.75 -13.05 28.37
C ALA A 59 -6.59 -13.81 27.74
N THR A 60 -6.17 -13.42 26.53
CA THR A 60 -5.22 -14.23 25.77
C THR A 60 -3.78 -13.91 26.18
N PHE A 61 -2.94 -14.97 26.16
CA PHE A 61 -1.49 -14.85 26.32
C PHE A 61 -0.80 -14.67 24.97
N VAL A 62 -1.54 -14.83 23.88
CA VAL A 62 -0.98 -14.96 22.54
C VAL A 62 -0.87 -13.59 21.89
N THR A 63 0.29 -13.36 21.27
CA THR A 63 0.68 -12.11 20.61
C THR A 63 -0.41 -11.51 19.74
N THR A 64 -0.70 -10.24 19.98
CA THR A 64 -1.64 -9.49 19.17
C THR A 64 -1.01 -8.27 18.51
N TYR A 65 0.29 -8.04 18.70
CA TYR A 65 1.03 -6.99 18.03
C TYR A 65 2.43 -7.47 17.66
N MET A 66 2.85 -7.18 16.42
CA MET A 66 4.25 -7.16 16.02
C MET A 66 4.49 -5.87 15.25
N ASP A 67 5.74 -5.44 15.14
CA ASP A 67 6.00 -4.18 14.43
C ASP A 67 5.74 -4.34 12.94
N ASP A 68 5.84 -3.23 12.20
CA ASP A 68 5.45 -3.25 10.78
C ASP A 68 6.36 -4.14 9.95
N TYR A 69 7.64 -4.23 10.31
CA TYR A 69 8.59 -4.97 9.49
C TYR A 69 8.39 -6.46 9.63
N ALA A 70 8.22 -6.93 10.87
CA ALA A 70 7.88 -8.34 11.09
C ALA A 70 6.57 -8.70 10.41
N THR A 71 5.59 -7.81 10.49
CA THR A 71 4.28 -8.10 9.90
C THR A 71 4.38 -8.25 8.39
N LYS A 72 5.09 -7.32 7.73
CA LYS A 72 5.30 -7.41 6.28
C LYS A 72 6.06 -8.69 5.92
N LEU A 73 7.10 -9.01 6.68
CA LEU A 73 7.89 -10.23 6.43
C LEU A 73 7.01 -11.48 6.48
N MET A 74 6.15 -11.57 7.51
CA MET A 74 5.28 -12.73 7.64
C MET A 74 4.19 -12.76 6.57
N ASN A 75 3.60 -11.60 6.25
CA ASN A 75 2.60 -11.56 5.19
C ASN A 75 3.18 -12.01 3.87
N GLU A 76 4.43 -11.59 3.58
CA GLU A 76 5.07 -11.97 2.31
C GLU A 76 5.34 -13.47 2.22
N ALA A 77 5.36 -14.19 3.35
CA ALA A 77 5.60 -15.61 3.37
C ALA A 77 4.32 -16.43 3.51
N ILE A 78 3.15 -15.82 3.29
CA ILE A 78 1.88 -16.52 3.48
C ILE A 78 1.77 -17.77 2.63
N ASN A 79 2.48 -17.85 1.51
CA ASN A 79 2.32 -19.00 0.63
C ASN A 79 3.49 -19.99 0.74
N ILE A 80 4.25 -19.94 1.82
CA ILE A 80 5.42 -20.80 1.97
C ILE A 80 5.06 -21.91 2.95
N ASN A 81 5.03 -23.15 2.45
CA ASN A 81 4.75 -24.33 3.28
C ASN A 81 6.06 -24.80 3.89
N TYR A 82 6.20 -24.66 5.23
CA TYR A 82 7.47 -25.03 5.87
C TYR A 82 7.93 -26.43 5.51
N ILE A 83 7.00 -27.39 5.49
CA ILE A 83 7.41 -28.80 5.43
C ILE A 83 8.10 -29.18 4.12
N ASP A 84 7.99 -28.34 3.09
CA ASP A 84 8.74 -28.53 1.84
C ASP A 84 10.20 -28.12 2.02
N GLU A 85 10.88 -28.87 2.89
CA GLU A 85 12.25 -28.50 3.31
C GLU A 85 13.26 -28.67 2.20
N THR A 86 13.07 -29.66 1.33
CA THR A 86 13.95 -29.82 0.17
C THR A 86 13.82 -28.64 -0.78
N GLU A 87 12.61 -28.10 -0.92
CA GLU A 87 12.35 -26.96 -1.78
C GLU A 87 12.73 -25.64 -1.12
N TYR A 88 12.56 -25.53 0.20
CA TYR A 88 12.87 -24.32 0.96
C TYR A 88 13.89 -24.64 2.05
N PRO A 89 15.12 -25.03 1.67
CA PRO A 89 16.10 -25.44 2.68
C PRO A 89 16.64 -24.31 3.53
N ARG A 90 16.59 -23.06 3.05
CA ARG A 90 17.06 -21.96 3.89
C ARG A 90 16.14 -21.74 5.07
N ILE A 91 14.84 -21.96 4.86
CA ILE A 91 13.90 -21.86 5.94
C ILE A 91 14.05 -23.05 6.88
N ALA A 92 14.38 -24.22 6.34
CA ALA A 92 14.69 -25.37 7.20
C ALA A 92 15.90 -25.09 8.08
N VAL A 93 16.97 -24.52 7.51
CA VAL A 93 18.13 -24.13 8.31
C VAL A 93 17.74 -23.06 9.32
N MET A 94 16.97 -22.05 8.89
CA MET A 94 16.52 -21.00 9.81
C MET A 94 15.75 -21.59 10.99
N ASN A 95 14.88 -22.57 10.72
CA ASN A 95 14.18 -23.28 11.80
C ASN A 95 15.17 -23.88 12.79
N GLY A 96 16.20 -24.54 12.27
CA GLY A 96 17.20 -25.10 13.14
C GLY A 96 17.94 -24.03 13.92
N LYS A 97 18.18 -22.86 13.29
CA LYS A 97 18.89 -21.84 14.03
C LYS A 97 18.03 -21.32 15.17
N CYS A 98 16.71 -21.17 14.93
CA CYS A 98 15.81 -20.77 16.02
C CYS A 98 15.85 -21.77 17.15
N ILE A 99 15.84 -23.07 16.81
CA ILE A 99 15.88 -24.11 17.84
C ILE A 99 17.18 -24.04 18.64
N ASN A 100 18.34 -23.86 17.97
CA ASN A 100 19.60 -23.67 18.69
C ASN A 100 19.52 -22.52 19.68
N ILE A 101 18.99 -21.38 19.21
CA ILE A 101 18.92 -20.18 20.03
C ILE A 101 18.04 -20.42 21.27
N VAL A 102 16.89 -21.07 21.08
CA VAL A 102 15.99 -21.36 22.20
C VAL A 102 16.65 -22.31 23.20
N ALA A 103 17.26 -23.38 22.69
CA ALA A 103 17.92 -24.32 23.57
C ALA A 103 19.04 -23.64 24.37
N ASN A 104 19.81 -22.76 23.73
CA ASN A 104 20.86 -22.07 24.45
C ASN A 104 20.30 -21.03 25.42
N LEU A 105 19.16 -20.43 25.08
CA LEU A 105 18.46 -19.60 26.04
C LEU A 105 18.11 -20.40 27.30
N TRP A 106 17.83 -21.68 27.13
CA TRP A 106 17.52 -22.58 28.24
C TRP A 106 18.74 -23.33 28.75
N ASN A 107 19.94 -22.88 28.37
CA ASN A 107 21.20 -23.41 28.93
C ASN A 107 21.38 -24.89 28.65
N SER A 108 21.04 -25.31 27.42
CA SER A 108 21.26 -26.70 27.07
C SER A 108 22.74 -27.06 27.15
N PRO A 109 23.10 -28.19 27.76
CA PRO A 109 24.49 -28.66 27.73
C PRO A 109 24.85 -29.47 26.49
N GLU A 110 23.92 -29.65 25.55
CA GLU A 110 24.18 -30.43 24.37
C GLU A 110 25.33 -29.84 23.57
N LYS A 111 26.30 -30.67 23.19
CA LYS A 111 27.48 -30.14 22.51
C LYS A 111 27.28 -30.01 21.00
N ASP A 112 26.36 -30.77 20.41
CA ASP A 112 26.09 -30.70 18.98
C ASP A 112 25.75 -29.26 18.60
N THR A 113 26.26 -28.78 17.46
CA THR A 113 25.90 -27.42 17.05
C THR A 113 24.41 -27.32 16.76
N TRP A 114 23.83 -28.34 16.13
CA TRP A 114 22.40 -28.33 15.82
C TRP A 114 21.67 -29.01 16.96
N LYS A 115 21.08 -28.20 17.83
CA LYS A 115 20.43 -28.67 19.05
C LYS A 115 19.21 -29.53 18.73
N THR A 116 18.90 -30.43 19.66
CA THR A 116 17.79 -31.37 19.51
C THR A 116 16.49 -30.69 19.93
N GLY A 117 15.64 -30.38 18.95
CA GLY A 117 14.39 -29.74 19.23
C GLY A 117 13.52 -29.83 17.99
N ALA A 118 12.29 -29.31 18.13
CA ALA A 118 11.33 -29.37 17.05
C ALA A 118 10.48 -28.11 17.00
N LEU A 119 10.14 -27.70 15.78
CA LEU A 119 9.15 -26.67 15.51
C LEU A 119 7.75 -27.17 15.87
N ALA A 120 6.90 -26.29 16.37
CA ALA A 120 5.51 -26.63 16.65
C ALA A 120 4.59 -25.46 16.30
N ILE A 121 3.30 -25.76 16.24
CA ILE A 121 2.24 -24.75 16.04
C ILE A 121 1.95 -23.97 17.33
N GLY A 122 2.27 -24.53 18.49
CA GLY A 122 2.07 -23.87 19.76
C GLY A 122 2.54 -24.79 20.87
N SER A 123 2.26 -24.41 22.12
CA SER A 123 2.64 -25.31 23.21
C SER A 123 1.83 -26.59 23.19
N SER A 124 0.68 -26.62 22.54
CA SER A 124 -0.07 -27.87 22.48
C SER A 124 0.76 -28.99 21.84
N GLU A 125 1.19 -28.78 20.59
CA GLU A 125 2.01 -29.80 19.91
C GLU A 125 3.34 -30.01 20.63
N ALA A 126 3.94 -28.92 21.12
CA ALA A 126 5.23 -29.03 21.80
C ALA A 126 5.12 -29.84 23.09
N CYS A 127 4.06 -29.60 23.88
CA CYS A 127 3.84 -30.41 25.08
C CYS A 127 3.59 -31.87 24.72
N MET A 128 2.76 -32.12 23.71
CA MET A 128 2.45 -33.51 23.38
C MET A 128 3.69 -34.25 22.89
N LEU A 129 4.52 -33.60 22.09
CA LEU A 129 5.77 -34.23 21.67
C LEU A 129 6.66 -34.51 22.87
N GLY A 130 6.76 -33.55 23.80
CA GLY A 130 7.48 -33.82 25.04
C GLY A 130 6.89 -34.99 25.80
N GLY A 131 5.55 -35.07 25.87
CA GLY A 131 4.92 -36.14 26.64
C GLY A 131 5.05 -37.50 25.98
N VAL A 132 4.87 -37.56 24.67
CA VAL A 132 5.06 -38.82 23.93
C VAL A 132 6.51 -39.29 24.07
N ALA A 133 7.47 -38.38 23.98
CA ALA A 133 8.86 -38.81 24.14
C ALA A 133 9.07 -39.44 25.52
N ALA A 134 8.53 -38.81 26.56
CA ALA A 134 8.63 -39.33 27.91
C ALA A 134 7.95 -40.69 28.05
N TRP A 135 6.81 -40.86 27.39
CA TRP A 135 6.11 -42.14 27.41
C TRP A 135 6.94 -43.22 26.73
N LEU A 136 7.53 -42.90 25.59
CA LEU A 136 8.32 -43.89 24.87
C LEU A 136 9.62 -44.24 25.62
N ARG A 137 10.27 -43.26 26.26
CA ARG A 137 11.47 -43.58 27.04
C ARG A 137 11.13 -44.51 28.19
N TRP A 138 10.01 -44.24 28.86
CA TRP A 138 9.57 -45.07 29.97
C TRP A 138 9.17 -46.47 29.51
N ARG A 139 8.44 -46.56 28.40
CA ARG A 139 8.07 -47.86 27.86
C ARG A 139 9.31 -48.71 27.65
N LYS A 140 10.33 -48.15 27.00
CA LYS A 140 11.55 -48.88 26.71
C LYS A 140 12.25 -49.33 27.99
N LYS A 141 12.29 -48.47 29.01
CA LYS A 141 12.94 -48.84 30.27
C LYS A 141 12.21 -50.01 30.93
N ARG A 142 10.88 -49.92 31.04
CA ARG A 142 10.12 -50.97 31.71
C ARG A 142 10.21 -52.29 30.95
N GLN A 143 10.19 -52.24 29.61
CA GLN A 143 10.35 -53.46 28.83
C GLN A 143 11.68 -54.14 29.13
N ALA A 144 12.76 -53.35 29.19
CA ALA A 144 14.07 -53.92 29.51
C ALA A 144 14.10 -54.53 30.90
N GLN A 145 13.29 -54.03 31.83
CA GLN A 145 13.22 -54.53 33.20
C GLN A 145 12.27 -55.71 33.38
N GLY A 146 11.56 -56.11 32.34
CA GLY A 146 10.55 -57.14 32.53
C GLY A 146 9.30 -56.65 33.24
N LYS A 147 9.13 -55.35 33.36
CA LYS A 147 8.00 -54.79 34.10
C LYS A 147 6.86 -54.47 33.15
N PRO A 148 5.63 -54.40 33.63
CA PRO A 148 4.52 -54.04 32.73
C PRO A 148 4.66 -52.60 32.28
N PHE A 149 4.11 -52.31 31.11
CA PHE A 149 4.17 -50.96 30.57
C PHE A 149 2.85 -50.56 29.94
N ASP A 150 1.73 -51.06 30.47
CA ASP A 150 0.44 -50.80 29.86
C ASP A 150 -0.41 -49.76 30.61
N LYS A 151 0.05 -49.24 31.74
CA LYS A 151 -0.72 -48.28 32.54
C LYS A 151 0.13 -47.06 32.90
N PRO A 152 0.57 -46.29 31.91
CA PRO A 152 1.37 -45.10 32.21
C PRO A 152 0.54 -44.01 32.89
N ASN A 153 1.22 -43.18 33.67
CA ASN A 153 0.61 -41.97 34.21
C ASN A 153 1.64 -40.85 34.18
N PHE A 154 1.15 -39.60 34.33
CA PHE A 154 2.00 -38.44 34.54
C PHE A 154 1.36 -37.57 35.62
N VAL A 155 2.18 -36.73 36.26
CA VAL A 155 1.78 -35.95 37.42
C VAL A 155 1.87 -34.47 37.07
N ILE A 156 0.86 -33.70 37.50
CA ILE A 156 0.75 -32.28 37.14
C ILE A 156 -0.14 -31.58 38.15
N SER A 157 0.02 -30.26 38.25
CA SER A 157 -0.87 -29.48 39.09
C SER A 157 -2.28 -29.50 38.51
N THR A 158 -3.27 -29.36 39.40
CA THR A 158 -4.63 -29.09 38.92
C THR A 158 -4.69 -27.77 38.16
N GLY A 159 -3.65 -26.95 38.25
CA GLY A 159 -3.56 -25.74 37.46
C GLY A 159 -3.08 -26.00 36.04
N PHE A 160 -3.22 -27.25 35.59
CA PHE A 160 -2.79 -27.59 34.24
C PHE A 160 -3.59 -26.83 33.18
N GLN A 161 -2.94 -26.56 32.06
CA GLN A 161 -3.64 -26.04 30.89
C GLN A 161 -4.19 -27.21 30.08
N VAL A 162 -5.33 -26.97 29.41
CA VAL A 162 -6.14 -28.07 28.90
C VAL A 162 -5.40 -29.02 27.94
N VAL A 163 -4.32 -28.58 27.29
CA VAL A 163 -3.67 -29.48 26.33
C VAL A 163 -3.18 -30.75 27.02
N TRP A 164 -2.90 -30.69 28.33
CA TRP A 164 -2.50 -31.89 29.04
C TRP A 164 -3.65 -32.88 29.24
N GLU A 165 -4.89 -32.37 29.40
CA GLU A 165 -6.06 -33.24 29.36
C GLU A 165 -6.27 -33.83 27.97
N LYS A 166 -6.07 -33.02 26.92
CA LYS A 166 -6.10 -33.55 25.56
C LYS A 166 -5.08 -34.67 25.41
N PHE A 167 -3.86 -34.44 25.88
CA PHE A 167 -2.81 -35.47 25.83
C PHE A 167 -3.25 -36.74 26.54
N ALA A 168 -3.80 -36.60 27.75
CA ALA A 168 -4.23 -37.78 28.50
C ALA A 168 -5.28 -38.56 27.72
N GLN A 169 -6.23 -37.85 27.11
CA GLN A 169 -7.34 -38.47 26.40
C GLN A 169 -6.89 -39.15 25.11
N LEU A 170 -6.11 -38.42 24.28
CA LEU A 170 -5.77 -38.88 22.94
C LEU A 170 -4.75 -40.00 22.93
N TRP A 171 -3.94 -40.12 23.99
CA TRP A 171 -3.02 -41.25 24.13
C TRP A 171 -3.44 -42.24 25.21
N GLN A 172 -4.55 -41.98 25.91
CA GLN A 172 -5.00 -42.84 27.01
C GLN A 172 -3.91 -43.02 28.06
N ILE A 173 -3.38 -41.91 28.55
CA ILE A 173 -2.42 -41.93 29.64
C ILE A 173 -3.07 -41.23 30.83
N GLU A 174 -2.98 -41.85 32.00
CA GLU A 174 -3.67 -41.34 33.17
C GLU A 174 -3.00 -40.09 33.70
N MET A 175 -3.78 -39.03 33.86
CA MET A 175 -3.28 -37.80 34.45
C MET A 175 -3.55 -37.82 35.95
N ARG A 176 -2.50 -37.61 36.74
CA ARG A 176 -2.62 -37.51 38.20
C ARG A 176 -2.39 -36.06 38.60
N GLU A 177 -3.38 -35.46 39.26
CA GLU A 177 -3.41 -34.02 39.51
C GLU A 177 -3.15 -33.73 40.98
N VAL A 178 -2.25 -32.77 41.22
CA VAL A 178 -1.89 -32.33 42.56
C VAL A 178 -2.70 -31.09 42.89
N PRO A 179 -3.51 -31.09 43.95
CA PRO A 179 -4.44 -29.98 44.20
C PRO A 179 -3.74 -28.72 44.65
N LEU A 180 -4.37 -27.59 44.37
CA LEU A 180 -3.90 -26.30 44.86
C LEU A 180 -4.59 -25.96 46.16
N THR A 181 -3.83 -25.36 47.09
CA THR A 181 -4.37 -24.80 48.32
C THR A 181 -3.76 -23.42 48.53
N LEU A 182 -4.37 -22.63 49.41
CA LEU A 182 -3.81 -21.33 49.74
C LEU A 182 -2.41 -21.45 50.34
N GLU A 183 -2.14 -22.55 51.05
CA GLU A 183 -0.79 -22.76 51.58
C GLU A 183 0.18 -23.18 50.49
N LYS A 184 -0.32 -23.84 49.44
CA LYS A 184 0.51 -24.39 48.36
C LYS A 184 -0.10 -23.91 47.04
N THR A 185 0.17 -22.64 46.68
CA THR A 185 -0.45 -21.99 45.53
C THR A 185 0.18 -22.37 44.19
N THR A 186 1.27 -23.14 44.20
CA THR A 186 1.87 -23.71 43.01
C THR A 186 2.11 -25.20 43.29
N LEU A 187 2.63 -25.93 42.30
CA LEU A 187 2.78 -27.38 42.45
C LEU A 187 3.65 -27.71 43.66
N ASP A 188 3.07 -28.39 44.63
CA ASP A 188 3.81 -28.78 45.82
C ASP A 188 4.59 -30.06 45.52
N PRO A 189 5.93 -30.07 45.67
CA PRO A 189 6.71 -31.25 45.29
C PRO A 189 6.39 -32.50 46.10
N GLU A 190 6.15 -32.35 47.40
CA GLU A 190 5.88 -33.51 48.25
C GLU A 190 4.61 -34.22 47.80
N GLU A 191 3.56 -33.46 47.55
CA GLU A 191 2.34 -34.06 47.05
C GLU A 191 2.53 -34.63 45.66
N ALA A 192 3.39 -34.01 44.84
CA ALA A 192 3.67 -34.54 43.51
C ALA A 192 4.39 -35.88 43.59
N LEU A 193 5.39 -36.00 44.47
CA LEU A 193 6.12 -37.26 44.63
C LEU A 193 5.23 -38.39 45.15
N LYS A 194 4.26 -38.07 46.01
CA LYS A 194 3.34 -39.09 46.48
C LYS A 194 2.52 -39.67 45.34
N MET A 195 2.35 -38.94 44.24
CA MET A 195 1.58 -39.48 43.13
C MET A 195 2.47 -40.21 42.12
N CYS A 196 3.77 -40.31 42.37
CA CYS A 196 4.66 -41.02 41.47
C CYS A 196 4.74 -42.49 41.85
N ASP A 197 4.80 -43.35 40.84
CA ASP A 197 5.03 -44.76 41.07
C ASP A 197 5.79 -45.31 39.87
N GLU A 198 5.87 -46.64 39.79
CA GLU A 198 6.65 -47.30 38.75
C GLU A 198 6.10 -47.01 37.35
N ASN A 199 4.90 -46.45 37.23
CA ASN A 199 4.24 -46.19 35.96
C ASN A 199 4.23 -44.70 35.55
N THR A 200 4.88 -43.84 36.33
CA THR A 200 4.90 -42.41 36.03
C THR A 200 5.93 -42.12 34.96
N ILE A 201 5.50 -41.50 33.86
CA ILE A 201 6.41 -41.24 32.76
C ILE A 201 7.11 -39.89 32.89
N CYS A 202 6.54 -38.94 33.63
CA CYS A 202 7.16 -37.65 33.90
C CYS A 202 6.27 -36.85 34.85
N VAL A 203 6.87 -35.84 35.46
CA VAL A 203 6.16 -34.81 36.21
C VAL A 203 6.28 -33.52 35.41
N VAL A 204 5.20 -32.73 35.39
CA VAL A 204 5.08 -31.54 34.55
C VAL A 204 4.91 -30.29 35.41
N PRO A 205 5.98 -29.62 35.79
CA PRO A 205 5.83 -28.28 36.40
C PRO A 205 5.59 -27.26 35.30
N ILE A 206 4.96 -26.15 35.69
CA ILE A 206 4.48 -25.14 34.73
C ILE A 206 5.11 -23.79 35.03
N GLN A 207 5.69 -23.14 34.01
CA GLN A 207 6.22 -21.79 34.16
C GLN A 207 5.24 -20.83 33.50
N GLY A 208 4.43 -20.17 34.31
CA GLY A 208 3.37 -19.32 33.79
C GLY A 208 2.04 -20.04 33.83
N VAL A 209 1.63 -20.48 35.02
CA VAL A 209 0.36 -21.18 35.19
C VAL A 209 -0.78 -20.29 34.74
N THR A 210 -1.61 -20.78 33.82
CA THR A 210 -2.61 -19.92 33.20
C THR A 210 -3.61 -19.39 34.22
N TRP A 211 -3.99 -20.23 35.20
CA TRP A 211 -5.02 -19.84 36.16
C TRP A 211 -4.53 -18.76 37.13
N THR A 212 -3.25 -18.74 37.48
CA THR A 212 -2.75 -17.93 38.58
C THR A 212 -1.63 -16.97 38.20
N GLY A 213 -0.96 -17.17 37.07
CA GLY A 213 0.18 -16.36 36.72
C GLY A 213 1.47 -16.70 37.42
N LEU A 214 1.50 -17.76 38.23
CA LEU A 214 2.67 -18.09 39.01
C LEU A 214 3.56 -19.09 38.28
N ASN A 215 4.69 -19.42 38.89
CA ASN A 215 5.62 -20.43 38.40
C ASN A 215 5.72 -21.57 39.40
N ASP A 216 5.49 -22.80 38.94
CA ASP A 216 5.87 -23.95 39.75
C ASP A 216 7.37 -23.92 39.98
N ASP A 217 7.78 -24.38 41.15
CA ASP A 217 9.22 -24.38 41.46
C ASP A 217 9.84 -25.63 40.86
N VAL A 218 10.46 -25.49 39.66
CA VAL A 218 11.06 -26.63 38.98
C VAL A 218 12.27 -27.15 39.76
N GLU A 219 13.07 -26.25 40.32
CA GLU A 219 14.26 -26.69 41.05
C GLU A 219 13.88 -27.53 42.27
N ALA A 220 12.82 -27.13 42.98
CA ALA A 220 12.38 -27.89 44.15
C ALA A 220 11.87 -29.28 43.74
N LEU A 221 11.18 -29.35 42.60
CA LEU A 221 10.76 -30.64 42.07
C LEU A 221 11.98 -31.51 41.73
N ASP A 222 12.97 -30.92 41.05
CA ASP A 222 14.18 -31.64 40.67
C ASP A 222 14.88 -32.23 41.89
N LYS A 223 14.95 -31.46 42.98
CA LYS A 223 15.58 -31.93 44.22
C LYS A 223 14.84 -33.13 44.79
N ALA A 224 13.52 -33.01 44.93
CA ALA A 224 12.72 -34.10 45.47
C ALA A 224 12.76 -35.32 44.56
N LEU A 225 12.70 -35.08 43.25
CA LEU A 225 12.71 -36.18 42.29
C LEU A 225 14.07 -36.89 42.29
N ASP A 226 15.15 -36.15 42.50
CA ASP A 226 16.48 -36.78 42.54
C ASP A 226 16.56 -37.79 43.68
N ALA A 227 16.10 -37.42 44.88
CA ALA A 227 16.11 -38.36 46.00
C ALA A 227 15.13 -39.51 45.75
N TYR A 228 13.97 -39.21 45.18
CA TYR A 228 13.06 -40.30 44.90
C TYR A 228 13.62 -41.30 43.89
N ASN A 229 14.20 -40.83 42.80
CA ASN A 229 14.76 -41.72 41.79
C ASN A 229 15.92 -42.52 42.34
N ALA A 230 16.71 -41.91 43.23
CA ALA A 230 17.83 -42.62 43.85
C ALA A 230 17.32 -43.78 44.72
N LYS A 231 16.17 -43.60 45.36
CA LYS A 231 15.68 -44.66 46.31
C LYS A 231 14.85 -45.73 45.56
N THR A 232 14.19 -45.39 44.46
CA THR A 232 13.36 -46.35 43.74
C THR A 232 13.99 -46.88 42.46
N GLY A 233 14.90 -46.14 41.83
CA GLY A 233 15.34 -46.53 40.51
C GLY A 233 14.33 -46.29 39.41
N TYR A 234 13.24 -45.56 39.68
CA TYR A 234 12.20 -45.35 38.66
C TYR A 234 12.62 -44.39 37.57
N ASP A 235 13.59 -43.51 37.82
CA ASP A 235 14.20 -42.71 36.77
C ASP A 235 13.19 -41.75 36.11
N ILE A 236 12.32 -41.17 36.93
CA ILE A 236 11.20 -40.34 36.47
C ILE A 236 11.73 -38.96 36.08
N PRO A 237 11.42 -38.48 34.90
CA PRO A 237 11.95 -37.18 34.48
C PRO A 237 10.99 -36.03 34.67
N ILE A 238 11.49 -34.84 34.36
CA ILE A 238 10.68 -33.63 34.29
C ILE A 238 10.54 -33.24 32.84
N HIS A 239 9.34 -32.85 32.44
CA HIS A 239 9.13 -32.04 31.25
C HIS A 239 8.56 -30.72 31.73
N VAL A 240 9.23 -29.61 31.41
CA VAL A 240 8.75 -28.29 31.82
C VAL A 240 7.82 -27.74 30.74
N ASP A 241 6.56 -27.53 31.11
CA ASP A 241 5.63 -26.71 30.34
C ASP A 241 5.93 -25.25 30.66
N ALA A 242 6.74 -24.62 29.82
CA ALA A 242 7.14 -23.23 30.02
C ALA A 242 6.45 -22.33 29.00
N ALA A 243 5.19 -22.65 28.69
CA ALA A 243 4.48 -21.97 27.60
C ALA A 243 4.69 -20.45 27.61
N SER A 244 4.45 -19.80 28.76
CA SER A 244 4.74 -18.37 28.88
C SER A 244 6.16 -18.11 29.38
N GLY A 245 6.55 -18.74 30.50
CA GLY A 245 7.80 -18.43 31.15
C GLY A 245 9.05 -18.73 30.35
N GLY A 246 8.94 -19.57 29.33
CA GLY A 246 10.12 -19.91 28.56
C GLY A 246 10.77 -18.72 27.88
N PHE A 247 10.01 -17.64 27.66
CA PHE A 247 10.55 -16.42 27.09
C PHE A 247 10.51 -15.24 28.06
N ILE A 248 10.24 -15.49 29.34
CA ILE A 248 10.34 -14.50 30.40
C ILE A 248 11.56 -14.75 31.27
N LEU A 249 11.69 -15.96 31.80
CA LEU A 249 12.74 -16.25 32.77
C LEU A 249 14.15 -16.04 32.25
N PRO A 250 14.53 -16.42 31.02
CA PRO A 250 15.93 -16.19 30.62
C PRO A 250 16.32 -14.73 30.60
N PHE A 251 15.38 -13.82 30.35
CA PHE A 251 15.73 -12.41 30.24
C PHE A 251 15.61 -11.67 31.57
N LEU A 252 14.54 -11.92 32.32
CA LEU A 252 14.29 -11.20 33.55
C LEU A 252 14.74 -11.94 34.81
N TYR A 253 14.89 -13.25 34.77
CA TYR A 253 15.32 -14.03 35.93
C TYR A 253 16.42 -15.03 35.52
N PRO A 254 17.55 -14.55 35.00
CA PRO A 254 18.56 -15.47 34.45
C PRO A 254 19.13 -16.46 35.46
N ASP A 255 19.16 -16.08 36.74
CA ASP A 255 19.77 -16.93 37.79
C ASP A 255 18.76 -17.91 38.40
N THR A 256 17.48 -17.80 38.06
CA THR A 256 16.52 -18.81 38.49
C THR A 256 16.79 -20.11 37.76
N LYS A 257 17.11 -21.16 38.52
CA LYS A 257 17.47 -22.46 37.97
C LYS A 257 16.22 -23.27 37.72
N TRP A 258 15.73 -23.25 36.48
CA TRP A 258 14.51 -23.95 36.11
C TRP A 258 14.67 -24.82 34.87
N ASP A 259 15.79 -24.73 34.15
CA ASP A 259 15.88 -25.24 32.79
C ASP A 259 16.83 -26.42 32.67
N PHE A 260 17.53 -26.51 31.53
CA PHE A 260 18.46 -27.63 31.33
C PHE A 260 19.66 -27.59 32.28
N ARG A 261 19.81 -26.53 33.07
CA ARG A 261 20.76 -26.55 34.19
C ARG A 261 20.39 -27.62 35.22
N LEU A 262 19.14 -28.04 35.25
CA LEU A 262 18.67 -29.01 36.24
C LEU A 262 18.86 -30.44 35.75
N LYS A 263 19.22 -31.33 36.68
CA LYS A 263 19.58 -32.71 36.32
C LYS A 263 18.45 -33.45 35.64
N TRP A 264 17.22 -33.33 36.16
CA TRP A 264 16.11 -34.14 35.70
C TRP A 264 15.24 -33.46 34.65
N VAL A 265 15.59 -32.25 34.26
CA VAL A 265 14.85 -31.56 33.21
C VAL A 265 15.38 -32.07 31.86
N LEU A 266 14.64 -33.01 31.26
CA LEU A 266 15.07 -33.61 30.00
C LEU A 266 14.43 -32.97 28.77
N SER A 267 13.32 -32.24 28.93
CA SER A 267 12.74 -31.52 27.81
C SER A 267 11.95 -30.33 28.32
N ILE A 268 11.82 -29.32 27.45
CA ILE A 268 11.11 -28.08 27.76
C ILE A 268 10.31 -27.66 26.54
N SER A 269 9.10 -27.13 26.76
CA SER A 269 8.28 -26.61 25.69
C SER A 269 7.88 -25.16 26.00
N VAL A 270 7.55 -24.42 24.93
CA VAL A 270 7.25 -22.99 25.04
C VAL A 270 6.34 -22.58 23.89
N SER A 271 5.56 -21.53 24.12
CA SER A 271 4.76 -20.95 23.06
C SER A 271 5.53 -19.77 22.50
N GLY A 272 6.10 -19.94 21.30
CA GLY A 272 6.72 -18.78 20.65
C GLY A 272 5.72 -17.67 20.38
N HIS A 273 4.45 -18.03 20.19
CA HIS A 273 3.43 -17.00 19.98
C HIS A 273 2.86 -16.43 21.28
N LYS A 274 3.41 -16.73 22.43
CA LYS A 274 2.93 -16.02 23.61
C LYS A 274 3.86 -14.87 23.94
N PHE A 275 4.89 -15.16 24.72
CA PHE A 275 5.90 -14.16 25.03
C PHE A 275 7.17 -14.33 24.19
N GLY A 276 7.18 -15.29 23.25
CA GLY A 276 8.17 -15.25 22.19
C GLY A 276 7.96 -14.13 21.18
N LEU A 277 6.81 -13.44 21.25
CA LEU A 277 6.50 -12.20 20.55
C LEU A 277 6.20 -12.39 19.06
N VAL A 278 5.76 -13.59 18.66
CA VAL A 278 5.41 -13.90 17.28
C VAL A 278 3.90 -14.11 17.18
N TYR A 279 3.30 -13.68 16.05
CA TYR A 279 1.86 -13.89 15.85
C TYR A 279 1.48 -15.39 15.92
N PRO A 280 0.20 -15.68 16.13
CA PRO A 280 -0.25 -17.08 16.30
C PRO A 280 0.32 -18.07 15.31
N GLY A 281 0.70 -19.23 15.84
CA GLY A 281 1.19 -20.35 15.06
C GLY A 281 2.60 -20.77 15.37
N LEU A 282 3.11 -20.51 16.59
CA LEU A 282 4.49 -20.89 16.88
C LEU A 282 4.65 -21.50 18.27
N GLY A 283 5.25 -22.69 18.31
CA GLY A 283 5.72 -23.26 19.56
C GLY A 283 7.07 -23.91 19.32
N TRP A 284 7.77 -24.19 20.42
CA TRP A 284 9.06 -24.89 20.38
C TRP A 284 9.13 -25.93 21.48
N VAL A 285 9.74 -27.08 21.20
CA VAL A 285 10.11 -28.05 22.22
C VAL A 285 11.58 -28.45 21.99
N CYS A 286 12.37 -28.44 23.06
CA CYS A 286 13.77 -28.86 23.04
C CYS A 286 13.97 -29.98 24.03
N TRP A 287 14.89 -30.90 23.70
CA TRP A 287 15.35 -31.96 24.59
C TRP A 287 16.74 -31.62 25.06
N LYS A 288 17.09 -32.11 26.25
CA LYS A 288 18.38 -31.80 26.83
C LYS A 288 19.52 -32.39 26.03
N GLY A 289 19.25 -33.45 25.27
CA GLY A 289 20.23 -34.06 24.39
C GLY A 289 19.56 -35.04 23.46
N LYS A 290 20.34 -35.47 22.47
CA LYS A 290 19.86 -36.40 21.46
C LYS A 290 19.37 -37.71 22.07
N GLU A 291 19.99 -38.14 23.16
CA GLU A 291 19.64 -39.41 23.78
C GLU A 291 18.26 -39.38 24.45
N TYR A 292 17.63 -38.21 24.59
CA TYR A 292 16.30 -38.14 25.19
C TYR A 292 15.19 -38.02 24.17
N LEU A 293 15.52 -37.98 22.88
CA LEU A 293 14.50 -38.05 21.84
C LEU A 293 14.52 -39.46 21.24
N PRO A 294 13.52 -40.30 21.53
CA PRO A 294 13.53 -41.68 21.02
C PRO A 294 13.64 -41.77 19.50
N GLU A 295 14.38 -42.78 19.04
CA GLU A 295 14.52 -42.99 17.61
C GLU A 295 13.21 -43.40 16.96
N GLU A 296 12.31 -44.03 17.71
CA GLU A 296 11.02 -44.44 17.18
C GLU A 296 10.20 -43.25 16.71
N MET A 297 10.42 -42.09 17.33
CA MET A 297 9.62 -40.89 17.08
C MET A 297 10.15 -40.04 15.95
N SER A 298 11.42 -40.17 15.62
CA SER A 298 12.10 -39.06 14.99
C SER A 298 13.18 -39.58 14.08
N PHE A 299 13.55 -38.73 13.14
CA PHE A 299 14.74 -38.90 12.32
C PHE A 299 15.20 -37.51 11.95
N SER A 300 16.36 -37.42 11.32
CA SER A 300 16.89 -36.12 10.93
C SER A 300 17.43 -36.16 9.51
N VAL A 301 17.35 -35.01 8.85
CA VAL A 301 17.79 -34.81 7.47
C VAL A 301 18.79 -33.66 7.46
N ASN A 302 19.84 -33.78 6.64
CA ASN A 302 20.84 -32.73 6.52
C ASN A 302 20.41 -31.79 5.41
N TYR A 303 20.22 -30.51 5.74
CA TYR A 303 19.90 -29.46 4.77
C TYR A 303 21.02 -28.42 4.82
N LEU A 304 21.83 -28.39 3.77
CA LEU A 304 22.93 -27.42 3.63
C LEU A 304 23.87 -27.48 4.83
N GLY A 305 24.08 -28.69 5.35
CA GLY A 305 24.94 -28.92 6.49
C GLY A 305 24.27 -28.86 7.84
N ALA A 306 22.98 -28.53 7.90
CA ALA A 306 22.25 -28.41 9.16
C ALA A 306 21.49 -29.70 9.42
N ASN A 307 21.59 -30.21 10.65
CA ASN A 307 20.91 -31.43 11.04
C ASN A 307 19.57 -31.03 11.62
N ILE A 308 18.51 -31.19 10.83
CA ILE A 308 17.16 -30.76 11.20
C ILE A 308 16.35 -31.99 11.57
N THR A 309 15.92 -32.07 12.83
CA THR A 309 15.14 -33.23 13.27
C THR A 309 13.72 -33.15 12.71
N GLN A 310 13.22 -34.28 12.22
CA GLN A 310 11.90 -34.40 11.62
C GLN A 310 11.06 -35.15 12.64
N VAL A 311 10.44 -34.42 13.54
CA VAL A 311 9.42 -34.98 14.44
C VAL A 311 8.33 -33.93 14.53
N GLY A 312 7.09 -34.37 14.61
CA GLY A 312 5.99 -33.44 14.76
C GLY A 312 4.64 -34.11 14.58
N LEU A 313 3.60 -33.48 15.11
CA LEU A 313 2.24 -33.92 14.87
C LEU A 313 1.66 -33.33 13.59
N ASN A 314 2.01 -32.09 13.26
CA ASN A 314 1.61 -31.50 11.99
C ASN A 314 2.61 -31.80 10.88
N PHE A 315 2.19 -31.59 9.63
CA PHE A 315 3.08 -31.77 8.50
C PHE A 315 3.13 -30.45 7.75
N SER A 316 2.37 -30.28 6.65
CA SER A 316 2.33 -28.98 6.00
C SER A 316 1.82 -27.90 6.96
N ARG A 317 2.41 -26.71 6.89
CA ARG A 317 2.08 -25.63 7.81
C ARG A 317 2.69 -24.34 7.30
N PRO A 318 2.18 -23.18 7.73
CA PRO A 318 2.83 -21.93 7.35
C PRO A 318 4.24 -21.85 7.88
N ALA A 319 5.13 -21.31 7.06
CA ALA A 319 6.49 -21.00 7.50
C ALA A 319 6.64 -19.58 8.02
N ALA A 320 5.63 -18.73 7.87
CA ALA A 320 5.82 -17.32 8.22
C ALA A 320 6.30 -17.15 9.65
N GLN A 321 5.79 -17.98 10.58
CA GLN A 321 6.13 -17.75 11.99
C GLN A 321 7.60 -18.01 12.27
N ILE A 322 8.24 -18.85 11.47
CA ILE A 322 9.68 -19.04 11.62
C ILE A 322 10.42 -17.76 11.27
N LEU A 323 10.05 -17.13 10.14
CA LEU A 323 10.67 -15.85 9.81
C LEU A 323 10.44 -14.83 10.91
N GLY A 324 9.22 -14.82 11.48
CA GLY A 324 8.93 -13.88 12.53
C GLY A 324 9.79 -14.09 13.76
N GLN A 325 9.98 -15.36 14.16
CA GLN A 325 10.82 -15.65 15.33
C GLN A 325 12.26 -15.22 15.08
N TYR A 326 12.81 -15.59 13.93
CA TYR A 326 14.19 -15.22 13.61
C TYR A 326 14.32 -13.71 13.51
N TYR A 327 13.31 -13.06 12.94
CA TYR A 327 13.32 -11.60 12.91
C TYR A 327 13.40 -11.01 14.32
N GLN A 328 12.55 -11.49 15.24
CA GLN A 328 12.57 -10.95 16.61
C GLN A 328 13.92 -11.17 17.26
N PHE A 329 14.51 -12.35 17.07
CA PHE A 329 15.83 -12.62 17.66
C PHE A 329 16.87 -11.63 17.16
N ILE A 330 16.85 -11.32 15.88
CA ILE A 330 17.88 -10.41 15.34
C ILE A 330 17.52 -8.96 15.64
N ARG A 331 16.25 -8.61 15.46
CA ARG A 331 15.80 -7.23 15.64
C ARG A 331 15.96 -6.76 17.08
N LEU A 332 15.61 -7.61 18.04
CA LEU A 332 15.67 -7.26 19.44
C LEU A 332 16.97 -7.72 20.13
N GLY A 333 17.44 -8.93 19.83
CA GLY A 333 18.50 -9.47 20.66
C GLY A 333 18.06 -9.71 22.10
N PHE A 334 19.04 -10.09 22.92
CA PHE A 334 18.77 -10.31 24.35
C PHE A 334 18.33 -9.02 25.01
N GLN A 335 19.02 -7.90 24.74
CA GLN A 335 18.64 -6.63 25.34
C GLN A 335 17.22 -6.26 24.97
N GLY A 336 16.87 -6.40 23.70
CA GLY A 336 15.56 -5.97 23.24
C GLY A 336 14.45 -6.82 23.84
N TYR A 337 14.63 -8.14 23.82
CA TYR A 337 13.67 -9.00 24.51
C TYR A 337 13.53 -8.58 25.96
N LYS A 338 14.65 -8.32 26.63
CA LYS A 338 14.61 -7.97 28.04
C LYS A 338 13.83 -6.69 28.28
N GLU A 339 14.01 -5.69 27.40
CA GLU A 339 13.32 -4.43 27.60
C GLU A 339 11.82 -4.55 27.31
N VAL A 340 11.43 -5.37 26.33
CA VAL A 340 10.01 -5.53 26.04
C VAL A 340 9.33 -6.29 27.18
N GLN A 341 9.93 -7.39 27.64
CA GLN A 341 9.34 -8.14 28.74
C GLN A 341 9.35 -7.32 30.03
N TYR A 342 10.39 -6.51 30.23
CA TYR A 342 10.40 -5.58 31.35
C TYR A 342 9.18 -4.65 31.31
N ASN A 343 8.91 -4.08 30.13
CA ASN A 343 7.73 -3.20 29.99
C ASN A 343 6.45 -3.97 30.32
N SER A 344 6.29 -5.17 29.76
CA SER A 344 5.07 -5.93 30.00
C SER A 344 4.90 -6.25 31.48
N LEU A 345 5.97 -6.64 32.17
CA LEU A 345 5.86 -6.99 33.57
C LEU A 345 5.58 -5.75 34.43
N GLN A 346 6.23 -4.63 34.10
CA GLN A 346 6.03 -3.40 34.87
C GLN A 346 4.60 -2.91 34.77
N ILE A 347 3.99 -2.99 33.58
CA ILE A 347 2.60 -2.59 33.44
C ILE A 347 1.71 -3.53 34.21
N ALA A 348 1.99 -4.84 34.20
CA ALA A 348 1.22 -5.77 35.00
C ALA A 348 1.34 -5.46 36.49
N LYS A 349 2.56 -5.20 36.97
CA LYS A 349 2.74 -4.83 38.37
C LYS A 349 1.98 -3.55 38.69
N TYR A 350 2.00 -2.59 37.76
CA TYR A 350 1.29 -1.33 37.99
C TYR A 350 -0.21 -1.56 38.16
N ILE A 351 -0.81 -2.31 37.24
CA ILE A 351 -2.24 -2.62 37.35
C ILE A 351 -2.52 -3.40 38.64
N HIS A 352 -1.64 -4.35 38.97
CA HIS A 352 -1.74 -5.10 40.22
C HIS A 352 -1.78 -4.18 41.44
N GLY A 353 -0.88 -3.20 41.48
CA GLY A 353 -0.84 -2.28 42.61
C GLY A 353 -2.07 -1.39 42.67
N GLU A 354 -2.59 -1.00 41.51
CA GLU A 354 -3.79 -0.15 41.49
C GLU A 354 -5.03 -0.94 41.88
N ILE A 355 -5.14 -2.19 41.43
CA ILE A 355 -6.24 -3.05 41.84
C ILE A 355 -6.27 -3.22 43.35
N ALA A 356 -5.09 -3.35 43.97
CA ALA A 356 -5.04 -3.60 45.42
C ALA A 356 -5.57 -2.43 46.23
N LYS A 357 -5.53 -1.21 45.67
CA LYS A 357 -6.03 -0.03 46.35
C LYS A 357 -7.55 0.09 46.32
N MET A 358 -8.21 -0.68 45.44
CA MET A 358 -9.66 -0.58 45.31
C MET A 358 -10.36 -1.36 46.41
N ALA A 359 -11.38 -0.73 47.02
CA ALA A 359 -12.04 -1.33 48.17
C ALA A 359 -12.58 -2.74 47.92
N PRO A 360 -13.16 -3.08 46.77
CA PRO A 360 -13.71 -4.44 46.62
C PRO A 360 -12.69 -5.54 46.43
N PHE A 361 -11.42 -5.23 46.13
CA PHE A 361 -10.49 -6.19 45.54
C PHE A 361 -9.32 -6.55 46.45
N VAL A 362 -8.84 -7.78 46.31
CA VAL A 362 -7.60 -8.25 46.93
C VAL A 362 -6.87 -9.20 45.96
N ASN A 363 -5.54 -9.05 45.88
CA ASN A 363 -4.77 -9.85 44.94
C ASN A 363 -4.48 -11.25 45.51
N TYR A 364 -4.47 -12.25 44.62
CA TYR A 364 -4.17 -13.62 45.01
C TYR A 364 -2.74 -13.77 45.50
N SER A 365 -1.83 -13.00 44.93
CA SER A 365 -0.42 -13.08 45.27
C SER A 365 0.10 -11.66 45.38
N GLU A 366 1.05 -11.46 46.29
CA GLU A 366 1.67 -10.15 46.40
C GLU A 366 2.80 -9.96 45.40
N ASN A 367 3.23 -11.03 44.75
CA ASN A 367 4.40 -11.02 43.87
C ASN A 367 3.96 -11.29 42.44
N VAL A 368 4.38 -10.45 41.52
CA VAL A 368 4.05 -10.58 40.11
C VAL A 368 5.31 -11.01 39.37
N VAL A 369 5.36 -12.28 38.94
CA VAL A 369 6.55 -12.84 38.31
C VAL A 369 6.38 -13.09 36.82
N ASN A 370 5.18 -13.06 36.30
CA ASN A 370 4.90 -13.10 34.87
C ASN A 370 4.00 -11.92 34.55
N PRO A 371 3.95 -11.48 33.28
CA PRO A 371 3.15 -10.29 32.97
C PRO A 371 1.65 -10.58 33.01
N LEU A 372 1.17 -11.10 34.14
CA LEU A 372 -0.23 -11.38 34.36
C LEU A 372 -0.41 -11.66 35.84
N PHE A 373 -1.66 -11.57 36.30
CA PHE A 373 -2.01 -11.82 37.70
C PHE A 373 -3.52 -11.94 37.83
N ILE A 374 -3.96 -12.43 38.99
CA ILE A 374 -5.38 -12.61 39.29
C ILE A 374 -5.70 -11.98 40.63
N TRP A 375 -6.95 -11.54 40.77
CA TRP A 375 -7.44 -11.01 42.03
C TRP A 375 -8.86 -11.53 42.27
N TYR A 376 -9.37 -11.31 43.49
CA TYR A 376 -10.74 -11.67 43.79
C TYR A 376 -11.33 -10.61 44.71
N LEU A 377 -12.63 -10.72 44.97
CA LEU A 377 -13.29 -9.78 45.87
C LEU A 377 -12.89 -10.07 47.31
N LYS A 378 -12.66 -9.00 48.09
CA LYS A 378 -12.40 -9.17 49.50
C LYS A 378 -13.55 -9.97 50.12
N PRO A 379 -13.25 -11.00 50.92
CA PRO A 379 -14.36 -11.82 51.45
C PRO A 379 -15.43 -11.02 52.19
N GLU A 380 -15.05 -10.06 53.03
CA GLU A 380 -16.07 -9.29 53.73
C GLU A 380 -16.87 -8.43 52.75
N TYR A 381 -16.22 -7.88 51.72
CA TYR A 381 -16.93 -7.10 50.71
C TYR A 381 -17.85 -7.98 49.87
N ALA A 382 -17.37 -9.17 49.50
CA ALA A 382 -18.17 -10.04 48.63
C ALA A 382 -19.48 -10.44 49.31
N LYS A 383 -19.45 -10.63 50.63
CA LYS A 383 -20.61 -11.13 51.35
C LYS A 383 -21.80 -10.18 51.26
N SER A 384 -21.55 -8.87 51.32
CA SER A 384 -22.64 -7.89 51.28
C SER A 384 -22.82 -7.27 49.91
N ALA A 385 -21.96 -7.61 48.94
CA ALA A 385 -22.08 -7.08 47.59
C ALA A 385 -23.24 -7.74 46.86
N LYS A 386 -23.87 -6.97 45.98
CA LYS A 386 -24.94 -7.47 45.13
C LYS A 386 -24.44 -8.02 43.80
N TRP A 387 -23.14 -7.94 43.54
CA TRP A 387 -22.55 -8.30 42.25
C TRP A 387 -21.36 -9.22 42.48
N THR A 388 -20.88 -9.86 41.40
CA THR A 388 -19.67 -10.68 41.40
C THR A 388 -18.73 -10.25 40.29
N LEU A 389 -17.56 -10.90 40.23
CA LEU A 389 -16.62 -10.60 39.17
C LEU A 389 -17.20 -10.92 37.79
N TYR A 390 -18.16 -11.84 37.72
CA TYR A 390 -18.78 -12.11 36.42
C TYR A 390 -19.54 -10.87 35.92
N ASP A 391 -20.19 -10.15 36.82
CA ASP A 391 -20.87 -8.91 36.44
C ASP A 391 -19.86 -7.84 36.01
N LEU A 392 -18.72 -7.78 36.68
CA LEU A 392 -17.68 -6.85 36.27
C LEU A 392 -17.15 -7.19 34.88
N GLN A 393 -17.00 -8.49 34.58
CA GLN A 393 -16.58 -8.89 33.24
C GLN A 393 -17.56 -8.39 32.16
N ASP A 394 -18.87 -8.51 32.42
CA ASP A 394 -19.89 -8.05 31.48
C ASP A 394 -19.84 -6.53 31.28
N LYS A 395 -19.69 -5.77 32.37
CA LYS A 395 -19.58 -4.31 32.26
C LYS A 395 -18.38 -3.91 31.43
N LEU A 396 -17.24 -4.57 31.66
CA LEU A 396 -16.04 -4.25 30.90
C LEU A 396 -16.22 -4.58 29.42
N SER A 397 -16.96 -5.64 29.12
CA SER A 397 -17.24 -6.00 27.74
C SER A 397 -17.99 -4.92 27.00
N GLN A 398 -18.76 -4.10 27.73
CA GLN A 398 -19.51 -3.02 27.11
C GLN A 398 -18.60 -1.93 26.55
N HIS A 399 -17.36 -1.83 27.02
CA HIS A 399 -16.38 -0.92 26.46
C HIS A 399 -15.37 -1.64 25.57
N GLY A 400 -15.63 -2.88 25.19
CA GLY A 400 -14.81 -3.61 24.25
C GLY A 400 -13.76 -4.52 24.85
N TRP A 401 -13.52 -4.46 26.16
CA TRP A 401 -12.52 -5.32 26.79
C TRP A 401 -13.06 -6.73 26.94
N MET A 402 -12.14 -7.70 26.95
CA MET A 402 -12.41 -9.04 27.47
C MET A 402 -11.47 -9.26 28.64
N VAL A 403 -12.03 -9.24 29.84
CA VAL A 403 -11.31 -9.51 31.07
C VAL A 403 -12.01 -10.65 31.79
N PRO A 404 -11.46 -11.86 31.75
CA PRO A 404 -12.25 -13.04 32.13
C PRO A 404 -12.31 -13.25 33.65
N ALA A 405 -13.48 -13.67 34.12
CA ALA A 405 -13.67 -14.14 35.47
C ALA A 405 -13.95 -15.63 35.41
N TYR A 406 -13.42 -16.37 36.39
CA TYR A 406 -13.50 -17.83 36.45
C TYR A 406 -13.19 -18.30 37.86
N THR A 407 -13.59 -19.53 38.16
CA THR A 407 -13.24 -20.18 39.42
C THR A 407 -11.90 -20.89 39.28
N LEU A 408 -11.12 -20.88 40.37
CA LEU A 408 -9.82 -21.53 40.36
C LEU A 408 -9.95 -23.05 40.44
N PRO A 409 -8.88 -23.80 40.07
CA PRO A 409 -8.96 -25.27 40.12
C PRO A 409 -9.04 -25.83 41.53
N SER A 410 -9.22 -27.16 41.58
CA SER A 410 -9.66 -27.92 42.75
C SER A 410 -9.02 -27.49 44.05
N LYS A 411 -9.88 -27.40 45.06
CA LYS A 411 -9.73 -27.01 46.45
C LYS A 411 -9.68 -25.50 46.57
N LEU A 412 -9.58 -24.78 45.45
CA LEU A 412 -9.79 -23.34 45.42
C LEU A 412 -10.99 -22.96 44.55
N GLU A 413 -11.86 -23.93 44.26
CA GLU A 413 -12.96 -23.73 43.32
C GLU A 413 -14.02 -22.75 43.80
N ASP A 414 -14.06 -22.44 45.10
CA ASP A 414 -14.97 -21.42 45.57
C ASP A 414 -14.44 -20.00 45.35
N TYR A 415 -13.20 -19.87 44.88
CA TYR A 415 -12.59 -18.57 44.62
C TYR A 415 -12.89 -18.17 43.18
N VAL A 416 -13.71 -17.14 43.01
CA VAL A 416 -13.91 -16.52 41.71
C VAL A 416 -12.85 -15.44 41.53
N VAL A 417 -12.03 -15.55 40.48
CA VAL A 417 -10.97 -14.60 40.24
C VAL A 417 -11.16 -13.97 38.87
N MET A 418 -10.44 -12.87 38.65
CA MET A 418 -10.35 -12.18 37.38
C MET A 418 -8.88 -12.03 37.04
N ARG A 419 -8.54 -12.15 35.76
CA ARG A 419 -7.16 -12.15 35.29
C ARG A 419 -6.94 -11.05 34.26
N VAL A 420 -5.80 -10.38 34.35
CA VAL A 420 -5.33 -9.49 33.30
C VAL A 420 -3.99 -10.01 32.80
N VAL A 421 -3.84 -10.14 31.48
CA VAL A 421 -2.56 -10.46 30.85
C VAL A 421 -2.07 -9.22 30.09
N VAL A 422 -0.82 -8.85 30.33
CA VAL A 422 -0.20 -7.71 29.67
C VAL A 422 0.77 -8.25 28.62
N ARG A 423 0.47 -8.02 27.35
CA ARG A 423 1.29 -8.41 26.21
C ARG A 423 1.92 -7.17 25.60
N GLN A 424 2.96 -7.40 24.79
CA GLN A 424 3.54 -6.34 24.00
C GLN A 424 2.44 -5.65 23.20
N GLY A 425 2.42 -4.32 23.24
CA GLY A 425 1.36 -3.58 22.62
C GLY A 425 0.25 -3.16 23.57
N PHE A 426 0.32 -3.58 24.83
CA PHE A 426 -0.57 -3.06 25.86
C PHE A 426 0.23 -2.11 26.74
N SER A 427 -0.05 -0.82 26.62
CA SER A 427 0.78 0.22 27.22
C SER A 427 0.28 0.62 28.60
N ARG A 428 1.06 1.47 29.29
CA ARG A 428 0.58 2.13 30.49
C ARG A 428 -0.68 2.95 30.22
N ASP A 429 -0.73 3.62 29.06
CA ASP A 429 -1.91 4.43 28.72
C ASP A 429 -3.16 3.56 28.58
N MET A 430 -3.04 2.39 27.94
CA MET A 430 -4.18 1.48 27.86
C MET A 430 -4.53 0.90 29.24
N ALA A 431 -3.54 0.71 30.11
CA ALA A 431 -3.81 0.29 31.49
C ALA A 431 -4.64 1.33 32.24
N ASP A 432 -4.35 2.62 32.04
CA ASP A 432 -5.13 3.65 32.72
C ASP A 432 -6.57 3.66 32.21
N MET A 433 -6.75 3.38 30.93
CA MET A 433 -8.11 3.31 30.36
C MET A 433 -8.83 2.12 30.98
N LEU A 434 -8.17 0.98 31.05
CA LEU A 434 -8.77 -0.19 31.68
C LEU A 434 -9.13 0.10 33.14
N LEU A 435 -8.20 0.69 33.88
CA LEU A 435 -8.46 0.94 35.30
C LEU A 435 -9.61 1.93 35.49
N GLY A 436 -9.70 2.95 34.62
CA GLY A 436 -10.81 3.88 34.68
C GLY A 436 -12.15 3.20 34.44
N ASP A 437 -12.18 2.25 33.51
CA ASP A 437 -13.41 1.51 33.24
C ASP A 437 -13.77 0.58 34.40
N ILE A 438 -12.76 -0.01 35.06
CA ILE A 438 -13.03 -0.85 36.23
C ILE A 438 -13.62 -0.02 37.36
N LYS A 439 -13.02 1.14 37.65
CA LYS A 439 -13.55 2.00 38.70
C LYS A 439 -15.00 2.42 38.41
N ASN A 440 -15.26 2.86 37.17
CA ASN A 440 -16.62 3.24 36.79
C ASN A 440 -17.58 2.06 36.89
N ALA A 441 -17.14 0.88 36.47
CA ALA A 441 -17.99 -0.30 36.55
C ALA A 441 -18.35 -0.62 37.99
N ILE A 442 -17.38 -0.52 38.91
CA ILE A 442 -17.63 -0.73 40.33
C ILE A 442 -18.67 0.26 40.84
N ALA A 443 -18.53 1.52 40.44
CA ALA A 443 -19.45 2.54 40.90
C ALA A 443 -20.87 2.23 40.44
N GLU A 444 -21.01 1.73 39.21
CA GLU A 444 -22.33 1.39 38.71
C GLU A 444 -22.91 0.17 39.42
N LEU A 445 -22.10 -0.87 39.62
CA LEU A 445 -22.61 -2.10 40.25
C LEU A 445 -22.99 -1.87 41.71
N GLU A 446 -22.30 -0.98 42.41
CA GLU A 446 -22.64 -0.69 43.81
C GLU A 446 -23.97 0.01 43.96
N LYS A 447 -24.57 0.47 42.88
CA LYS A 447 -25.90 1.05 42.96
C LYS A 447 -26.99 0.00 42.93
N LEU A 448 -26.64 -1.26 42.69
CA LEU A 448 -27.65 -2.30 42.61
C LEU A 448 -28.33 -2.48 43.96
N ASP A 449 -29.66 -2.57 43.93
CA ASP A 449 -30.47 -2.81 45.13
C ASP A 449 -30.78 -4.29 45.33
N PHE A 450 -30.65 -5.10 44.30
CA PHE A 450 -30.89 -6.53 44.33
C PHE A 450 -29.67 -7.27 43.82
N PRO A 451 -29.48 -8.53 44.23
CA PRO A 451 -28.33 -9.29 43.75
C PRO A 451 -28.51 -9.78 42.32
N THR A 452 -27.38 -9.93 41.63
CA THR A 452 -27.38 -10.41 40.26
C THR A 452 -27.54 -11.92 40.26
N PRO A 453 -27.84 -12.51 39.09
CA PRO A 453 -27.93 -13.98 39.04
C PRO A 453 -26.67 -14.70 39.52
N THR A 454 -25.48 -14.29 39.10
CA THR A 454 -24.30 -14.98 39.60
C THR A 454 -24.10 -14.75 41.09
N ARG A 455 -24.50 -13.59 41.60
CA ARG A 455 -24.43 -13.37 43.05
C ARG A 455 -25.39 -14.30 43.77
N MET A 456 -26.58 -14.51 43.21
CA MET A 456 -27.54 -15.43 43.83
C MET A 456 -27.04 -16.86 43.75
N ALA A 457 -26.39 -17.22 42.64
CA ALA A 457 -25.88 -18.58 42.48
C ALA A 457 -24.85 -18.93 43.56
N GLN A 458 -24.12 -17.94 44.05
CA GLN A 458 -23.13 -18.20 45.10
C GLN A 458 -23.78 -18.45 46.46
N GLU A 459 -24.96 -17.88 46.71
CA GLU A 459 -25.62 -18.02 48.00
C GLU A 459 -26.45 -19.32 48.08
N GLU B 2 -25.90 -19.43 -10.87
CA GLU B 2 -24.82 -19.75 -11.79
C GLU B 2 -24.49 -18.61 -12.74
N ASP B 3 -23.20 -18.37 -12.93
CA ASP B 3 -22.70 -17.25 -13.73
C ASP B 3 -22.34 -17.76 -15.11
N LEU B 4 -23.10 -17.32 -16.12
CA LEU B 4 -22.97 -17.86 -17.47
C LEU B 4 -21.59 -17.59 -18.06
N ASN B 5 -21.04 -16.39 -17.84
CA ASN B 5 -19.81 -15.94 -18.47
C ASN B 5 -18.59 -16.04 -17.57
N PHE B 6 -18.65 -16.87 -16.53
CA PHE B 6 -17.53 -16.99 -15.59
C PHE B 6 -16.22 -17.33 -16.30
N ARG B 7 -16.26 -18.26 -17.25
CA ARG B 7 -15.02 -18.68 -17.90
C ARG B 7 -14.54 -17.67 -18.93
N LYS B 8 -15.40 -16.78 -19.40
CA LYS B 8 -15.05 -15.86 -20.48
C LYS B 8 -14.39 -14.58 -19.99
N GLY B 9 -14.45 -14.31 -18.69
CA GLY B 9 -13.88 -13.08 -18.18
C GLY B 9 -14.90 -11.99 -17.90
N ASP B 10 -15.65 -12.16 -16.81
CA ASP B 10 -16.58 -11.12 -16.36
C ASP B 10 -16.20 -10.67 -14.96
N ALA B 11 -17.09 -9.97 -14.26
CA ALA B 11 -16.70 -9.44 -12.96
C ALA B 11 -16.51 -10.54 -11.92
N LYS B 12 -17.04 -11.74 -12.14
CA LYS B 12 -16.92 -12.80 -11.14
C LYS B 12 -15.79 -13.80 -11.44
N THR B 13 -15.17 -13.72 -12.62
CA THR B 13 -14.16 -14.69 -13.05
C THR B 13 -13.00 -14.79 -12.08
N ASP B 14 -12.59 -16.02 -11.77
CA ASP B 14 -11.30 -16.27 -11.16
C ASP B 14 -10.26 -16.51 -12.26
N VAL B 15 -9.12 -15.82 -12.14
CA VAL B 15 -8.08 -15.86 -13.18
C VAL B 15 -7.78 -17.30 -13.61
N PHE B 16 -7.63 -18.20 -12.63
CA PHE B 16 -7.22 -19.56 -12.91
C PHE B 16 -8.40 -20.51 -12.94
N GLY B 17 -9.59 -19.99 -13.22
CA GLY B 17 -10.73 -20.81 -13.62
C GLY B 17 -11.28 -20.35 -14.96
N SER B 18 -10.46 -19.67 -15.74
CA SER B 18 -10.91 -19.05 -16.99
C SER B 18 -10.34 -19.78 -18.19
N ASP B 19 -11.03 -19.61 -19.33
CA ASP B 19 -10.55 -20.17 -20.59
C ASP B 19 -9.20 -19.59 -20.97
N ARG B 20 -8.99 -18.30 -20.70
CA ARG B 20 -7.75 -17.66 -21.12
C ARG B 20 -6.54 -18.33 -20.51
N MET B 21 -6.64 -18.79 -19.26
CA MET B 21 -5.51 -19.47 -18.61
C MET B 21 -5.41 -20.95 -18.98
N LEU B 22 -6.22 -21.41 -19.93
CA LEU B 22 -5.99 -22.67 -20.64
C LEU B 22 -5.36 -22.45 -22.00
N GLN B 23 -4.98 -21.21 -22.33
CA GLN B 23 -4.46 -20.89 -23.65
C GLN B 23 -3.03 -20.37 -23.57
N PRO B 24 -2.24 -20.56 -24.63
CA PRO B 24 -0.85 -20.10 -24.61
C PRO B 24 -0.78 -18.58 -24.72
N SER B 25 0.35 -18.02 -24.29
CA SER B 25 0.58 -16.60 -24.50
C SER B 25 0.87 -16.33 -25.98
N PRO B 26 0.58 -15.13 -26.46
CA PRO B 26 0.76 -14.85 -27.89
C PRO B 26 2.24 -14.78 -28.26
N VAL B 27 2.62 -15.54 -29.27
CA VAL B 27 4.01 -15.60 -29.74
C VAL B 27 4.24 -14.75 -30.97
N GLU B 28 3.29 -14.78 -31.91
CA GLU B 28 3.47 -14.16 -33.22
C GLU B 28 2.64 -12.90 -33.41
N ARG B 29 1.37 -12.92 -33.02
CA ARG B 29 0.39 -11.91 -33.42
C ARG B 29 -0.30 -11.37 -32.18
N ILE B 30 -0.71 -10.11 -32.25
CA ILE B 30 -1.50 -9.57 -31.14
C ILE B 30 -2.78 -10.37 -31.02
N PRO B 31 -3.23 -10.73 -29.81
CA PRO B 31 -4.54 -11.37 -29.67
C PRO B 31 -5.62 -10.48 -30.27
N ASP B 32 -6.71 -11.11 -30.74
CA ASP B 32 -7.79 -10.37 -31.38
C ASP B 32 -8.53 -9.47 -30.38
N GLY B 33 -8.69 -9.91 -29.14
CA GLY B 33 -9.50 -9.19 -28.19
C GLY B 33 -8.83 -9.05 -26.84
N PRO B 34 -9.46 -8.32 -25.93
CA PRO B 34 -8.87 -8.06 -24.62
C PRO B 34 -9.17 -9.18 -23.63
N THR B 35 -8.52 -9.10 -22.47
CA THR B 35 -8.81 -9.90 -21.29
C THR B 35 -8.93 -8.95 -20.10
N THR B 36 -9.24 -9.51 -18.94
CA THR B 36 -9.31 -8.69 -17.73
C THR B 36 -7.90 -8.31 -17.28
N PRO B 37 -7.77 -7.18 -16.57
CA PRO B 37 -6.43 -6.77 -16.10
C PRO B 37 -5.74 -7.81 -15.24
N GLU B 38 -6.51 -8.48 -14.38
CA GLU B 38 -5.93 -9.51 -13.47
C GLU B 38 -5.33 -10.65 -14.29
N VAL B 39 -5.99 -11.05 -15.38
CA VAL B 39 -5.52 -12.15 -16.23
C VAL B 39 -4.24 -11.75 -16.96
N ALA B 40 -4.25 -10.57 -17.59
CA ALA B 40 -3.06 -10.13 -18.31
C ALA B 40 -1.89 -9.92 -17.36
N TYR B 41 -2.17 -9.39 -16.16
CA TYR B 41 -1.13 -9.21 -15.15
C TYR B 41 -0.46 -10.53 -14.83
N GLN B 42 -1.26 -11.56 -14.56
CA GLN B 42 -0.68 -12.86 -14.24
C GLN B 42 0.06 -13.44 -15.44
N MET B 43 -0.51 -13.31 -16.64
CA MET B 43 0.16 -13.92 -17.81
C MET B 43 1.56 -13.35 -18.01
N VAL B 44 1.71 -12.04 -17.84
CA VAL B 44 3.05 -11.46 -18.00
C VAL B 44 3.90 -11.77 -16.78
N LYS B 45 3.36 -11.51 -15.58
CA LYS B 45 4.11 -11.72 -14.34
C LYS B 45 4.63 -13.14 -14.23
N ASP B 46 3.78 -14.13 -14.52
CA ASP B 46 4.15 -15.51 -14.27
C ASP B 46 5.30 -15.96 -15.16
N GLU B 47 5.48 -15.32 -16.32
CA GLU B 47 6.61 -15.72 -17.16
C GLU B 47 7.95 -15.30 -16.58
N THR B 48 7.97 -14.34 -15.66
CA THR B 48 9.22 -13.88 -15.07
C THR B 48 9.68 -14.72 -13.89
N PHE B 49 8.86 -15.68 -13.44
CA PHE B 49 9.26 -16.50 -12.30
C PHE B 49 10.47 -17.39 -12.64
N ALA B 50 10.44 -18.05 -13.81
CA ALA B 50 11.41 -19.12 -14.12
C ALA B 50 12.72 -18.56 -14.67
N GLN B 51 13.37 -17.73 -13.85
CA GLN B 51 14.68 -17.18 -14.21
C GLN B 51 15.35 -16.70 -12.93
N THR B 52 16.59 -16.27 -13.08
CA THR B 52 17.38 -15.82 -11.93
C THR B 52 16.69 -14.65 -11.22
N GLN B 53 16.67 -14.72 -9.90
CA GLN B 53 16.24 -13.62 -9.06
C GLN B 53 17.32 -12.55 -9.03
N PRO B 54 16.94 -11.27 -9.18
CA PRO B 54 17.97 -10.23 -9.33
C PRO B 54 18.98 -10.21 -8.19
N ARG B 55 18.55 -10.40 -6.94
CA ARG B 55 19.50 -10.28 -5.84
C ARG B 55 20.50 -11.43 -5.81
N LEU B 56 20.22 -12.53 -6.52
CA LEU B 56 21.13 -13.67 -6.63
C LEU B 56 21.89 -13.70 -7.94
N ASN B 57 21.69 -12.70 -8.80
CA ASN B 57 22.44 -12.56 -10.04
C ASN B 57 23.79 -12.01 -9.66
N LEU B 58 24.80 -12.87 -9.57
CA LEU B 58 26.13 -12.37 -9.24
C LEU B 58 26.97 -12.10 -10.47
N ALA B 59 26.40 -12.32 -11.66
CA ALA B 59 27.07 -11.90 -12.90
C ALA B 59 26.97 -10.39 -13.13
N THR B 60 25.89 -9.77 -12.68
CA THR B 60 25.60 -8.39 -13.05
C THR B 60 26.34 -7.39 -12.14
N PHE B 61 26.73 -6.26 -12.74
CA PHE B 61 27.25 -5.11 -12.02
C PHE B 61 26.16 -4.11 -11.69
N VAL B 62 24.98 -4.28 -12.27
CA VAL B 62 23.95 -3.26 -12.27
C VAL B 62 23.07 -3.43 -11.04
N THR B 63 22.80 -2.30 -10.38
CA THR B 63 22.05 -2.21 -9.13
C THR B 63 20.78 -3.05 -9.12
N THR B 64 20.64 -3.86 -8.08
CA THR B 64 19.44 -4.66 -7.84
C THR B 64 18.76 -4.29 -6.53
N TYR B 65 19.29 -3.32 -5.80
CA TYR B 65 18.65 -2.86 -4.58
C TYR B 65 18.84 -1.36 -4.42
N MET B 66 17.75 -0.65 -4.11
CA MET B 66 17.78 0.69 -3.53
C MET B 66 16.82 0.70 -2.34
N ASP B 67 16.97 1.67 -1.43
CA ASP B 67 16.10 1.67 -0.25
C ASP B 67 14.65 2.01 -0.64
N ASP B 68 13.76 1.93 0.34
CA ASP B 68 12.33 2.07 0.06
C ASP B 68 11.98 3.50 -0.38
N TYR B 69 12.71 4.51 0.09
CA TYR B 69 12.38 5.90 -0.26
C TYR B 69 12.83 6.22 -1.68
N ALA B 70 14.04 5.80 -2.07
CA ALA B 70 14.44 5.93 -3.46
C ALA B 70 13.48 5.19 -4.39
N THR B 71 13.06 3.99 -3.98
CA THR B 71 12.19 3.18 -4.82
C THR B 71 10.85 3.88 -5.03
N LYS B 72 10.26 4.37 -3.94
CA LYS B 72 9.00 5.11 -4.02
C LYS B 72 9.16 6.34 -4.89
N LEU B 73 10.26 7.09 -4.69
CA LEU B 73 10.50 8.28 -5.49
C LEU B 73 10.57 7.96 -6.97
N MET B 74 11.28 6.89 -7.32
CA MET B 74 11.42 6.56 -8.74
C MET B 74 10.11 6.02 -9.33
N ASN B 75 9.40 5.18 -8.56
CA ASN B 75 8.11 4.67 -9.05
C ASN B 75 7.15 5.84 -9.33
N GLU B 76 7.16 6.87 -8.49
CA GLU B 76 6.26 7.99 -8.68
C GLU B 76 6.58 8.79 -9.93
N ALA B 77 7.80 8.67 -10.46
CA ALA B 77 8.21 9.40 -11.66
C ALA B 77 8.14 8.55 -12.92
N ILE B 78 7.45 7.41 -12.87
CA ILE B 78 7.42 6.47 -13.98
C ILE B 78 6.83 7.10 -15.24
N ASN B 79 6.02 8.15 -15.11
CA ASN B 79 5.41 8.80 -16.27
C ASN B 79 6.07 10.14 -16.62
N ILE B 80 7.29 10.37 -16.16
CA ILE B 80 7.99 11.63 -16.44
C ILE B 80 9.04 11.38 -17.51
N ASN B 81 8.86 12.03 -18.67
CA ASN B 81 9.78 11.94 -19.81
C ASN B 81 10.82 13.04 -19.67
N TYR B 82 12.07 12.66 -19.37
CA TYR B 82 13.13 13.62 -19.08
C TYR B 82 13.26 14.69 -20.16
N ILE B 83 13.21 14.29 -21.44
CA ILE B 83 13.59 15.20 -22.52
C ILE B 83 12.63 16.38 -22.67
N ASP B 84 11.45 16.33 -22.03
CA ASP B 84 10.51 17.46 -22.02
C ASP B 84 11.00 18.52 -21.03
N GLU B 85 12.14 19.13 -21.37
CA GLU B 85 12.80 20.02 -20.42
C GLU B 85 12.06 21.34 -20.22
N THR B 86 11.38 21.84 -21.26
CA THR B 86 10.54 23.03 -21.08
C THR B 86 9.39 22.76 -20.13
N GLU B 87 8.85 21.53 -20.16
CA GLU B 87 7.74 21.17 -19.28
C GLU B 87 8.22 20.81 -17.89
N TYR B 88 9.38 20.16 -17.79
CA TYR B 88 9.91 19.70 -16.50
C TYR B 88 11.28 20.33 -16.25
N PRO B 89 11.35 21.66 -16.11
CA PRO B 89 12.66 22.31 -15.98
C PRO B 89 13.38 22.03 -14.67
N ARG B 90 12.65 21.71 -13.60
CA ARG B 90 13.33 21.42 -12.34
C ARG B 90 14.15 20.13 -12.44
N ILE B 91 13.67 19.17 -13.22
CA ILE B 91 14.42 17.93 -13.41
C ILE B 91 15.60 18.17 -14.35
N ALA B 92 15.42 19.05 -15.34
CA ALA B 92 16.56 19.43 -16.18
C ALA B 92 17.66 20.06 -15.35
N VAL B 93 17.29 20.96 -14.43
CA VAL B 93 18.27 21.53 -13.52
C VAL B 93 18.87 20.43 -12.63
N MET B 94 18.01 19.54 -12.10
CA MET B 94 18.50 18.46 -11.25
C MET B 94 19.51 17.58 -11.99
N ASN B 95 19.25 17.29 -13.27
CA ASN B 95 20.19 16.55 -14.09
C ASN B 95 21.54 17.26 -14.17
N GLY B 96 21.52 18.58 -14.39
CA GLY B 96 22.76 19.33 -14.42
C GLY B 96 23.50 19.31 -13.10
N LYS B 97 22.76 19.31 -11.98
CA LYS B 97 23.41 19.24 -10.68
C LYS B 97 24.07 17.88 -10.46
N CYS B 98 23.42 16.80 -10.92
CA CYS B 98 24.09 15.51 -10.87
C CYS B 98 25.38 15.55 -11.69
N ILE B 99 25.32 16.14 -12.87
CA ILE B 99 26.51 16.23 -13.71
C ILE B 99 27.61 17.03 -13.00
N ASN B 100 27.24 18.14 -12.36
CA ASN B 100 28.22 18.91 -11.58
C ASN B 100 28.86 18.07 -10.50
N ILE B 101 28.03 17.36 -9.72
CA ILE B 101 28.53 16.58 -8.59
C ILE B 101 29.48 15.50 -9.08
N VAL B 102 29.12 14.82 -10.18
CA VAL B 102 29.97 13.76 -10.71
C VAL B 102 31.29 14.34 -11.23
N ALA B 103 31.21 15.44 -11.97
CA ALA B 103 32.43 16.07 -12.50
C ALA B 103 33.35 16.51 -11.37
N ASN B 104 32.78 17.04 -10.29
CA ASN B 104 33.60 17.45 -9.14
C ASN B 104 34.11 16.24 -8.35
N LEU B 105 33.36 15.13 -8.33
CA LEU B 105 33.89 13.90 -7.74
C LEU B 105 35.15 13.44 -8.46
N TRP B 106 35.25 13.70 -9.76
CA TRP B 106 36.40 13.35 -10.59
C TRP B 106 37.37 14.52 -10.74
N ASN B 107 37.26 15.52 -9.86
CA ASN B 107 38.24 16.60 -9.77
C ASN B 107 38.35 17.42 -11.06
N SER B 108 37.22 17.71 -11.68
CA SER B 108 37.26 18.55 -12.87
C SER B 108 37.85 19.90 -12.51
N PRO B 109 38.80 20.43 -13.29
CA PRO B 109 39.27 21.80 -13.08
C PRO B 109 38.40 22.85 -13.74
N GLU B 110 37.30 22.44 -14.37
CA GLU B 110 36.43 23.37 -15.08
C GLU B 110 35.86 24.42 -14.12
N LYS B 111 35.94 25.69 -14.54
CA LYS B 111 35.52 26.82 -13.72
C LYS B 111 34.03 27.07 -13.78
N ASP B 112 33.37 26.70 -14.87
CA ASP B 112 31.95 26.94 -15.03
C ASP B 112 31.14 26.29 -13.91
N THR B 113 30.11 26.99 -13.44
CA THR B 113 29.23 26.40 -12.44
C THR B 113 28.48 25.19 -13.01
N TRP B 114 28.03 25.26 -14.25
CA TRP B 114 27.34 24.13 -14.86
C TRP B 114 28.36 23.35 -15.68
N LYS B 115 28.82 22.23 -15.13
CA LYS B 115 29.88 21.44 -15.73
C LYS B 115 29.45 20.82 -17.05
N THR B 116 30.44 20.58 -17.92
CA THR B 116 30.22 20.04 -19.25
C THR B 116 30.06 18.53 -19.13
N GLY B 117 28.83 18.05 -19.31
CA GLY B 117 28.56 16.63 -19.21
C GLY B 117 27.20 16.31 -19.79
N ALA B 118 26.88 15.02 -19.80
CA ALA B 118 25.63 14.54 -20.37
C ALA B 118 25.10 13.33 -19.62
N LEU B 119 23.77 13.29 -19.52
CA LEU B 119 23.02 12.14 -19.04
C LEU B 119 23.07 11.01 -20.07
N ALA B 120 23.08 9.78 -19.58
CA ALA B 120 23.04 8.61 -20.45
C ALA B 120 22.15 7.52 -19.84
N ILE B 121 21.75 6.56 -20.69
CA ILE B 121 21.03 5.37 -20.21
C ILE B 121 21.99 4.38 -19.55
N GLY B 122 23.27 4.46 -19.88
CA GLY B 122 24.26 3.60 -19.26
C GLY B 122 25.63 3.98 -19.79
N SER B 123 26.63 3.17 -19.43
CA SER B 123 27.96 3.44 -19.94
C SER B 123 28.04 3.24 -21.45
N SER B 124 27.11 2.49 -22.03
CA SER B 124 27.11 2.31 -23.49
C SER B 124 26.99 3.67 -24.20
N GLU B 125 25.89 4.39 -23.96
CA GLU B 125 25.71 5.69 -24.56
C GLU B 125 26.79 6.65 -24.09
N ALA B 126 27.15 6.60 -22.81
CA ALA B 126 28.18 7.50 -22.31
C ALA B 126 29.52 7.23 -22.98
N CYS B 127 29.87 5.96 -23.18
CA CYS B 127 31.10 5.65 -23.90
C CYS B 127 31.04 6.12 -25.34
N MET B 128 29.91 5.88 -26.02
CA MET B 128 29.83 6.26 -27.42
C MET B 128 29.92 7.77 -27.59
N LEU B 129 29.32 8.51 -26.67
CA LEU B 129 29.43 9.96 -26.72
C LEU B 129 30.88 10.41 -26.53
N GLY B 130 31.59 9.81 -25.57
CA GLY B 130 33.00 10.12 -25.41
C GLY B 130 33.82 9.80 -26.65
N GLY B 131 33.56 8.66 -27.28
CA GLY B 131 34.31 8.26 -28.45
C GLY B 131 33.98 9.11 -29.66
N VAL B 132 32.69 9.40 -29.88
CA VAL B 132 32.32 10.28 -30.98
C VAL B 132 32.96 11.65 -30.80
N ALA B 133 32.97 12.16 -29.57
CA ALA B 133 33.64 13.43 -29.32
C ALA B 133 35.14 13.34 -29.62
N ALA B 134 35.80 12.27 -29.18
CA ALA B 134 37.21 12.08 -29.52
C ALA B 134 37.40 11.97 -31.02
N TRP B 135 36.47 11.29 -31.69
CA TRP B 135 36.54 11.17 -33.14
C TRP B 135 36.38 12.54 -33.82
N LEU B 136 35.44 13.35 -33.36
CA LEU B 136 35.22 14.65 -33.98
C LEU B 136 36.35 15.62 -33.69
N ARG B 137 36.90 15.61 -32.47
CA ARG B 137 38.06 16.46 -32.19
C ARG B 137 39.23 16.09 -33.08
N TRP B 138 39.45 14.79 -33.30
CA TRP B 138 40.56 14.34 -34.14
C TRP B 138 40.35 14.74 -35.60
N ARG B 139 39.13 14.54 -36.11
CA ARG B 139 38.81 14.97 -37.47
C ARG B 139 39.12 16.46 -37.67
N LYS B 140 38.69 17.31 -36.73
CA LYS B 140 38.95 18.74 -36.86
C LYS B 140 40.45 19.07 -36.84
N LYS B 141 41.20 18.44 -35.95
CA LYS B 141 42.64 18.71 -35.85
C LYS B 141 43.35 18.30 -37.13
N ARG B 142 43.05 17.10 -37.62
CA ARG B 142 43.71 16.62 -38.83
C ARG B 142 43.32 17.50 -40.03
N GLN B 143 42.07 17.94 -40.09
CA GLN B 143 41.67 18.81 -41.21
C GLN B 143 42.49 20.10 -41.23
N ALA B 144 42.63 20.74 -40.05
CA ALA B 144 43.43 21.96 -39.93
C ALA B 144 44.89 21.74 -40.29
N GLN B 145 45.40 20.53 -40.14
CA GLN B 145 46.78 20.20 -40.45
C GLN B 145 47.00 19.80 -41.90
N GLY B 146 45.95 19.70 -42.71
CA GLY B 146 46.13 19.19 -44.07
C GLY B 146 46.38 17.70 -44.14
N LYS B 147 46.13 16.99 -43.06
CA LYS B 147 46.37 15.55 -42.94
C LYS B 147 45.06 14.77 -43.18
N PRO B 148 45.14 13.51 -43.59
CA PRO B 148 43.91 12.75 -43.86
C PRO B 148 43.17 12.43 -42.56
N PHE B 149 41.85 12.24 -42.68
CA PHE B 149 41.05 11.91 -41.51
C PHE B 149 39.97 10.88 -41.83
N ASP B 150 40.23 9.94 -42.74
CA ASP B 150 39.23 8.98 -43.18
C ASP B 150 39.41 7.58 -42.59
N LYS B 151 40.46 7.34 -41.79
CA LYS B 151 40.71 6.01 -41.23
C LYS B 151 41.02 6.09 -39.74
N PRO B 152 40.06 6.54 -38.92
CA PRO B 152 40.29 6.63 -37.48
C PRO B 152 40.42 5.24 -36.85
N ASN B 153 41.16 5.18 -35.74
CA ASN B 153 41.21 4.00 -34.90
C ASN B 153 41.28 4.45 -33.44
N PHE B 154 41.02 3.52 -32.52
CA PHE B 154 41.22 3.75 -31.09
C PHE B 154 41.81 2.48 -30.49
N VAL B 155 42.50 2.64 -29.35
CA VAL B 155 43.27 1.57 -28.73
C VAL B 155 42.68 1.27 -27.37
N ILE B 156 42.57 -0.03 -27.05
CA ILE B 156 41.91 -0.49 -25.84
C ILE B 156 42.42 -1.88 -25.52
N SER B 157 42.31 -2.30 -24.26
CA SER B 157 42.66 -3.65 -23.86
C SER B 157 41.72 -4.68 -24.51
N THR B 158 42.24 -5.91 -24.71
CA THR B 158 41.36 -7.01 -25.10
C THR B 158 40.31 -7.29 -24.04
N GLY B 159 40.48 -6.76 -22.83
CA GLY B 159 39.46 -6.86 -21.82
C GLY B 159 38.36 -5.83 -21.98
N PHE B 160 38.20 -5.29 -23.20
CA PHE B 160 37.16 -4.31 -23.44
C PHE B 160 35.77 -4.90 -23.20
N GLN B 161 34.85 -4.04 -22.78
CA GLN B 161 33.45 -4.40 -22.71
C GLN B 161 32.79 -4.15 -24.06
N VAL B 162 31.78 -4.96 -24.38
CA VAL B 162 31.29 -5.08 -25.75
C VAL B 162 30.84 -3.76 -26.38
N VAL B 163 30.49 -2.74 -25.58
CA VAL B 163 30.02 -1.49 -26.18
C VAL B 163 31.10 -0.85 -27.06
N TRP B 164 32.38 -1.11 -26.79
CA TRP B 164 33.42 -0.58 -27.66
C TRP B 164 33.45 -1.31 -29.00
N GLU B 165 33.09 -2.59 -29.01
CA GLU B 165 32.90 -3.28 -30.28
C GLU B 165 31.70 -2.72 -31.03
N LYS B 166 30.63 -2.39 -30.31
CA LYS B 166 29.49 -1.72 -30.93
C LYS B 166 29.91 -0.39 -31.54
N PHE B 167 30.66 0.41 -30.79
CA PHE B 167 31.15 1.69 -31.28
C PHE B 167 31.98 1.49 -32.55
N ALA B 168 32.91 0.53 -32.52
CA ALA B 168 33.74 0.25 -33.69
C ALA B 168 32.90 -0.15 -34.89
N GLN B 169 31.88 -0.98 -34.67
CA GLN B 169 31.03 -1.43 -35.77
C GLN B 169 30.10 -0.33 -36.28
N LEU B 170 29.37 0.33 -35.37
CA LEU B 170 28.30 1.21 -35.80
C LEU B 170 28.82 2.50 -36.42
N TRP B 171 30.03 2.93 -36.07
CA TRP B 171 30.65 4.10 -36.69
C TRP B 171 31.75 3.75 -37.68
N GLN B 172 32.05 2.46 -37.85
CA GLN B 172 33.10 1.98 -38.75
C GLN B 172 34.46 2.60 -38.38
N ILE B 173 34.83 2.46 -37.11
CA ILE B 173 36.11 2.91 -36.57
C ILE B 173 36.91 1.68 -36.13
N GLU B 174 38.18 1.65 -36.50
CA GLU B 174 39.02 0.48 -36.24
C GLU B 174 39.36 0.38 -34.75
N MET B 175 39.06 -0.75 -34.13
CA MET B 175 39.49 -1.00 -32.77
C MET B 175 40.81 -1.77 -32.76
N ARG B 176 41.81 -1.24 -32.05
CA ARG B 176 43.10 -1.91 -31.87
C ARG B 176 43.20 -2.38 -30.42
N GLU B 177 43.41 -3.68 -30.24
CA GLU B 177 43.33 -4.36 -28.95
C GLU B 177 44.71 -4.78 -28.45
N VAL B 178 44.99 -4.45 -27.20
CA VAL B 178 46.25 -4.83 -26.54
C VAL B 178 45.99 -6.06 -25.68
N PRO B 179 46.65 -7.19 -25.93
CA PRO B 179 46.28 -8.44 -25.27
C PRO B 179 46.66 -8.49 -23.80
N LEU B 180 45.94 -9.33 -23.08
CA LEU B 180 46.24 -9.62 -21.68
C LEU B 180 47.18 -10.81 -21.59
N THR B 181 48.11 -10.76 -20.64
CA THR B 181 48.97 -11.89 -20.29
C THR B 181 49.05 -11.97 -18.76
N LEU B 182 49.53 -13.11 -18.26
CA LEU B 182 49.74 -13.23 -16.82
C LEU B 182 50.75 -12.19 -16.31
N GLU B 183 51.71 -11.82 -17.15
CA GLU B 183 52.70 -10.80 -16.77
C GLU B 183 52.09 -9.40 -16.80
N LYS B 184 51.16 -9.16 -17.72
CA LYS B 184 50.53 -7.84 -17.91
C LYS B 184 49.02 -8.06 -17.85
N THR B 185 48.49 -8.12 -16.62
CA THR B 185 47.10 -8.46 -16.38
C THR B 185 46.14 -7.28 -16.60
N THR B 186 46.65 -6.08 -16.87
CA THR B 186 45.86 -4.92 -17.25
C THR B 186 46.59 -4.23 -18.41
N LEU B 187 45.98 -3.16 -18.93
CA LEU B 187 46.52 -2.48 -20.11
C LEU B 187 47.92 -1.95 -19.84
N ASP B 188 48.89 -2.45 -20.62
CA ASP B 188 50.28 -2.01 -20.50
C ASP B 188 50.52 -0.77 -21.35
N PRO B 189 50.95 0.35 -20.77
CA PRO B 189 51.05 1.59 -21.57
C PRO B 189 52.00 1.46 -22.74
N GLU B 190 53.11 0.74 -22.54
CA GLU B 190 54.09 0.56 -23.60
C GLU B 190 53.46 -0.10 -24.81
N GLU B 191 52.73 -1.19 -24.59
CA GLU B 191 52.11 -1.92 -25.69
C GLU B 191 50.98 -1.14 -26.34
N ALA B 192 50.23 -0.35 -25.56
CA ALA B 192 49.17 0.44 -26.18
C ALA B 192 49.75 1.47 -27.14
N LEU B 193 50.83 2.14 -26.74
CA LEU B 193 51.46 3.15 -27.58
C LEU B 193 52.03 2.55 -28.86
N LYS B 194 52.53 1.31 -28.80
CA LYS B 194 53.03 0.64 -29.99
C LYS B 194 51.93 0.47 -31.04
N MET B 195 50.66 0.47 -30.61
CA MET B 195 49.50 0.37 -31.51
C MET B 195 48.90 1.73 -31.89
N CYS B 196 49.47 2.85 -31.45
CA CYS B 196 49.01 4.18 -31.80
C CYS B 196 49.69 4.69 -33.07
N ASP B 197 48.97 5.52 -33.83
CA ASP B 197 49.57 6.24 -34.96
C ASP B 197 48.83 7.56 -35.15
N GLU B 198 49.10 8.23 -36.28
CA GLU B 198 48.48 9.52 -36.56
C GLU B 198 46.96 9.44 -36.69
N ASN B 199 46.41 8.24 -36.81
CA ASN B 199 44.97 8.06 -36.97
C ASN B 199 44.27 7.64 -35.67
N THR B 200 44.98 7.61 -34.55
CA THR B 200 44.39 7.21 -33.29
C THR B 200 43.66 8.39 -32.64
N ILE B 201 42.37 8.19 -32.35
CA ILE B 201 41.54 9.25 -31.78
C ILE B 201 41.54 9.26 -30.25
N CYS B 202 41.89 8.14 -29.61
CA CYS B 202 42.01 8.06 -28.16
C CYS B 202 42.50 6.68 -27.75
N VAL B 203 42.99 6.59 -26.52
CA VAL B 203 43.26 5.34 -25.82
C VAL B 203 42.24 5.23 -24.70
N VAL B 204 41.75 4.01 -24.47
CA VAL B 204 40.64 3.82 -23.54
C VAL B 204 41.09 2.91 -22.40
N PRO B 205 41.64 3.47 -21.32
CA PRO B 205 41.85 2.65 -20.13
C PRO B 205 40.52 2.42 -19.43
N ILE B 206 40.44 1.33 -18.67
CA ILE B 206 39.19 0.86 -18.04
C ILE B 206 39.41 0.78 -16.54
N GLN B 207 38.48 1.38 -15.76
CA GLN B 207 38.47 1.25 -14.30
C GLN B 207 37.34 0.29 -13.93
N GLY B 208 37.70 -0.94 -13.61
CA GLY B 208 36.70 -1.94 -13.35
C GLY B 208 36.50 -2.83 -14.57
N VAL B 209 37.59 -3.45 -15.04
CA VAL B 209 37.50 -4.33 -16.18
C VAL B 209 36.54 -5.47 -15.88
N THR B 210 35.55 -5.69 -16.75
CA THR B 210 34.51 -6.67 -16.44
C THR B 210 35.09 -8.08 -16.34
N TRP B 211 36.06 -8.42 -17.19
CA TRP B 211 36.60 -9.77 -17.23
C TRP B 211 37.40 -10.10 -15.98
N THR B 212 38.04 -9.09 -15.37
CA THR B 212 39.02 -9.30 -14.31
C THR B 212 38.73 -8.56 -13.01
N GLY B 213 37.90 -7.51 -13.04
CA GLY B 213 37.71 -6.68 -11.86
C GLY B 213 38.84 -5.70 -11.58
N LEU B 214 39.83 -5.61 -12.44
CA LEU B 214 41.00 -4.78 -12.14
C LEU B 214 40.85 -3.38 -12.75
N ASN B 215 41.84 -2.53 -12.45
CA ASN B 215 41.93 -1.18 -13.00
C ASN B 215 43.16 -1.07 -13.89
N ASP B 216 42.96 -0.66 -15.13
CA ASP B 216 44.10 -0.20 -15.91
C ASP B 216 44.73 0.99 -15.20
N ASP B 217 46.05 1.11 -15.26
CA ASP B 217 46.75 2.20 -14.58
C ASP B 217 46.68 3.43 -15.47
N VAL B 218 45.70 4.31 -15.19
CA VAL B 218 45.54 5.49 -16.02
C VAL B 218 46.72 6.44 -15.84
N GLU B 219 47.20 6.60 -14.61
CA GLU B 219 48.32 7.50 -14.38
C GLU B 219 49.56 7.08 -15.18
N ALA B 220 49.83 5.78 -15.21
CA ALA B 220 50.96 5.29 -16.01
C ALA B 220 50.71 5.49 -17.50
N LEU B 221 49.48 5.30 -17.95
CA LEU B 221 49.16 5.60 -19.34
C LEU B 221 49.37 7.07 -19.64
N ASP B 222 48.89 7.96 -18.76
CA ASP B 222 49.05 9.40 -18.99
C ASP B 222 50.51 9.77 -19.09
N LYS B 223 51.32 9.25 -18.19
CA LYS B 223 52.75 9.58 -18.21
C LYS B 223 53.38 9.15 -19.53
N ALA B 224 53.10 7.91 -19.96
CA ALA B 224 53.64 7.40 -21.22
C ALA B 224 53.13 8.21 -22.42
N LEU B 225 51.84 8.56 -22.41
CA LEU B 225 51.23 9.28 -23.53
C LEU B 225 51.80 10.69 -23.67
N ASP B 226 52.10 11.33 -22.53
CA ASP B 226 52.68 12.66 -22.59
C ASP B 226 54.01 12.63 -23.33
N ALA B 227 54.85 11.63 -23.03
CA ALA B 227 56.10 11.50 -23.75
C ALA B 227 55.85 11.20 -25.22
N TYR B 228 54.91 10.30 -25.51
CA TYR B 228 54.63 9.93 -26.90
C TYR B 228 54.09 11.12 -27.69
N ASN B 229 53.16 11.87 -27.09
CA ASN B 229 52.59 13.02 -27.79
C ASN B 229 53.64 14.10 -28.04
N ALA B 230 54.56 14.29 -27.11
CA ALA B 230 55.62 15.27 -27.30
C ALA B 230 56.53 14.88 -28.46
N LYS B 231 56.72 13.57 -28.67
CA LYS B 231 57.62 13.11 -29.72
C LYS B 231 56.96 13.09 -31.10
N THR B 232 55.68 12.74 -31.17
CA THR B 232 54.99 12.59 -32.45
C THR B 232 54.11 13.78 -32.82
N GLY B 233 53.63 14.55 -31.85
CA GLY B 233 52.63 15.56 -32.13
C GLY B 233 51.24 15.04 -32.44
N TYR B 234 50.98 13.75 -32.24
CA TYR B 234 49.66 13.20 -32.56
C TYR B 234 48.58 13.69 -31.61
N ASP B 235 48.96 14.10 -30.39
CA ASP B 235 48.01 14.74 -29.47
C ASP B 235 46.88 13.78 -29.09
N ILE B 236 47.23 12.53 -28.84
CA ILE B 236 46.24 11.48 -28.57
C ILE B 236 45.74 11.60 -27.13
N PRO B 237 44.42 11.67 -26.91
CA PRO B 237 43.92 11.80 -25.53
C PRO B 237 43.51 10.48 -24.93
N ILE B 238 43.13 10.54 -23.66
CA ILE B 238 42.53 9.44 -22.94
C ILE B 238 41.04 9.73 -22.78
N HIS B 239 40.22 8.72 -23.02
CA HIS B 239 38.86 8.66 -22.49
C HIS B 239 38.82 7.47 -21.55
N VAL B 240 38.47 7.70 -20.28
CA VAL B 240 38.43 6.63 -19.28
C VAL B 240 37.05 5.98 -19.31
N ASP B 241 37.01 4.69 -19.63
CA ASP B 241 35.84 3.89 -19.35
C ASP B 241 35.89 3.49 -17.89
N ALA B 242 35.19 4.24 -17.04
CA ALA B 242 35.18 4.02 -15.60
C ALA B 242 33.83 3.48 -15.14
N ALA B 243 33.23 2.63 -15.96
CA ALA B 243 31.86 2.15 -15.74
C ALA B 243 31.56 1.78 -14.29
N SER B 244 32.40 0.96 -13.68
CA SER B 244 32.29 0.61 -12.27
C SER B 244 33.14 1.50 -11.39
N GLY B 245 34.43 1.65 -11.72
CA GLY B 245 35.36 2.33 -10.84
C GLY B 245 35.09 3.81 -10.61
N GLY B 246 34.33 4.46 -11.51
CA GLY B 246 34.04 5.88 -11.38
C GLY B 246 33.28 6.25 -10.13
N PHE B 247 32.58 5.28 -9.51
CA PHE B 247 31.89 5.49 -8.23
C PHE B 247 32.51 4.66 -7.11
N ILE B 248 33.69 4.08 -7.34
CA ILE B 248 34.48 3.43 -6.30
C ILE B 248 35.69 4.28 -5.93
N LEU B 249 36.50 4.62 -6.93
CA LEU B 249 37.77 5.30 -6.68
C LEU B 249 37.67 6.62 -5.91
N PRO B 250 36.71 7.52 -6.19
CA PRO B 250 36.70 8.78 -5.42
C PRO B 250 36.47 8.59 -3.94
N PHE B 251 35.79 7.53 -3.55
CA PHE B 251 35.46 7.36 -2.14
C PHE B 251 36.50 6.52 -1.40
N LEU B 252 36.94 5.41 -2.00
CA LEU B 252 37.86 4.48 -1.35
C LEU B 252 39.32 4.71 -1.72
N TYR B 253 39.60 5.35 -2.85
CA TYR B 253 40.98 5.62 -3.27
C TYR B 253 41.13 7.07 -3.73
N PRO B 254 40.90 8.03 -2.84
CA PRO B 254 40.91 9.44 -3.26
C PRO B 254 42.24 9.90 -3.83
N ASP B 255 43.34 9.28 -3.39
CA ASP B 255 44.69 9.73 -3.80
C ASP B 255 45.17 9.01 -5.06
N THR B 256 44.43 8.01 -5.55
CA THR B 256 44.80 7.42 -6.83
C THR B 256 44.46 8.40 -7.95
N LYS B 257 45.49 8.86 -8.67
CA LYS B 257 45.31 9.86 -9.72
C LYS B 257 44.90 9.16 -11.01
N TRP B 258 43.60 9.16 -11.29
CA TRP B 258 43.06 8.50 -12.48
C TRP B 258 42.13 9.38 -13.30
N ASP B 259 41.78 10.55 -12.81
CA ASP B 259 40.63 11.29 -13.33
C ASP B 259 41.06 12.59 -14.00
N PHE B 260 40.27 13.67 -13.89
CA PHE B 260 40.62 14.93 -14.55
C PHE B 260 41.85 15.62 -13.96
N ARG B 261 42.43 15.09 -12.87
CA ARG B 261 43.74 15.54 -12.42
C ARG B 261 44.85 15.25 -13.42
N LEU B 262 44.65 14.28 -14.31
CA LEU B 262 45.66 13.88 -15.27
C LEU B 262 45.55 14.75 -16.52
N LYS B 263 46.71 15.06 -17.12
CA LYS B 263 46.79 16.02 -18.20
C LYS B 263 45.96 15.58 -19.42
N TRP B 264 46.06 14.30 -19.78
CA TRP B 264 45.51 13.78 -21.02
C TRP B 264 44.14 13.15 -20.89
N VAL B 265 43.56 13.15 -19.69
CA VAL B 265 42.22 12.61 -19.49
C VAL B 265 41.23 13.72 -19.87
N LEU B 266 40.69 13.66 -21.08
CA LEU B 266 39.78 14.69 -21.55
C LEU B 266 38.32 14.34 -21.36
N SER B 267 37.99 13.07 -21.16
CA SER B 267 36.62 12.67 -20.88
C SER B 267 36.60 11.38 -20.08
N ILE B 268 35.54 11.21 -19.29
CA ILE B 268 35.35 10.06 -18.42
C ILE B 268 33.89 9.66 -18.50
N SER B 269 33.62 8.35 -18.51
CA SER B 269 32.25 7.85 -18.50
C SER B 269 32.06 6.89 -17.33
N VAL B 270 30.80 6.73 -16.90
CA VAL B 270 30.48 5.89 -15.74
C VAL B 270 29.06 5.35 -15.87
N SER B 271 28.79 4.21 -15.22
CA SER B 271 27.45 3.65 -15.11
C SER B 271 26.85 4.07 -13.78
N GLY B 272 25.92 5.03 -13.82
CA GLY B 272 25.24 5.39 -12.60
C GLY B 272 24.44 4.23 -12.01
N HIS B 273 24.01 3.31 -12.85
CA HIS B 273 23.26 2.16 -12.37
C HIS B 273 24.15 0.96 -11.97
N LYS B 274 25.48 1.13 -11.89
CA LYS B 274 26.29 0.06 -11.34
C LYS B 274 26.67 0.35 -9.90
N PHE B 275 27.75 1.08 -9.68
CA PHE B 275 28.13 1.47 -8.33
C PHE B 275 27.75 2.92 -8.02
N GLY B 276 27.07 3.61 -8.94
CA GLY B 276 26.36 4.83 -8.60
C GLY B 276 25.11 4.60 -7.76
N LEU B 277 24.70 3.33 -7.62
CA LEU B 277 23.68 2.85 -6.69
C LEU B 277 22.24 3.16 -7.13
N VAL B 278 21.99 3.33 -8.43
CA VAL B 278 20.67 3.62 -8.96
C VAL B 278 20.20 2.45 -9.81
N TYR B 279 18.90 2.20 -9.79
CA TYR B 279 18.32 1.13 -10.59
C TYR B 279 18.63 1.32 -12.09
N PRO B 280 18.49 0.23 -12.88
CA PRO B 280 18.81 0.27 -14.32
C PRO B 280 18.33 1.50 -15.09
N GLY B 281 19.21 2.06 -15.91
CA GLY B 281 18.87 3.17 -16.79
C GLY B 281 19.66 4.45 -16.56
N LEU B 282 20.88 4.38 -16.02
CA LEU B 282 21.64 5.60 -15.71
C LEU B 282 23.13 5.48 -16.06
N GLY B 283 23.61 6.43 -16.85
CA GLY B 283 25.04 6.61 -17.05
C GLY B 283 25.37 8.09 -17.13
N TRP B 284 26.66 8.40 -17.00
CA TRP B 284 27.13 9.77 -17.07
C TRP B 284 28.41 9.85 -17.89
N VAL B 285 28.56 10.93 -18.66
CA VAL B 285 29.85 11.22 -19.29
C VAL B 285 30.18 12.68 -19.02
N CYS B 286 31.41 12.94 -18.58
CA CYS B 286 31.91 14.29 -18.36
C CYS B 286 33.13 14.54 -19.21
N TRP B 287 33.25 15.80 -19.63
CA TRP B 287 34.43 16.30 -20.32
C TRP B 287 35.19 17.24 -19.39
N LYS B 288 36.51 17.31 -19.60
CA LYS B 288 37.36 18.12 -18.74
C LYS B 288 37.06 19.60 -18.88
N GLY B 289 36.50 20.01 -20.01
CA GLY B 289 36.10 21.38 -20.21
C GLY B 289 35.22 21.45 -21.44
N LYS B 290 34.56 22.60 -21.58
CA LYS B 290 33.67 22.83 -22.72
C LYS B 290 34.41 22.73 -24.04
N GLU B 291 35.70 23.07 -24.07
CA GLU B 291 36.44 23.01 -25.32
C GLU B 291 36.65 21.59 -25.83
N TYR B 292 36.35 20.56 -25.03
CA TYR B 292 36.53 19.18 -25.49
C TYR B 292 35.24 18.52 -25.95
N LEU B 293 34.10 19.22 -25.86
CA LEU B 293 32.85 18.72 -26.40
C LEU B 293 32.54 19.49 -27.68
N PRO B 294 32.71 18.88 -28.86
CA PRO B 294 32.54 19.60 -30.12
C PRO B 294 31.15 20.22 -30.26
N GLU B 295 31.12 21.41 -30.87
CA GLU B 295 29.87 22.10 -31.14
C GLU B 295 28.98 21.33 -32.11
N GLU B 296 29.57 20.50 -32.96
CA GLU B 296 28.79 19.68 -33.88
C GLU B 296 27.90 18.70 -33.13
N MET B 297 28.34 18.26 -31.96
CA MET B 297 27.63 17.24 -31.20
C MET B 297 26.59 17.83 -30.29
N SER B 298 26.73 19.11 -29.97
CA SER B 298 26.19 19.61 -28.72
C SER B 298 25.74 21.03 -28.91
N PHE B 299 24.81 21.41 -28.04
CA PHE B 299 24.42 22.79 -27.81
C PHE B 299 23.91 22.82 -26.38
N SER B 300 23.62 24.01 -25.88
CA SER B 300 23.16 24.14 -24.51
C SER B 300 21.95 25.06 -24.46
N VAL B 301 21.07 24.79 -23.49
CA VAL B 301 19.84 25.54 -23.28
C VAL B 301 19.84 26.00 -21.84
N ASN B 302 19.34 27.22 -21.59
CA ASN B 302 19.25 27.74 -20.23
C ASN B 302 17.88 27.40 -19.66
N TYR B 303 17.86 26.65 -18.55
CA TYR B 303 16.64 26.34 -17.82
C TYR B 303 16.77 26.89 -16.40
N LEU B 304 16.00 27.95 -16.10
CA LEU B 304 15.96 28.53 -14.76
C LEU B 304 17.35 28.94 -14.28
N GLY B 305 18.17 29.46 -15.19
CA GLY B 305 19.51 29.89 -14.88
C GLY B 305 20.58 28.83 -15.01
N ALA B 306 20.23 27.60 -15.37
CA ALA B 306 21.17 26.50 -15.50
C ALA B 306 21.54 26.25 -16.95
N ASN B 307 22.83 26.05 -17.20
CA ASN B 307 23.36 25.76 -18.53
C ASN B 307 23.42 24.25 -18.70
N ILE B 308 22.44 23.68 -19.39
CA ILE B 308 22.33 22.24 -19.54
C ILE B 308 22.72 21.86 -20.96
N THR B 309 23.79 21.09 -21.09
CA THR B 309 24.24 20.68 -22.41
C THR B 309 23.25 19.68 -23.00
N GLN B 310 22.97 19.83 -24.30
CA GLN B 310 22.05 18.98 -25.04
C GLN B 310 22.90 18.09 -25.95
N VAL B 311 23.24 16.92 -25.42
CA VAL B 311 24.01 15.94 -26.22
C VAL B 311 23.52 14.56 -25.79
N GLY B 312 23.28 13.68 -26.75
CA GLY B 312 22.81 12.34 -26.44
C GLY B 312 22.43 11.54 -27.67
N LEU B 313 22.47 10.21 -27.54
CA LEU B 313 21.97 9.30 -28.57
C LEU B 313 20.48 9.05 -28.40
N ASN B 314 20.01 8.96 -27.16
CA ASN B 314 18.58 8.83 -26.89
C ASN B 314 17.92 10.21 -26.82
N PHE B 315 16.59 10.22 -26.87
CA PHE B 315 15.81 11.44 -26.75
C PHE B 315 14.83 11.24 -25.62
N SER B 316 13.58 10.89 -25.89
CA SER B 316 12.65 10.57 -24.82
C SER B 316 13.17 9.39 -23.99
N ARG B 317 13.03 9.49 -22.67
CA ARG B 317 13.54 8.47 -21.76
C ARG B 317 12.94 8.71 -20.38
N PRO B 318 12.93 7.69 -19.51
CA PRO B 318 12.44 7.90 -18.14
C PRO B 318 13.31 8.90 -17.39
N ALA B 319 12.65 9.74 -16.58
CA ALA B 319 13.37 10.66 -15.71
C ALA B 319 13.65 10.09 -14.33
N ALA B 320 13.07 8.93 -14.00
CA ALA B 320 13.17 8.40 -12.63
C ALA B 320 14.61 8.29 -12.14
N GLN B 321 15.52 7.90 -13.02
CA GLN B 321 16.89 7.65 -12.59
C GLN B 321 17.62 8.92 -12.17
N ILE B 322 17.21 10.08 -12.70
CA ILE B 322 17.82 11.34 -12.26
C ILE B 322 17.44 11.61 -10.82
N LEU B 323 16.15 11.45 -10.50
CA LEU B 323 15.72 11.57 -9.11
C LEU B 323 16.44 10.59 -8.21
N GLY B 324 16.60 9.34 -8.66
CA GLY B 324 17.29 8.36 -7.85
C GLY B 324 18.72 8.75 -7.56
N GLN B 325 19.44 9.20 -8.59
CA GLN B 325 20.84 9.60 -8.38
C GLN B 325 20.94 10.77 -7.42
N TYR B 326 20.14 11.81 -7.65
CA TYR B 326 20.20 12.97 -6.78
C TYR B 326 19.78 12.59 -5.36
N TYR B 327 18.78 11.72 -5.22
CA TYR B 327 18.43 11.24 -3.89
C TYR B 327 19.62 10.57 -3.21
N GLN B 328 20.34 9.68 -3.92
CA GLN B 328 21.48 9.01 -3.30
C GLN B 328 22.53 10.04 -2.88
N PHE B 329 22.81 11.05 -3.72
CA PHE B 329 23.81 12.04 -3.37
C PHE B 329 23.44 12.75 -2.06
N ILE B 330 22.16 13.10 -1.89
CA ILE B 330 21.71 13.81 -0.69
C ILE B 330 21.54 12.85 0.49
N ARG B 331 20.95 11.68 0.24
CA ARG B 331 20.69 10.72 1.32
C ARG B 331 21.97 10.19 1.94
N LEU B 332 22.96 9.85 1.10
CA LEU B 332 24.21 9.28 1.59
C LEU B 332 25.31 10.32 1.74
N GLY B 333 25.46 11.25 0.78
CA GLY B 333 26.63 12.08 0.81
C GLY B 333 27.90 11.27 0.58
N PHE B 334 29.03 11.97 0.70
CA PHE B 334 30.32 11.32 0.52
C PHE B 334 30.51 10.21 1.55
N GLN B 335 30.25 10.53 2.82
CA GLN B 335 30.45 9.52 3.87
C GLN B 335 29.61 8.28 3.60
N GLY B 336 28.35 8.48 3.24
CA GLY B 336 27.46 7.34 3.02
C GLY B 336 27.89 6.52 1.82
N TYR B 337 28.24 7.17 0.71
CA TYR B 337 28.79 6.43 -0.42
C TYR B 337 30.01 5.63 0.01
N LYS B 338 30.87 6.24 0.83
CA LYS B 338 32.10 5.57 1.24
C LYS B 338 31.80 4.33 2.05
N GLU B 339 30.84 4.39 2.98
CA GLU B 339 30.55 3.23 3.81
C GLU B 339 29.85 2.13 3.03
N VAL B 340 29.00 2.48 2.06
CA VAL B 340 28.37 1.44 1.26
C VAL B 340 29.40 0.75 0.38
N GLN B 341 30.23 1.53 -0.33
CA GLN B 341 31.28 0.90 -1.15
C GLN B 341 32.29 0.16 -0.27
N TYR B 342 32.59 0.69 0.92
CA TYR B 342 33.42 -0.05 1.86
C TYR B 342 32.85 -1.43 2.13
N ASN B 343 31.54 -1.50 2.42
CA ASN B 343 30.89 -2.79 2.67
C ASN B 343 31.00 -3.73 1.48
N SER B 344 30.69 -3.23 0.28
CA SER B 344 30.75 -4.09 -0.90
C SER B 344 32.17 -4.61 -1.14
N LEU B 345 33.17 -3.73 -1.02
CA LEU B 345 34.56 -4.17 -1.23
C LEU B 345 35.01 -5.12 -0.14
N GLN B 346 34.62 -4.86 1.10
CA GLN B 346 35.00 -5.75 2.19
C GLN B 346 34.41 -7.14 1.99
N ILE B 347 33.16 -7.22 1.54
CA ILE B 347 32.57 -8.53 1.31
C ILE B 347 33.22 -9.22 0.12
N ALA B 348 33.51 -8.48 -0.94
CA ALA B 348 34.24 -9.09 -2.05
C ALA B 348 35.58 -9.63 -1.57
N LYS B 349 36.30 -8.85 -0.75
CA LYS B 349 37.58 -9.30 -0.22
C LYS B 349 37.41 -10.55 0.64
N TYR B 350 36.34 -10.62 1.42
CA TYR B 350 36.10 -11.79 2.26
C TYR B 350 35.91 -13.05 1.41
N ILE B 351 35.04 -12.98 0.39
CA ILE B 351 34.83 -14.13 -0.48
C ILE B 351 36.12 -14.53 -1.19
N HIS B 352 36.86 -13.54 -1.68
CA HIS B 352 38.16 -13.76 -2.30
C HIS B 352 39.08 -14.55 -1.37
N GLY B 353 39.13 -14.17 -0.10
CA GLY B 353 39.98 -14.88 0.85
C GLY B 353 39.51 -16.30 1.15
N GLU B 354 38.21 -16.51 1.21
CA GLU B 354 37.69 -17.85 1.49
C GLU B 354 37.84 -18.77 0.28
N ILE B 355 37.65 -18.23 -0.92
CA ILE B 355 37.88 -18.98 -2.16
C ILE B 355 39.33 -19.44 -2.23
N ALA B 356 40.26 -18.58 -1.81
CA ALA B 356 41.67 -18.91 -1.90
C ALA B 356 42.03 -20.11 -1.02
N LYS B 357 41.27 -20.33 0.05
CA LYS B 357 41.53 -21.44 0.98
C LYS B 357 41.02 -22.78 0.46
N MET B 358 40.15 -22.78 -0.54
CA MET B 358 39.58 -24.03 -1.03
C MET B 358 40.58 -24.72 -1.96
N ALA B 359 40.72 -26.03 -1.80
CA ALA B 359 41.72 -26.79 -2.56
C ALA B 359 41.63 -26.63 -4.08
N PRO B 360 40.44 -26.55 -4.71
CA PRO B 360 40.40 -26.47 -6.18
C PRO B 360 40.80 -25.13 -6.77
N PHE B 361 40.90 -24.05 -5.99
CA PHE B 361 40.84 -22.70 -6.53
C PHE B 361 42.12 -21.90 -6.33
N VAL B 362 42.37 -20.99 -7.27
CA VAL B 362 43.40 -19.97 -7.13
C VAL B 362 42.86 -18.67 -7.72
N ASN B 363 43.15 -17.57 -7.06
CA ASN B 363 42.65 -16.27 -7.51
C ASN B 363 43.53 -15.69 -8.61
N TYR B 364 42.87 -14.98 -9.53
CA TYR B 364 43.59 -14.32 -10.61
C TYR B 364 44.49 -13.22 -10.09
N SER B 365 44.06 -12.55 -9.03
CA SER B 365 44.80 -11.42 -8.48
C SER B 365 44.77 -11.48 -6.97
N GLU B 366 45.83 -10.99 -6.33
CA GLU B 366 45.79 -10.81 -4.88
C GLU B 366 45.21 -9.48 -4.49
N ASN B 367 45.00 -8.58 -5.46
CA ASN B 367 44.60 -7.21 -5.21
C ASN B 367 43.13 -7.04 -5.64
N VAL B 368 42.27 -6.73 -4.68
CA VAL B 368 40.85 -6.56 -4.93
C VAL B 368 40.58 -5.06 -4.76
N VAL B 369 40.44 -4.34 -5.86
CA VAL B 369 40.25 -2.89 -5.84
C VAL B 369 38.86 -2.44 -6.25
N ASN B 370 38.05 -3.32 -6.81
CA ASN B 370 36.65 -3.08 -7.11
C ASN B 370 35.90 -4.21 -6.45
N PRO B 371 34.60 -4.02 -6.14
CA PRO B 371 33.86 -5.06 -5.40
C PRO B 371 33.49 -6.27 -6.25
N LEU B 372 34.49 -6.89 -6.87
CA LEU B 372 34.32 -8.11 -7.66
C LEU B 372 35.70 -8.71 -7.89
N PHE B 373 35.74 -9.97 -8.28
CA PHE B 373 37.03 -10.62 -8.52
C PHE B 373 36.79 -11.92 -9.27
N ILE B 374 37.87 -12.49 -9.82
CA ILE B 374 37.79 -13.74 -10.57
C ILE B 374 38.81 -14.75 -10.06
N TRP B 375 38.47 -16.04 -10.19
CA TRP B 375 39.35 -17.14 -9.86
C TRP B 375 39.21 -18.26 -10.90
N TYR B 376 40.14 -19.21 -10.87
CA TYR B 376 40.11 -20.37 -11.75
C TYR B 376 40.59 -21.58 -10.96
N LEU B 377 40.52 -22.75 -11.60
CA LEU B 377 41.00 -23.97 -10.96
C LEU B 377 42.52 -23.98 -10.90
N LYS B 378 43.07 -24.46 -9.77
CA LYS B 378 44.51 -24.66 -9.70
C LYS B 378 44.90 -25.56 -10.86
N PRO B 379 45.92 -25.19 -11.65
CA PRO B 379 46.26 -26.00 -12.82
C PRO B 379 46.51 -27.46 -12.49
N GLU B 380 47.18 -27.75 -11.37
CA GLU B 380 47.38 -29.15 -10.98
C GLU B 380 46.07 -29.82 -10.60
N TYR B 381 45.17 -29.07 -9.94
CA TYR B 381 43.86 -29.62 -9.58
C TYR B 381 43.03 -29.91 -10.82
N ALA B 382 43.03 -28.98 -11.78
CA ALA B 382 42.20 -29.11 -12.98
C ALA B 382 42.58 -30.32 -13.82
N LYS B 383 43.87 -30.64 -13.90
CA LYS B 383 44.30 -31.72 -14.80
C LYS B 383 43.65 -33.06 -14.45
N SER B 384 43.51 -33.35 -13.16
CA SER B 384 42.97 -34.63 -12.71
C SER B 384 41.49 -34.53 -12.29
N ALA B 385 40.90 -33.35 -12.34
CA ALA B 385 39.48 -33.19 -12.00
C ALA B 385 38.59 -33.67 -13.14
N LYS B 386 37.44 -34.21 -12.77
CA LYS B 386 36.43 -34.62 -13.75
C LYS B 386 35.50 -33.47 -14.14
N TRP B 387 35.65 -32.28 -13.54
CA TRP B 387 34.69 -31.20 -13.73
C TRP B 387 35.40 -29.88 -14.04
N THR B 388 34.64 -28.91 -14.56
CA THR B 388 35.14 -27.57 -14.85
C THR B 388 34.31 -26.52 -14.14
N LEU B 389 34.75 -25.26 -14.26
CA LEU B 389 34.00 -24.20 -13.63
C LEU B 389 32.60 -24.08 -14.24
N TYR B 390 32.40 -24.53 -15.48
CA TYR B 390 31.04 -24.54 -16.03
C TYR B 390 30.13 -25.48 -15.26
N ASP B 391 30.66 -26.62 -14.81
CA ASP B 391 29.86 -27.52 -13.99
C ASP B 391 29.53 -26.90 -12.64
N LEU B 392 30.47 -26.13 -12.07
CA LEU B 392 30.20 -25.43 -10.82
C LEU B 392 29.10 -24.37 -11.00
N GLN B 393 29.12 -23.66 -12.14
CA GLN B 393 28.06 -22.70 -12.43
C GLN B 393 26.70 -23.38 -12.47
N ASP B 394 26.62 -24.54 -13.12
CA ASP B 394 25.37 -25.28 -13.20
C ASP B 394 24.91 -25.74 -11.82
N LYS B 395 25.83 -26.23 -10.99
CA LYS B 395 25.43 -26.63 -9.64
C LYS B 395 24.88 -25.45 -8.85
N LEU B 396 25.55 -24.29 -8.93
CA LEU B 396 25.08 -23.13 -8.18
C LEU B 396 23.73 -22.65 -8.68
N SER B 397 23.46 -22.80 -9.98
CA SER B 397 22.17 -22.45 -10.54
C SER B 397 21.02 -23.24 -9.93
N GLN B 398 21.30 -24.47 -9.46
CA GLN B 398 20.26 -25.27 -8.83
C GLN B 398 19.77 -24.66 -7.53
N HIS B 399 20.55 -23.78 -6.91
CA HIS B 399 20.14 -23.05 -5.71
C HIS B 399 19.76 -21.59 -5.96
N GLY B 400 19.56 -21.19 -7.22
CA GLY B 400 19.06 -19.87 -7.56
C GLY B 400 20.12 -18.85 -7.94
N TRP B 401 21.40 -19.14 -7.73
CA TRP B 401 22.47 -18.22 -8.05
C TRP B 401 22.76 -18.21 -9.55
N MET B 402 23.27 -17.08 -10.04
CA MET B 402 23.98 -17.02 -11.31
C MET B 402 25.39 -16.55 -10.98
N VAL B 403 26.35 -17.47 -11.08
CA VAL B 403 27.76 -17.17 -10.90
C VAL B 403 28.46 -17.60 -12.18
N PRO B 404 28.84 -16.64 -13.05
CA PRO B 404 29.22 -17.00 -14.42
C PRO B 404 30.65 -17.50 -14.57
N ALA B 405 30.81 -18.53 -15.40
CA ALA B 405 32.12 -19.03 -15.84
C ALA B 405 32.32 -18.70 -17.32
N TYR B 406 33.54 -18.35 -17.67
CA TYR B 406 33.86 -17.90 -19.02
C TYR B 406 35.37 -17.93 -19.21
N THR B 407 35.79 -17.87 -20.48
CA THR B 407 37.19 -17.76 -20.83
C THR B 407 37.60 -16.29 -20.86
N LEU B 408 38.85 -16.04 -20.47
CA LEU B 408 39.41 -14.70 -20.46
C LEU B 408 39.76 -14.26 -21.88
N PRO B 409 39.93 -12.94 -22.09
CA PRO B 409 40.27 -12.46 -23.44
C PRO B 409 41.68 -12.82 -23.88
N SER B 410 42.01 -12.33 -25.07
CA SER B 410 43.31 -12.61 -25.75
C SER B 410 44.51 -13.04 -24.91
N LYS B 411 45.09 -14.18 -25.27
CA LYS B 411 46.33 -14.71 -24.75
C LYS B 411 46.13 -15.29 -23.36
N LEU B 412 44.96 -15.11 -22.74
CA LEU B 412 44.56 -15.85 -21.56
C LEU B 412 43.30 -16.67 -21.82
N GLU B 413 42.97 -16.87 -23.10
CA GLU B 413 41.71 -17.52 -23.47
C GLU B 413 41.63 -18.97 -23.01
N ASP B 414 42.77 -19.58 -22.67
CA ASP B 414 42.75 -20.94 -22.15
C ASP B 414 42.32 -21.02 -20.70
N TYR B 415 42.21 -19.87 -20.03
CA TYR B 415 41.82 -19.81 -18.62
C TYR B 415 40.31 -19.67 -18.52
N VAL B 416 39.65 -20.70 -17.99
CA VAL B 416 38.25 -20.60 -17.63
C VAL B 416 38.20 -20.05 -16.21
N VAL B 417 37.51 -18.92 -16.01
CA VAL B 417 37.42 -18.30 -14.71
C VAL B 417 35.97 -18.17 -14.32
N MET B 418 35.76 -17.86 -13.06
CA MET B 418 34.46 -17.57 -12.49
C MET B 418 34.55 -16.23 -11.78
N ARG B 419 33.48 -15.44 -11.86
CA ARG B 419 33.43 -14.09 -11.32
C ARG B 419 32.27 -13.94 -10.33
N VAL B 420 32.53 -13.28 -9.21
CA VAL B 420 31.50 -12.84 -8.28
C VAL B 420 31.56 -11.33 -8.20
N VAL B 421 30.39 -10.69 -8.38
CA VAL B 421 30.22 -9.25 -8.19
C VAL B 421 29.37 -9.01 -6.96
N VAL B 422 29.87 -8.19 -6.04
CA VAL B 422 29.19 -7.86 -4.80
C VAL B 422 28.62 -6.45 -4.92
N ARG B 423 27.30 -6.34 -4.95
CA ARG B 423 26.60 -5.07 -5.05
C ARG B 423 25.94 -4.73 -3.73
N GLN B 424 25.56 -3.46 -3.58
CA GLN B 424 24.76 -3.08 -2.42
C GLN B 424 23.55 -3.99 -2.33
N GLY B 425 23.31 -4.51 -1.15
CA GLY B 425 22.24 -5.48 -0.95
C GLY B 425 22.72 -6.93 -0.92
N PHE B 426 24.01 -7.18 -1.20
CA PHE B 426 24.62 -8.49 -1.00
C PHE B 426 25.49 -8.42 0.26
N SER B 427 25.04 -9.08 1.33
CA SER B 427 25.61 -8.95 2.66
C SER B 427 26.66 -10.03 2.97
N ARG B 428 27.30 -9.90 4.13
CA ARG B 428 28.14 -10.99 4.65
C ARG B 428 27.35 -12.28 4.81
N ASP B 429 26.10 -12.17 5.29
CA ASP B 429 25.30 -13.37 5.47
C ASP B 429 25.02 -14.06 4.15
N MET B 430 24.72 -13.29 3.11
CA MET B 430 24.53 -13.87 1.78
C MET B 430 25.85 -14.44 1.22
N ALA B 431 26.98 -13.82 1.55
CA ALA B 431 28.27 -14.38 1.15
C ALA B 431 28.48 -15.75 1.77
N ASP B 432 28.10 -15.91 3.03
CA ASP B 432 28.24 -17.21 3.68
C ASP B 432 27.36 -18.25 3.00
N MET B 433 26.15 -17.86 2.59
CA MET B 433 25.29 -18.81 1.87
C MET B 433 25.92 -19.24 0.56
N LEU B 434 26.47 -18.27 -0.18
CA LEU B 434 27.15 -18.59 -1.43
C LEU B 434 28.31 -19.54 -1.20
N LEU B 435 29.17 -19.22 -0.23
CA LEU B 435 30.35 -20.05 0.02
C LEU B 435 29.97 -21.46 0.45
N GLY B 436 28.92 -21.58 1.28
CA GLY B 436 28.45 -22.90 1.67
C GLY B 436 27.98 -23.71 0.49
N ASP B 437 27.30 -23.07 -0.47
CA ASP B 437 26.85 -23.75 -1.67
C ASP B 437 28.02 -24.13 -2.58
N ILE B 438 29.05 -23.28 -2.62
CA ILE B 438 30.24 -23.61 -3.40
C ILE B 438 30.92 -24.84 -2.83
N LYS B 439 31.11 -24.89 -1.51
CA LYS B 439 31.74 -26.04 -0.87
C LYS B 439 30.96 -27.32 -1.14
N ASN B 440 29.63 -27.27 -0.96
CA ASN B 440 28.82 -28.46 -1.21
C ASN B 440 28.90 -28.87 -2.67
N ALA B 441 28.86 -27.89 -3.59
CA ALA B 441 28.96 -28.21 -5.01
C ALA B 441 30.29 -28.89 -5.33
N ILE B 442 31.37 -28.40 -4.73
CA ILE B 442 32.68 -29.03 -4.92
C ILE B 442 32.66 -30.47 -4.43
N ALA B 443 32.05 -30.72 -3.28
CA ALA B 443 32.02 -32.09 -2.74
C ALA B 443 31.27 -33.05 -3.66
N GLU B 444 30.17 -32.59 -4.25
CA GLU B 444 29.40 -33.46 -5.13
C GLU B 444 30.16 -33.75 -6.42
N LEU B 445 30.76 -32.72 -7.01
CA LEU B 445 31.48 -32.89 -8.27
C LEU B 445 32.72 -33.76 -8.11
N GLU B 446 33.34 -33.74 -6.93
CA GLU B 446 34.50 -34.59 -6.67
C GLU B 446 34.16 -36.07 -6.56
N LYS B 447 32.88 -36.42 -6.49
CA LYS B 447 32.47 -37.82 -6.49
C LYS B 447 32.33 -38.38 -7.90
N LEU B 448 32.44 -37.54 -8.93
CA LEU B 448 32.26 -37.98 -10.30
C LEU B 448 33.35 -38.97 -10.71
N ASP B 449 32.92 -40.05 -11.37
CA ASP B 449 33.81 -41.07 -11.89
C ASP B 449 34.20 -40.85 -13.35
N PHE B 450 33.44 -40.05 -14.08
CA PHE B 450 33.70 -39.77 -15.49
C PHE B 450 33.77 -38.27 -15.72
N PRO B 451 34.45 -37.84 -16.78
CA PRO B 451 34.53 -36.40 -17.04
C PRO B 451 33.22 -35.89 -17.61
N THR B 452 32.94 -34.62 -17.32
CA THR B 452 31.76 -33.92 -17.83
C THR B 452 31.99 -33.51 -19.27
N PRO B 453 30.93 -33.10 -19.98
CA PRO B 453 31.12 -32.60 -21.35
C PRO B 453 32.12 -31.47 -21.46
N THR B 454 32.04 -30.46 -20.58
CA THR B 454 32.99 -29.36 -20.65
C THR B 454 34.40 -29.78 -20.28
N ARG B 455 34.54 -30.76 -19.38
CA ARG B 455 35.87 -31.27 -19.05
C ARG B 455 36.47 -32.04 -20.23
N MET B 456 35.66 -32.84 -20.92
CA MET B 456 36.18 -33.55 -22.07
C MET B 456 36.58 -32.58 -23.18
N ALA B 457 35.81 -31.51 -23.37
CA ALA B 457 36.17 -30.55 -24.41
C ALA B 457 37.53 -29.91 -24.15
N GLN B 458 37.93 -29.79 -22.88
CA GLN B 458 39.23 -29.19 -22.59
C GLN B 458 40.38 -30.12 -22.94
N GLU B 459 40.15 -31.43 -22.91
CA GLU B 459 41.23 -32.37 -23.18
C GLU B 459 41.43 -32.60 -24.67
N GLU C 2 29.72 14.85 9.07
CA GLU C 2 30.02 13.40 9.31
C GLU C 2 29.12 12.88 10.42
N ASP C 3 28.46 11.77 10.16
CA ASP C 3 27.58 11.14 11.14
C ASP C 3 28.33 10.02 11.86
N LEU C 4 28.58 10.22 13.16
CA LEU C 4 29.47 9.34 13.91
C LEU C 4 28.97 7.89 13.92
N ASN C 5 27.67 7.69 14.13
CA ASN C 5 27.11 6.36 14.35
C ASN C 5 26.47 5.77 13.10
N PHE C 6 26.88 6.24 11.92
CA PHE C 6 26.27 5.77 10.69
C PHE C 6 26.37 4.26 10.57
N ARG C 7 27.55 3.69 10.87
CA ARG C 7 27.75 2.25 10.72
C ARG C 7 27.14 1.42 11.85
N LYS C 8 26.83 2.03 13.00
CA LYS C 8 26.35 1.32 14.18
C LYS C 8 24.84 1.16 14.21
N GLY C 9 24.10 1.82 13.32
CA GLY C 9 22.66 1.73 13.31
C GLY C 9 21.96 2.90 13.95
N ASP C 10 21.95 4.06 13.29
CA ASP C 10 21.18 5.21 13.78
C ASP C 10 20.13 5.61 12.74
N ALA C 11 19.56 6.82 12.86
CA ALA C 11 18.49 7.20 11.94
C ALA C 11 18.98 7.40 10.50
N LYS C 12 20.27 7.60 10.29
CA LYS C 12 20.80 7.83 8.95
C LYS C 12 21.42 6.59 8.33
N THR C 13 21.55 5.49 9.07
CA THR C 13 22.22 4.28 8.58
C THR C 13 21.58 3.77 7.30
N ASP C 14 22.40 3.43 6.31
CA ASP C 14 22.00 2.58 5.19
C ASP C 14 22.30 1.13 5.56
N VAL C 15 21.30 0.25 5.39
CA VAL C 15 21.44 -1.16 5.81
C VAL C 15 22.74 -1.76 5.30
N PHE C 16 23.06 -1.51 4.04
CA PHE C 16 24.22 -2.15 3.45
C PHE C 16 25.44 -1.25 3.46
N GLY C 17 25.47 -0.28 4.39
CA GLY C 17 26.67 0.42 4.76
C GLY C 17 26.94 0.30 6.26
N SER C 18 26.38 -0.73 6.88
CA SER C 18 26.45 -0.90 8.32
C SER C 18 27.34 -2.08 8.72
N ASP C 19 27.85 -1.98 9.96
CA ASP C 19 28.64 -3.06 10.53
C ASP C 19 27.84 -4.36 10.62
N ARG C 20 26.53 -4.25 10.92
CA ARG C 20 25.74 -5.47 11.11
C ARG C 20 25.70 -6.32 9.84
N MET C 21 25.68 -5.68 8.67
CA MET C 21 25.68 -6.39 7.38
C MET C 21 27.08 -6.79 6.91
N LEU C 22 28.11 -6.61 7.73
CA LEU C 22 29.40 -7.26 7.55
C LEU C 22 29.57 -8.48 8.47
N GLN C 23 28.53 -8.87 9.18
CA GLN C 23 28.55 -9.94 10.18
C GLN C 23 27.61 -11.08 9.81
N PRO C 24 27.93 -12.32 10.22
CA PRO C 24 27.05 -13.44 9.90
C PRO C 24 25.78 -13.40 10.75
N SER C 25 24.75 -14.08 10.25
CA SER C 25 23.54 -14.21 11.04
C SER C 25 23.76 -15.16 12.22
N PRO C 26 22.98 -15.02 13.29
CA PRO C 26 23.20 -15.86 14.47
C PRO C 26 22.79 -17.31 14.23
N VAL C 27 23.72 -18.23 14.51
CA VAL C 27 23.50 -19.67 14.33
C VAL C 27 23.14 -20.36 15.64
N GLU C 28 23.82 -20.00 16.72
CA GLU C 28 23.69 -20.69 17.98
C GLU C 28 22.95 -19.89 19.04
N ARG C 29 23.26 -18.62 19.20
CA ARG C 29 22.78 -17.86 20.34
C ARG C 29 22.13 -16.56 19.89
N ILE C 30 21.18 -16.12 20.70
CA ILE C 30 20.51 -14.85 20.42
C ILE C 30 21.56 -13.73 20.43
N PRO C 31 21.52 -12.78 19.49
CA PRO C 31 22.44 -11.65 19.55
C PRO C 31 22.30 -10.91 20.88
N ASP C 32 23.40 -10.31 21.33
CA ASP C 32 23.37 -9.62 22.61
C ASP C 32 22.44 -8.42 22.56
N GLY C 33 22.42 -7.72 21.43
CA GLY C 33 21.70 -6.47 21.31
C GLY C 33 20.85 -6.37 20.07
N PRO C 34 20.10 -5.28 19.96
CA PRO C 34 19.16 -5.11 18.85
C PRO C 34 19.82 -4.54 17.60
N THR C 35 19.05 -4.53 16.51
CA THR C 35 19.41 -3.82 15.30
C THR C 35 18.21 -2.99 14.86
N THR C 36 18.37 -2.21 13.79
CA THR C 36 17.23 -1.46 13.30
C THR C 36 16.28 -2.44 12.60
N PRO C 37 14.99 -2.12 12.58
CA PRO C 37 14.04 -3.01 11.92
C PRO C 37 14.37 -3.26 10.47
N GLU C 38 14.89 -2.24 9.78
CA GLU C 38 15.25 -2.38 8.38
C GLU C 38 16.37 -3.40 8.20
N VAL C 39 17.37 -3.35 9.08
CA VAL C 39 18.50 -4.28 9.01
C VAL C 39 18.03 -5.71 9.24
N ALA C 40 17.25 -5.92 10.31
CA ALA C 40 16.79 -7.27 10.64
C ALA C 40 15.89 -7.83 9.55
N TYR C 41 15.01 -6.99 9.00
CA TYR C 41 14.12 -7.43 7.92
C TYR C 41 14.94 -7.97 6.75
N GLN C 42 15.96 -7.22 6.30
CA GLN C 42 16.79 -7.70 5.22
C GLN C 42 17.53 -8.99 5.60
N MET C 43 18.05 -9.06 6.83
CA MET C 43 18.81 -10.25 7.20
C MET C 43 17.96 -11.51 7.10
N VAL C 44 16.71 -11.47 7.55
CA VAL C 44 15.84 -12.64 7.47
C VAL C 44 15.34 -12.85 6.04
N LYS C 45 14.83 -11.78 5.42
CA LYS C 45 14.30 -11.87 4.06
C LYS C 45 15.35 -12.41 3.09
N ASP C 46 16.58 -11.89 3.16
CA ASP C 46 17.58 -12.23 2.16
C ASP C 46 17.94 -13.70 2.18
N GLU C 47 17.74 -14.38 3.31
CA GLU C 47 18.02 -15.82 3.37
C GLU C 47 17.01 -16.65 2.58
N THR C 48 15.81 -16.12 2.33
CA THR C 48 14.79 -16.86 1.59
C THR C 48 14.94 -16.74 0.08
N PHE C 49 15.88 -15.92 -0.40
CA PHE C 49 16.01 -15.77 -1.84
C PHE C 49 16.51 -17.05 -2.50
N ALA C 50 17.52 -17.68 -1.91
CA ALA C 50 18.25 -18.78 -2.56
C ALA C 50 17.59 -20.13 -2.32
N GLN C 51 16.34 -20.25 -2.77
CA GLN C 51 15.60 -21.49 -2.72
C GLN C 51 14.46 -21.40 -3.72
N THR C 52 13.75 -22.52 -3.87
CA THR C 52 12.67 -22.61 -4.86
C THR C 52 11.62 -21.55 -4.61
N GLN C 53 11.22 -20.87 -5.67
CA GLN C 53 10.07 -19.96 -5.60
C GLN C 53 8.76 -20.75 -5.52
N PRO C 54 7.83 -20.37 -4.66
CA PRO C 54 6.63 -21.21 -4.45
C PRO C 54 5.85 -21.53 -5.72
N ARG C 55 5.65 -20.57 -6.64
CA ARG C 55 4.82 -20.87 -7.80
C ARG C 55 5.52 -21.79 -8.79
N LEU C 56 6.84 -21.96 -8.66
CA LEU C 56 7.59 -22.91 -9.46
C LEU C 56 7.86 -24.22 -8.72
N ASN C 57 7.34 -24.36 -7.50
CA ASN C 57 7.42 -25.59 -6.72
C ASN C 57 6.35 -26.54 -7.23
N LEU C 58 6.75 -27.52 -8.07
CA LEU C 58 5.79 -28.47 -8.63
C LEU C 58 5.74 -29.78 -7.85
N ALA C 59 6.54 -29.90 -6.78
CA ALA C 59 6.45 -31.03 -5.87
C ALA C 59 5.28 -30.91 -4.91
N THR C 60 4.94 -29.68 -4.51
CA THR C 60 3.98 -29.50 -3.45
C THR C 60 2.56 -29.57 -3.99
N PHE C 61 1.67 -30.11 -3.17
CA PHE C 61 0.24 -30.08 -3.40
C PHE C 61 -0.41 -28.85 -2.79
N VAL C 62 0.34 -28.09 -1.97
CA VAL C 62 -0.22 -27.07 -1.08
C VAL C 62 -0.27 -25.72 -1.78
N THR C 63 -1.42 -25.04 -1.64
CA THR C 63 -1.72 -23.77 -2.29
C THR C 63 -0.58 -22.76 -2.21
N THR C 64 -0.22 -22.21 -3.36
CA THR C 64 0.76 -21.15 -3.42
C THR C 64 0.21 -19.87 -4.04
N TYR C 65 -1.07 -19.83 -4.39
CA TYR C 65 -1.73 -18.64 -4.91
C TYR C 65 -3.16 -18.56 -4.36
N MET C 66 -3.54 -17.36 -3.89
CA MET C 66 -4.94 -16.96 -3.71
C MET C 66 -5.09 -15.56 -4.30
N ASP C 67 -6.32 -15.15 -4.61
CA ASP C 67 -6.49 -13.83 -5.20
C ASP C 67 -6.20 -12.73 -4.18
N ASP C 68 -6.22 -11.47 -4.63
CA ASP C 68 -5.78 -10.37 -3.79
C ASP C 68 -6.71 -10.14 -2.59
N TYR C 69 -8.01 -10.41 -2.75
CA TYR C 69 -8.96 -10.15 -1.67
C TYR C 69 -8.83 -11.18 -0.56
N ALA C 70 -8.75 -12.47 -0.93
CA ALA C 70 -8.47 -13.51 0.07
C ALA C 70 -7.15 -13.23 0.77
N THR C 71 -6.13 -12.83 0.02
CA THR C 71 -4.83 -12.57 0.63
C THR C 71 -4.91 -11.43 1.64
N LYS C 72 -5.57 -10.34 1.25
CA LYS C 72 -5.74 -9.20 2.15
C LYS C 72 -6.55 -9.58 3.38
N LEU C 73 -7.62 -10.34 3.18
CA LEU C 73 -8.43 -10.79 4.30
C LEU C 73 -7.60 -11.59 5.29
N MET C 74 -6.75 -12.51 4.78
CA MET C 74 -5.98 -13.34 5.68
C MET C 74 -4.87 -12.55 6.37
N ASN C 75 -4.23 -11.64 5.63
CA ASN C 75 -3.17 -10.82 6.23
C ASN C 75 -3.71 -10.00 7.38
N GLU C 76 -4.94 -9.47 7.22
CA GLU C 76 -5.56 -8.64 8.24
C GLU C 76 -5.92 -9.42 9.50
N ALA C 77 -6.03 -10.75 9.41
CA ALA C 77 -6.35 -11.60 10.55
C ALA C 77 -5.11 -12.23 11.17
N ILE C 78 -3.90 -11.73 10.85
CA ILE C 78 -2.67 -12.38 11.31
C ILE C 78 -2.59 -12.42 12.84
N ASN C 79 -3.26 -11.52 13.54
CA ASN C 79 -3.13 -11.49 14.99
C ASN C 79 -4.33 -12.08 15.69
N ILE C 80 -5.12 -12.91 15.00
CA ILE C 80 -6.33 -13.50 15.56
C ILE C 80 -6.05 -14.95 15.89
N ASN C 81 -6.15 -15.28 17.18
CA ASN C 81 -5.93 -16.63 17.69
C ASN C 81 -7.26 -17.38 17.67
N TYR C 82 -7.41 -18.36 16.77
CA TYR C 82 -8.68 -19.05 16.64
C TYR C 82 -9.20 -19.56 17.98
N ILE C 83 -8.33 -20.15 18.80
CA ILE C 83 -8.80 -20.91 19.96
C ILE C 83 -9.47 -20.03 21.01
N ASP C 84 -9.31 -18.70 20.93
CA ASP C 84 -10.03 -17.77 21.80
C ASP C 84 -11.47 -17.60 21.33
N GLU C 85 -12.21 -18.71 21.40
CA GLU C 85 -13.55 -18.76 20.82
C GLU C 85 -14.54 -17.91 21.60
N THR C 86 -14.38 -17.83 22.93
CA THR C 86 -15.24 -16.96 23.72
C THR C 86 -15.03 -15.50 23.35
N GLU C 87 -13.78 -15.14 23.04
CA GLU C 87 -13.44 -13.78 22.65
C GLU C 87 -13.80 -13.49 21.20
N TYR C 88 -13.67 -14.50 20.34
CA TYR C 88 -13.94 -14.36 18.91
C TYR C 88 -15.03 -15.35 18.49
N PRO C 89 -16.26 -15.19 19.01
CA PRO C 89 -17.31 -16.19 18.71
C PRO C 89 -17.80 -16.16 17.28
N ARG C 90 -17.67 -15.04 16.56
CA ARG C 90 -18.07 -15.07 15.15
C ARG C 90 -17.15 -15.98 14.35
N ILE C 91 -15.88 -16.04 14.70
CA ILE C 91 -14.98 -16.94 13.98
C ILE C 91 -15.22 -18.40 14.38
N ALA C 92 -15.59 -18.65 15.63
CA ALA C 92 -15.95 -20.00 16.03
C ALA C 92 -17.14 -20.49 15.22
N VAL C 93 -18.18 -19.64 15.11
CA VAL C 93 -19.32 -19.98 14.27
C VAL C 93 -18.89 -20.16 12.82
N MET C 94 -18.05 -19.26 12.31
CA MET C 94 -17.57 -19.37 10.93
C MET C 94 -16.85 -20.70 10.71
N ASN C 95 -16.06 -21.13 11.70
CA ASN C 95 -15.45 -22.45 11.65
C ASN C 95 -16.52 -23.54 11.56
N GLY C 96 -17.56 -23.43 12.39
CA GLY C 96 -18.64 -24.41 12.33
C GLY C 96 -19.34 -24.42 11.00
N LYS C 97 -19.51 -23.24 10.36
CA LYS C 97 -20.18 -23.21 9.07
C LYS C 97 -19.31 -23.83 7.98
N CYS C 98 -18.00 -23.60 8.02
CA CYS C 98 -17.10 -24.30 7.11
C CYS C 98 -17.19 -25.81 7.29
N ILE C 99 -17.24 -26.26 8.54
CA ILE C 99 -17.35 -27.71 8.80
C ILE C 99 -18.65 -28.26 8.21
N ASN C 100 -19.76 -27.54 8.40
CA ASN C 100 -21.03 -27.97 7.82
C ASN C 100 -20.93 -28.11 6.30
N ILE C 101 -20.34 -27.10 5.66
CA ILE C 101 -20.27 -27.06 4.20
C ILE C 101 -19.42 -28.23 3.68
N VAL C 102 -18.30 -28.51 4.34
CA VAL C 102 -17.45 -29.63 3.93
C VAL C 102 -18.19 -30.96 4.13
N ALA C 103 -18.79 -31.15 5.29
CA ALA C 103 -19.49 -32.40 5.56
C ALA C 103 -20.61 -32.61 4.55
N ASN C 104 -21.34 -31.54 4.20
CA ASN C 104 -22.38 -31.70 3.19
C ASN C 104 -21.79 -31.89 1.80
N LEU C 105 -20.61 -31.32 1.55
CA LEU C 105 -19.90 -31.59 0.29
C LEU C 105 -19.64 -33.07 0.17
N TRP C 106 -19.43 -33.75 1.31
CA TRP C 106 -19.20 -35.19 1.39
C TRP C 106 -20.48 -35.95 1.71
N ASN C 107 -21.65 -35.33 1.54
CA ASN C 107 -22.93 -36.02 1.62
C ASN C 107 -23.16 -36.66 2.98
N SER C 108 -22.81 -35.96 4.05
CA SER C 108 -23.09 -36.48 5.38
C SER C 108 -24.59 -36.65 5.57
N PRO C 109 -25.05 -37.79 6.12
CA PRO C 109 -26.46 -37.96 6.48
C PRO C 109 -26.85 -37.45 7.85
N GLU C 110 -25.92 -36.83 8.58
CA GLU C 110 -26.18 -36.34 9.92
C GLU C 110 -27.30 -35.30 9.91
N LYS C 111 -28.25 -35.44 10.84
CA LYS C 111 -29.41 -34.55 10.81
C LYS C 111 -29.15 -33.21 11.51
N ASP C 112 -28.23 -33.20 12.47
CA ASP C 112 -27.92 -31.98 13.23
C ASP C 112 -27.46 -30.87 12.29
N THR C 113 -27.91 -29.64 12.58
CA THR C 113 -27.47 -28.52 11.76
C THR C 113 -25.97 -28.31 11.88
N TRP C 114 -25.41 -28.46 13.09
CA TRP C 114 -23.98 -28.27 13.29
C TRP C 114 -23.31 -29.64 13.14
N LYS C 115 -22.70 -29.86 11.98
CA LYS C 115 -22.11 -31.16 11.66
C LYS C 115 -20.93 -31.49 12.55
N THR C 116 -20.70 -32.79 12.74
CA THR C 116 -19.62 -33.28 13.58
C THR C 116 -18.31 -33.28 12.81
N GLY C 117 -17.45 -32.34 13.13
CA GLY C 117 -16.16 -32.27 12.45
C GLY C 117 -15.26 -31.33 13.22
N ALA C 118 -14.01 -31.23 12.75
CA ALA C 118 -13.03 -30.40 13.44
C ALA C 118 -12.08 -29.71 12.47
N LEU C 119 -11.68 -28.51 12.87
CA LEU C 119 -10.63 -27.76 12.22
C LEU C 119 -9.27 -28.42 12.48
N ALA C 120 -8.38 -28.37 11.49
CA ALA C 120 -7.04 -28.89 11.64
C ALA C 120 -6.05 -27.96 10.94
N ILE C 121 -4.77 -28.13 11.26
CA ILE C 121 -3.70 -27.40 10.58
C ILE C 121 -3.42 -28.00 9.21
N GLY C 122 -3.78 -29.25 9.00
CA GLY C 122 -3.58 -29.92 7.72
C GLY C 122 -4.12 -31.34 7.79
N SER C 123 -3.84 -32.13 6.75
CA SER C 123 -4.33 -33.50 6.81
C SER C 123 -3.58 -34.32 7.85
N SER C 124 -2.42 -33.87 8.29
CA SER C 124 -1.70 -34.61 9.33
C SER C 124 -2.57 -34.74 10.59
N GLU C 125 -2.94 -33.61 11.18
CA GLU C 125 -3.79 -33.61 12.37
C GLU C 125 -5.16 -34.21 12.07
N ALA C 126 -5.74 -33.90 10.91
CA ALA C 126 -7.08 -34.43 10.60
C ALA C 126 -7.05 -35.96 10.51
N CYS C 127 -6.02 -36.51 9.86
CA CYS C 127 -5.85 -37.96 9.79
C CYS C 127 -5.63 -38.56 11.17
N MET C 128 -4.77 -37.95 11.98
CA MET C 128 -4.50 -38.51 13.30
C MET C 128 -5.76 -38.51 14.16
N LEU C 129 -6.57 -37.44 14.07
CA LEU C 129 -7.84 -37.43 14.81
C LEU C 129 -8.78 -38.53 14.34
N GLY C 130 -8.89 -38.71 13.02
CA GLY C 130 -9.68 -39.81 12.52
C GLY C 130 -9.17 -41.16 13.01
N GLY C 131 -7.85 -41.32 13.03
CA GLY C 131 -7.27 -42.59 13.47
C GLY C 131 -7.42 -42.83 14.95
N VAL C 132 -7.19 -41.79 15.77
CA VAL C 132 -7.40 -41.92 17.21
C VAL C 132 -8.85 -42.26 17.52
N ALA C 133 -9.79 -41.63 16.81
CA ALA C 133 -11.20 -41.94 17.03
C ALA C 133 -11.50 -43.39 16.65
N ALA C 134 -10.95 -43.86 15.53
CA ALA C 134 -11.15 -45.25 15.15
C ALA C 134 -10.56 -46.19 16.22
N TRP C 135 -9.38 -45.83 16.75
CA TRP C 135 -8.74 -46.64 17.79
C TRP C 135 -9.57 -46.69 19.06
N LEU C 136 -10.13 -45.55 19.48
CA LEU C 136 -10.94 -45.56 20.71
C LEU C 136 -12.26 -46.30 20.52
N ARG C 137 -12.89 -46.18 19.35
CA ARG C 137 -14.13 -46.94 19.13
C ARG C 137 -13.86 -48.44 19.17
N TRP C 138 -12.73 -48.86 18.60
CA TRP C 138 -12.37 -50.28 18.61
C TRP C 138 -12.04 -50.76 20.03
N ARG C 139 -11.25 -50.00 20.78
CA ARG C 139 -10.92 -50.39 22.15
C ARG C 139 -12.17 -50.66 22.97
N LYS C 140 -13.14 -49.75 22.89
CA LYS C 140 -14.37 -49.89 23.67
C LYS C 140 -15.15 -51.14 23.26
N LYS C 141 -15.23 -51.41 21.96
CA LYS C 141 -15.95 -52.60 21.50
C LYS C 141 -15.31 -53.87 22.04
N ARG C 142 -13.99 -54.00 21.90
CA ARG C 142 -13.31 -55.23 22.32
C ARG C 142 -13.38 -55.44 23.82
N GLN C 143 -13.21 -54.36 24.61
CA GLN C 143 -13.35 -54.50 26.05
C GLN C 143 -14.74 -54.98 26.42
N ALA C 144 -15.77 -54.43 25.78
CA ALA C 144 -17.13 -54.90 26.06
C ALA C 144 -17.31 -56.35 25.65
N GLN C 145 -16.56 -56.81 24.65
CA GLN C 145 -16.63 -58.19 24.21
C GLN C 145 -15.74 -59.12 25.02
N GLY C 146 -14.99 -58.57 25.98
CA GLY C 146 -14.05 -59.39 26.74
C GLY C 146 -12.79 -59.78 25.99
N LYS C 147 -12.51 -59.15 24.86
CA LYS C 147 -11.38 -59.46 24.00
C LYS C 147 -10.21 -58.51 24.29
N PRO C 148 -8.98 -58.91 23.98
CA PRO C 148 -7.85 -58.01 24.26
C PRO C 148 -7.86 -56.82 23.32
N PHE C 149 -7.26 -55.73 23.78
CA PHE C 149 -7.23 -54.51 22.99
C PHE C 149 -5.87 -53.83 23.09
N ASP C 150 -4.81 -54.61 23.28
CA ASP C 150 -3.49 -54.03 23.46
C ASP C 150 -2.63 -54.08 22.21
N LYS C 151 -3.11 -54.64 21.10
CA LYS C 151 -2.33 -54.76 19.86
C LYS C 151 -3.13 -54.28 18.65
N PRO C 152 -3.51 -53.00 18.60
CA PRO C 152 -4.24 -52.49 17.44
C PRO C 152 -3.38 -52.47 16.19
N ASN C 153 -4.04 -52.59 15.03
CA ASN C 153 -3.38 -52.34 13.74
C ASN C 153 -4.34 -51.60 12.83
N PHE C 154 -3.80 -51.02 11.74
CA PHE C 154 -4.61 -50.46 10.67
C PHE C 154 -3.99 -50.82 9.32
N VAL C 155 -4.82 -50.81 8.28
CA VAL C 155 -4.44 -51.27 6.94
C VAL C 155 -4.45 -50.10 5.96
N ILE C 156 -3.43 -50.04 5.12
CA ILE C 156 -3.26 -48.91 4.18
C ILE C 156 -2.35 -49.38 3.05
N SER C 157 -2.46 -48.74 1.89
CA SER C 157 -1.55 -49.01 0.78
C SER C 157 -0.13 -48.58 1.15
N THR C 158 0.86 -49.25 0.54
CA THR C 158 2.23 -48.75 0.64
C THR C 158 2.38 -47.36 0.04
N GLY C 159 1.37 -46.87 -0.68
CA GLY C 159 1.38 -45.51 -1.18
C GLY C 159 0.92 -44.51 -0.14
N PHE C 160 0.98 -44.90 1.12
CA PHE C 160 0.58 -44.01 2.21
C PHE C 160 1.46 -42.77 2.24
N GLN C 161 0.88 -41.67 2.70
CA GLN C 161 1.66 -40.46 2.99
C GLN C 161 2.18 -40.51 4.42
N VAL C 162 3.34 -39.89 4.63
CA VAL C 162 4.13 -40.18 5.84
C VAL C 162 3.39 -39.88 7.14
N VAL C 163 2.34 -39.04 7.15
CA VAL C 163 1.70 -38.78 8.44
C VAL C 163 1.12 -40.07 9.05
N TRP C 164 0.77 -41.06 8.21
CA TRP C 164 0.28 -42.34 8.74
C TRP C 164 1.39 -43.15 9.43
N GLU C 165 2.64 -43.03 8.96
CA GLU C 165 3.78 -43.58 9.71
C GLU C 165 3.98 -42.81 11.01
N LYS C 166 3.84 -41.48 10.99
CA LYS C 166 3.90 -40.70 12.21
C LYS C 166 2.86 -41.17 13.22
N PHE C 167 1.61 -41.37 12.75
CA PHE C 167 0.54 -41.88 13.59
C PHE C 167 0.91 -43.22 14.20
N ALA C 168 1.44 -44.13 13.38
CA ALA C 168 1.84 -45.43 13.88
C ALA C 168 2.90 -45.31 14.97
N GLN C 169 3.88 -44.44 14.77
CA GLN C 169 4.96 -44.27 15.74
C GLN C 169 4.47 -43.57 17.01
N LEU C 170 3.79 -42.43 16.85
CA LEU C 170 3.45 -41.60 18.00
C LEU C 170 2.37 -42.22 18.88
N TRP C 171 1.52 -43.11 18.34
CA TRP C 171 0.53 -43.82 19.14
C TRP C 171 0.84 -45.30 19.33
N GLN C 172 1.94 -45.80 18.74
CA GLN C 172 2.31 -47.21 18.83
C GLN C 172 1.18 -48.13 18.35
N ILE C 173 0.71 -47.85 17.14
CA ILE C 173 -0.30 -48.67 16.47
C ILE C 173 0.37 -49.25 15.23
N GLU C 174 0.19 -50.55 15.00
CA GLU C 174 0.91 -51.25 13.93
C GLU C 174 0.30 -50.92 12.57
N MET C 175 1.12 -50.42 11.64
CA MET C 175 0.67 -50.16 10.28
C MET C 175 0.90 -51.38 9.39
N ARG C 176 -0.16 -51.85 8.74
CA ARG C 176 -0.07 -52.98 7.81
C ARG C 176 -0.25 -52.45 6.40
N GLU C 177 0.75 -52.68 5.56
CA GLU C 177 0.83 -52.05 4.24
C GLU C 177 0.52 -53.09 3.18
N VAL C 178 -0.41 -52.76 2.27
CA VAL C 178 -0.75 -53.64 1.12
C VAL C 178 0.09 -53.15 -0.06
N PRO C 179 0.93 -53.99 -0.70
CA PRO C 179 1.87 -53.50 -1.72
C PRO C 179 1.18 -53.11 -3.01
N LEU C 180 1.86 -52.22 -3.73
CA LEU C 180 1.45 -51.82 -5.07
C LEU C 180 2.15 -52.71 -6.10
N THR C 181 1.41 -53.03 -7.16
CA THR C 181 1.98 -53.72 -8.32
C THR C 181 1.45 -53.04 -9.57
N LEU C 182 2.11 -53.35 -10.70
CA LEU C 182 1.65 -52.84 -11.98
C LEU C 182 0.24 -53.30 -12.28
N GLU C 183 -0.14 -54.48 -11.78
CA GLU C 183 -1.48 -55.01 -11.95
C GLU C 183 -2.47 -54.36 -11.00
N LYS C 184 -2.03 -53.97 -9.80
CA LYS C 184 -2.91 -53.35 -8.79
C LYS C 184 -2.27 -52.05 -8.31
N THR C 185 -2.43 -51.03 -9.13
CA THR C 185 -1.79 -49.74 -8.98
C THR C 185 -2.45 -48.87 -7.92
N THR C 186 -3.57 -49.30 -7.35
CA THR C 186 -4.21 -48.69 -6.19
C THR C 186 -4.59 -49.78 -5.21
N LEU C 187 -5.10 -49.41 -4.03
CA LEU C 187 -5.38 -50.39 -2.98
C LEU C 187 -6.39 -51.43 -3.44
N ASP C 188 -5.97 -52.68 -3.50
CA ASP C 188 -6.89 -53.74 -3.87
C ASP C 188 -7.68 -54.21 -2.67
N PRO C 189 -9.02 -54.20 -2.71
CA PRO C 189 -9.80 -54.57 -1.52
C PRO C 189 -9.55 -55.99 -1.04
N GLU C 190 -9.45 -56.95 -1.97
CA GLU C 190 -9.20 -58.34 -1.57
C GLU C 190 -7.88 -58.47 -0.81
N GLU C 191 -6.82 -57.82 -1.30
CA GLU C 191 -5.55 -57.88 -0.59
C GLU C 191 -5.59 -57.12 0.73
N ALA C 192 -6.35 -56.02 0.80
CA ALA C 192 -6.50 -55.27 2.06
C ALA C 192 -7.18 -56.13 3.12
N LEU C 193 -8.21 -56.88 2.75
CA LEU C 193 -8.91 -57.73 3.71
C LEU C 193 -8.01 -58.86 4.25
N LYS C 194 -7.04 -59.33 3.45
CA LYS C 194 -6.12 -60.35 3.97
C LYS C 194 -5.34 -59.85 5.17
N MET C 195 -5.15 -58.54 5.28
CA MET C 195 -4.43 -57.97 6.42
C MET C 195 -5.35 -57.52 7.55
N CYS C 196 -6.66 -57.72 7.43
CA CYS C 196 -7.61 -57.39 8.49
C CYS C 196 -7.78 -58.56 9.45
N ASP C 197 -7.92 -58.25 10.73
CA ASP C 197 -8.26 -59.23 11.75
C ASP C 197 -8.99 -58.53 12.88
N GLU C 198 -9.13 -59.24 14.00
CA GLU C 198 -9.87 -58.73 15.15
C GLU C 198 -9.25 -57.49 15.76
N ASN C 199 -8.00 -57.17 15.42
CA ASN C 199 -7.35 -56.00 15.99
C ASN C 199 -7.28 -54.82 15.03
N THR C 200 -7.89 -54.91 13.86
CA THR C 200 -7.83 -53.84 12.87
C THR C 200 -8.81 -52.75 13.26
N ILE C 201 -8.29 -51.53 13.43
CA ILE C 201 -9.16 -50.44 13.87
C ILE C 201 -9.81 -49.72 12.69
N CYS C 202 -9.23 -49.79 11.49
CA CYS C 202 -9.80 -49.19 10.28
C CYS C 202 -8.91 -49.55 9.09
N VAL C 203 -9.47 -49.38 7.90
CA VAL C 203 -8.72 -49.38 6.64
C VAL C 203 -8.74 -47.95 6.11
N VAL C 204 -7.64 -47.52 5.52
CA VAL C 204 -7.48 -46.13 5.09
C VAL C 204 -7.25 -46.10 3.58
N PRO C 205 -8.30 -46.01 2.77
CA PRO C 205 -8.10 -45.73 1.35
C PRO C 205 -7.78 -44.24 1.19
N ILE C 206 -7.09 -43.93 0.10
CA ILE C 206 -6.54 -42.60 -0.15
C ILE C 206 -7.13 -42.08 -1.45
N GLN C 207 -7.68 -40.85 -1.42
CA GLN C 207 -8.15 -40.17 -2.61
C GLN C 207 -7.11 -39.11 -2.93
N GLY C 208 -6.28 -39.41 -3.94
CA GLY C 208 -5.16 -38.55 -4.28
C GLY C 208 -3.85 -39.09 -3.72
N VAL C 209 -3.50 -40.33 -4.06
CA VAL C 209 -2.26 -40.95 -3.57
C VAL C 209 -1.07 -40.10 -4.00
N THR C 210 -0.25 -39.69 -3.03
CA THR C 210 0.83 -38.75 -3.31
C THR C 210 1.83 -39.33 -4.31
N TRP C 211 2.13 -40.63 -4.22
CA TRP C 211 3.14 -41.24 -5.06
C TRP C 211 2.71 -41.35 -6.52
N THR C 212 1.41 -41.54 -6.77
CA THR C 212 0.89 -41.91 -8.08
C THR C 212 -0.16 -40.95 -8.64
N GLY C 213 -0.80 -40.15 -7.81
CA GLY C 213 -1.89 -39.29 -8.25
C GLY C 213 -3.23 -39.96 -8.42
N LEU C 214 -3.34 -41.26 -8.09
CA LEU C 214 -4.55 -42.03 -8.32
C LEU C 214 -5.48 -42.03 -7.08
N ASN C 215 -6.65 -42.65 -7.24
CA ASN C 215 -7.61 -42.81 -6.17
C ASN C 215 -7.82 -44.31 -5.87
N ASP C 216 -7.63 -44.70 -4.62
CA ASP C 216 -8.13 -45.99 -4.16
C ASP C 216 -9.64 -46.06 -4.36
N ASP C 217 -10.14 -47.25 -4.68
CA ASP C 217 -11.57 -47.43 -4.94
C ASP C 217 -12.28 -47.64 -3.60
N VAL C 218 -12.85 -46.57 -3.04
CA VAL C 218 -13.47 -46.65 -1.73
C VAL C 218 -14.74 -47.50 -1.77
N GLU C 219 -15.55 -47.36 -2.83
CA GLU C 219 -16.78 -48.15 -2.92
C GLU C 219 -16.50 -49.64 -2.95
N ALA C 220 -15.48 -50.07 -3.70
CA ALA C 220 -15.13 -51.49 -3.73
C ALA C 220 -14.62 -51.98 -2.39
N LEU C 221 -13.83 -51.16 -1.69
CA LEU C 221 -13.40 -51.52 -0.34
C LEU C 221 -14.59 -51.68 0.59
N ASP C 222 -15.52 -50.72 0.51
CA ASP C 222 -16.72 -50.76 1.34
C ASP C 222 -17.53 -52.03 1.13
N LYS C 223 -17.70 -52.44 -0.14
CA LYS C 223 -18.43 -53.68 -0.43
C LYS C 223 -17.69 -54.88 0.15
N ALA C 224 -16.38 -54.94 -0.06
CA ALA C 224 -15.61 -56.05 0.50
C ALA C 224 -15.69 -56.06 2.01
N LEU C 225 -15.63 -54.87 2.62
CA LEU C 225 -15.65 -54.78 4.08
C LEU C 225 -17.03 -55.15 4.64
N ASP C 226 -18.11 -54.82 3.92
CA ASP C 226 -19.45 -55.18 4.38
C ASP C 226 -19.60 -56.70 4.49
N ALA C 227 -19.16 -57.42 3.46
CA ALA C 227 -19.23 -58.87 3.52
C ALA C 227 -18.34 -59.43 4.61
N TYR C 228 -17.14 -58.85 4.76
CA TYR C 228 -16.19 -59.34 5.75
C TYR C 228 -16.70 -59.11 7.17
N ASN C 229 -17.22 -57.90 7.44
CA ASN C 229 -17.75 -57.58 8.77
C ASN C 229 -18.98 -58.42 9.10
N ALA C 230 -19.80 -58.74 8.09
CA ALA C 230 -20.95 -59.58 8.36
C ALA C 230 -20.54 -60.99 8.78
N LYS C 231 -19.47 -61.54 8.19
CA LYS C 231 -19.08 -62.88 8.57
C LYS C 231 -18.25 -62.91 9.86
N THR C 232 -17.45 -61.89 10.12
CA THR C 232 -16.57 -61.92 11.28
C THR C 232 -17.13 -61.18 12.49
N GLY C 233 -18.00 -60.20 12.30
CA GLY C 233 -18.41 -59.34 13.39
C GLY C 233 -17.34 -58.37 13.85
N TYR C 234 -16.24 -58.24 13.12
CA TYR C 234 -15.17 -57.35 13.56
C TYR C 234 -15.56 -55.87 13.44
N ASP C 235 -16.49 -55.51 12.56
CA ASP C 235 -17.03 -54.15 12.50
C ASP C 235 -15.96 -53.11 12.11
N ILE C 236 -15.09 -53.47 11.17
CA ILE C 236 -13.96 -52.62 10.80
C ILE C 236 -14.46 -51.48 9.92
N PRO C 237 -14.16 -50.24 10.24
CA PRO C 237 -14.63 -49.12 9.41
C PRO C 237 -13.57 -48.61 8.44
N ILE C 238 -13.99 -47.63 7.64
CA ILE C 238 -13.11 -46.91 6.73
C ILE C 238 -12.88 -45.51 7.28
N HIS C 239 -11.64 -45.05 7.23
CA HIS C 239 -11.34 -43.64 7.29
C HIS C 239 -10.73 -43.26 5.96
N VAL C 240 -11.34 -42.32 5.25
CA VAL C 240 -10.82 -41.89 3.94
C VAL C 240 -9.81 -40.77 4.14
N ASP C 241 -8.56 -41.03 3.78
CA ASP C 241 -7.56 -39.97 3.61
C ASP C 241 -7.80 -39.35 2.23
N ALA C 242 -8.51 -38.23 2.19
CA ALA C 242 -8.84 -37.55 0.95
C ALA C 242 -8.10 -36.22 0.83
N ALA C 243 -6.84 -36.18 1.29
CA ALA C 243 -6.09 -34.93 1.38
C ALA C 243 -6.23 -34.02 0.16
N SER C 244 -6.01 -34.57 -1.05
CA SER C 244 -6.26 -33.83 -2.28
C SER C 244 -7.68 -34.03 -2.80
N GLY C 245 -8.11 -35.29 -2.94
CA GLY C 245 -9.36 -35.61 -3.61
C GLY C 245 -10.59 -35.09 -2.91
N GLY C 246 -10.52 -34.78 -1.62
CA GLY C 246 -11.72 -34.30 -0.94
C GLY C 246 -12.27 -33.01 -1.50
N PHE C 247 -11.44 -32.23 -2.20
CA PHE C 247 -11.90 -30.99 -2.83
C PHE C 247 -11.81 -31.06 -4.35
N ILE C 248 -11.63 -32.26 -4.89
CA ILE C 248 -11.73 -32.51 -6.32
C ILE C 248 -13.00 -33.28 -6.65
N LEU C 249 -13.21 -34.40 -5.97
CA LEU C 249 -14.30 -35.31 -6.33
C LEU C 249 -15.69 -34.70 -6.23
N PRO C 250 -16.04 -33.91 -5.21
CA PRO C 250 -17.42 -33.36 -5.20
C PRO C 250 -17.73 -32.49 -6.41
N PHE C 251 -16.73 -31.83 -6.98
CA PHE C 251 -17.01 -30.89 -8.07
C PHE C 251 -16.88 -31.54 -9.44
N LEU C 252 -15.84 -32.34 -9.66
CA LEU C 252 -15.60 -32.93 -10.96
C LEU C 252 -16.13 -34.36 -11.10
N TYR C 253 -16.32 -35.08 -10.00
CA TYR C 253 -16.82 -36.46 -10.05
C TYR C 253 -17.93 -36.63 -9.02
N PRO C 254 -19.02 -35.86 -9.14
CA PRO C 254 -20.02 -35.84 -8.07
C PRO C 254 -20.62 -37.19 -7.75
N ASP C 255 -20.74 -38.04 -8.78
CA ASP C 255 -21.41 -39.35 -8.64
C ASP C 255 -20.44 -40.48 -8.27
N THR C 256 -19.14 -40.21 -8.18
CA THR C 256 -18.26 -41.25 -7.66
C THR C 256 -18.58 -41.41 -6.18
N LYS C 257 -19.07 -42.59 -5.81
CA LYS C 257 -19.52 -42.85 -4.45
C LYS C 257 -18.30 -43.25 -3.62
N TRP C 258 -17.74 -42.27 -2.91
CA TRP C 258 -16.54 -42.46 -2.14
C TRP C 258 -16.66 -41.96 -0.70
N ASP C 259 -17.74 -41.25 -0.35
CA ASP C 259 -17.77 -40.48 0.89
C ASP C 259 -18.78 -41.07 1.87
N PHE C 260 -19.45 -40.21 2.64
CA PHE C 260 -20.41 -40.66 3.64
C PHE C 260 -21.64 -41.31 3.02
N ARG C 261 -21.80 -41.27 1.70
CA ARG C 261 -22.84 -42.10 1.09
C ARG C 261 -22.59 -43.59 1.37
N LEU C 262 -21.34 -43.96 1.67
CA LEU C 262 -20.97 -45.36 1.89
C LEU C 262 -21.18 -45.76 3.34
N LYS C 263 -21.64 -47.00 3.53
CA LYS C 263 -22.05 -47.46 4.85
C LYS C 263 -20.90 -47.40 5.86
N TRP C 264 -19.70 -47.85 5.47
CA TRP C 264 -18.61 -48.03 6.42
C TRP C 264 -17.67 -46.83 6.47
N VAL C 265 -17.94 -45.79 5.71
CA VAL C 265 -17.11 -44.58 5.75
C VAL C 265 -17.59 -43.76 6.95
N LEU C 266 -16.87 -43.89 8.08
CA LEU C 266 -17.27 -43.19 9.30
C LEU C 266 -16.55 -41.88 9.52
N SER C 267 -15.41 -41.65 8.85
CA SER C 267 -14.72 -40.37 8.93
C SER C 267 -13.94 -40.14 7.65
N ILE C 268 -13.73 -38.86 7.33
CA ILE C 268 -13.03 -38.39 6.14
C ILE C 268 -12.17 -37.19 6.54
N SER C 269 -10.96 -37.11 6.02
CA SER C 269 -10.11 -35.98 6.27
C SER C 269 -9.66 -35.37 4.94
N VAL C 270 -9.27 -34.09 4.97
CA VAL C 270 -8.87 -33.36 3.77
C VAL C 270 -7.88 -32.27 4.14
N SER C 271 -7.04 -31.87 3.18
CA SER C 271 -6.18 -30.70 3.33
C SER C 271 -6.87 -29.51 2.69
N GLY C 272 -7.41 -28.62 3.54
CA GLY C 272 -7.98 -27.39 3.02
C GLY C 272 -6.96 -26.54 2.30
N HIS C 273 -5.68 -26.67 2.65
CA HIS C 273 -4.61 -25.94 1.99
C HIS C 273 -4.03 -26.65 0.75
N LYS C 274 -4.62 -27.76 0.30
CA LYS C 274 -4.17 -28.33 -0.96
C LYS C 274 -5.10 -27.91 -2.08
N PHE C 275 -6.18 -28.65 -2.31
CA PHE C 275 -7.13 -28.26 -3.32
C PHE C 275 -8.38 -27.62 -2.74
N GLY C 276 -8.41 -27.42 -1.43
CA GLY C 276 -9.36 -26.48 -0.86
C GLY C 276 -9.05 -25.02 -1.15
N LEU C 277 -7.87 -24.72 -1.72
CA LEU C 277 -7.49 -23.43 -2.32
C LEU C 277 -7.16 -22.36 -1.28
N VAL C 278 -6.76 -22.75 -0.08
CA VAL C 278 -6.39 -21.84 0.99
C VAL C 278 -4.90 -21.97 1.26
N TYR C 279 -4.25 -20.82 1.59
CA TYR C 279 -2.83 -20.85 1.91
C TYR C 279 -2.52 -21.82 3.06
N PRO C 280 -1.24 -22.23 3.19
CA PRO C 280 -0.84 -23.20 4.22
C PRO C 280 -1.44 -22.95 5.60
N GLY C 281 -1.89 -24.03 6.24
CA GLY C 281 -2.41 -24.02 7.59
C GLY C 281 -3.85 -24.48 7.74
N LEU C 282 -4.39 -25.29 6.82
CA LEU C 282 -5.79 -25.69 6.91
C LEU C 282 -5.99 -27.17 6.56
N GLY C 283 -6.66 -27.88 7.47
CA GLY C 283 -7.16 -29.21 7.20
C GLY C 283 -8.53 -29.35 7.84
N TRP C 284 -9.27 -30.37 7.41
CA TRP C 284 -10.59 -30.66 7.98
C TRP C 284 -10.76 -32.16 8.18
N VAL C 285 -11.43 -32.54 9.26
CA VAL C 285 -11.87 -33.92 9.48
C VAL C 285 -13.36 -33.88 9.87
N CYS C 286 -14.14 -34.76 9.23
CA CYS C 286 -15.55 -34.92 9.53
C CYS C 286 -15.86 -36.36 9.88
N TRP C 287 -16.83 -36.54 10.76
CA TRP C 287 -17.39 -37.84 11.12
C TRP C 287 -18.79 -37.97 10.55
N LYS C 288 -19.21 -39.21 10.29
CA LYS C 288 -20.52 -39.47 9.69
C LYS C 288 -21.68 -39.08 10.60
N GLY C 289 -21.43 -39.07 11.90
CA GLY C 289 -22.45 -38.69 12.85
C GLY C 289 -21.79 -38.52 14.19
N LYS C 290 -22.54 -37.94 15.12
CA LYS C 290 -22.05 -37.71 16.47
C LYS C 290 -21.63 -39.01 17.15
N GLU C 291 -22.30 -40.11 16.84
CA GLU C 291 -22.00 -41.38 17.49
C GLU C 291 -20.65 -41.97 17.10
N TYR C 292 -19.96 -41.43 16.08
CA TYR C 292 -18.65 -41.99 15.71
C TYR C 292 -17.49 -41.15 16.21
N LEU C 293 -17.77 -40.08 16.95
CA LEU C 293 -16.74 -39.32 17.64
C LEU C 293 -16.83 -39.64 19.12
N PRO C 294 -15.91 -40.45 19.66
CA PRO C 294 -16.01 -40.84 21.07
C PRO C 294 -16.07 -39.65 22.01
N GLU C 295 -16.89 -39.79 23.06
CA GLU C 295 -17.01 -38.75 24.07
C GLU C 295 -15.71 -38.54 24.81
N GLU C 296 -14.90 -39.59 24.89
CA GLU C 296 -13.59 -39.54 25.53
C GLU C 296 -12.67 -38.53 24.87
N MET C 297 -12.84 -38.32 23.56
CA MET C 297 -11.98 -37.45 22.77
C MET C 297 -12.43 -36.01 22.70
N SER C 298 -13.70 -35.77 22.98
CA SER C 298 -14.34 -34.58 22.45
C SER C 298 -15.41 -34.09 23.40
N PHE C 299 -15.71 -32.81 23.27
CA PHE C 299 -16.88 -32.19 23.86
C PHE C 299 -17.24 -31.05 22.92
N SER C 300 -18.36 -30.39 23.20
CA SER C 300 -18.82 -29.29 22.37
C SER C 300 -19.26 -28.12 23.25
N VAL C 301 -19.10 -26.91 22.71
CA VAL C 301 -19.46 -25.67 23.38
C VAL C 301 -20.38 -24.91 22.44
N ASN C 302 -21.38 -24.24 23.01
CA ASN C 302 -22.32 -23.44 22.23
C ASN C 302 -21.81 -22.00 22.17
N TYR C 303 -21.60 -21.51 20.95
CA TYR C 303 -21.22 -20.12 20.70
C TYR C 303 -22.28 -19.49 19.82
N LEU C 304 -23.04 -18.55 20.36
CA LEU C 304 -24.09 -17.82 19.64
C LEU C 304 -25.11 -18.77 19.00
N GLY C 305 -25.41 -19.87 19.69
CA GLY C 305 -26.37 -20.83 19.16
C GLY C 305 -25.77 -21.91 18.29
N ALA C 306 -24.46 -21.88 18.03
CA ALA C 306 -23.79 -22.87 17.22
C ALA C 306 -23.13 -23.89 18.14
N ASN C 307 -23.25 -25.16 17.79
CA ASN C 307 -22.63 -26.24 18.56
C ASN C 307 -21.30 -26.60 17.91
N ILE C 308 -20.19 -26.14 18.51
CA ILE C 308 -18.85 -26.30 17.95
C ILE C 308 -18.12 -27.38 18.74
N THR C 309 -17.78 -28.49 18.07
CA THR C 309 -17.07 -29.56 18.74
C THR C 309 -15.63 -29.14 19.02
N GLN C 310 -15.16 -29.47 20.22
CA GLN C 310 -13.82 -29.13 20.68
C GLN C 310 -13.01 -30.44 20.69
N VAL C 311 -12.33 -30.71 19.59
CA VAL C 311 -11.35 -31.79 19.53
C VAL C 311 -10.21 -31.27 18.68
N GLY C 312 -8.98 -31.66 19.02
CA GLY C 312 -7.84 -31.26 18.23
C GLY C 312 -6.52 -31.59 18.90
N LEU C 313 -5.47 -31.66 18.09
CA LEU C 313 -4.10 -31.81 18.59
C LEU C 313 -3.46 -30.45 18.89
N ASN C 314 -3.78 -29.42 18.10
CA ASN C 314 -3.32 -28.06 18.36
C ASN C 314 -4.31 -27.31 19.26
N PHE C 315 -3.86 -26.18 19.82
CA PHE C 315 -4.74 -25.33 20.60
C PHE C 315 -4.72 -23.94 19.95
N SER C 316 -3.92 -22.99 20.47
CA SER C 316 -3.77 -21.69 19.82
C SER C 316 -3.20 -21.86 18.42
N ARG C 317 -3.69 -21.07 17.47
CA ARG C 317 -3.29 -21.22 16.07
C ARG C 317 -3.85 -20.04 15.30
N PRO C 318 -3.30 -19.74 14.11
CA PRO C 318 -3.88 -18.67 13.30
C PRO C 318 -5.32 -18.97 12.92
N ALA C 319 -6.14 -17.93 12.95
CA ALA C 319 -7.52 -18.06 12.47
C ALA C 319 -7.66 -17.68 11.00
N ALA C 320 -6.61 -17.11 10.38
CA ALA C 320 -6.73 -16.56 9.03
C ALA C 320 -7.26 -17.60 8.05
N GLN C 321 -6.85 -18.87 8.20
CA GLN C 321 -7.20 -19.89 7.22
C GLN C 321 -8.70 -20.20 7.23
N ILE C 322 -9.38 -19.99 8.36
CA ILE C 322 -10.83 -20.13 8.40
C ILE C 322 -11.50 -19.06 7.55
N LEU C 323 -11.08 -17.80 7.73
CA LEU C 323 -11.60 -16.71 6.89
C LEU C 323 -11.33 -17.00 5.43
N GLY C 324 -10.14 -17.52 5.13
CA GLY C 324 -9.80 -17.84 3.75
C GLY C 324 -10.72 -18.89 3.18
N GLN C 325 -11.01 -19.94 3.96
CA GLN C 325 -11.89 -20.99 3.47
C GLN C 325 -13.29 -20.47 3.23
N TYR C 326 -13.82 -19.73 4.19
CA TYR C 326 -15.18 -19.21 4.03
C TYR C 326 -15.23 -18.24 2.85
N TYR C 327 -14.19 -17.43 2.67
CA TYR C 327 -14.14 -16.58 1.50
C TYR C 327 -14.21 -17.40 0.21
N GLN C 328 -13.40 -18.47 0.11
CA GLN C 328 -13.41 -19.28 -1.12
C GLN C 328 -14.78 -19.88 -1.38
N PHE C 329 -15.45 -20.38 -0.33
CA PHE C 329 -16.77 -20.98 -0.50
C PHE C 329 -17.77 -19.95 -1.05
N ILE C 330 -17.74 -18.72 -0.54
CA ILE C 330 -18.67 -17.68 -0.96
C ILE C 330 -18.25 -17.09 -2.29
N ARG C 331 -16.95 -16.86 -2.46
CA ARG C 331 -16.45 -16.20 -3.65
C ARG C 331 -16.66 -17.05 -4.89
N LEU C 332 -16.37 -18.34 -4.80
CA LEU C 332 -16.47 -19.27 -5.91
C LEU C 332 -17.78 -20.04 -5.94
N GLY C 333 -18.24 -20.51 -4.79
CA GLY C 333 -19.36 -21.43 -4.80
C GLY C 333 -18.98 -22.74 -5.49
N PHE C 334 -20.00 -23.59 -5.65
CA PHE C 334 -19.79 -24.87 -6.31
C PHE C 334 -19.32 -24.66 -7.75
N GLN C 335 -19.97 -23.76 -8.49
CA GLN C 335 -19.58 -23.53 -9.87
C GLN C 335 -18.13 -23.08 -9.95
N GLY C 336 -17.73 -22.15 -9.09
CA GLY C 336 -16.39 -21.60 -9.14
C GLY C 336 -15.33 -22.61 -8.78
N TYR C 337 -15.57 -23.39 -7.72
CA TYR C 337 -14.67 -24.49 -7.40
C TYR C 337 -14.55 -25.44 -8.58
N LYS C 338 -15.67 -25.75 -9.22
CA LYS C 338 -15.66 -26.67 -10.34
C LYS C 338 -14.81 -26.13 -11.49
N GLU C 339 -14.90 -24.83 -11.77
CA GLU C 339 -14.15 -24.24 -12.87
C GLU C 339 -12.67 -24.18 -12.57
N VAL C 340 -12.30 -23.90 -11.32
CA VAL C 340 -10.89 -23.83 -10.96
C VAL C 340 -10.28 -25.23 -10.99
N GLN C 341 -10.95 -26.21 -10.40
CA GLN C 341 -10.43 -27.57 -10.45
C GLN C 341 -10.42 -28.12 -11.86
N TYR C 342 -11.42 -27.74 -12.67
CA TYR C 342 -11.41 -28.14 -14.08
C TYR C 342 -10.15 -27.66 -14.78
N ASN C 343 -9.79 -26.40 -14.56
CA ASN C 343 -8.58 -25.84 -15.17
C ASN C 343 -7.34 -26.62 -14.72
N SER C 344 -7.20 -26.86 -13.41
CA SER C 344 -6.03 -27.56 -12.93
C SER C 344 -5.97 -28.97 -13.52
N LEU C 345 -7.10 -29.67 -13.60
CA LEU C 345 -7.08 -31.01 -14.15
C LEU C 345 -6.78 -30.97 -15.65
N GLN C 346 -7.34 -30.01 -16.37
CA GLN C 346 -7.11 -29.92 -17.81
C GLN C 346 -5.64 -29.64 -18.12
N ILE C 347 -4.99 -28.80 -17.31
CA ILE C 347 -3.57 -28.52 -17.52
C ILE C 347 -2.73 -29.75 -17.18
N ALA C 348 -3.10 -30.49 -16.13
CA ALA C 348 -2.40 -31.74 -15.83
C ALA C 348 -2.56 -32.76 -16.96
N LYS C 349 -3.79 -32.91 -17.48
CA LYS C 349 -4.00 -33.81 -18.61
C LYS C 349 -3.21 -33.36 -19.82
N TYR C 350 -3.14 -32.04 -20.06
CA TYR C 350 -2.38 -31.52 -21.19
C TYR C 350 -0.89 -31.89 -21.07
N ILE C 351 -0.28 -31.63 -19.91
CA ILE C 351 1.12 -31.99 -19.72
C ILE C 351 1.30 -33.49 -19.84
N HIS C 352 0.35 -34.25 -19.25
CA HIS C 352 0.37 -35.70 -19.36
C HIS C 352 0.43 -36.14 -20.82
N GLY C 353 -0.40 -35.54 -21.67
CA GLY C 353 -0.37 -35.90 -23.08
C GLY C 353 0.90 -35.47 -23.79
N GLU C 354 1.45 -34.31 -23.40
CA GLU C 354 2.67 -33.85 -24.06
C GLU C 354 3.87 -34.70 -23.63
N ILE C 355 3.92 -35.11 -22.36
CA ILE C 355 4.98 -36.00 -21.89
C ILE C 355 4.97 -37.32 -22.65
N ALA C 356 3.78 -37.88 -22.90
CA ALA C 356 3.70 -39.17 -23.56
C ALA C 356 4.24 -39.14 -24.98
N LYS C 357 4.23 -37.97 -25.62
CA LYS C 357 4.74 -37.82 -26.97
C LYS C 357 6.26 -37.79 -27.04
N MET C 358 6.94 -37.57 -25.92
CA MET C 358 8.39 -37.45 -25.93
C MET C 358 9.03 -38.84 -25.92
N ALA C 359 10.08 -39.00 -26.72
CA ALA C 359 10.71 -40.30 -26.89
C ALA C 359 11.15 -40.97 -25.59
N PRO C 360 11.72 -40.29 -24.59
CA PRO C 360 12.20 -41.01 -23.39
C PRO C 360 11.11 -41.47 -22.42
N PHE C 361 9.88 -41.00 -22.54
CA PHE C 361 8.93 -41.09 -21.43
C PHE C 361 7.76 -41.99 -21.73
N VAL C 362 7.21 -42.58 -20.67
CA VAL C 362 5.93 -43.26 -20.68
C VAL C 362 5.22 -42.98 -19.34
N ASN C 363 3.91 -42.74 -19.42
CA ASN C 363 3.12 -42.41 -18.22
C ASN C 363 2.73 -43.66 -17.45
N TYR C 364 2.69 -43.53 -16.12
CA TYR C 364 2.33 -44.65 -15.26
C TYR C 364 0.87 -45.06 -15.46
N SER C 365 -0.01 -44.10 -15.73
CA SER C 365 -1.43 -44.34 -15.89
C SER C 365 -1.94 -43.53 -17.08
N GLU C 366 -2.95 -44.07 -17.76
CA GLU C 366 -3.66 -43.32 -18.77
C GLU C 366 -4.77 -42.47 -18.18
N ASN C 367 -5.05 -42.66 -16.90
CA ASN C 367 -6.18 -42.09 -16.20
C ASN C 367 -5.69 -40.99 -15.25
N VAL C 368 -6.12 -39.76 -15.50
CA VAL C 368 -5.73 -38.61 -14.69
C VAL C 368 -6.99 -38.15 -13.98
N VAL C 369 -7.11 -38.48 -12.69
CA VAL C 369 -8.31 -38.15 -11.91
C VAL C 369 -8.06 -37.07 -10.88
N ASN C 370 -6.82 -36.72 -10.63
CA ASN C 370 -6.46 -35.58 -9.80
C ASN C 370 -5.47 -34.75 -10.60
N PRO C 371 -5.35 -33.46 -10.29
CA PRO C 371 -4.47 -32.60 -11.10
C PRO C 371 -3.00 -32.87 -10.87
N LEU C 372 -2.58 -34.11 -11.09
CA LEU C 372 -1.18 -34.53 -11.02
C LEU C 372 -1.05 -35.91 -11.64
N PHE C 373 0.18 -36.25 -11.98
CA PHE C 373 0.45 -37.55 -12.59
C PHE C 373 1.94 -37.78 -12.50
N ILE C 374 2.34 -39.02 -12.77
CA ILE C 374 3.72 -39.45 -12.75
C ILE C 374 4.04 -40.20 -14.04
N TRP C 375 5.30 -40.11 -14.46
CA TRP C 375 5.80 -40.82 -15.61
C TRP C 375 7.18 -41.37 -15.26
N TYR C 376 7.69 -42.27 -16.12
CA TYR C 376 9.02 -42.84 -15.98
C TYR C 376 9.65 -42.99 -17.37
N LEU C 377 10.92 -43.39 -17.38
CA LEU C 377 11.62 -43.62 -18.64
C LEU C 377 11.16 -44.91 -19.29
N LYS C 378 11.03 -44.87 -20.61
CA LYS C 378 10.77 -46.10 -21.33
C LYS C 378 11.87 -47.10 -20.99
N PRO C 379 11.53 -48.34 -20.60
CA PRO C 379 12.58 -49.29 -20.19
C PRO C 379 13.64 -49.50 -21.24
N GLU C 380 13.24 -49.61 -22.51
CA GLU C 380 14.21 -49.77 -23.59
C GLU C 380 15.05 -48.50 -23.75
N TYR C 381 14.45 -47.33 -23.57
CA TYR C 381 15.22 -46.09 -23.62
C TYR C 381 16.17 -45.99 -22.43
N ALA C 382 15.69 -46.34 -21.23
CA ALA C 382 16.49 -46.18 -20.02
C ALA C 382 17.75 -47.04 -20.06
N LYS C 383 17.65 -48.26 -20.60
CA LYS C 383 18.79 -49.16 -20.53
C LYS C 383 20.01 -48.59 -21.23
N SER C 384 19.80 -47.87 -22.35
CA SER C 384 20.90 -47.30 -23.12
C SER C 384 21.10 -45.80 -22.87
N ALA C 385 20.26 -45.16 -22.06
CA ALA C 385 20.44 -43.76 -21.75
C ALA C 385 21.56 -43.56 -20.73
N LYS C 386 22.25 -42.44 -20.85
CA LYS C 386 23.32 -42.10 -19.91
C LYS C 386 22.80 -41.37 -18.68
N TRP C 387 21.51 -41.07 -18.63
CA TRP C 387 20.95 -40.22 -17.58
C TRP C 387 19.73 -40.90 -16.98
N THR C 388 19.31 -40.39 -15.80
CA THR C 388 18.08 -40.82 -15.11
C THR C 388 17.21 -39.59 -14.83
N LEU C 389 16.02 -39.84 -14.28
CA LEU C 389 15.12 -38.73 -13.93
C LEU C 389 15.71 -37.82 -12.86
N TYR C 390 16.64 -38.32 -12.04
CA TYR C 390 17.30 -37.45 -11.08
C TYR C 390 18.13 -36.38 -11.81
N ASP C 391 18.75 -36.76 -12.92
CA ASP C 391 19.49 -35.78 -13.70
C ASP C 391 18.56 -34.74 -14.32
N LEU C 392 17.38 -35.16 -14.77
CA LEU C 392 16.40 -34.23 -15.32
C LEU C 392 15.90 -33.28 -14.25
N GLN C 393 15.70 -33.78 -13.03
CA GLN C 393 15.31 -32.91 -11.94
C GLN C 393 16.34 -31.81 -11.72
N ASP C 394 17.63 -32.16 -11.74
CA ASP C 394 18.67 -31.17 -11.53
C ASP C 394 18.68 -30.13 -12.64
N LYS C 395 18.56 -30.57 -13.90
CA LYS C 395 18.51 -29.64 -15.03
C LYS C 395 17.36 -28.64 -14.87
N LEU C 396 16.18 -29.12 -14.49
CA LEU C 396 15.03 -28.24 -14.32
C LEU C 396 15.24 -27.26 -13.19
N SER C 397 15.93 -27.69 -12.14
CA SER C 397 16.22 -26.80 -11.01
C SER C 397 17.08 -25.63 -11.42
N GLN C 398 17.91 -25.78 -12.45
CA GLN C 398 18.74 -24.68 -12.92
C GLN C 398 17.89 -23.56 -13.50
N HIS C 399 16.64 -23.84 -13.89
CA HIS C 399 15.73 -22.80 -14.34
C HIS C 399 14.72 -22.41 -13.27
N GLY C 400 14.92 -22.87 -12.04
CA GLY C 400 14.08 -22.49 -10.92
C GLY C 400 12.98 -23.47 -10.55
N TRP C 401 12.75 -24.52 -11.35
CA TRP C 401 11.67 -25.47 -11.06
C TRP C 401 12.10 -26.45 -9.97
N MET C 402 11.11 -26.97 -9.25
CA MET C 402 11.28 -28.19 -8.48
C MET C 402 10.28 -29.22 -9.03
N VAL C 403 10.80 -30.20 -9.76
CA VAL C 403 10.01 -31.29 -10.29
C VAL C 403 10.66 -32.58 -9.80
N PRO C 404 10.07 -33.25 -8.80
CA PRO C 404 10.81 -34.28 -8.06
C PRO C 404 10.82 -35.63 -8.74
N ALA C 405 11.96 -36.30 -8.64
CA ALA C 405 12.10 -37.69 -9.03
C ALA C 405 12.28 -38.53 -7.78
N TYR C 406 11.67 -39.71 -7.77
CA TYR C 406 11.70 -40.58 -6.61
C TYR C 406 11.31 -41.99 -7.06
N THR C 407 11.68 -42.98 -6.24
CA THR C 407 11.29 -44.36 -6.50
C THR C 407 9.93 -44.63 -5.87
N LEU C 408 9.12 -45.44 -6.55
CA LEU C 408 7.78 -45.75 -6.07
C LEU C 408 7.84 -46.71 -4.90
N PRO C 409 6.73 -46.83 -4.11
CA PRO C 409 6.72 -47.72 -2.93
C PRO C 409 6.73 -49.20 -3.27
N SER C 410 6.77 -50.02 -2.22
CA SER C 410 7.10 -51.44 -2.28
C SER C 410 6.47 -52.18 -3.45
N LYS C 411 7.30 -53.00 -4.08
CA LYS C 411 7.12 -53.89 -5.23
C LYS C 411 7.13 -53.09 -6.53
N LEU C 412 7.12 -51.76 -6.46
CA LEU C 412 7.48 -50.93 -7.62
C LEU C 412 8.71 -50.08 -7.32
N GLU C 413 9.49 -50.46 -6.31
CA GLU C 413 10.61 -49.63 -5.89
C GLU C 413 11.69 -49.53 -6.97
N ASP C 414 11.68 -50.39 -7.99
CA ASP C 414 12.64 -50.27 -9.09
C ASP C 414 12.26 -49.19 -10.09
N TYR C 415 11.06 -48.58 -9.97
CA TYR C 415 10.60 -47.54 -10.89
C TYR C 415 11.00 -46.17 -10.34
N VAL C 416 11.88 -45.49 -11.06
CA VAL C 416 12.16 -44.09 -10.80
C VAL C 416 11.14 -43.29 -11.60
N VAL C 417 10.36 -42.44 -10.91
CA VAL C 417 9.32 -41.67 -11.56
C VAL C 417 9.55 -40.19 -11.27
N MET C 418 8.86 -39.35 -12.06
CA MET C 418 8.83 -37.92 -11.86
C MET C 418 7.37 -37.49 -11.82
N ARG C 419 7.05 -36.53 -10.95
CA ARG C 419 5.67 -36.11 -10.70
C ARG C 419 5.55 -34.61 -10.97
N VAL C 420 4.44 -34.22 -11.59
CA VAL C 420 4.05 -32.82 -11.70
C VAL C 420 2.69 -32.66 -11.06
N VAL C 421 2.57 -31.68 -10.16
CA VAL C 421 1.30 -31.28 -9.54
C VAL C 421 0.91 -29.92 -10.10
N VAL C 422 -0.32 -29.80 -10.57
CA VAL C 422 -0.84 -28.56 -11.13
C VAL C 422 -1.81 -27.96 -10.09
N ARG C 423 -1.46 -26.81 -9.52
CA ARG C 423 -2.30 -26.11 -8.55
C ARG C 423 -2.90 -24.86 -9.20
N GLN C 424 -3.94 -24.31 -8.55
CA GLN C 424 -4.44 -23.01 -8.96
C GLN C 424 -3.30 -22.01 -9.02
N GLY C 425 -3.22 -21.27 -10.12
CA GLY C 425 -2.10 -20.38 -10.32
C GLY C 425 -1.01 -20.94 -11.20
N PHE C 426 -1.12 -22.18 -11.63
CA PHE C 426 -0.22 -22.77 -12.63
C PHE C 426 -1.02 -22.87 -13.93
N SER C 427 -0.66 -22.04 -14.92
CA SER C 427 -1.44 -21.84 -16.12
C SER C 427 -0.94 -22.72 -17.27
N ARG C 428 -1.70 -22.71 -18.37
CA ARG C 428 -1.23 -23.32 -19.62
C ARG C 428 0.08 -22.69 -20.10
N ASP C 429 0.20 -21.37 -19.98
CA ASP C 429 1.43 -20.70 -20.40
C ASP C 429 2.62 -21.19 -19.59
N MET C 430 2.43 -21.36 -18.27
CA MET C 430 3.50 -21.93 -17.45
C MET C 430 3.74 -23.39 -17.78
N ALA C 431 2.69 -24.13 -18.16
CA ALA C 431 2.90 -25.51 -18.60
C ALA C 431 3.79 -25.57 -19.84
N ASP C 432 3.60 -24.65 -20.77
CA ASP C 432 4.43 -24.61 -21.97
C ASP C 432 5.88 -24.30 -21.63
N MET C 433 6.09 -23.39 -20.68
CA MET C 433 7.44 -23.07 -20.25
C MET C 433 8.12 -24.29 -19.63
N LEU C 434 7.39 -25.02 -18.79
CA LEU C 434 7.92 -26.25 -18.21
C LEU C 434 8.27 -27.26 -19.29
N LEU C 435 7.34 -27.53 -20.21
CA LEU C 435 7.60 -28.55 -21.23
C LEU C 435 8.75 -28.16 -22.14
N GLY C 436 8.88 -26.86 -22.44
CA GLY C 436 10.02 -26.40 -23.21
C GLY C 436 11.34 -26.61 -22.51
N ASP C 437 11.37 -26.39 -21.18
CA ASP C 437 12.59 -26.65 -20.42
C ASP C 437 12.87 -28.14 -20.31
N ILE C 438 11.83 -28.97 -20.24
CA ILE C 438 12.04 -30.42 -20.25
C ILE C 438 12.66 -30.87 -21.58
N LYS C 439 12.10 -30.39 -22.70
CA LYS C 439 12.66 -30.76 -24.00
C LYS C 439 14.11 -30.32 -24.13
N ASN C 440 14.43 -29.09 -23.72
CA ASN C 440 15.80 -28.62 -23.79
C ASN C 440 16.71 -29.47 -22.92
N ALA C 441 16.23 -29.82 -21.72
CA ALA C 441 17.02 -30.65 -20.81
C ALA C 441 17.28 -32.04 -21.39
N ILE C 442 16.27 -32.65 -22.03
CA ILE C 442 16.47 -33.96 -22.66
C ILE C 442 17.54 -33.88 -23.73
N ALA C 443 17.51 -32.81 -24.54
CA ALA C 443 18.49 -32.68 -25.61
C ALA C 443 19.90 -32.56 -25.03
N GLU C 444 20.05 -31.87 -23.90
CA GLU C 444 21.36 -31.73 -23.28
C GLU C 444 21.84 -33.04 -22.69
N LEU C 445 20.96 -33.75 -21.98
CA LEU C 445 21.36 -35.01 -21.35
C LEU C 445 21.71 -36.07 -22.38
N GLU C 446 21.04 -36.07 -23.53
CA GLU C 446 21.35 -37.03 -24.60
C GLU C 446 22.70 -36.80 -25.24
N LYS C 447 23.36 -35.69 -24.96
CA LYS C 447 24.72 -35.47 -25.45
C LYS C 447 25.79 -36.10 -24.57
N LEU C 448 25.41 -36.61 -23.40
CA LEU C 448 26.41 -37.18 -22.50
C LEU C 448 27.09 -38.38 -23.16
N ASP C 449 28.41 -38.45 -23.02
CA ASP C 449 29.14 -39.62 -23.49
C ASP C 449 29.36 -40.66 -22.41
N PHE C 450 29.20 -40.29 -21.15
CA PHE C 450 29.40 -41.18 -20.01
C PHE C 450 28.17 -41.17 -19.13
N PRO C 451 27.96 -42.23 -18.35
CA PRO C 451 26.79 -42.27 -17.47
C PRO C 451 26.94 -41.35 -16.26
N THR C 452 25.82 -40.87 -15.76
CA THR C 452 25.79 -40.02 -14.57
C THR C 452 25.90 -40.87 -13.31
N PRO C 453 26.16 -40.25 -12.15
CA PRO C 453 26.22 -41.05 -10.92
C PRO C 453 24.97 -41.88 -10.65
N THR C 454 23.78 -41.30 -10.80
CA THR C 454 22.56 -42.05 -10.56
C THR C 454 22.32 -43.13 -11.63
N ARG C 455 22.78 -42.91 -12.86
CA ARG C 455 22.67 -43.95 -13.88
C ARG C 455 23.56 -45.14 -13.54
N MET C 456 24.77 -44.88 -13.03
CA MET C 456 25.66 -45.96 -12.62
C MET C 456 25.11 -46.69 -11.40
N ALA C 457 24.50 -45.95 -10.48
CA ALA C 457 23.92 -46.53 -9.26
C ALA C 457 22.79 -47.52 -9.56
N GLN C 458 22.10 -47.37 -10.69
CA GLN C 458 21.03 -48.26 -11.09
C GLN C 458 21.53 -49.61 -11.62
N GLU C 459 22.77 -49.70 -12.07
CA GLU C 459 23.27 -50.95 -12.64
C GLU C 459 23.66 -51.95 -11.55
N GLU D 2 25.33 -3.67 22.80
CA GLU D 2 24.21 -3.08 23.53
C GLU D 2 23.96 -1.63 23.12
N ASP D 3 22.68 -1.26 23.07
CA ASP D 3 22.24 0.04 22.60
C ASP D 3 21.81 0.88 23.82
N LEU D 4 22.59 1.92 24.12
CA LEU D 4 22.39 2.69 25.35
C LEU D 4 21.03 3.41 25.37
N ASN D 5 20.60 3.95 24.21
CA ASN D 5 19.42 4.80 24.19
C ASN D 5 18.16 4.07 23.75
N PHE D 6 18.17 2.74 23.80
CA PHE D 6 17.05 1.91 23.32
C PHE D 6 15.72 2.35 23.94
N ARG D 7 15.71 2.53 25.26
CA ARG D 7 14.47 2.88 25.95
C ARG D 7 14.04 4.32 25.72
N LYS D 8 14.96 5.19 25.27
CA LYS D 8 14.72 6.63 25.16
C LYS D 8 14.15 7.05 23.80
N GLY D 9 14.16 6.19 22.80
CA GLY D 9 13.67 6.59 21.49
C GLY D 9 14.79 6.87 20.51
N ASP D 10 15.46 5.83 20.04
CA ASP D 10 16.46 5.97 18.99
C ASP D 10 16.06 5.09 17.80
N ALA D 11 17.00 4.89 16.88
CA ALA D 11 16.64 4.15 15.67
C ALA D 11 16.33 2.68 15.93
N LYS D 12 16.79 2.12 17.06
CA LYS D 12 16.55 0.71 17.35
C LYS D 12 15.38 0.46 18.30
N THR D 13 14.80 1.51 18.87
CA THR D 13 13.76 1.37 19.90
C THR D 13 12.57 0.58 19.39
N ASP D 14 12.09 -0.35 20.22
CA ASP D 14 10.79 -0.96 20.05
C ASP D 14 9.78 -0.14 20.85
N VAL D 15 8.67 0.22 20.21
CA VAL D 15 7.64 1.06 20.83
C VAL D 15 7.32 0.55 22.22
N PHE D 16 7.08 -0.75 22.34
CA PHE D 16 6.61 -1.31 23.60
C PHE D 16 7.75 -1.91 24.42
N GLY D 17 8.98 -1.47 24.16
CA GLY D 17 10.08 -1.67 25.08
C GLY D 17 10.67 -0.34 25.52
N SER D 18 9.87 0.73 25.42
CA SER D 18 10.35 2.09 25.63
C SER D 18 9.79 2.72 26.89
N ASP D 19 10.54 3.69 27.40
CA ASP D 19 10.08 4.43 28.59
C ASP D 19 8.76 5.14 28.32
N ARG D 20 8.58 5.67 27.11
CA ARG D 20 7.37 6.45 26.85
C ARG D 20 6.11 5.61 27.01
N MET D 21 6.18 4.32 26.64
CA MET D 21 5.01 3.46 26.75
C MET D 21 4.79 2.92 28.16
N LEU D 22 5.59 3.38 29.12
CA LEU D 22 5.31 3.20 30.55
C LEU D 22 4.73 4.45 31.19
N GLN D 23 4.44 5.48 30.40
CA GLN D 23 3.98 6.75 30.92
C GLN D 23 2.58 7.07 30.41
N PRO D 24 1.81 7.88 31.15
CA PRO D 24 0.46 8.23 30.70
C PRO D 24 0.49 9.17 29.51
N SER D 25 -0.60 9.18 28.76
CA SER D 25 -0.80 10.18 27.73
C SER D 25 -1.06 11.54 28.38
N PRO D 26 -0.69 12.63 27.70
CA PRO D 26 -0.84 13.96 28.31
C PRO D 26 -2.31 14.36 28.41
N VAL D 27 -2.71 14.77 29.61
CA VAL D 27 -4.08 15.18 29.90
C VAL D 27 -4.22 16.69 29.96
N GLU D 28 -3.27 17.38 30.59
CA GLU D 28 -3.39 18.82 30.84
C GLU D 28 -2.48 19.68 29.97
N ARG D 29 -1.22 19.28 29.77
CA ARG D 29 -0.21 20.15 29.20
C ARG D 29 0.52 19.44 28.07
N ILE D 30 1.00 20.23 27.11
CA ILE D 30 1.80 19.61 26.04
C ILE D 30 3.03 18.97 26.66
N PRO D 31 3.43 17.79 26.23
CA PRO D 31 4.73 17.24 26.67
C PRO D 31 5.86 18.21 26.35
N ASP D 32 6.92 18.15 27.16
CA ASP D 32 8.06 19.05 26.96
C ASP D 32 8.82 18.73 25.67
N GLY D 33 8.92 17.46 25.32
CA GLY D 33 9.76 17.03 24.23
C GLY D 33 9.07 16.05 23.30
N PRO D 34 9.72 15.72 22.19
CA PRO D 34 9.11 14.86 21.18
C PRO D 34 9.28 13.38 21.49
N THR D 35 8.58 12.56 20.71
CA THR D 35 8.78 11.11 20.71
C THR D 35 8.95 10.68 19.25
N THR D 36 9.22 9.40 19.05
CA THR D 36 9.32 8.89 17.69
C THR D 36 7.92 8.81 17.07
N PRO D 37 7.83 8.94 15.74
CA PRO D 37 6.50 8.91 15.11
C PRO D 37 5.73 7.64 15.41
N GLU D 38 6.43 6.50 15.42
CA GLU D 38 5.78 5.20 15.69
C GLU D 38 5.15 5.21 17.09
N VAL D 39 5.88 5.73 18.10
CA VAL D 39 5.37 5.78 19.47
C VAL D 39 4.13 6.67 19.55
N ALA D 40 4.21 7.88 18.98
CA ALA D 40 3.06 8.78 19.03
C ALA D 40 1.88 8.21 18.27
N TYR D 41 2.13 7.54 17.15
CA TYR D 41 1.06 6.90 16.41
C TYR D 41 0.35 5.85 17.26
N GLN D 42 1.11 4.97 17.93
CA GLN D 42 0.45 3.98 18.78
C GLN D 42 -0.29 4.64 19.94
N MET D 43 0.30 5.67 20.56
CA MET D 43 -0.37 6.28 21.71
C MET D 43 -1.72 6.85 21.32
N VAL D 44 -1.83 7.52 20.17
CA VAL D 44 -3.13 8.06 19.80
C VAL D 44 -4.06 6.96 19.30
N LYS D 45 -3.55 6.13 18.39
CA LYS D 45 -4.35 5.07 17.79
C LYS D 45 -4.93 4.13 18.85
N ASP D 46 -4.09 3.72 19.83
CA ASP D 46 -4.53 2.70 20.77
C ASP D 46 -5.69 3.19 21.64
N GLU D 47 -5.83 4.51 21.83
CA GLU D 47 -6.94 5.01 22.64
C GLU D 47 -8.29 4.86 21.94
N THR D 48 -8.31 4.69 20.62
CA THR D 48 -9.56 4.53 19.88
C THR D 48 -10.06 3.08 19.84
N PHE D 49 -9.30 2.12 20.36
CA PHE D 49 -9.73 0.71 20.33
C PHE D 49 -10.96 0.48 21.21
N ALA D 50 -10.96 1.04 22.42
CA ALA D 50 -11.96 0.69 23.43
C ALA D 50 -13.22 1.56 23.31
N GLN D 51 -13.84 1.49 22.14
CA GLN D 51 -15.10 2.18 21.87
C GLN D 51 -15.77 1.47 20.70
N THR D 52 -16.98 1.89 20.40
CA THR D 52 -17.80 1.24 19.38
C THR D 52 -17.11 1.29 18.03
N GLN D 53 -17.16 0.19 17.32
CA GLN D 53 -16.66 0.16 15.94
C GLN D 53 -17.69 0.81 15.03
N PRO D 54 -17.27 1.68 14.10
CA PRO D 54 -18.25 2.47 13.33
C PRO D 54 -19.29 1.62 12.60
N ARG D 55 -18.90 0.48 12.02
CA ARG D 55 -19.86 -0.33 11.27
C ARG D 55 -20.86 -1.04 12.18
N LEU D 56 -20.58 -1.12 13.48
CA LEU D 56 -21.52 -1.67 14.45
C LEU D 56 -22.27 -0.58 15.20
N ASN D 57 -21.98 0.69 14.90
CA ASN D 57 -22.70 1.82 15.46
C ASN D 57 -24.02 1.91 14.74
N LEU D 58 -25.10 1.41 15.36
CA LEU D 58 -26.41 1.48 14.73
C LEU D 58 -27.21 2.68 15.22
N ALA D 59 -26.62 3.50 16.09
CA ALA D 59 -27.24 4.76 16.49
C ALA D 59 -27.05 5.85 15.46
N THR D 60 -25.92 5.84 14.75
CA THR D 60 -25.58 6.93 13.86
C THR D 60 -26.28 6.77 12.52
N PHE D 61 -26.62 7.91 11.93
CA PHE D 61 -27.12 7.99 10.57
C PHE D 61 -26.02 8.27 9.58
N VAL D 62 -24.81 8.55 10.07
CA VAL D 62 -23.74 9.11 9.26
C VAL D 62 -22.90 7.98 8.68
N THR D 63 -22.63 8.10 7.38
CA THR D 63 -21.91 7.10 6.59
C THR D 63 -20.68 6.56 7.30
N THR D 64 -20.60 5.23 7.36
CA THR D 64 -19.44 4.54 7.90
C THR D 64 -18.75 3.66 6.85
N TYR D 65 -19.25 3.64 5.61
CA TYR D 65 -18.62 2.90 4.52
C TYR D 65 -18.72 3.64 3.19
N MET D 66 -17.59 3.74 2.46
CA MET D 66 -17.56 4.05 1.04
C MET D 66 -16.62 3.04 0.37
N ASP D 67 -16.76 2.87 -0.94
CA ASP D 67 -15.92 1.86 -1.59
C ASP D 67 -14.46 2.31 -1.58
N ASP D 68 -13.58 1.42 -2.07
CA ASP D 68 -12.16 1.71 -2.01
C ASP D 68 -11.77 2.88 -2.91
N TYR D 69 -12.49 3.09 -4.01
CA TYR D 69 -12.11 4.17 -4.92
C TYR D 69 -12.49 5.54 -4.36
N ALA D 70 -13.71 5.65 -3.81
CA ALA D 70 -14.08 6.88 -3.11
C ALA D 70 -13.13 7.17 -1.96
N THR D 71 -12.75 6.13 -1.20
CA THR D 71 -11.95 6.34 -0.02
C THR D 71 -10.55 6.85 -0.39
N LYS D 72 -9.96 6.25 -1.41
CA LYS D 72 -8.65 6.70 -1.91
C LYS D 72 -8.73 8.12 -2.43
N LEU D 73 -9.79 8.45 -3.17
CA LEU D 73 -9.94 9.78 -3.72
C LEU D 73 -9.98 10.83 -2.61
N MET D 74 -10.75 10.55 -1.56
CA MET D 74 -10.86 11.50 -0.46
C MET D 74 -9.57 11.58 0.35
N ASN D 75 -8.93 10.43 0.58
CA ASN D 75 -7.64 10.41 1.27
C ASN D 75 -6.62 11.26 0.54
N GLU D 76 -6.59 11.16 -0.78
CA GLU D 76 -5.61 11.94 -1.56
C GLU D 76 -5.86 13.43 -1.47
N ALA D 77 -7.08 13.84 -1.09
CA ALA D 77 -7.44 15.25 -0.98
C ALA D 77 -7.39 15.78 0.45
N ILE D 78 -6.74 15.06 1.36
CA ILE D 78 -6.74 15.43 2.77
C ILE D 78 -6.12 16.80 3.00
N ASN D 79 -5.24 17.26 2.10
CA ASN D 79 -4.56 18.53 2.29
C ASN D 79 -5.13 19.62 1.38
N ILE D 80 -6.38 19.48 0.93
CA ILE D 80 -7.01 20.47 0.06
C ILE D 80 -8.02 21.26 0.87
N ASN D 81 -7.78 22.57 0.99
CA ASN D 81 -8.68 23.49 1.68
C ASN D 81 -9.67 24.07 0.67
N TYR D 82 -10.93 23.64 0.76
CA TYR D 82 -11.95 24.04 -0.22
C TYR D 82 -12.01 25.55 -0.41
N ILE D 83 -11.92 26.32 0.68
CA ILE D 83 -12.26 27.74 0.60
C ILE D 83 -11.28 28.52 -0.24
N ASP D 84 -10.11 27.94 -0.54
CA ASP D 84 -9.12 28.53 -1.46
C ASP D 84 -9.58 28.37 -2.91
N GLU D 85 -10.73 28.97 -3.22
CA GLU D 85 -11.37 28.74 -4.52
C GLU D 85 -10.59 29.34 -5.68
N THR D 86 -9.92 30.48 -5.48
CA THR D 86 -9.08 31.00 -6.55
C THR D 86 -7.90 30.06 -6.84
N GLU D 87 -7.39 29.41 -5.79
CA GLU D 87 -6.31 28.43 -5.98
C GLU D 87 -6.82 27.11 -6.52
N TYR D 88 -8.03 26.69 -6.13
CA TYR D 88 -8.58 25.40 -6.57
C TYR D 88 -9.92 25.62 -7.27
N PRO D 89 -9.92 26.27 -8.43
CA PRO D 89 -11.21 26.61 -9.07
C PRO D 89 -11.95 25.41 -9.63
N ARG D 90 -11.28 24.30 -9.93
CA ARG D 90 -12.02 23.14 -10.43
C ARG D 90 -12.90 22.53 -9.34
N ILE D 91 -12.43 22.56 -8.09
CA ILE D 91 -13.21 22.04 -6.98
C ILE D 91 -14.35 23.00 -6.63
N ALA D 92 -14.13 24.31 -6.81
CA ALA D 92 -15.23 25.26 -6.65
C ALA D 92 -16.32 24.99 -7.67
N VAL D 93 -15.93 24.73 -8.92
CA VAL D 93 -16.91 24.39 -9.95
C VAL D 93 -17.58 23.06 -9.62
N MET D 94 -16.80 22.06 -9.19
CA MET D 94 -17.35 20.76 -8.80
C MET D 94 -18.37 20.88 -7.66
N ASN D 95 -18.07 21.72 -6.67
CA ASN D 95 -19.05 22.00 -5.63
C ASN D 95 -20.33 22.58 -6.23
N GLY D 96 -20.20 23.53 -7.14
CA GLY D 96 -21.36 24.07 -7.81
C GLY D 96 -22.13 23.05 -8.61
N LYS D 97 -21.42 22.09 -9.22
CA LYS D 97 -22.11 21.02 -9.95
C LYS D 97 -22.87 20.11 -9.00
N CYS D 98 -22.30 19.81 -7.83
CA CYS D 98 -23.03 19.03 -6.82
C CYS D 98 -24.29 19.74 -6.37
N ILE D 99 -24.20 21.06 -6.15
CA ILE D 99 -25.39 21.82 -5.77
C ILE D 99 -26.43 21.75 -6.87
N ASN D 100 -26.00 21.87 -8.14
CA ASN D 100 -26.96 21.76 -9.24
C ASN D 100 -27.67 20.42 -9.19
N ILE D 101 -26.90 19.35 -9.01
CA ILE D 101 -27.46 18.00 -9.05
C ILE D 101 -28.46 17.79 -7.92
N VAL D 102 -28.12 18.25 -6.71
CA VAL D 102 -29.03 18.09 -5.58
C VAL D 102 -30.29 18.91 -5.80
N ALA D 103 -30.14 20.17 -6.22
CA ALA D 103 -31.30 21.03 -6.48
C ALA D 103 -32.24 20.42 -7.51
N ASN D 104 -31.67 19.77 -8.53
CA ASN D 104 -32.51 19.13 -9.55
C ASN D 104 -33.13 17.83 -9.01
N LEU D 105 -32.43 17.12 -8.12
CA LEU D 105 -33.06 15.95 -7.48
C LEU D 105 -34.31 16.34 -6.70
N TRP D 106 -34.33 17.56 -6.17
CA TRP D 106 -35.47 18.09 -5.44
C TRP D 106 -36.40 18.91 -6.33
N ASN D 107 -36.26 18.79 -7.65
CA ASN D 107 -37.19 19.36 -8.62
C ASN D 107 -37.27 20.89 -8.54
N SER D 108 -36.12 21.53 -8.41
CA SER D 108 -36.09 22.99 -8.39
C SER D 108 -36.59 23.53 -9.72
N PRO D 109 -37.45 24.55 -9.72
CA PRO D 109 -37.81 25.23 -10.97
C PRO D 109 -36.85 26.32 -11.39
N GLU D 110 -35.79 26.56 -10.62
CA GLU D 110 -34.85 27.62 -10.94
C GLU D 110 -34.23 27.41 -12.32
N LYS D 111 -34.24 28.46 -13.15
CA LYS D 111 -33.75 28.33 -14.51
C LYS D 111 -32.25 28.56 -14.66
N ASP D 112 -31.62 29.27 -13.72
CA ASP D 112 -30.19 29.51 -13.81
C ASP D 112 -29.43 28.19 -13.87
N THR D 113 -28.38 28.14 -14.71
CA THR D 113 -27.53 26.96 -14.77
C THR D 113 -26.94 26.65 -13.40
N TRP D 114 -26.42 27.66 -12.73
CA TRP D 114 -25.81 27.46 -11.42
C TRP D 114 -26.86 27.73 -10.34
N LYS D 115 -27.34 26.65 -9.74
CA LYS D 115 -28.43 26.71 -8.76
C LYS D 115 -28.01 27.40 -7.48
N THR D 116 -29.00 28.00 -6.80
CA THR D 116 -28.78 28.72 -5.55
C THR D 116 -28.75 27.70 -4.41
N GLY D 117 -27.56 27.46 -3.87
CA GLY D 117 -27.39 26.56 -2.75
C GLY D 117 -26.00 26.75 -2.17
N ALA D 118 -25.75 26.06 -1.07
CA ALA D 118 -24.47 26.18 -0.39
C ALA D 118 -23.98 24.84 0.13
N LEU D 119 -22.67 24.69 0.11
CA LEU D 119 -21.98 23.59 0.77
C LEU D 119 -22.00 23.80 2.28
N ALA D 120 -22.17 22.69 3.01
CA ALA D 120 -22.14 22.72 4.46
C ALA D 120 -21.30 21.57 5.00
N ILE D 121 -20.89 21.68 6.28
CA ILE D 121 -20.25 20.57 6.96
C ILE D 121 -21.25 19.49 7.36
N GLY D 122 -22.52 19.84 7.47
CA GLY D 122 -23.56 18.87 7.77
C GLY D 122 -24.90 19.59 7.76
N SER D 123 -25.95 18.87 8.16
CA SER D 123 -27.26 19.50 8.23
C SER D 123 -27.31 20.61 9.28
N SER D 124 -26.42 20.58 10.27
CA SER D 124 -26.40 21.65 11.26
C SER D 124 -26.19 23.00 10.60
N GLU D 125 -25.05 23.17 9.90
CA GLU D 125 -24.79 24.41 9.19
C GLU D 125 -25.83 24.66 8.10
N ALA D 126 -26.25 23.62 7.40
CA ALA D 126 -27.23 23.82 6.32
C ALA D 126 -28.58 24.26 6.88
N CYS D 127 -29.02 23.67 8.01
CA CYS D 127 -30.27 24.13 8.62
C CYS D 127 -30.15 25.56 9.09
N MET D 128 -29.04 25.91 9.74
CA MET D 128 -28.86 27.27 10.25
C MET D 128 -28.83 28.29 9.11
N LEU D 129 -28.25 27.93 7.97
CA LEU D 129 -28.29 28.87 6.85
C LEU D 129 -29.72 29.03 6.34
N GLY D 130 -30.48 27.92 6.26
CA GLY D 130 -31.87 28.04 5.85
C GLY D 130 -32.69 28.87 6.83
N GLY D 131 -32.43 28.71 8.13
CA GLY D 131 -33.15 29.50 9.12
C GLY D 131 -32.75 30.96 9.11
N VAL D 132 -31.45 31.25 9.00
CA VAL D 132 -31.01 32.64 8.96
C VAL D 132 -31.56 33.35 7.74
N ALA D 133 -31.59 32.67 6.60
CA ALA D 133 -32.21 33.25 5.40
C ALA D 133 -33.69 33.53 5.64
N ALA D 134 -34.40 32.55 6.23
CA ALA D 134 -35.82 32.75 6.50
C ALA D 134 -36.04 33.91 7.47
N TRP D 135 -35.19 34.02 8.49
CA TRP D 135 -35.28 35.11 9.44
C TRP D 135 -35.06 36.44 8.76
N LEU D 136 -34.08 36.51 7.86
CA LEU D 136 -33.79 37.78 7.18
C LEU D 136 -34.88 38.12 6.16
N ARG D 137 -35.45 37.11 5.49
CA ARG D 137 -36.55 37.39 4.58
C ARG D 137 -37.74 37.94 5.34
N TRP D 138 -37.98 37.41 6.54
CA TRP D 138 -39.09 37.90 7.37
C TRP D 138 -38.81 39.30 7.90
N ARG D 139 -37.58 39.56 8.36
CA ARG D 139 -37.23 40.89 8.85
C ARG D 139 -37.46 41.96 7.78
N LYS D 140 -37.02 41.69 6.55
CA LYS D 140 -37.19 42.65 5.47
C LYS D 140 -38.67 42.89 5.18
N LYS D 141 -39.45 41.82 5.20
CA LYS D 141 -40.87 41.88 4.90
C LYS D 141 -41.62 42.72 5.94
N ARG D 142 -41.34 42.48 7.22
CA ARG D 142 -42.03 43.23 8.28
C ARG D 142 -41.61 44.70 8.29
N GLN D 143 -40.32 44.96 8.02
CA GLN D 143 -39.83 46.33 7.96
C GLN D 143 -40.55 47.12 6.87
N ALA D 144 -40.68 46.53 5.68
CA ALA D 144 -41.37 47.18 4.57
C ALA D 144 -42.85 47.41 4.89
N GLN D 145 -43.42 46.62 5.78
CA GLN D 145 -44.81 46.75 6.19
C GLN D 145 -45.00 47.70 7.38
N GLY D 146 -43.92 48.17 8.00
CA GLY D 146 -44.11 48.97 9.21
C GLY D 146 -44.47 48.17 10.45
N LYS D 147 -44.31 46.84 10.42
CA LYS D 147 -44.61 45.97 11.54
C LYS D 147 -43.34 45.63 12.32
N PRO D 148 -43.47 45.21 13.57
CA PRO D 148 -42.26 44.91 14.36
C PRO D 148 -41.55 43.70 13.82
N PHE D 149 -40.24 43.63 14.05
CA PHE D 149 -39.47 42.45 13.64
C PHE D 149 -38.45 42.09 14.70
N ASP D 150 -38.82 42.26 15.97
CA ASP D 150 -37.88 42.05 17.05
C ASP D 150 -38.14 40.76 17.83
N LYS D 151 -39.20 40.03 17.49
CA LYS D 151 -39.57 38.80 18.21
C LYS D 151 -39.85 37.64 17.25
N PRO D 152 -38.87 37.24 16.44
CA PRO D 152 -39.13 36.14 15.50
C PRO D 152 -39.28 34.82 16.24
N ASN D 153 -40.09 33.92 15.65
CA ASN D 153 -40.22 32.55 16.12
C ASN D 153 -40.30 31.61 14.91
N PHE D 154 -40.14 30.32 15.16
CA PHE D 154 -40.36 29.29 14.15
C PHE D 154 -41.03 28.11 14.81
N VAL D 155 -41.68 27.29 13.98
CA VAL D 155 -42.53 26.19 14.45
C VAL D 155 -41.94 24.87 13.95
N ILE D 156 -41.93 23.87 14.83
CA ILE D 156 -41.32 22.57 14.50
C ILE D 156 -41.88 21.52 15.45
N SER D 157 -41.81 20.25 15.03
CA SER D 157 -42.21 19.14 15.89
C SER D 157 -41.28 19.05 17.12
N THR D 158 -41.83 18.48 18.20
CA THR D 158 -41.00 18.13 19.35
C THR D 158 -39.96 17.08 18.98
N GLY D 159 -40.13 16.43 17.84
CA GLY D 159 -39.13 15.52 17.33
C GLY D 159 -38.01 16.24 16.62
N PHE D 160 -37.82 17.53 16.92
CA PHE D 160 -36.72 18.27 16.32
C PHE D 160 -35.38 17.64 16.68
N GLN D 161 -34.42 17.78 15.77
CA GLN D 161 -33.04 17.45 16.05
C GLN D 161 -32.34 18.69 16.62
N VAL D 162 -31.33 18.46 17.46
CA VAL D 162 -30.80 19.48 18.37
C VAL D 162 -30.23 20.71 17.67
N VAL D 163 -29.91 20.63 16.38
CA VAL D 163 -29.35 21.79 15.71
C VAL D 163 -30.38 22.91 15.68
N TRP D 164 -31.68 22.57 15.70
CA TRP D 164 -32.70 23.61 15.72
C TRP D 164 -32.76 24.32 17.06
N GLU D 165 -32.48 23.60 18.15
CA GLU D 165 -32.35 24.23 19.46
C GLU D 165 -31.12 25.10 19.52
N LYS D 166 -30.02 24.64 18.91
CA LYS D 166 -28.83 25.49 18.76
C LYS D 166 -29.18 26.78 18.02
N PHE D 167 -29.90 26.67 16.90
CA PHE D 167 -30.33 27.84 16.14
C PHE D 167 -31.12 28.80 17.03
N ALA D 168 -32.06 28.27 17.80
CA ALA D 168 -32.89 29.08 18.68
C ALA D 168 -32.07 29.77 19.76
N GLN D 169 -31.10 29.06 20.33
CA GLN D 169 -30.25 29.62 21.38
C GLN D 169 -29.26 30.63 20.81
N LEU D 170 -28.53 30.23 19.75
CA LEU D 170 -27.41 31.03 19.28
C LEU D 170 -27.86 32.30 18.55
N TRP D 171 -29.08 32.33 18.02
CA TRP D 171 -29.63 33.51 17.37
C TRP D 171 -30.74 34.17 18.19
N GLN D 172 -31.09 33.62 19.34
CA GLN D 172 -32.16 34.14 20.20
C GLN D 172 -33.46 34.28 19.40
N ILE D 173 -33.86 33.17 18.80
CA ILE D 173 -35.12 33.04 18.07
C ILE D 173 -35.99 32.03 18.83
N GLU D 174 -37.27 32.35 19.00
CA GLU D 174 -38.17 31.52 19.77
C GLU D 174 -38.55 30.24 19.02
N MET D 175 -38.35 29.08 19.64
CA MET D 175 -38.78 27.81 19.05
C MET D 175 -40.11 27.39 19.68
N ARG D 176 -41.11 27.17 18.83
CA ARG D 176 -42.43 26.70 19.26
C ARG D 176 -42.59 25.26 18.80
N GLU D 177 -42.91 24.36 19.73
CA GLU D 177 -42.86 22.92 19.50
C GLU D 177 -44.25 22.31 19.47
N VAL D 178 -44.53 21.51 18.45
CA VAL D 178 -45.81 20.81 18.32
C VAL D 178 -45.63 19.40 18.87
N PRO D 179 -46.40 19.00 19.87
CA PRO D 179 -46.15 17.70 20.53
C PRO D 179 -46.51 16.51 19.65
N LEU D 180 -45.85 15.40 19.93
CA LEU D 180 -46.18 14.12 19.31
C LEU D 180 -47.18 13.40 20.20
N THR D 181 -48.13 12.69 19.57
CA THR D 181 -49.05 11.80 20.26
C THR D 181 -49.15 10.51 19.46
N LEU D 182 -49.65 9.45 20.10
CA LEU D 182 -49.87 8.22 19.35
C LEU D 182 -50.87 8.44 18.22
N GLU D 183 -51.80 9.37 18.40
CA GLU D 183 -52.73 9.69 17.32
C GLU D 183 -52.06 10.47 16.20
N LYS D 184 -51.06 11.31 16.54
CA LYS D 184 -50.37 12.16 15.57
C LYS D 184 -48.86 11.91 15.72
N THR D 185 -48.38 10.87 15.06
CA THR D 185 -47.01 10.42 15.20
C THR D 185 -46.01 11.27 14.44
N THR D 186 -46.48 12.19 13.61
CA THR D 186 -45.65 13.16 12.90
C THR D 186 -46.30 14.54 13.02
N LEU D 187 -45.62 15.56 12.48
CA LEU D 187 -46.09 16.92 12.61
C LEU D 187 -47.49 17.09 12.03
N ASP D 188 -48.46 17.48 12.88
CA ASP D 188 -49.83 17.69 12.43
C ASP D 188 -50.00 19.11 11.93
N PRO D 189 -50.41 19.32 10.67
CA PRO D 189 -50.46 20.71 10.13
C PRO D 189 -51.39 21.63 10.87
N GLU D 190 -52.56 21.14 11.34
CA GLU D 190 -53.49 22.00 12.06
C GLU D 190 -52.84 22.51 13.34
N GLU D 191 -52.22 21.63 14.12
CA GLU D 191 -51.58 22.06 15.34
C GLU D 191 -50.40 22.99 15.07
N ALA D 192 -49.65 22.76 14.00
CA ALA D 192 -48.55 23.67 13.66
C ALA D 192 -49.07 25.08 13.40
N LEU D 193 -50.16 25.18 12.64
CA LEU D 193 -50.71 26.47 12.28
C LEU D 193 -51.22 27.22 13.51
N LYS D 194 -51.78 26.48 14.49
CA LYS D 194 -52.24 27.09 15.72
C LYS D 194 -51.12 27.75 16.51
N MET D 195 -49.87 27.39 16.26
CA MET D 195 -48.75 28.04 16.92
C MET D 195 -48.12 29.14 16.07
N CYS D 196 -48.62 29.39 14.87
CA CYS D 196 -48.08 30.45 14.00
C CYS D 196 -48.73 31.79 14.30
N ASP D 197 -47.97 32.85 14.05
CA ASP D 197 -48.50 34.21 14.09
C ASP D 197 -47.68 35.08 13.13
N GLU D 198 -47.87 36.39 13.23
CA GLU D 198 -47.19 37.36 12.37
C GLU D 198 -45.68 37.37 12.55
N ASN D 199 -45.16 36.74 13.60
CA ASN D 199 -43.74 36.71 13.86
C ASN D 199 -43.08 35.37 13.49
N THR D 200 -43.83 34.46 12.88
CA THR D 200 -43.27 33.17 12.48
C THR D 200 -42.48 33.34 11.19
N ILE D 201 -41.21 32.92 11.22
CA ILE D 201 -40.33 33.07 10.07
C ILE D 201 -40.39 31.87 9.14
N CYS D 202 -40.81 30.70 9.65
CA CYS D 202 -40.98 29.49 8.86
C CYS D 202 -41.54 28.40 9.74
N VAL D 203 -42.06 27.35 9.11
CA VAL D 203 -42.38 26.07 9.73
C VAL D 203 -41.40 25.03 9.19
N VAL D 204 -40.94 24.13 10.05
CA VAL D 204 -39.90 23.17 9.68
C VAL D 204 -40.40 21.73 9.78
N PRO D 205 -40.95 21.15 8.71
CA PRO D 205 -41.18 19.72 8.69
C PRO D 205 -39.88 18.96 8.42
N ILE D 206 -39.85 17.70 8.85
CA ILE D 206 -38.64 16.88 8.88
C ILE D 206 -38.86 15.62 8.06
N GLN D 207 -37.92 15.32 7.14
CA GLN D 207 -37.93 14.07 6.38
C GLN D 207 -36.83 13.19 6.97
N GLY D 208 -37.24 12.24 7.81
CA GLY D 208 -36.32 11.40 8.56
C GLY D 208 -36.17 11.88 9.98
N VAL D 209 -37.29 11.95 10.72
CA VAL D 209 -37.24 12.36 12.13
C VAL D 209 -36.34 11.39 12.88
N THR D 210 -35.29 11.92 13.52
CA THR D 210 -34.31 11.05 14.18
C THR D 210 -34.95 10.22 15.29
N TRP D 211 -35.94 10.79 15.99
CA TRP D 211 -36.56 10.09 17.10
C TRP D 211 -37.41 8.90 16.63
N THR D 212 -37.97 8.98 15.43
CA THR D 212 -39.00 8.02 15.02
C THR D 212 -38.72 7.33 13.68
N GLY D 213 -37.86 7.88 12.83
CA GLY D 213 -37.65 7.39 11.47
C GLY D 213 -38.71 7.80 10.47
N LEU D 214 -39.70 8.61 10.88
CA LEU D 214 -40.84 8.92 10.03
C LEU D 214 -40.59 10.19 9.21
N ASN D 215 -41.56 10.52 8.34
CA ASN D 215 -41.55 11.74 7.55
C ASN D 215 -42.77 12.57 7.93
N ASP D 216 -42.53 13.84 8.29
CA ASP D 216 -43.64 14.78 8.36
C ASP D 216 -44.24 14.95 6.97
N ASP D 217 -45.55 15.12 6.92
CA ASP D 217 -46.24 15.21 5.64
C ASP D 217 -46.10 16.63 5.14
N VAL D 218 -45.09 16.85 4.27
CA VAL D 218 -44.83 18.21 3.79
C VAL D 218 -45.98 18.71 2.92
N GLU D 219 -46.51 17.85 2.05
CA GLU D 219 -47.59 18.30 1.17
C GLU D 219 -48.80 18.74 1.97
N ALA D 220 -49.14 18.01 3.04
CA ALA D 220 -50.28 18.42 3.84
C ALA D 220 -50.01 19.76 4.53
N LEU D 221 -48.78 19.96 5.01
CA LEU D 221 -48.42 21.25 5.58
C LEU D 221 -48.55 22.36 4.53
N ASP D 222 -48.02 22.11 3.33
CA ASP D 222 -48.09 23.11 2.26
C ASP D 222 -49.53 23.50 1.95
N LYS D 223 -50.42 22.51 1.94
CA LYS D 223 -51.83 22.79 1.69
C LYS D 223 -52.43 23.64 2.79
N ALA D 224 -52.19 23.28 4.05
CA ALA D 224 -52.74 24.06 5.15
C ALA D 224 -52.13 25.46 5.21
N LEU D 225 -50.82 25.55 4.99
CA LEU D 225 -50.14 26.84 5.03
C LEU D 225 -50.61 27.77 3.91
N ASP D 226 -50.97 27.22 2.75
CA ASP D 226 -51.51 28.05 1.68
C ASP D 226 -52.81 28.71 2.11
N ALA D 227 -53.71 27.94 2.71
CA ALA D 227 -54.98 28.49 3.19
C ALA D 227 -54.72 29.50 4.30
N TYR D 228 -53.78 29.18 5.20
CA TYR D 228 -53.46 30.07 6.31
C TYR D 228 -52.89 31.39 5.82
N ASN D 229 -51.96 31.32 4.86
CA ASN D 229 -51.31 32.53 4.35
C ASN D 229 -52.28 33.43 3.59
N ALA D 230 -53.22 32.83 2.82
CA ALA D 230 -54.24 33.64 2.15
C ALA D 230 -55.14 34.35 3.14
N LYS D 231 -55.38 33.74 4.31
CA LYS D 231 -56.27 34.32 5.29
C LYS D 231 -55.60 35.44 6.07
N THR D 232 -54.33 35.24 6.47
CA THR D 232 -53.67 36.17 7.37
C THR D 232 -52.73 37.14 6.65
N GLY D 233 -52.26 36.79 5.46
CA GLY D 233 -51.20 37.53 4.83
C GLY D 233 -49.83 37.36 5.46
N TYR D 234 -49.66 36.40 6.37
CA TYR D 234 -48.36 36.27 7.04
C TYR D 234 -47.27 35.76 6.10
N ASP D 235 -47.62 35.04 5.04
CA ASP D 235 -46.63 34.61 4.03
C ASP D 235 -45.57 33.72 4.66
N ILE D 236 -45.99 32.82 5.56
CA ILE D 236 -45.06 31.96 6.29
C ILE D 236 -44.56 30.86 5.36
N PRO D 237 -43.25 30.67 5.22
CA PRO D 237 -42.73 29.63 4.34
C PRO D 237 -42.37 28.34 5.06
N ILE D 238 -42.05 27.32 4.27
CA ILE D 238 -41.52 26.06 4.78
C ILE D 238 -40.02 26.01 4.50
N HIS D 239 -39.26 25.52 5.47
CA HIS D 239 -37.93 25.00 5.22
C HIS D 239 -37.95 23.54 5.63
N VAL D 240 -37.59 22.66 4.68
CA VAL D 240 -37.62 21.22 4.92
C VAL D 240 -36.27 20.81 5.49
N ASP D 241 -36.28 20.29 6.71
CA ASP D 241 -35.13 19.61 7.26
C ASP D 241 -35.21 18.17 6.78
N ALA D 242 -34.49 17.85 5.71
CA ALA D 242 -34.51 16.56 5.08
C ALA D 242 -33.19 15.82 5.27
N ALA D 243 -32.58 15.97 6.46
CA ALA D 243 -31.24 15.44 6.71
C ALA D 243 -31.03 14.02 6.19
N SER D 244 -31.94 13.10 6.50
CA SER D 244 -31.89 11.75 5.93
C SER D 244 -32.73 11.65 4.67
N GLY D 245 -34.00 12.07 4.71
CA GLY D 245 -34.92 11.83 3.62
C GLY D 245 -34.57 12.52 2.32
N GLY D 246 -33.76 13.57 2.36
CA GLY D 246 -33.36 14.27 1.15
C GLY D 246 -32.62 13.40 0.14
N PHE D 247 -32.02 12.29 0.58
CA PHE D 247 -31.37 11.35 -0.32
C PHE D 247 -32.07 10.00 -0.37
N ILE D 248 -33.28 9.91 0.17
CA ILE D 248 -34.11 8.72 0.07
C ILE D 248 -35.29 8.96 -0.86
N LEU D 249 -36.05 10.01 -0.59
CA LEU D 249 -37.29 10.26 -1.32
C LEU D 249 -37.11 10.37 -2.83
N PRO D 250 -36.11 11.08 -3.38
CA PRO D 250 -36.05 11.20 -4.85
C PRO D 250 -35.86 9.86 -5.57
N PHE D 251 -35.25 8.87 -4.93
CA PHE D 251 -34.99 7.59 -5.58
C PHE D 251 -36.10 6.56 -5.34
N LEU D 252 -36.59 6.46 -4.10
CA LEU D 252 -37.57 5.43 -3.76
C LEU D 252 -39.02 5.94 -3.76
N TYR D 253 -39.23 7.24 -3.60
CA TYR D 253 -40.57 7.82 -3.59
C TYR D 253 -40.61 9.02 -4.53
N PRO D 254 -40.31 8.84 -5.81
CA PRO D 254 -40.22 10.00 -6.69
C PRO D 254 -41.51 10.80 -6.80
N ASP D 255 -42.66 10.15 -6.62
CA ASP D 255 -43.97 10.82 -6.81
C ASP D 255 -44.47 11.46 -5.51
N THR D 256 -43.83 11.23 -4.37
CA THR D 256 -44.23 11.95 -3.17
C THR D 256 -43.77 13.40 -3.31
N LYS D 257 -44.76 14.31 -3.32
CA LYS D 257 -44.50 15.74 -3.50
C LYS D 257 -44.14 16.36 -2.15
N TRP D 258 -42.84 16.51 -1.91
CA TRP D 258 -42.31 17.03 -0.65
C TRP D 258 -41.31 18.17 -0.84
N ASP D 259 -40.91 18.49 -2.08
CA ASP D 259 -39.74 19.33 -2.35
C ASP D 259 -40.11 20.65 -3.03
N PHE D 260 -39.27 21.13 -3.95
CA PHE D 260 -39.56 22.42 -4.59
C PHE D 260 -40.76 22.36 -5.52
N ARG D 261 -41.34 21.18 -5.75
CA ARG D 261 -42.64 21.13 -6.42
C ARG D 261 -43.75 21.82 -5.63
N LEU D 262 -43.57 21.98 -4.32
CA LEU D 262 -44.58 22.59 -3.46
C LEU D 262 -44.40 24.10 -3.41
N LYS D 263 -45.53 24.81 -3.37
CA LYS D 263 -45.52 26.27 -3.49
C LYS D 263 -44.73 26.93 -2.37
N TRP D 264 -44.85 26.44 -1.14
CA TRP D 264 -44.30 27.13 0.01
C TRP D 264 -42.95 26.57 0.48
N VAL D 265 -42.39 25.61 -0.25
CA VAL D 265 -41.06 25.06 0.09
C VAL D 265 -40.02 25.98 -0.55
N LEU D 266 -39.47 26.89 0.24
CA LEU D 266 -38.51 27.85 -0.30
C LEU D 266 -37.06 27.43 -0.08
N SER D 267 -36.81 26.51 0.85
CA SER D 267 -35.47 25.96 1.00
C SER D 267 -35.55 24.54 1.58
N ILE D 268 -34.50 23.75 1.31
CA ILE D 268 -34.36 22.36 1.77
C ILE D 268 -32.92 22.14 2.17
N SER D 269 -32.70 21.38 3.27
CA SER D 269 -31.37 20.98 3.69
C SER D 269 -31.29 19.47 3.83
N VAL D 270 -30.06 18.95 3.69
CA VAL D 270 -29.80 17.52 3.76
C VAL D 270 -28.38 17.28 4.26
N SER D 271 -28.15 16.11 4.85
CA SER D 271 -26.82 15.66 5.25
C SER D 271 -26.27 14.81 4.13
N GLY D 272 -25.29 15.35 3.40
CA GLY D 272 -24.60 14.54 2.40
C GLY D 272 -23.91 13.34 3.03
N HIS D 273 -23.53 13.45 4.30
CA HIS D 273 -22.85 12.35 4.98
C HIS D 273 -23.81 11.40 5.70
N LYS D 274 -25.11 11.50 5.46
CA LYS D 274 -25.97 10.44 5.98
C LYS D 274 -26.35 9.49 4.86
N PHE D 275 -27.39 9.82 4.08
CA PHE D 275 -27.74 8.97 2.95
C PHE D 275 -27.35 9.55 1.60
N GLY D 276 -26.64 10.69 1.59
CA GLY D 276 -25.87 11.05 0.41
C GLY D 276 -24.66 10.16 0.19
N LEU D 277 -24.32 9.31 1.17
CA LEU D 277 -23.32 8.24 1.06
C LEU D 277 -21.88 8.74 1.07
N VAL D 278 -21.61 9.84 1.77
CA VAL D 278 -20.27 10.39 1.86
C VAL D 278 -19.81 10.33 3.31
N TYR D 279 -18.50 10.09 3.50
CA TYR D 279 -17.91 10.08 4.84
C TYR D 279 -18.19 11.41 5.57
N PRO D 280 -18.09 11.42 6.90
CA PRO D 280 -18.42 12.62 7.68
C PRO D 280 -17.82 13.91 7.16
N GLY D 281 -18.67 14.95 7.13
CA GLY D 281 -18.26 16.29 6.78
C GLY D 281 -19.00 16.92 5.61
N LEU D 282 -20.23 16.49 5.33
CA LEU D 282 -20.94 16.99 4.14
C LEU D 282 -22.41 17.25 4.43
N GLY D 283 -22.85 18.48 4.11
CA GLY D 283 -24.26 18.83 4.07
C GLY D 283 -24.53 19.73 2.89
N TRP D 284 -25.83 19.89 2.57
CA TRP D 284 -26.25 20.75 1.48
C TRP D 284 -27.51 21.52 1.86
N VAL D 285 -27.58 22.78 1.43
CA VAL D 285 -28.83 23.54 1.52
C VAL D 285 -29.08 24.15 0.15
N CYS D 286 -30.32 24.03 -0.33
CA CYS D 286 -30.76 24.64 -1.57
C CYS D 286 -31.96 25.53 -1.32
N TRP D 287 -32.05 26.59 -2.10
CA TRP D 287 -33.18 27.49 -2.13
C TRP D 287 -33.95 27.30 -3.44
N LYS D 288 -35.24 27.65 -3.41
CA LYS D 288 -36.08 27.46 -4.57
C LYS D 288 -35.69 28.40 -5.71
N GLY D 289 -35.10 29.54 -5.38
CA GLY D 289 -34.65 30.48 -6.39
C GLY D 289 -33.67 31.47 -5.80
N LYS D 290 -33.07 32.25 -6.69
CA LYS D 290 -32.09 33.24 -6.26
C LYS D 290 -32.73 34.25 -5.31
N GLU D 291 -34.01 34.57 -5.48
CA GLU D 291 -34.65 35.60 -4.68
C GLU D 291 -34.93 35.16 -3.24
N TYR D 292 -34.73 33.90 -2.90
CA TYR D 292 -34.98 33.47 -1.54
C TYR D 292 -33.72 33.41 -0.69
N LEU D 293 -32.58 33.78 -1.26
CA LEU D 293 -31.33 33.87 -0.50
C LEU D 293 -30.98 35.35 -0.33
N PRO D 294 -31.18 35.94 0.85
CA PRO D 294 -30.94 37.39 1.01
C PRO D 294 -29.53 37.80 0.64
N GLU D 295 -29.43 38.99 0.03
CA GLU D 295 -28.13 39.50 -0.40
C GLU D 295 -27.20 39.79 0.78
N GLU D 296 -27.76 40.11 1.96
CA GLU D 296 -26.93 40.37 3.13
C GLU D 296 -26.11 39.16 3.52
N MET D 297 -26.64 37.97 3.28
CA MET D 297 -26.00 36.74 3.68
C MET D 297 -24.92 36.29 2.72
N SER D 298 -24.96 36.78 1.49
CA SER D 298 -24.44 36.02 0.37
C SER D 298 -23.87 36.96 -0.67
N PHE D 299 -23.00 36.37 -1.48
CA PHE D 299 -22.54 36.96 -2.73
C PHE D 299 -22.16 35.79 -3.61
N SER D 300 -21.83 36.07 -4.87
CA SER D 300 -21.42 35.00 -5.77
C SER D 300 -20.18 35.42 -6.53
N VAL D 301 -19.31 34.44 -6.79
CA VAL D 301 -18.05 34.66 -7.49
C VAL D 301 -18.02 33.74 -8.71
N ASN D 302 -17.50 34.25 -9.82
CA ASN D 302 -17.44 33.50 -11.06
C ASN D 302 -16.09 32.77 -11.13
N TYR D 303 -16.14 31.44 -11.17
CA TYR D 303 -14.94 30.61 -11.31
C TYR D 303 -15.10 29.77 -12.58
N LEU D 304 -14.30 30.08 -13.60
CA LEU D 304 -14.28 29.32 -14.85
C LEU D 304 -15.67 29.22 -15.49
N GLY D 305 -16.42 30.32 -15.42
CA GLY D 305 -17.75 30.40 -16.00
C GLY D 305 -18.88 29.96 -15.09
N ALA D 306 -18.57 29.48 -13.89
CA ALA D 306 -19.56 28.99 -12.94
C ALA D 306 -19.84 30.04 -11.87
N ASN D 307 -21.13 30.28 -11.61
CA ASN D 307 -21.56 31.25 -10.60
C ASN D 307 -21.74 30.50 -9.28
N ILE D 308 -20.76 30.62 -8.39
CA ILE D 308 -20.72 29.88 -7.13
C ILE D 308 -21.11 30.82 -5.99
N THR D 309 -22.23 30.53 -5.34
CA THR D 309 -22.67 31.37 -4.24
C THR D 309 -21.76 31.19 -3.01
N GLN D 310 -21.41 32.31 -2.38
CA GLN D 310 -20.52 32.37 -1.21
C GLN D 310 -21.41 32.64 0.01
N VAL D 311 -21.84 31.56 0.65
CA VAL D 311 -22.63 31.59 1.87
C VAL D 311 -22.11 30.50 2.78
N GLY D 312 -22.02 30.79 4.07
CA GLY D 312 -21.68 29.72 4.97
C GLY D 312 -21.26 30.19 6.34
N LEU D 313 -21.38 29.31 7.34
CA LEU D 313 -20.86 29.60 8.66
C LEU D 313 -19.36 29.30 8.74
N ASN D 314 -18.93 28.19 8.14
CA ASN D 314 -17.53 27.82 8.12
C ASN D 314 -16.77 28.57 7.02
N PHE D 315 -15.45 28.50 7.07
CA PHE D 315 -14.65 29.11 6.02
C PHE D 315 -13.70 28.04 5.50
N SER D 316 -12.45 27.98 5.98
CA SER D 316 -11.55 26.90 5.60
C SER D 316 -12.08 25.55 6.08
N ARG D 317 -11.97 24.55 5.23
CA ARG D 317 -12.58 23.26 5.53
C ARG D 317 -12.02 22.22 4.55
N PRO D 318 -12.11 20.94 4.90
CA PRO D 318 -11.64 19.90 3.97
C PRO D 318 -12.47 19.91 2.70
N ALA D 319 -11.80 19.76 1.58
CA ALA D 319 -12.52 19.63 0.30
C ALA D 319 -12.80 18.18 -0.09
N ALA D 320 -12.27 17.20 0.64
CA ALA D 320 -12.40 15.81 0.22
C ALA D 320 -13.86 15.40 0.01
N GLN D 321 -14.77 15.93 0.85
CA GLN D 321 -16.16 15.47 0.82
C GLN D 321 -16.86 15.89 -0.47
N ILE D 322 -16.40 16.97 -1.11
CA ILE D 322 -16.96 17.35 -2.41
C ILE D 322 -16.57 16.34 -3.47
N LEU D 323 -15.29 15.96 -3.49
CA LEU D 323 -14.85 14.89 -4.39
C LEU D 323 -15.64 13.60 -4.14
N GLY D 324 -15.86 13.27 -2.88
CA GLY D 324 -16.62 12.07 -2.57
C GLY D 324 -18.04 12.11 -3.11
N GLN D 325 -18.71 13.24 -2.95
CA GLN D 325 -20.09 13.35 -3.40
C GLN D 325 -20.16 13.24 -4.91
N TYR D 326 -19.29 13.95 -5.61
CA TYR D 326 -19.32 13.93 -7.07
C TYR D 326 -18.98 12.54 -7.58
N TYR D 327 -18.01 11.87 -6.94
CA TYR D 327 -17.75 10.48 -7.27
C TYR D 327 -19.01 9.62 -7.15
N GLN D 328 -19.73 9.73 -6.02
CA GLN D 328 -20.91 8.90 -5.84
C GLN D 328 -21.97 9.20 -6.90
N PHE D 329 -22.18 10.50 -7.23
CA PHE D 329 -23.13 10.84 -8.28
C PHE D 329 -22.76 10.19 -9.61
N ILE D 330 -21.46 10.18 -9.95
CA ILE D 330 -21.05 9.60 -11.22
C ILE D 330 -20.98 8.08 -11.12
N ARG D 331 -20.45 7.56 -10.02
CA ARG D 331 -20.22 6.11 -9.92
C ARG D 331 -21.53 5.34 -9.89
N LEU D 332 -22.53 5.85 -9.18
CA LEU D 332 -23.82 5.18 -9.02
C LEU D 332 -24.89 5.70 -9.97
N GLY D 333 -24.96 7.00 -10.17
CA GLY D 333 -26.06 7.55 -10.93
C GLY D 333 -27.38 7.37 -10.18
N PHE D 334 -28.47 7.72 -10.86
CA PHE D 334 -29.78 7.54 -10.25
C PHE D 334 -30.05 6.08 -9.95
N GLN D 335 -29.79 5.21 -10.93
CA GLN D 335 -30.03 3.78 -10.71
C GLN D 335 -29.23 3.26 -9.53
N GLY D 336 -27.95 3.64 -9.45
CA GLY D 336 -27.09 3.14 -8.40
C GLY D 336 -27.52 3.60 -7.02
N TYR D 337 -27.89 4.88 -6.90
CA TYR D 337 -28.44 5.38 -5.64
C TYR D 337 -29.70 4.62 -5.27
N LYS D 338 -30.59 4.43 -6.25
CA LYS D 338 -31.84 3.74 -5.97
C LYS D 338 -31.59 2.33 -5.45
N GLU D 339 -30.61 1.62 -6.03
CA GLU D 339 -30.35 0.25 -5.59
C GLU D 339 -29.74 0.20 -4.19
N VAL D 340 -28.85 1.14 -3.87
CA VAL D 340 -28.26 1.16 -2.54
C VAL D 340 -29.31 1.53 -1.49
N GLN D 341 -30.12 2.56 -1.75
CA GLN D 341 -31.16 2.92 -0.78
C GLN D 341 -32.22 1.82 -0.67
N TYR D 342 -32.56 1.18 -1.80
CA TYR D 342 -33.47 0.03 -1.75
C TYR D 342 -32.93 -1.05 -0.82
N ASN D 343 -31.64 -1.40 -0.93
CA ASN D 343 -31.06 -2.40 -0.05
C ASN D 343 -31.18 -1.98 1.41
N SER D 344 -30.80 -0.74 1.72
CA SER D 344 -30.85 -0.28 3.10
C SER D 344 -32.29 -0.27 3.62
N LEU D 345 -33.23 0.19 2.80
CA LEU D 345 -34.64 0.18 3.22
C LEU D 345 -35.15 -1.24 3.36
N GLN D 346 -34.77 -2.14 2.44
CA GLN D 346 -35.21 -3.54 2.55
C GLN D 346 -34.67 -4.20 3.81
N ILE D 347 -33.41 -3.94 4.15
CA ILE D 347 -32.88 -4.56 5.36
C ILE D 347 -33.57 -4.00 6.59
N ALA D 348 -33.83 -2.69 6.60
CA ALA D 348 -34.58 -2.10 7.72
C ALA D 348 -35.96 -2.72 7.83
N LYS D 349 -36.66 -2.87 6.71
CA LYS D 349 -37.97 -3.50 6.74
C LYS D 349 -37.88 -4.92 7.26
N TYR D 350 -36.84 -5.64 6.87
CA TYR D 350 -36.65 -7.01 7.34
C TYR D 350 -36.50 -7.04 8.86
N ILE D 351 -35.61 -6.20 9.40
CA ILE D 351 -35.40 -6.20 10.84
C ILE D 351 -36.68 -5.79 11.56
N HIS D 352 -37.37 -4.76 11.03
CA HIS D 352 -38.66 -4.32 11.55
C HIS D 352 -39.65 -5.48 11.66
N GLY D 353 -39.78 -6.26 10.58
CA GLY D 353 -40.70 -7.39 10.59
C GLY D 353 -40.28 -8.50 11.54
N GLU D 354 -38.97 -8.74 11.68
CA GLU D 354 -38.51 -9.77 12.61
C GLU D 354 -38.67 -9.33 14.07
N ILE D 355 -38.43 -8.04 14.35
CA ILE D 355 -38.66 -7.50 15.68
C ILE D 355 -40.12 -7.68 16.10
N ALA D 356 -41.06 -7.38 15.19
CA ALA D 356 -42.47 -7.46 15.55
C ALA D 356 -42.89 -8.87 15.94
N LYS D 357 -42.19 -9.88 15.44
CA LYS D 357 -42.51 -11.26 15.76
C LYS D 357 -42.03 -11.69 17.15
N MET D 358 -41.14 -10.92 17.78
CA MET D 358 -40.64 -11.29 19.09
C MET D 358 -41.65 -10.90 20.16
N ALA D 359 -41.84 -11.81 21.12
CA ALA D 359 -42.86 -11.58 22.15
C ALA D 359 -42.70 -10.24 22.89
N PRO D 360 -41.50 -9.76 23.23
CA PRO D 360 -41.42 -8.52 24.05
C PRO D 360 -41.77 -7.24 23.31
N PHE D 361 -41.84 -7.21 21.98
CA PHE D 361 -41.72 -5.97 21.23
C PHE D 361 -42.97 -5.60 20.45
N VAL D 362 -43.14 -4.30 20.24
CA VAL D 362 -44.12 -3.77 19.30
C VAL D 362 -43.53 -2.55 18.62
N ASN D 363 -43.76 -2.43 17.32
CA ASN D 363 -43.20 -1.33 16.56
C ASN D 363 -44.03 -0.08 16.71
N TYR D 364 -43.34 1.06 16.76
CA TYR D 364 -43.99 2.35 16.84
C TYR D 364 -44.82 2.62 15.59
N SER D 365 -44.39 2.15 14.43
CA SER D 365 -45.09 2.40 13.18
C SER D 365 -45.09 1.17 12.30
N GLU D 366 -46.16 1.02 11.52
CA GLU D 366 -46.26 -0.07 10.55
C GLU D 366 -45.62 0.28 9.23
N ASN D 367 -45.24 1.54 9.02
CA ASN D 367 -44.77 2.03 7.74
C ASN D 367 -43.31 2.47 7.87
N VAL D 368 -42.43 1.84 7.11
CA VAL D 368 -41.00 2.11 7.16
C VAL D 368 -40.64 2.84 5.87
N VAL D 369 -40.40 4.14 5.96
CA VAL D 369 -40.12 4.97 4.79
C VAL D 369 -38.70 5.46 4.73
N ASN D 370 -37.94 5.34 5.81
CA ASN D 370 -36.51 5.62 5.80
C ASN D 370 -35.81 4.38 6.34
N PRO D 371 -34.54 4.17 5.99
CA PRO D 371 -33.85 2.95 6.45
C PRO D 371 -33.56 2.98 7.93
N LEU D 372 -34.60 3.09 8.75
CA LEU D 372 -34.48 3.06 10.20
C LEU D 372 -35.90 2.97 10.77
N PHE D 373 -35.99 2.51 12.00
CA PHE D 373 -37.29 2.38 12.64
C PHE D 373 -37.05 2.22 14.14
N ILE D 374 -38.13 2.34 14.91
CA ILE D 374 -38.08 2.22 16.36
C ILE D 374 -39.17 1.28 16.85
N TRP D 375 -38.91 0.64 17.99
CA TRP D 375 -39.89 -0.21 18.65
C TRP D 375 -39.80 0.02 20.16
N TYR D 376 -40.77 -0.53 20.88
CA TYR D 376 -40.78 -0.48 22.34
C TYR D 376 -41.34 -1.77 22.90
N LEU D 377 -41.33 -1.89 24.22
CA LEU D 377 -41.86 -3.08 24.85
C LEU D 377 -43.39 -3.07 24.75
N LYS D 378 -43.96 -4.24 24.50
CA LYS D 378 -45.42 -4.35 24.55
C LYS D 378 -45.86 -3.93 25.94
N PRO D 379 -46.89 -3.08 26.07
CA PRO D 379 -47.30 -2.64 27.41
C PRO D 379 -47.60 -3.78 28.36
N GLU D 380 -48.29 -4.83 27.90
CA GLU D 380 -48.59 -5.96 28.77
C GLU D 380 -47.34 -6.74 29.13
N TYR D 381 -46.39 -6.87 28.20
CA TYR D 381 -45.12 -7.54 28.51
C TYR D 381 -44.28 -6.71 29.47
N ALA D 382 -44.25 -5.40 29.26
CA ALA D 382 -43.42 -4.53 30.10
C ALA D 382 -43.88 -4.56 31.55
N LYS D 383 -45.19 -4.73 31.79
CA LYS D 383 -45.74 -4.66 33.14
C LYS D 383 -45.11 -5.68 34.08
N SER D 384 -44.85 -6.88 33.58
CA SER D 384 -44.31 -7.94 34.40
C SER D 384 -42.84 -8.23 34.14
N ALA D 385 -42.21 -7.52 33.20
CA ALA D 385 -40.80 -7.75 32.90
C ALA D 385 -39.92 -7.10 33.96
N LYS D 386 -38.78 -7.73 34.20
CA LYS D 386 -37.78 -7.21 35.12
C LYS D 386 -36.77 -6.30 34.44
N TRP D 387 -36.85 -6.12 33.12
CA TRP D 387 -35.86 -5.38 32.36
C TRP D 387 -36.52 -4.34 31.47
N THR D 388 -35.70 -3.38 31.02
CA THR D 388 -36.10 -2.34 30.10
C THR D 388 -35.20 -2.39 28.86
N LEU D 389 -35.55 -1.58 27.87
CA LEU D 389 -34.72 -1.55 26.67
C LEU D 389 -33.33 -1.02 26.97
N TYR D 390 -33.16 -0.27 28.06
CA TYR D 390 -31.82 0.14 28.48
C TYR D 390 -30.95 -1.07 28.83
N ASP D 391 -31.55 -2.08 29.48
CA ASP D 391 -30.80 -3.30 29.78
C ASP D 391 -30.43 -4.04 28.50
N LEU D 392 -31.32 -4.03 27.50
CA LEU D 392 -31.02 -4.69 26.24
C LEU D 392 -29.89 -4.00 25.50
N GLN D 393 -29.89 -2.66 25.49
CA GLN D 393 -28.77 -1.92 24.92
C GLN D 393 -27.45 -2.34 25.53
N ASP D 394 -27.42 -2.47 26.86
CA ASP D 394 -26.21 -2.90 27.55
C ASP D 394 -25.78 -4.29 27.12
N LYS D 395 -26.74 -5.23 27.01
CA LYS D 395 -26.42 -6.58 26.54
C LYS D 395 -25.84 -6.55 25.13
N LEU D 396 -26.42 -5.74 24.24
CA LEU D 396 -25.92 -5.69 22.88
C LEU D 396 -24.54 -5.05 22.82
N SER D 397 -24.24 -4.11 23.73
CA SER D 397 -22.90 -3.52 23.79
C SER D 397 -21.83 -4.56 24.09
N GLN D 398 -22.18 -5.62 24.80
CA GLN D 398 -21.18 -6.65 25.09
C GLN D 398 -20.71 -7.37 23.84
N HIS D 399 -21.48 -7.33 22.75
CA HIS D 399 -21.05 -7.91 21.49
C HIS D 399 -20.60 -6.87 20.47
N GLY D 400 -20.35 -5.63 20.91
CA GLY D 400 -19.79 -4.59 20.07
C GLY D 400 -20.80 -3.65 19.43
N TRP D 401 -22.09 -3.94 19.52
CA TRP D 401 -23.11 -3.09 18.93
C TRP D 401 -23.35 -1.84 19.78
N MET D 402 -23.78 -0.77 19.13
CA MET D 402 -24.46 0.33 19.81
C MET D 402 -25.86 0.41 19.21
N VAL D 403 -26.85 -0.02 19.99
CA VAL D 403 -28.27 0.09 19.64
C VAL D 403 -28.95 0.92 20.73
N PRO D 404 -29.27 2.19 20.47
CA PRO D 404 -29.62 3.12 21.55
C PRO D 404 -31.07 3.00 21.97
N ALA D 405 -31.28 3.10 23.28
CA ALA D 405 -32.60 3.22 23.87
C ALA D 405 -32.76 4.61 24.48
N TYR D 406 -33.96 5.18 24.33
CA TYR D 406 -34.21 6.54 24.79
C TYR D 406 -35.71 6.77 24.85
N THR D 407 -36.10 7.79 25.59
CA THR D 407 -37.50 8.19 25.67
C THR D 407 -37.84 9.13 24.52
N LEU D 408 -39.08 9.00 24.03
CA LEU D 408 -39.57 9.81 22.93
C LEU D 408 -39.88 11.23 23.42
N PRO D 409 -40.01 12.20 22.49
CA PRO D 409 -40.30 13.58 22.93
C PRO D 409 -41.68 13.77 23.50
N SER D 410 -41.95 15.01 23.91
CA SER D 410 -43.11 15.39 24.70
C SER D 410 -44.41 14.76 24.22
N LYS D 411 -45.17 14.32 25.21
CA LYS D 411 -46.47 13.68 25.22
C LYS D 411 -46.29 12.20 24.92
N LEU D 412 -45.08 11.76 24.52
CA LEU D 412 -44.73 10.35 24.44
C LEU D 412 -43.50 10.02 25.27
N GLU D 413 -43.14 10.91 26.20
CA GLU D 413 -41.92 10.71 27.04
C GLU D 413 -42.00 9.36 27.76
N ASP D 414 -43.21 8.90 28.12
CA ASP D 414 -43.32 7.67 28.88
C ASP D 414 -42.90 6.46 28.08
N TYR D 415 -42.65 6.62 26.79
CA TYR D 415 -42.26 5.50 25.93
C TYR D 415 -40.74 5.43 25.84
N VAL D 416 -40.19 4.34 26.36
CA VAL D 416 -38.80 4.00 26.14
C VAL D 416 -38.74 3.22 24.84
N VAL D 417 -37.96 3.70 23.87
CA VAL D 417 -37.88 3.07 22.55
C VAL D 417 -36.43 2.73 22.24
N MET D 418 -36.26 1.87 21.24
CA MET D 418 -34.95 1.50 20.71
C MET D 418 -34.95 1.75 19.20
N ARG D 419 -33.82 2.22 18.68
CA ARG D 419 -33.71 2.58 17.26
C ARG D 419 -32.58 1.81 16.61
N VAL D 420 -32.83 1.32 15.39
CA VAL D 420 -31.82 0.72 14.53
C VAL D 420 -31.78 1.51 13.23
N VAL D 421 -30.59 1.96 12.84
CA VAL D 421 -30.34 2.67 11.58
C VAL D 421 -29.54 1.76 10.66
N VAL D 422 -30.05 1.53 9.46
CA VAL D 422 -29.38 0.67 8.48
C VAL D 422 -28.72 1.57 7.44
N ARG D 423 -27.39 1.59 7.42
CA ARG D 423 -26.64 2.39 6.47
C ARG D 423 -26.04 1.49 5.41
N GLN D 424 -25.58 2.08 4.31
CA GLN D 424 -24.81 1.30 3.35
C GLN D 424 -23.63 0.65 4.06
N GLY D 425 -23.43 -0.64 3.82
CA GLY D 425 -22.44 -1.39 4.53
C GLY D 425 -22.99 -2.21 5.69
N PHE D 426 -24.28 -2.09 5.98
CA PHE D 426 -24.95 -2.99 6.90
C PHE D 426 -25.80 -3.94 6.05
N SER D 427 -25.41 -5.21 6.03
CA SER D 427 -26.00 -6.18 5.13
C SER D 427 -27.08 -7.02 5.83
N ARG D 428 -27.77 -7.82 5.01
CA ARG D 428 -28.66 -8.84 5.55
C ARG D 428 -27.93 -9.79 6.49
N ASP D 429 -26.71 -10.21 6.14
CA ASP D 429 -25.97 -11.10 7.04
C ASP D 429 -25.75 -10.42 8.39
N MET D 430 -25.41 -9.12 8.38
CA MET D 430 -25.19 -8.39 9.63
C MET D 430 -26.50 -8.21 10.39
N ALA D 431 -27.62 -8.01 9.69
CA ALA D 431 -28.93 -7.99 10.36
C ALA D 431 -29.20 -9.30 11.09
N ASP D 432 -28.85 -10.44 10.47
CA ASP D 432 -29.07 -11.73 11.14
C ASP D 432 -28.21 -11.86 12.38
N MET D 433 -26.96 -11.39 12.35
CA MET D 433 -26.14 -11.41 13.56
C MET D 433 -26.78 -10.57 14.66
N LEU D 434 -27.21 -9.33 14.32
CA LEU D 434 -27.87 -8.48 15.30
C LEU D 434 -29.11 -9.16 15.86
N LEU D 435 -29.99 -9.66 14.99
CA LEU D 435 -31.22 -10.29 15.47
C LEU D 435 -30.94 -11.49 16.36
N GLY D 436 -29.91 -12.27 16.03
CA GLY D 436 -29.54 -13.38 16.91
C GLY D 436 -29.09 -12.90 18.28
N ASP D 437 -28.31 -11.81 18.30
CA ASP D 437 -27.86 -11.26 19.58
C ASP D 437 -29.03 -10.66 20.36
N ILE D 438 -30.02 -10.12 19.67
CA ILE D 438 -31.20 -9.61 20.35
C ILE D 438 -31.97 -10.76 21.00
N LYS D 439 -32.22 -11.84 20.25
CA LYS D 439 -32.94 -12.99 20.80
C LYS D 439 -32.20 -13.60 21.98
N ASN D 440 -30.88 -13.77 21.87
CA ASN D 440 -30.10 -14.29 22.99
C ASN D 440 -30.21 -13.39 24.20
N ALA D 441 -30.13 -12.07 23.99
CA ALA D 441 -30.16 -11.12 25.10
C ALA D 441 -31.51 -11.15 25.81
N ILE D 442 -32.60 -11.31 25.06
CA ILE D 442 -33.93 -11.46 25.67
C ILE D 442 -33.98 -12.71 26.54
N ALA D 443 -33.41 -13.82 26.06
CA ALA D 443 -33.45 -15.05 26.83
C ALA D 443 -32.69 -14.90 28.15
N GLU D 444 -31.54 -14.21 28.13
CA GLU D 444 -30.81 -13.99 29.37
C GLU D 444 -31.58 -13.07 30.31
N LEU D 445 -32.14 -11.98 29.78
CA LEU D 445 -32.82 -11.01 30.62
C LEU D 445 -34.07 -11.60 31.28
N GLU D 446 -34.78 -12.49 30.56
CA GLU D 446 -35.96 -13.13 31.12
C GLU D 446 -35.64 -14.11 32.23
N LYS D 447 -34.38 -14.43 32.47
CA LYS D 447 -34.02 -15.26 33.61
C LYS D 447 -33.92 -14.48 34.91
N LEU D 448 -33.99 -13.16 34.87
CA LEU D 448 -33.84 -12.34 36.05
C LEU D 448 -34.99 -12.54 37.02
N ASP D 449 -34.65 -12.71 38.30
CA ASP D 449 -35.65 -12.84 39.36
C ASP D 449 -35.96 -11.51 40.02
N PHE D 450 -35.13 -10.49 39.81
CA PHE D 450 -35.30 -9.17 40.40
C PHE D 450 -35.22 -8.10 39.32
N PRO D 451 -35.87 -6.95 39.54
CA PRO D 451 -35.82 -5.88 38.54
C PRO D 451 -34.48 -5.17 38.51
N THR D 452 -34.15 -4.65 37.33
CA THR D 452 -32.89 -3.93 37.13
C THR D 452 -33.06 -2.50 37.63
N PRO D 453 -31.97 -1.73 37.75
CA PRO D 453 -32.14 -0.34 38.21
C PRO D 453 -33.10 0.47 37.36
N THR D 454 -33.00 0.40 36.03
CA THR D 454 -33.93 1.16 35.21
C THR D 454 -35.36 0.63 35.30
N ARG D 455 -35.53 -0.67 35.56
CA ARG D 455 -36.89 -1.18 35.73
C ARG D 455 -37.51 -0.65 37.02
N MET D 456 -36.72 -0.56 38.11
CA MET D 456 -37.27 0.02 39.33
C MET D 456 -37.52 1.50 39.17
N ALA D 457 -36.68 2.20 38.41
CA ALA D 457 -36.90 3.62 38.18
C ALA D 457 -38.20 3.86 37.42
N GLN D 458 -38.62 2.91 36.57
CA GLN D 458 -39.88 3.07 35.88
C GLN D 458 -41.08 2.96 36.81
N GLU D 459 -40.90 2.35 37.99
CA GLU D 459 -41.97 2.24 38.97
C GLU D 459 -42.09 3.51 39.82
N MET E 1 10.97 15.03 27.72
CA MET E 1 12.15 15.86 27.90
C MET E 1 12.87 16.15 26.57
N GLU E 2 13.83 17.09 26.63
CA GLU E 2 14.44 17.60 25.41
C GLU E 2 15.22 16.51 24.67
N ASP E 3 15.18 16.58 23.34
CA ASP E 3 15.96 15.72 22.46
C ASP E 3 17.07 16.57 21.85
N LEU E 4 18.31 16.30 22.29
CA LEU E 4 19.43 17.16 21.94
C LEU E 4 19.70 17.18 20.44
N ASN E 5 19.54 16.04 19.76
CA ASN E 5 19.90 15.92 18.35
C ASN E 5 18.71 16.05 17.42
N PHE E 6 17.60 16.63 17.89
CA PHE E 6 16.39 16.72 17.08
C PHE E 6 16.64 17.42 15.76
N ARG E 7 17.37 18.55 15.78
CA ARG E 7 17.58 19.30 14.54
C ARG E 7 18.60 18.66 13.63
N LYS E 8 19.46 17.78 14.14
CA LYS E 8 20.59 17.23 13.40
C LYS E 8 20.24 15.99 12.57
N GLY E 9 19.09 15.39 12.82
CA GLY E 9 18.67 14.18 12.13
C GLY E 9 18.81 12.93 12.96
N ASP E 10 17.94 12.76 13.97
CA ASP E 10 17.91 11.51 14.74
C ASP E 10 16.54 10.85 14.58
N ALA E 11 16.21 9.89 15.44
CA ALA E 11 14.97 9.15 15.30
C ALA E 11 13.72 9.99 15.55
N LYS E 12 13.84 11.12 16.24
CA LYS E 12 12.68 11.93 16.53
C LYS E 12 12.53 13.11 15.59
N THR E 13 13.53 13.37 14.75
CA THR E 13 13.54 14.55 13.89
C THR E 13 12.28 14.63 13.03
N ASP E 14 11.67 15.81 13.01
CA ASP E 14 10.69 16.16 11.99
C ASP E 14 11.44 16.80 10.84
N VAL E 15 11.15 16.33 9.63
CA VAL E 15 11.86 16.79 8.42
C VAL E 15 11.95 18.31 8.42
N PHE E 16 10.84 18.97 8.70
CA PHE E 16 10.79 20.42 8.57
C PHE E 16 10.95 21.16 9.90
N GLY E 17 11.59 20.52 10.88
CA GLY E 17 12.12 21.21 12.03
C GLY E 17 13.60 20.94 12.17
N SER E 18 14.25 20.58 11.06
CA SER E 18 15.65 20.17 11.04
C SER E 18 16.51 21.24 10.38
N ASP E 19 17.80 21.17 10.71
CA ASP E 19 18.78 22.08 10.10
C ASP E 19 18.86 21.87 8.59
N ARG E 20 18.75 20.62 8.14
CA ARG E 20 18.94 20.34 6.71
C ARG E 20 17.90 21.07 5.86
N MET E 21 16.68 21.20 6.36
CA MET E 21 15.66 21.89 5.60
C MET E 21 15.71 23.41 5.77
N LEU E 22 16.73 23.92 6.45
CA LEU E 22 17.11 25.33 6.39
C LEU E 22 18.28 25.56 5.44
N GLN E 23 18.76 24.51 4.76
CA GLN E 23 19.93 24.59 3.91
C GLN E 23 19.57 24.32 2.45
N PRO E 24 20.32 24.90 1.51
CA PRO E 24 20.03 24.67 0.09
C PRO E 24 20.43 23.28 -0.34
N SER E 25 19.79 22.81 -1.42
CA SER E 25 20.18 21.54 -2.00
C SER E 25 21.54 21.68 -2.68
N PRO E 26 22.29 20.59 -2.79
CA PRO E 26 23.64 20.69 -3.36
C PRO E 26 23.59 20.94 -4.85
N VAL E 27 24.32 21.97 -5.28
CA VAL E 27 24.39 22.38 -6.67
C VAL E 27 25.67 21.87 -7.32
N GLU E 28 26.78 21.93 -6.61
CA GLU E 28 28.11 21.68 -7.17
C GLU E 28 28.75 20.38 -6.72
N ARG E 29 28.69 20.07 -5.42
CA ARG E 29 29.51 19.00 -4.89
C ARG E 29 28.63 18.09 -4.04
N ILE E 30 29.00 16.81 -3.99
CA ILE E 30 28.26 15.87 -3.13
C ILE E 30 28.35 16.35 -1.69
N PRO E 31 27.28 16.29 -0.89
CA PRO E 31 27.41 16.64 0.52
C PRO E 31 28.43 15.76 1.21
N ASP E 32 29.06 16.29 2.26
CA ASP E 32 30.05 15.55 3.03
C ASP E 32 29.41 14.36 3.74
N GLY E 33 28.18 14.54 4.24
CA GLY E 33 27.57 13.56 5.10
C GLY E 33 26.14 13.23 4.69
N PRO E 34 25.55 12.23 5.35
CA PRO E 34 24.22 11.75 5.00
C PRO E 34 23.11 12.54 5.66
N THR E 35 21.88 12.23 5.25
CA THR E 35 20.68 12.70 5.92
C THR E 35 19.77 11.50 6.14
N THR E 36 18.66 11.72 6.83
CA THR E 36 17.68 10.66 6.99
C THR E 36 16.97 10.43 5.67
N PRO E 37 16.44 9.23 5.45
CA PRO E 37 15.74 9.00 4.17
C PRO E 37 14.57 9.94 3.96
N GLU E 38 13.81 10.26 5.01
CA GLU E 38 12.67 11.16 4.84
C GLU E 38 13.11 12.53 4.37
N VAL E 39 14.20 13.05 4.93
CA VAL E 39 14.67 14.38 4.55
C VAL E 39 15.11 14.38 3.09
N ALA E 40 15.91 13.37 2.70
CA ALA E 40 16.37 13.28 1.33
C ALA E 40 15.21 13.11 0.36
N TYR E 41 14.22 12.31 0.75
CA TYR E 41 13.05 12.11 -0.09
C TYR E 41 12.34 13.44 -0.36
N GLN E 42 12.08 14.22 0.69
CA GLN E 42 11.39 15.50 0.48
C GLN E 42 12.25 16.46 -0.35
N MET E 43 13.57 16.51 -0.08
CA MET E 43 14.39 17.46 -0.81
C MET E 43 14.31 17.21 -2.31
N VAL E 44 14.37 15.94 -2.74
CA VAL E 44 14.27 15.66 -4.17
C VAL E 44 12.83 15.79 -4.67
N LYS E 45 11.89 15.14 -3.99
CA LYS E 45 10.49 15.20 -4.40
C LYS E 45 9.98 16.65 -4.52
N ASP E 46 10.30 17.50 -3.54
CA ASP E 46 9.73 18.85 -3.53
C ASP E 46 10.23 19.70 -4.71
N GLU E 47 11.38 19.36 -5.29
CA GLU E 47 11.84 20.12 -6.45
C GLU E 47 10.98 19.85 -7.67
N THR E 48 10.22 18.76 -7.70
CA THR E 48 9.42 18.42 -8.87
C THR E 48 8.02 19.04 -8.86
N PHE E 49 7.62 19.71 -7.78
CA PHE E 49 6.27 20.29 -7.73
C PHE E 49 6.09 21.41 -8.76
N ALA E 50 7.07 22.32 -8.84
CA ALA E 50 6.90 23.58 -9.58
C ALA E 50 7.22 23.39 -11.06
N GLN E 51 6.46 22.51 -11.70
CA GLN E 51 6.56 22.30 -13.13
C GLN E 51 5.28 21.61 -13.60
N THR E 52 5.15 21.47 -14.91
CA THR E 52 3.95 20.93 -15.52
C THR E 52 3.66 19.54 -14.98
N GLN E 53 2.40 19.28 -14.60
CA GLN E 53 2.00 17.92 -14.27
C GLN E 53 1.88 17.09 -15.55
N PRO E 54 2.35 15.85 -15.54
CA PRO E 54 2.38 15.06 -16.79
C PRO E 54 1.05 14.97 -17.53
N ARG E 55 -0.08 14.80 -16.83
CA ARG E 55 -1.36 14.59 -17.51
C ARG E 55 -1.88 15.87 -18.16
N LEU E 56 -1.33 17.03 -17.78
CA LEU E 56 -1.67 18.32 -18.38
C LEU E 56 -0.64 18.77 -19.39
N ASN E 57 0.38 17.97 -19.64
CA ASN E 57 1.41 18.23 -20.65
C ASN E 57 0.85 17.87 -22.00
N LEU E 58 0.41 18.86 -22.77
CA LEU E 58 -0.13 18.62 -24.10
C LEU E 58 0.91 18.78 -25.21
N ALA E 59 2.16 19.09 -24.87
CA ALA E 59 3.25 19.10 -25.84
C ALA E 59 3.74 17.69 -26.15
N THR E 60 3.70 16.79 -25.17
CA THR E 60 4.37 15.51 -25.31
C THR E 60 3.52 14.48 -26.04
N PHE E 61 4.17 13.66 -26.84
CA PHE E 61 3.57 12.50 -27.45
C PHE E 61 3.68 11.26 -26.58
N VAL E 62 4.44 11.34 -25.48
CA VAL E 62 4.87 10.18 -24.70
C VAL E 62 3.90 9.87 -23.58
N THR E 63 3.57 8.59 -23.44
CA THR E 63 2.60 8.08 -22.48
C THR E 63 2.75 8.67 -21.08
N THR E 64 1.64 9.17 -20.55
CA THR E 64 1.61 9.68 -19.18
C THR E 64 0.60 8.95 -18.30
N TYR E 65 -0.11 7.96 -18.85
CA TYR E 65 -1.02 7.11 -18.08
C TYR E 65 -0.93 5.67 -18.57
N MET E 66 -0.83 4.73 -17.61
CA MET E 66 -1.18 3.32 -17.79
C MET E 66 -2.06 2.92 -16.62
N ASP E 67 -2.82 1.82 -16.78
CA ASP E 67 -3.69 1.40 -15.69
C ASP E 67 -2.88 0.86 -14.51
N ASP E 68 -3.58 0.55 -13.42
CA ASP E 68 -2.92 0.21 -12.17
C ASP E 68 -2.13 -1.09 -12.26
N TYR E 69 -2.59 -2.05 -13.08
CA TYR E 69 -1.90 -3.34 -13.16
C TYR E 69 -0.64 -3.23 -13.98
N ALA E 70 -0.69 -2.54 -15.12
CA ALA E 70 0.52 -2.27 -15.87
C ALA E 70 1.51 -1.50 -14.99
N THR E 71 1.02 -0.52 -14.22
CA THR E 71 1.91 0.28 -13.40
C THR E 71 2.59 -0.58 -12.33
N LYS E 72 1.81 -1.41 -11.64
CA LYS E 72 2.35 -2.29 -10.62
C LYS E 72 3.37 -3.26 -11.21
N LEU E 73 3.04 -3.85 -12.36
CA LEU E 73 3.93 -4.78 -13.01
C LEU E 73 5.26 -4.12 -13.37
N MET E 74 5.21 -2.90 -13.89
CA MET E 74 6.44 -2.21 -14.26
C MET E 74 7.24 -1.80 -13.03
N ASN E 75 6.56 -1.32 -11.97
CA ASN E 75 7.25 -0.97 -10.72
C ASN E 75 7.98 -2.19 -10.15
N GLU E 76 7.37 -3.37 -10.22
CA GLU E 76 7.98 -4.57 -9.65
C GLU E 76 9.21 -5.00 -10.42
N ALA E 77 9.39 -4.53 -11.65
CA ALA E 77 10.57 -4.89 -12.43
C ALA E 77 11.62 -3.78 -12.43
N ILE E 78 11.53 -2.81 -11.51
CA ILE E 78 12.45 -1.68 -11.55
C ILE E 78 13.91 -2.12 -11.42
N ASN E 79 14.17 -3.29 -10.82
CA ASN E 79 15.54 -3.74 -10.60
C ASN E 79 15.97 -4.83 -11.58
N ILE E 80 15.29 -4.96 -12.72
CA ILE E 80 15.61 -5.96 -13.74
C ILE E 80 16.33 -5.28 -14.91
N ASN E 81 17.58 -5.68 -15.12
CA ASN E 81 18.40 -5.19 -16.23
C ASN E 81 18.15 -6.08 -17.44
N TYR E 82 17.45 -5.55 -18.45
CA TYR E 82 17.09 -6.35 -19.61
C TYR E 82 18.29 -7.09 -20.20
N ILE E 83 19.45 -6.42 -20.31
CA ILE E 83 20.52 -6.97 -21.13
C ILE E 83 21.11 -8.26 -20.56
N ASP E 84 20.83 -8.57 -19.30
CA ASP E 84 21.26 -9.83 -18.69
C ASP E 84 20.37 -10.98 -19.17
N GLU E 85 20.45 -11.25 -20.47
CA GLU E 85 19.52 -12.20 -21.09
C GLU E 85 19.77 -13.63 -20.62
N THR E 86 21.02 -14.01 -20.35
CA THR E 86 21.27 -15.36 -19.80
C THR E 86 20.63 -15.52 -18.43
N GLU E 87 20.64 -14.46 -17.63
CA GLU E 87 20.05 -14.50 -16.30
C GLU E 87 18.52 -14.37 -16.36
N TYR E 88 18.02 -13.56 -17.30
CA TYR E 88 16.59 -13.31 -17.44
C TYR E 88 16.10 -13.73 -18.82
N PRO E 89 16.16 -15.02 -19.16
CA PRO E 89 15.84 -15.45 -20.54
C PRO E 89 14.36 -15.38 -20.88
N ARG E 90 13.46 -15.44 -19.89
CA ARG E 90 12.05 -15.29 -20.19
C ARG E 90 11.70 -13.88 -20.68
N ILE E 91 12.39 -12.86 -20.14
CA ILE E 91 12.17 -11.51 -20.61
C ILE E 91 12.83 -11.35 -21.97
N ALA E 92 13.96 -12.03 -22.21
CA ALA E 92 14.56 -12.03 -23.54
C ALA E 92 13.60 -12.60 -24.57
N VAL E 93 12.97 -13.73 -24.25
CA VAL E 93 11.96 -14.31 -25.13
C VAL E 93 10.77 -13.38 -25.28
N MET E 94 10.32 -12.78 -24.17
CA MET E 94 9.20 -11.83 -24.20
C MET E 94 9.51 -10.64 -25.10
N ASN E 95 10.76 -10.15 -25.05
CA ASN E 95 11.19 -9.11 -25.98
C ASN E 95 11.01 -9.57 -27.42
N GLY E 96 11.43 -10.79 -27.71
CA GLY E 96 11.28 -11.35 -29.04
C GLY E 96 9.83 -11.50 -29.47
N LYS E 97 8.94 -11.84 -28.52
CA LYS E 97 7.53 -11.94 -28.87
C LYS E 97 6.95 -10.55 -29.18
N CYS E 98 7.34 -9.53 -28.42
CA CYS E 98 6.89 -8.18 -28.74
C CYS E 98 7.32 -7.78 -30.13
N ILE E 99 8.56 -8.07 -30.48
CA ILE E 99 9.05 -7.75 -31.81
C ILE E 99 8.23 -8.48 -32.86
N ASN E 100 7.94 -9.76 -32.63
CA ASN E 100 7.11 -10.50 -33.58
C ASN E 100 5.76 -9.82 -33.78
N ILE E 101 5.12 -9.45 -32.67
CA ILE E 101 3.79 -8.88 -32.74
C ILE E 101 3.82 -7.57 -33.51
N VAL E 102 4.82 -6.73 -33.25
CA VAL E 102 4.94 -5.44 -33.95
C VAL E 102 5.17 -5.66 -35.43
N ALA E 103 6.10 -6.55 -35.76
CA ALA E 103 6.39 -6.84 -37.16
C ALA E 103 5.16 -7.34 -37.90
N ASN E 104 4.36 -8.19 -37.25
CA ASN E 104 3.14 -8.67 -37.90
C ASN E 104 2.06 -7.57 -37.96
N LEU E 105 2.03 -6.68 -36.95
CA LEU E 105 1.14 -5.53 -37.05
C LEU E 105 1.45 -4.70 -38.28
N TRP E 106 2.72 -4.68 -38.67
CA TRP E 106 3.19 -3.98 -39.85
C TRP E 106 3.27 -4.89 -41.08
N ASN E 107 2.60 -6.05 -41.04
CA ASN E 107 2.43 -6.91 -42.21
C ASN E 107 3.76 -7.39 -42.80
N SER E 108 4.70 -7.73 -41.94
CA SER E 108 5.98 -8.25 -42.39
C SER E 108 5.78 -9.55 -43.18
N PRO E 109 6.40 -9.71 -44.34
CA PRO E 109 6.35 -10.98 -45.06
C PRO E 109 7.39 -12.00 -44.61
N GLU E 110 8.21 -11.66 -43.62
CA GLU E 110 9.24 -12.58 -43.15
C GLU E 110 8.62 -13.88 -42.67
N LYS E 111 9.15 -15.00 -43.16
CA LYS E 111 8.59 -16.30 -42.81
C LYS E 111 9.12 -16.85 -41.49
N ASP E 112 10.30 -16.42 -41.06
CA ASP E 112 10.85 -16.88 -39.78
C ASP E 112 9.91 -16.50 -38.63
N THR E 113 9.74 -17.42 -37.69
CA THR E 113 8.91 -17.12 -36.51
C THR E 113 9.50 -15.99 -35.68
N TRP E 114 10.81 -15.97 -35.51
CA TRP E 114 11.46 -14.92 -34.74
C TRP E 114 11.84 -13.81 -35.70
N LYS E 115 11.02 -12.76 -35.68
CA LYS E 115 11.15 -11.66 -36.62
C LYS E 115 12.43 -10.88 -36.38
N THR E 116 12.91 -10.25 -37.44
CA THR E 116 14.13 -9.45 -37.37
C THR E 116 13.75 -8.06 -36.87
N GLY E 117 14.10 -7.75 -35.62
CA GLY E 117 13.79 -6.46 -35.05
C GLY E 117 14.62 -6.25 -33.80
N ALA E 118 14.50 -5.06 -33.21
CA ALA E 118 15.29 -4.74 -32.03
C ALA E 118 14.52 -3.87 -31.07
N LEU E 119 14.78 -4.10 -29.79
CA LEU E 119 14.29 -3.23 -28.72
C LEU E 119 15.06 -1.92 -28.72
N ALA E 120 14.38 -0.83 -28.36
CA ALA E 120 15.03 0.47 -28.22
C ALA E 120 14.48 1.19 -27.00
N ILE E 121 15.20 2.25 -26.61
CA ILE E 121 14.74 3.16 -25.56
C ILE E 121 13.67 4.13 -26.10
N GLY E 122 13.66 4.34 -27.41
CA GLY E 122 12.67 5.20 -28.04
C GLY E 122 12.90 5.18 -29.54
N SER E 123 12.20 6.06 -30.24
CA SER E 123 12.40 6.17 -31.69
C SER E 123 13.78 6.69 -32.04
N SER E 124 14.45 7.40 -31.12
CA SER E 124 15.79 7.90 -31.40
C SER E 124 16.74 6.74 -31.71
N GLU E 125 16.88 5.80 -30.77
CA GLU E 125 17.74 4.66 -31.02
C GLU E 125 17.24 3.82 -32.19
N ALA E 126 15.92 3.62 -32.29
CA ALA E 126 15.39 2.81 -33.38
C ALA E 126 15.66 3.44 -34.75
N CYS E 127 15.47 4.76 -34.84
CA CYS E 127 15.75 5.50 -36.08
C CYS E 127 17.23 5.41 -36.44
N MET E 128 18.11 5.55 -35.45
CA MET E 128 19.54 5.47 -35.72
C MET E 128 19.93 4.08 -36.17
N LEU E 129 19.34 3.04 -35.57
CA LEU E 129 19.60 1.68 -36.02
C LEU E 129 19.11 1.49 -37.45
N GLY E 130 17.94 2.03 -37.77
CA GLY E 130 17.46 1.97 -39.14
C GLY E 130 18.39 2.68 -40.10
N GLY E 131 18.91 3.84 -39.69
CA GLY E 131 19.81 4.59 -40.57
C GLY E 131 21.17 3.93 -40.70
N VAL E 132 21.73 3.46 -39.59
CA VAL E 132 23.02 2.78 -39.67
C VAL E 132 22.92 1.55 -40.56
N ALA E 133 21.84 0.78 -40.43
CA ALA E 133 21.66 -0.36 -41.32
C ALA E 133 21.54 0.09 -42.77
N ALA E 134 20.78 1.16 -43.04
CA ALA E 134 20.71 1.67 -44.41
C ALA E 134 22.08 2.10 -44.90
N TRP E 135 22.85 2.75 -44.04
CA TRP E 135 24.17 3.23 -44.39
C TRP E 135 25.11 2.07 -44.72
N LEU E 136 25.06 1.02 -43.91
CA LEU E 136 25.93 -0.14 -44.11
C LEU E 136 25.51 -0.95 -45.33
N ARG E 137 24.22 -1.08 -45.59
CA ARG E 137 23.79 -1.77 -46.81
C ARG E 137 24.26 -1.01 -48.04
N TRP E 138 24.16 0.32 -48.00
CA TRP E 138 24.60 1.13 -49.13
C TRP E 138 26.11 1.05 -49.32
N ARG E 139 26.87 1.11 -48.22
CA ARG E 139 28.32 0.94 -48.31
C ARG E 139 28.68 -0.37 -48.99
N LYS E 140 28.05 -1.47 -48.56
CA LYS E 140 28.36 -2.79 -49.11
C LYS E 140 28.05 -2.87 -50.60
N LYS E 141 26.94 -2.27 -51.03
CA LYS E 141 26.57 -2.27 -52.45
C LYS E 141 27.60 -1.50 -53.28
N ARG E 142 27.93 -0.27 -52.85
CA ARG E 142 28.84 0.57 -53.62
C ARG E 142 30.22 -0.08 -53.70
N GLN E 143 30.66 -0.69 -52.60
CA GLN E 143 31.92 -1.43 -52.56
C GLN E 143 31.95 -2.54 -53.61
N ALA E 144 30.89 -3.34 -53.67
CA ALA E 144 30.83 -4.40 -54.68
C ALA E 144 30.77 -3.84 -56.09
N GLN E 145 30.23 -2.64 -56.26
CA GLN E 145 30.11 -2.02 -57.57
C GLN E 145 31.37 -1.27 -58.00
N GLY E 146 32.37 -1.16 -57.13
CA GLY E 146 33.53 -0.36 -57.46
C GLY E 146 33.31 1.14 -57.39
N LYS E 147 32.19 1.57 -56.80
CA LYS E 147 31.80 2.97 -56.70
C LYS E 147 32.20 3.54 -55.35
N PRO E 148 32.37 4.86 -55.24
CA PRO E 148 32.74 5.44 -53.94
C PRO E 148 31.61 5.36 -52.94
N PHE E 149 31.99 5.30 -51.66
CA PHE E 149 31.02 5.20 -50.57
C PHE E 149 31.43 6.04 -49.37
N ASP E 150 32.09 7.18 -49.62
CA ASP E 150 32.59 8.04 -48.56
C ASP E 150 31.74 9.31 -48.34
N LYS E 151 30.68 9.51 -49.12
CA LYS E 151 29.84 10.70 -49.01
C LYS E 151 28.35 10.35 -48.99
N PRO E 152 27.89 9.61 -47.98
CA PRO E 152 26.47 9.26 -47.92
C PRO E 152 25.57 10.46 -47.66
N ASN E 153 24.32 10.36 -48.12
CA ASN E 153 23.29 11.32 -47.76
C ASN E 153 21.96 10.59 -47.56
N PHE E 154 21.01 11.27 -46.92
CA PHE E 154 19.65 10.77 -46.86
C PHE E 154 18.68 11.92 -47.02
N VAL E 155 17.45 11.61 -47.42
CA VAL E 155 16.46 12.61 -47.78
C VAL E 155 15.28 12.53 -46.81
N ILE E 156 14.80 13.70 -46.37
CA ILE E 156 13.74 13.75 -45.38
C ILE E 156 13.04 15.10 -45.48
N SER E 157 11.80 15.15 -45.02
CA SER E 157 11.06 16.40 -44.94
C SER E 157 11.70 17.33 -43.92
N THR E 158 11.53 18.64 -44.14
CA THR E 158 11.89 19.61 -43.11
C THR E 158 11.12 19.42 -41.83
N GLY E 159 10.05 18.63 -41.85
CA GLY E 159 9.34 18.30 -40.64
C GLY E 159 9.96 17.17 -39.86
N PHE E 160 11.26 16.89 -40.10
CA PHE E 160 11.94 15.83 -39.38
C PHE E 160 11.99 16.10 -37.88
N GLN E 161 11.99 15.04 -37.10
CA GLN E 161 12.23 15.16 -35.67
C GLN E 161 13.74 15.11 -35.42
N VAL E 162 14.16 15.77 -34.35
CA VAL E 162 15.56 16.16 -34.15
C VAL E 162 16.52 14.97 -34.17
N VAL E 163 16.05 13.76 -33.90
CA VAL E 163 16.97 12.62 -33.85
C VAL E 163 17.63 12.39 -35.22
N TRP E 164 16.97 12.77 -36.31
CA TRP E 164 17.60 12.62 -37.61
C TRP E 164 18.72 13.63 -37.81
N GLU E 165 18.62 14.80 -37.18
CA GLU E 165 19.74 15.73 -37.14
C GLU E 165 20.90 15.17 -36.32
N LYS E 166 20.59 14.52 -35.19
CA LYS E 166 21.59 13.84 -34.39
C LYS E 166 22.30 12.78 -35.22
N PHE E 167 21.52 11.99 -35.95
CA PHE E 167 22.08 10.98 -36.85
C PHE E 167 23.03 11.63 -37.85
N ALA E 168 22.61 12.74 -38.45
CA ALA E 168 23.47 13.43 -39.40
C ALA E 168 24.75 13.91 -38.72
N GLN E 169 24.64 14.48 -37.52
CA GLN E 169 25.82 15.00 -36.84
C GLN E 169 26.72 13.88 -36.33
N LEU E 170 26.15 12.93 -35.60
CA LEU E 170 26.96 11.95 -34.89
C LEU E 170 27.60 10.93 -35.81
N TRP E 171 27.02 10.69 -36.99
CA TRP E 171 27.63 9.82 -37.98
C TRP E 171 28.22 10.58 -39.16
N GLN E 172 28.11 11.90 -39.18
CA GLN E 172 28.62 12.71 -40.28
C GLN E 172 28.05 12.25 -41.62
N ILE E 173 26.73 12.17 -41.68
CA ILE E 173 25.98 11.83 -42.90
C ILE E 173 25.15 13.03 -43.32
N GLU E 174 25.16 13.34 -44.61
CA GLU E 174 24.53 14.55 -45.10
C GLU E 174 23.01 14.41 -45.10
N MET E 175 22.32 15.31 -44.39
CA MET E 175 20.87 15.35 -44.41
C MET E 175 20.38 16.32 -45.48
N ARG E 176 19.54 15.83 -46.39
CA ARG E 176 18.96 16.64 -47.45
C ARG E 176 17.48 16.84 -47.16
N GLU E 177 17.04 18.09 -47.03
CA GLU E 177 15.72 18.42 -46.50
C GLU E 177 14.80 18.92 -47.61
N VAL E 178 13.60 18.37 -47.66
CA VAL E 178 12.56 18.76 -48.61
C VAL E 178 11.61 19.72 -47.91
N PRO E 179 11.46 20.96 -48.40
CA PRO E 179 10.71 21.97 -47.65
C PRO E 179 9.20 21.74 -47.66
N LEU E 180 8.54 22.28 -46.63
CA LEU E 180 7.09 22.25 -46.54
C LEU E 180 6.51 23.54 -47.11
N THR E 181 5.37 23.41 -47.80
CA THR E 181 4.58 24.56 -48.23
C THR E 181 3.11 24.26 -47.94
N LEU E 182 2.27 25.30 -47.95
CA LEU E 182 0.84 25.10 -47.81
C LEU E 182 0.29 24.22 -48.93
N GLU E 183 0.95 24.25 -50.08
CA GLU E 183 0.59 23.42 -51.21
C GLU E 183 1.00 21.96 -51.01
N LYS E 184 2.12 21.74 -50.31
CA LYS E 184 2.67 20.40 -50.08
C LYS E 184 2.95 20.30 -48.59
N THR E 185 1.89 20.01 -47.83
CA THR E 185 1.97 20.02 -46.37
C THR E 185 2.66 18.78 -45.81
N THR E 186 2.95 17.79 -46.64
CA THR E 186 3.73 16.62 -46.27
C THR E 186 4.76 16.37 -47.37
N LEU E 187 5.59 15.36 -47.15
CA LEU E 187 6.68 15.05 -48.06
C LEU E 187 6.17 14.72 -49.47
N ASP E 188 6.56 15.53 -50.45
CA ASP E 188 6.19 15.29 -51.84
C ASP E 188 7.22 14.37 -52.49
N PRO E 189 6.82 13.22 -53.06
CA PRO E 189 7.83 12.30 -53.59
C PRO E 189 8.68 12.89 -54.68
N GLU E 190 8.09 13.67 -55.60
CA GLU E 190 8.88 14.21 -56.71
C GLU E 190 9.99 15.14 -56.21
N GLU E 191 9.70 16.01 -55.23
CA GLU E 191 10.76 16.87 -54.71
C GLU E 191 11.81 16.05 -53.99
N ALA E 192 11.41 14.99 -53.29
CA ALA E 192 12.37 14.15 -52.61
C ALA E 192 13.30 13.47 -53.60
N LEU E 193 12.74 12.96 -54.70
CA LEU E 193 13.55 12.27 -55.69
C LEU E 193 14.56 13.20 -56.36
N LYS E 194 14.25 14.49 -56.48
CA LYS E 194 15.23 15.43 -57.01
C LYS E 194 16.47 15.56 -56.14
N MET E 195 16.37 15.26 -54.85
CA MET E 195 17.51 15.32 -53.95
C MET E 195 18.23 13.99 -53.78
N CYS E 196 17.78 12.95 -54.48
CA CYS E 196 18.44 11.65 -54.43
C CYS E 196 19.53 11.57 -55.49
N ASP E 197 20.60 10.85 -55.17
CA ASP E 197 21.66 10.54 -56.13
C ASP E 197 22.27 9.20 -55.76
N GLU E 198 23.40 8.86 -56.36
CA GLU E 198 24.04 7.58 -56.11
C GLU E 198 24.52 7.44 -54.67
N ASN E 199 24.56 8.53 -53.90
CA ASN E 199 25.06 8.50 -52.53
C ASN E 199 23.96 8.52 -51.49
N THR E 200 22.70 8.47 -51.90
CA THR E 200 21.58 8.49 -50.97
C THR E 200 21.38 7.10 -50.39
N ILE E 201 21.39 7.00 -49.05
CA ILE E 201 21.26 5.70 -48.38
C ILE E 201 19.82 5.31 -48.08
N CYS E 202 18.90 6.27 -48.02
CA CYS E 202 17.48 5.97 -47.81
C CYS E 202 16.72 7.28 -47.89
N VAL E 203 15.40 7.16 -48.07
CA VAL E 203 14.45 8.25 -47.89
C VAL E 203 13.62 7.92 -46.66
N VAL E 204 13.31 8.94 -45.87
CA VAL E 204 12.64 8.76 -44.58
C VAL E 204 11.31 9.48 -44.56
N PRO E 205 10.22 8.83 -44.96
CA PRO E 205 8.89 9.39 -44.71
C PRO E 205 8.50 9.18 -43.25
N ILE E 206 7.62 10.05 -42.77
CA ILE E 206 7.27 10.12 -41.35
C ILE E 206 5.78 9.89 -41.21
N GLN E 207 5.39 8.96 -40.34
CA GLN E 207 3.98 8.76 -40.01
C GLN E 207 3.76 9.39 -38.64
N GLY E 208 3.16 10.59 -38.65
CA GLY E 208 2.97 11.36 -37.44
C GLY E 208 4.02 12.44 -37.30
N VAL E 209 4.09 13.34 -38.28
CA VAL E 209 5.06 14.42 -38.22
C VAL E 209 4.79 15.25 -36.98
N THR E 210 5.82 15.43 -36.14
CA THR E 210 5.61 16.13 -34.88
C THR E 210 5.12 17.55 -35.10
N TRP E 211 5.64 18.22 -36.14
CA TRP E 211 5.27 19.61 -36.34
C TRP E 211 3.81 19.78 -36.73
N THR E 212 3.25 18.83 -37.48
CA THR E 212 1.97 19.01 -38.13
C THR E 212 0.91 17.99 -37.76
N GLY E 213 1.30 16.83 -37.21
CA GLY E 213 0.37 15.75 -36.95
C GLY E 213 0.01 14.90 -38.16
N LEU E 214 0.60 15.16 -39.33
CA LEU E 214 0.21 14.49 -40.56
C LEU E 214 1.09 13.28 -40.86
N ASN E 215 0.72 12.57 -41.92
CA ASN E 215 1.48 11.41 -42.40
C ASN E 215 1.98 11.72 -43.80
N ASP E 216 3.29 11.56 -44.01
CA ASP E 216 3.81 11.51 -45.37
C ASP E 216 3.19 10.33 -46.11
N ASP E 217 2.96 10.50 -47.41
CA ASP E 217 2.34 9.44 -48.20
C ASP E 217 3.44 8.46 -48.59
N VAL E 218 3.55 7.36 -47.82
CA VAL E 218 4.60 6.39 -48.07
C VAL E 218 4.34 5.63 -49.36
N GLU E 219 3.07 5.27 -49.63
CA GLU E 219 2.76 4.52 -50.84
C GLU E 219 3.11 5.32 -52.09
N ALA E 220 2.82 6.62 -52.08
CA ALA E 220 3.20 7.48 -53.19
C ALA E 220 4.72 7.59 -53.31
N LEU E 221 5.42 7.66 -52.17
CA LEU E 221 6.87 7.63 -52.19
C LEU E 221 7.39 6.31 -52.76
N ASP E 222 6.80 5.20 -52.34
CA ASP E 222 7.24 3.88 -52.83
C ASP E 222 7.12 3.79 -54.34
N LYS E 223 5.98 4.24 -54.89
CA LYS E 223 5.78 4.20 -56.33
C LYS E 223 6.80 5.06 -57.05
N ALA E 224 6.99 6.29 -56.59
CA ALA E 224 7.95 7.18 -57.24
C ALA E 224 9.36 6.61 -57.15
N LEU E 225 9.69 6.02 -55.99
CA LEU E 225 11.01 5.44 -55.79
C LEU E 225 11.23 4.22 -56.67
N ASP E 226 10.19 3.42 -56.89
CA ASP E 226 10.32 2.26 -57.75
C ASP E 226 10.71 2.66 -59.16
N ALA E 227 10.06 3.70 -59.69
CA ALA E 227 10.40 4.18 -61.02
C ALA E 227 11.84 4.73 -61.06
N TYR E 228 12.23 5.46 -60.03
CA TYR E 228 13.57 6.05 -60.00
C TYR E 228 14.65 4.99 -59.94
N ASN E 229 14.48 3.98 -59.08
CA ASN E 229 15.48 2.93 -58.94
C ASN E 229 15.60 2.10 -60.21
N ALA E 230 14.48 1.86 -60.90
CA ALA E 230 14.52 1.12 -62.15
C ALA E 230 15.32 1.87 -63.20
N LYS E 231 15.28 3.19 -63.15
CA LYS E 231 16.01 4.04 -64.10
C LYS E 231 17.49 4.14 -63.76
N THR E 232 17.81 4.26 -62.48
CA THR E 232 19.18 4.53 -62.06
C THR E 232 19.93 3.31 -61.57
N GLY E 233 19.22 2.29 -61.08
CA GLY E 233 19.87 1.18 -60.42
C GLY E 233 20.45 1.50 -59.05
N TYR E 234 20.13 2.67 -58.50
CA TYR E 234 20.69 3.05 -57.21
C TYR E 234 20.12 2.25 -56.04
N ASP E 235 18.92 1.68 -56.18
CA ASP E 235 18.39 0.77 -55.18
C ASP E 235 18.17 1.48 -53.84
N ILE E 236 17.65 2.70 -53.89
CA ILE E 236 17.46 3.51 -52.68
C ILE E 236 16.25 2.98 -51.92
N PRO E 237 16.36 2.68 -50.61
CA PRO E 237 15.24 2.11 -49.88
C PRO E 237 14.45 3.13 -49.08
N ILE E 238 13.37 2.68 -48.44
CA ILE E 238 12.59 3.48 -47.50
C ILE E 238 12.86 2.98 -46.09
N HIS E 239 13.04 3.91 -45.15
CA HIS E 239 12.87 3.63 -43.73
C HIS E 239 11.76 4.54 -43.23
N VAL E 240 10.71 3.96 -42.67
CA VAL E 240 9.59 4.74 -42.18
C VAL E 240 9.84 5.11 -40.71
N ASP E 241 9.95 6.41 -40.45
CA ASP E 241 9.88 6.94 -39.09
C ASP E 241 8.40 7.03 -38.74
N ALA E 242 7.90 5.99 -38.07
CA ALA E 242 6.49 5.89 -37.69
C ALA E 242 6.30 6.02 -36.17
N ALA E 243 7.09 6.91 -35.55
CA ALA E 243 7.11 7.04 -34.10
C ALA E 243 5.72 7.02 -33.46
N SER E 244 4.80 7.87 -33.96
CA SER E 244 3.42 7.85 -33.50
C SER E 244 2.54 6.94 -34.35
N GLY E 245 2.54 7.14 -35.67
CA GLY E 245 1.60 6.47 -36.55
C GLY E 245 1.74 4.97 -36.56
N GLY E 246 2.90 4.45 -36.16
CA GLY E 246 3.16 3.01 -36.17
C GLY E 246 2.22 2.21 -35.29
N PHE E 247 1.62 2.85 -34.27
CA PHE E 247 0.62 2.23 -33.41
C PHE E 247 -0.76 2.83 -33.58
N ILE E 248 -0.97 3.66 -34.61
CA ILE E 248 -2.30 4.17 -34.97
C ILE E 248 -2.80 3.49 -36.23
N LEU E 249 -1.99 3.52 -37.30
CA LEU E 249 -2.44 3.06 -38.60
C LEU E 249 -2.89 1.60 -38.64
N PRO E 250 -2.22 0.64 -37.98
CA PRO E 250 -2.70 -0.75 -38.08
C PRO E 250 -4.10 -0.95 -37.51
N PHE E 251 -4.48 -0.14 -36.52
CA PHE E 251 -5.77 -0.31 -35.85
C PHE E 251 -6.87 0.55 -36.47
N LEU E 252 -6.57 1.81 -36.80
CA LEU E 252 -7.60 2.70 -37.32
C LEU E 252 -7.60 2.84 -38.83
N TYR E 253 -6.48 2.57 -39.51
CA TYR E 253 -6.39 2.67 -40.96
C TYR E 253 -5.72 1.42 -41.52
N PRO E 254 -6.30 0.24 -41.30
CA PRO E 254 -5.62 -1.01 -41.67
C PRO E 254 -5.32 -1.12 -43.14
N ASP E 255 -6.15 -0.48 -43.97
CA ASP E 255 -6.04 -0.61 -45.44
C ASP E 255 -5.03 0.39 -46.04
N THR E 256 -4.59 1.36 -45.26
CA THR E 256 -3.55 2.24 -45.77
C THR E 256 -2.25 1.45 -45.93
N LYS E 257 -1.76 1.36 -47.16
CA LYS E 257 -0.56 0.58 -47.45
C LYS E 257 0.65 1.48 -47.20
N TRP E 258 1.22 1.36 -46.00
CA TRP E 258 2.34 2.19 -45.58
C TRP E 258 3.51 1.37 -45.07
N ASP E 259 3.34 0.06 -44.86
CA ASP E 259 4.30 -0.72 -44.09
C ASP E 259 5.04 -1.71 -44.98
N PHE E 260 5.36 -2.90 -44.44
CA PHE E 260 6.13 -3.91 -45.17
C PHE E 260 5.36 -4.50 -46.36
N ARG E 261 4.09 -4.14 -46.53
CA ARG E 261 3.41 -4.45 -47.77
C ARG E 261 4.04 -3.74 -48.96
N LEU E 262 4.77 -2.65 -48.74
CA LEU E 262 5.35 -1.87 -49.82
C LEU E 262 6.72 -2.42 -50.19
N LYS E 263 7.02 -2.35 -51.49
CA LYS E 263 8.20 -2.99 -52.04
C LYS E 263 9.47 -2.46 -51.40
N TRP E 264 9.59 -1.14 -51.27
CA TRP E 264 10.84 -0.52 -50.87
C TRP E 264 10.94 -0.19 -49.40
N VAL E 265 9.92 -0.52 -48.59
CA VAL E 265 9.96 -0.30 -47.14
C VAL E 265 10.72 -1.47 -46.53
N LEU E 266 12.00 -1.26 -46.25
CA LEU E 266 12.84 -2.31 -45.70
C LEU E 266 12.97 -2.27 -44.19
N SER E 267 12.66 -1.14 -43.55
CA SER E 267 12.64 -1.08 -42.10
C SER E 267 11.67 0.01 -41.67
N ILE E 268 11.15 -0.16 -40.45
CA ILE E 268 10.18 0.77 -39.84
C ILE E 268 10.54 0.91 -38.38
N SER E 269 10.44 2.12 -37.84
CA SER E 269 10.68 2.35 -36.43
C SER E 269 9.45 3.02 -35.81
N VAL E 270 9.31 2.85 -34.49
CA VAL E 270 8.16 3.36 -33.75
C VAL E 270 8.59 3.61 -32.32
N SER E 271 7.87 4.52 -31.66
CA SER E 271 8.00 4.75 -30.22
C SER E 271 6.90 3.98 -29.50
N GLY E 272 7.29 2.90 -28.82
CA GLY E 272 6.37 2.18 -27.98
C GLY E 272 5.85 3.02 -26.83
N HIS E 273 6.63 4.00 -26.39
CA HIS E 273 6.17 4.85 -25.30
C HIS E 273 5.33 6.04 -25.77
N LYS E 274 4.95 6.08 -27.04
CA LYS E 274 4.03 7.13 -27.45
C LYS E 274 2.62 6.58 -27.53
N PHE E 275 2.26 6.01 -28.68
CA PHE E 275 0.95 5.39 -28.83
C PHE E 275 1.00 3.87 -28.75
N GLY E 276 2.17 3.29 -28.49
CA GLY E 276 2.21 1.91 -28.00
C GLY E 276 1.69 1.77 -26.59
N LEU E 277 1.47 2.89 -25.90
CA LEU E 277 0.75 3.01 -24.64
C LEU E 277 1.59 2.54 -23.45
N VAL E 278 2.92 2.62 -23.54
CA VAL E 278 3.83 2.22 -22.45
C VAL E 278 4.55 3.45 -21.91
N TYR E 279 4.79 3.47 -20.60
CA TYR E 279 5.51 4.58 -19.97
C TYR E 279 6.90 4.79 -20.60
N PRO E 280 7.52 6.02 -20.39
CA PRO E 280 8.80 6.34 -21.03
C PRO E 280 9.87 5.25 -21.01
N GLY E 281 10.54 5.05 -22.15
CA GLY E 281 11.63 4.10 -22.23
C GLY E 281 11.46 2.97 -23.23
N LEU E 282 10.66 3.15 -24.27
CA LEU E 282 10.42 2.04 -25.20
C LEU E 282 10.35 2.50 -26.65
N GLY E 283 11.15 1.84 -27.50
CA GLY E 283 11.00 1.97 -28.94
C GLY E 283 11.23 0.62 -29.59
N TRP E 284 10.81 0.51 -30.85
CA TRP E 284 11.01 -0.71 -31.63
C TRP E 284 11.44 -0.36 -33.04
N VAL E 285 12.33 -1.17 -33.61
CA VAL E 285 12.68 -1.13 -35.02
C VAL E 285 12.58 -2.54 -35.58
N CYS E 286 11.92 -2.67 -36.73
CA CYS E 286 11.85 -3.94 -37.43
C CYS E 286 12.42 -3.79 -38.83
N TRP E 287 12.99 -4.88 -39.33
CA TRP E 287 13.41 -4.97 -40.71
C TRP E 287 12.48 -5.92 -41.46
N LYS E 288 12.35 -5.69 -42.77
CA LYS E 288 11.47 -6.50 -43.59
C LYS E 288 11.94 -7.94 -43.68
N GLY E 289 13.22 -8.19 -43.45
CA GLY E 289 13.75 -9.54 -43.43
C GLY E 289 15.13 -9.53 -42.85
N LYS E 290 15.64 -10.74 -42.54
CA LYS E 290 16.97 -10.87 -41.97
C LYS E 290 18.04 -10.30 -42.88
N GLU E 291 17.84 -10.38 -44.20
CA GLU E 291 18.86 -9.92 -45.13
C GLU E 291 19.01 -8.40 -45.15
N TYR E 292 18.13 -7.65 -44.49
CA TYR E 292 18.24 -6.19 -44.47
C TYR E 292 18.88 -5.65 -43.19
N LEU E 293 19.25 -6.53 -42.26
CA LEU E 293 20.02 -6.18 -41.07
C LEU E 293 21.44 -6.71 -41.26
N PRO E 294 22.41 -5.86 -41.55
CA PRO E 294 23.77 -6.36 -41.80
C PRO E 294 24.31 -7.13 -40.60
N GLU E 295 25.03 -8.23 -40.87
CA GLU E 295 25.67 -8.98 -39.80
C GLU E 295 26.74 -8.16 -39.11
N GLU E 296 27.31 -7.17 -39.81
CA GLU E 296 28.29 -6.29 -39.18
C GLU E 296 27.71 -5.59 -37.97
N MET E 297 26.40 -5.33 -37.99
CA MET E 297 25.73 -4.62 -36.91
C MET E 297 25.28 -5.52 -35.80
N SER E 298 25.16 -6.82 -36.08
CA SER E 298 24.22 -7.64 -35.36
C SER E 298 24.74 -9.06 -35.27
N PHE E 299 24.20 -9.76 -34.29
CA PHE E 299 24.31 -11.21 -34.19
C PHE E 299 23.05 -11.63 -33.46
N SER E 300 22.83 -12.93 -33.38
CA SER E 300 21.66 -13.44 -32.69
C SER E 300 22.09 -14.57 -31.76
N VAL E 301 21.38 -14.69 -30.66
CA VAL E 301 21.64 -15.70 -29.65
C VAL E 301 20.33 -16.44 -29.41
N ASN E 302 20.42 -17.75 -29.19
CA ASN E 302 19.25 -18.56 -28.90
C ASN E 302 19.05 -18.59 -27.40
N TYR E 303 17.89 -18.13 -26.94
CA TYR E 303 17.48 -18.22 -25.53
C TYR E 303 16.18 -19.01 -25.46
N LEU E 304 16.27 -20.22 -24.89
CA LEU E 304 15.11 -21.11 -24.71
C LEU E 304 14.40 -21.42 -26.02
N GLY E 305 15.18 -21.53 -27.11
CA GLY E 305 14.63 -21.83 -28.40
C GLY E 305 14.21 -20.62 -29.23
N ALA E 306 14.33 -19.42 -28.68
CA ALA E 306 13.96 -18.18 -29.37
C ALA E 306 15.20 -17.52 -29.96
N ASN E 307 15.08 -17.04 -31.19
CA ASN E 307 16.17 -16.38 -31.90
C ASN E 307 16.05 -14.87 -31.68
N ILE E 308 16.86 -14.34 -30.78
CA ILE E 308 16.79 -12.94 -30.38
C ILE E 308 17.99 -12.22 -30.98
N THR E 309 17.74 -11.29 -31.91
CA THR E 309 18.83 -10.56 -32.53
C THR E 309 19.42 -9.56 -31.53
N GLN E 310 20.75 -9.48 -31.50
CA GLN E 310 21.48 -8.61 -30.57
C GLN E 310 21.99 -7.41 -31.37
N VAL E 311 21.19 -6.35 -31.35
CA VAL E 311 21.58 -5.08 -31.99
C VAL E 311 21.06 -3.96 -31.10
N GLY E 312 21.84 -2.91 -30.92
CA GLY E 312 21.42 -1.78 -30.13
C GLY E 312 22.52 -0.77 -29.89
N LEU E 313 22.12 0.47 -29.58
CA LEU E 313 23.07 1.47 -29.12
C LEU E 313 23.24 1.40 -27.60
N ASN E 314 22.17 1.12 -26.86
CA ASN E 314 22.27 0.95 -25.42
C ASN E 314 22.65 -0.50 -25.08
N PHE E 315 23.03 -0.73 -23.82
CA PHE E 315 23.33 -2.08 -23.35
C PHE E 315 22.46 -2.33 -22.12
N SER E 316 22.98 -2.17 -20.90
CA SER E 316 22.14 -2.29 -19.71
C SER E 316 21.02 -1.24 -19.75
N ARG E 317 19.82 -1.63 -19.34
CA ARG E 317 18.66 -0.75 -19.39
C ARG E 317 17.52 -1.41 -18.61
N PRO E 318 16.51 -0.63 -18.21
CA PRO E 318 15.35 -1.23 -17.54
C PRO E 318 14.64 -2.22 -18.45
N ALA E 319 14.18 -3.32 -17.86
CA ALA E 319 13.34 -4.25 -18.60
C ALA E 319 11.86 -3.97 -18.43
N ALA E 320 11.46 -3.10 -17.50
CA ALA E 320 10.04 -2.93 -17.19
C ALA E 320 9.21 -2.63 -18.42
N GLN E 321 9.74 -1.82 -19.35
CA GLN E 321 8.95 -1.40 -20.51
C GLN E 321 8.60 -2.58 -21.42
N ILE E 322 9.41 -3.65 -21.39
CA ILE E 322 9.06 -4.84 -22.15
C ILE E 322 7.85 -5.54 -21.56
N LEU E 323 7.84 -5.73 -20.24
CA LEU E 323 6.66 -6.30 -19.60
C LEU E 323 5.44 -5.41 -19.84
N GLY E 324 5.64 -4.09 -19.82
CA GLY E 324 4.52 -3.18 -20.05
C GLY E 324 3.93 -3.35 -21.45
N GLN E 325 4.78 -3.45 -22.46
CA GLN E 325 4.31 -3.63 -23.83
C GLN E 325 3.56 -4.95 -23.98
N TYR E 326 4.13 -6.04 -23.46
CA TYR E 326 3.48 -7.35 -23.54
C TYR E 326 2.17 -7.36 -22.75
N TYR E 327 2.15 -6.70 -21.59
CA TYR E 327 0.89 -6.58 -20.85
C TYR E 327 -0.17 -5.91 -21.71
N GLN E 328 0.16 -4.77 -22.33
CA GLN E 328 -0.83 -4.05 -23.14
C GLN E 328 -1.32 -4.91 -24.30
N PHE E 329 -0.42 -5.63 -24.96
CA PHE E 329 -0.83 -6.49 -26.08
C PHE E 329 -1.84 -7.55 -25.64
N ILE E 330 -1.64 -8.14 -24.46
CA ILE E 330 -2.54 -9.19 -23.97
C ILE E 330 -3.79 -8.56 -23.36
N ARG E 331 -3.62 -7.51 -22.56
CA ARG E 331 -4.74 -6.90 -21.84
C ARG E 331 -5.75 -6.28 -22.80
N LEU E 332 -5.28 -5.62 -23.85
CA LEU E 332 -6.14 -4.93 -24.82
C LEU E 332 -6.42 -5.76 -26.07
N GLY E 333 -5.40 -6.46 -26.62
CA GLY E 333 -5.58 -7.09 -27.90
C GLY E 333 -5.79 -6.05 -29.00
N PHE E 334 -6.08 -6.57 -30.20
CA PHE E 334 -6.34 -5.68 -31.33
C PHE E 334 -7.56 -4.80 -31.05
N GLN E 335 -8.65 -5.40 -30.56
CA GLN E 335 -9.86 -4.62 -30.28
C GLN E 335 -9.58 -3.52 -29.27
N GLY E 336 -8.85 -3.86 -28.19
CA GLY E 336 -8.62 -2.90 -27.13
C GLY E 336 -7.78 -1.72 -27.59
N TYR E 337 -6.71 -1.98 -28.33
CA TYR E 337 -5.93 -0.91 -28.93
C TYR E 337 -6.80 -0.03 -29.84
N LYS E 338 -7.66 -0.65 -30.64
CA LYS E 338 -8.50 0.11 -31.57
C LYS E 338 -9.43 1.05 -30.81
N GLU E 339 -10.00 0.57 -29.71
CA GLU E 339 -10.92 1.39 -28.95
C GLU E 339 -10.19 2.55 -28.26
N VAL E 340 -8.99 2.29 -27.76
CA VAL E 340 -8.24 3.35 -27.08
C VAL E 340 -7.77 4.39 -28.07
N GLN E 341 -7.19 3.96 -29.21
CA GLN E 341 -6.79 4.91 -30.24
C GLN E 341 -7.99 5.61 -30.85
N TYR E 342 -9.13 4.91 -30.98
CA TYR E 342 -10.37 5.56 -31.42
C TYR E 342 -10.73 6.71 -30.49
N ASN E 343 -10.68 6.46 -29.18
CA ASN E 343 -11.00 7.52 -28.22
C ASN E 343 -10.06 8.70 -28.38
N SER E 344 -8.75 8.43 -28.43
CA SER E 344 -7.79 9.52 -28.54
C SER E 344 -7.99 10.32 -29.82
N LEU E 345 -8.26 9.63 -30.94
CA LEU E 345 -8.46 10.33 -32.20
C LEU E 345 -9.76 11.12 -32.18
N GLN E 346 -10.83 10.54 -31.62
CA GLN E 346 -12.11 11.24 -31.55
C GLN E 346 -12.01 12.52 -30.72
N ILE E 347 -11.31 12.46 -29.59
CA ILE E 347 -11.16 13.64 -28.76
C ILE E 347 -10.30 14.69 -29.48
N ALA E 348 -9.26 14.25 -30.21
CA ALA E 348 -8.48 15.20 -31.02
C ALA E 348 -9.34 15.83 -32.10
N LYS E 349 -10.15 15.02 -32.79
CA LYS E 349 -11.07 15.53 -33.79
C LYS E 349 -12.06 16.51 -33.17
N TYR E 350 -12.53 16.23 -31.95
CA TYR E 350 -13.46 17.10 -31.26
C TYR E 350 -12.83 18.46 -30.97
N ILE E 351 -11.65 18.46 -30.35
CA ILE E 351 -10.99 19.73 -30.05
C ILE E 351 -10.71 20.49 -31.33
N HIS E 352 -10.32 19.76 -32.38
CA HIS E 352 -10.10 20.33 -33.70
C HIS E 352 -11.34 21.08 -34.21
N GLY E 353 -12.51 20.45 -34.08
CA GLY E 353 -13.74 21.11 -34.53
C GLY E 353 -14.12 22.31 -33.69
N GLU E 354 -13.89 22.23 -32.38
CA GLU E 354 -14.22 23.36 -31.52
C GLU E 354 -13.24 24.50 -31.72
N ILE E 355 -11.97 24.18 -31.95
CA ILE E 355 -11.01 25.22 -32.30
C ILE E 355 -11.44 25.96 -33.56
N ALA E 356 -11.98 25.22 -34.54
CA ALA E 356 -12.37 25.86 -35.79
C ALA E 356 -13.52 26.85 -35.60
N LYS E 357 -14.37 26.64 -34.59
CA LYS E 357 -15.50 27.54 -34.38
C LYS E 357 -15.09 28.86 -33.74
N MET E 358 -13.89 28.94 -33.16
CA MET E 358 -13.48 30.16 -32.49
C MET E 358 -12.98 31.20 -33.48
N ALA E 359 -13.39 32.45 -33.27
CA ALA E 359 -13.07 33.51 -34.21
C ALA E 359 -11.58 33.67 -34.51
N PRO E 360 -10.66 33.59 -33.54
CA PRO E 360 -9.25 33.87 -33.86
C PRO E 360 -8.53 32.76 -34.64
N PHE E 361 -9.06 31.54 -34.73
CA PHE E 361 -8.26 30.38 -35.08
C PHE E 361 -8.65 29.76 -36.42
N VAL E 362 -7.67 29.14 -37.08
CA VAL E 362 -7.91 28.32 -38.26
C VAL E 362 -6.97 27.10 -38.21
N ASN E 363 -7.51 25.94 -38.56
CA ASN E 363 -6.76 24.69 -38.48
C ASN E 363 -5.85 24.52 -39.70
N TYR E 364 -4.68 23.93 -39.47
CA TYR E 364 -3.72 23.68 -40.54
C TYR E 364 -4.22 22.66 -41.55
N SER E 365 -4.98 21.66 -41.11
CA SER E 365 -5.51 20.62 -41.97
C SER E 365 -6.93 20.30 -41.55
N GLU E 366 -7.76 19.90 -42.50
CA GLU E 366 -9.10 19.41 -42.17
C GLU E 366 -9.12 17.93 -41.83
N ASN E 367 -8.00 17.23 -42.06
CA ASN E 367 -7.94 15.79 -41.93
C ASN E 367 -7.08 15.49 -40.72
N VAL E 368 -7.66 14.80 -39.74
CA VAL E 368 -6.97 14.45 -38.49
C VAL E 368 -6.78 12.93 -38.52
N VAL E 369 -5.55 12.51 -38.76
CA VAL E 369 -5.24 11.06 -38.93
C VAL E 369 -4.48 10.53 -37.71
N ASN E 370 -3.91 11.41 -36.89
CA ASN E 370 -3.23 11.04 -35.66
C ASN E 370 -3.87 11.86 -34.56
N PRO E 371 -3.83 11.38 -33.31
CA PRO E 371 -4.52 12.09 -32.22
C PRO E 371 -3.82 13.37 -31.83
N LEU E 372 -3.63 14.25 -32.80
CA LEU E 372 -3.04 15.57 -32.57
C LEU E 372 -3.30 16.41 -33.81
N PHE E 373 -3.16 17.73 -33.64
CA PHE E 373 -3.40 18.65 -34.73
C PHE E 373 -2.82 19.99 -34.30
N ILE E 374 -2.67 20.87 -35.29
CA ILE E 374 -2.14 22.20 -35.06
C ILE E 374 -3.09 23.22 -35.68
N TRP E 375 -3.13 24.39 -35.08
CA TRP E 375 -3.90 25.51 -35.59
C TRP E 375 -3.05 26.75 -35.47
N TYR E 376 -3.48 27.82 -36.14
CA TYR E 376 -2.82 29.11 -36.07
C TYR E 376 -3.89 30.19 -36.11
N LEU E 377 -3.45 31.43 -35.93
CA LEU E 377 -4.38 32.55 -35.96
C LEU E 377 -4.83 32.81 -37.39
N LYS E 378 -6.11 33.13 -37.54
CA LYS E 378 -6.61 33.55 -38.84
C LYS E 378 -5.81 34.76 -39.31
N PRO E 379 -5.33 34.77 -40.55
CA PRO E 379 -4.48 35.89 -41.01
C PRO E 379 -5.10 37.26 -40.85
N GLU E 380 -6.39 37.44 -41.16
CA GLU E 380 -7.03 38.74 -40.98
C GLU E 380 -7.14 39.10 -39.51
N TYR E 381 -7.41 38.10 -38.65
CA TYR E 381 -7.47 38.33 -37.22
C TYR E 381 -6.10 38.70 -36.65
N ALA E 382 -5.05 38.02 -37.12
CA ALA E 382 -3.71 38.21 -36.55
C ALA E 382 -3.20 39.64 -36.74
N LYS E 383 -3.50 40.25 -37.89
CA LYS E 383 -2.92 41.56 -38.20
C LYS E 383 -3.36 42.63 -37.20
N SER E 384 -4.61 42.58 -36.75
CA SER E 384 -5.11 43.61 -35.85
C SER E 384 -5.12 43.18 -34.39
N ALA E 385 -4.75 41.93 -34.10
CA ALA E 385 -4.69 41.45 -32.73
C ALA E 385 -3.44 41.98 -32.03
N LYS E 386 -3.56 42.18 -30.71
CA LYS E 386 -2.44 42.61 -29.88
C LYS E 386 -1.62 41.45 -29.31
N TRP E 387 -2.03 40.20 -29.54
CA TRP E 387 -1.43 39.04 -28.90
C TRP E 387 -1.07 37.99 -29.94
N THR E 388 -0.23 37.03 -29.54
CA THR E 388 0.15 35.90 -30.39
C THR E 388 -0.14 34.60 -29.64
N LEU E 389 0.08 33.48 -30.34
CA LEU E 389 -0.13 32.17 -29.72
C LEU E 389 0.83 31.93 -28.56
N TYR E 390 1.98 32.60 -28.54
CA TYR E 390 2.85 32.49 -27.37
C TYR E 390 2.17 33.06 -26.13
N ASP E 391 1.42 34.17 -26.30
CA ASP E 391 0.68 34.75 -25.17
C ASP E 391 -0.39 33.79 -24.67
N LEU E 392 -1.08 33.10 -25.60
CA LEU E 392 -2.06 32.10 -25.22
C LEU E 392 -1.40 30.92 -24.51
N GLN E 393 -0.21 30.53 -24.96
CA GLN E 393 0.51 29.49 -24.26
C GLN E 393 0.79 29.90 -22.82
N ASP E 394 1.25 31.12 -22.62
CA ASP E 394 1.55 31.58 -21.27
C ASP E 394 0.30 31.62 -20.41
N LYS E 395 -0.81 32.13 -20.96
CA LYS E 395 -2.06 32.18 -20.19
C LYS E 395 -2.49 30.80 -19.75
N LEU E 396 -2.43 29.81 -20.64
CA LEU E 396 -2.85 28.46 -20.28
C LEU E 396 -1.94 27.83 -19.23
N SER E 397 -0.65 28.16 -19.28
CA SER E 397 0.29 27.69 -18.26
C SER E 397 -0.11 28.14 -16.87
N GLN E 398 -0.83 29.28 -16.77
CA GLN E 398 -1.28 29.75 -15.48
C GLN E 398 -2.32 28.82 -14.85
N HIS E 399 -3.00 28.00 -15.66
CA HIS E 399 -3.90 26.98 -15.16
C HIS E 399 -3.28 25.59 -15.20
N GLY E 400 -1.96 25.50 -15.42
CA GLY E 400 -1.23 24.26 -15.35
C GLY E 400 -1.01 23.53 -16.65
N TRP E 401 -1.61 23.97 -17.74
CA TRP E 401 -1.44 23.30 -19.02
C TRP E 401 -0.09 23.63 -19.63
N MET E 402 0.40 22.71 -20.44
CA MET E 402 1.45 23.02 -21.40
C MET E 402 0.87 22.79 -22.78
N VAL E 403 0.60 23.88 -23.49
CA VAL E 403 0.10 23.80 -24.87
C VAL E 403 1.08 24.57 -25.73
N PRO E 404 1.94 23.90 -26.51
CA PRO E 404 3.09 24.59 -27.12
C PRO E 404 2.75 25.39 -28.36
N ALA E 405 3.38 26.55 -28.46
CA ALA E 405 3.39 27.37 -29.68
C ALA E 405 4.80 27.42 -30.25
N TYR E 406 4.90 27.37 -31.58
CA TYR E 406 6.18 27.31 -32.27
C TYR E 406 6.00 27.64 -33.74
N THR E 407 7.11 28.01 -34.40
CA THR E 407 7.09 28.26 -35.84
C THR E 407 7.32 26.96 -36.60
N LEU E 408 6.63 26.82 -37.74
CA LEU E 408 6.74 25.60 -38.52
C LEU E 408 8.06 25.57 -39.27
N PRO E 409 8.47 24.38 -39.77
CA PRO E 409 9.76 24.28 -40.49
C PRO E 409 9.79 24.99 -41.85
N SER E 410 10.96 24.91 -42.49
CA SER E 410 11.35 25.75 -43.61
C SER E 410 10.23 25.92 -44.63
N LYS E 411 10.06 27.17 -45.06
CA LYS E 411 9.12 27.77 -45.99
C LYS E 411 7.77 28.02 -45.34
N LEU E 412 7.53 27.52 -44.12
CA LEU E 412 6.38 27.90 -43.32
C LEU E 412 6.83 28.56 -42.01
N GLU E 413 8.08 29.01 -41.95
CA GLU E 413 8.65 29.51 -40.71
C GLU E 413 7.96 30.79 -40.23
N ASP E 414 7.17 31.44 -41.09
CA ASP E 414 6.39 32.60 -40.67
C ASP E 414 5.12 32.21 -39.93
N TYR E 415 4.77 30.92 -39.90
CA TYR E 415 3.54 30.46 -39.27
C TYR E 415 3.82 30.12 -37.82
N VAL E 416 3.25 30.88 -36.91
CA VAL E 416 3.22 30.51 -35.50
C VAL E 416 1.99 29.64 -35.31
N VAL E 417 2.19 28.41 -34.85
CA VAL E 417 1.12 27.45 -34.65
C VAL E 417 1.14 26.98 -33.21
N MET E 418 0.04 26.35 -32.81
CA MET E 418 -0.09 25.71 -31.51
C MET E 418 -0.54 24.28 -31.73
N ARG E 419 -0.01 23.36 -30.92
CA ARG E 419 -0.26 21.93 -31.09
C ARG E 419 -0.91 21.36 -29.83
N VAL E 420 -1.92 20.52 -30.02
CA VAL E 420 -2.50 19.73 -28.94
C VAL E 420 -2.34 18.27 -29.29
N VAL E 421 -1.78 17.50 -28.35
CA VAL E 421 -1.65 16.05 -28.47
C VAL E 421 -2.58 15.40 -27.46
N VAL E 422 -3.39 14.44 -27.91
CA VAL E 422 -4.33 13.71 -27.07
C VAL E 422 -3.77 12.30 -26.85
N ARG E 423 -3.42 12.00 -25.60
CA ARG E 423 -2.94 10.67 -25.23
C ARG E 423 -4.01 9.95 -24.43
N GLN E 424 -3.85 8.63 -24.30
CA GLN E 424 -4.69 7.87 -23.39
C GLN E 424 -4.62 8.53 -22.03
N GLY E 425 -5.77 8.77 -21.42
CA GLY E 425 -5.83 9.49 -20.17
C GLY E 425 -6.21 10.95 -20.31
N PHE E 426 -6.32 11.45 -21.52
CA PHE E 426 -6.91 12.77 -21.76
C PHE E 426 -8.32 12.54 -22.34
N SER E 427 -9.33 12.83 -21.54
CA SER E 427 -10.72 12.50 -21.82
C SER E 427 -11.45 13.67 -22.47
N ARG E 428 -12.69 13.41 -22.87
CA ARG E 428 -13.61 14.49 -23.29
C ARG E 428 -13.78 15.51 -22.17
N ASP E 429 -13.89 15.05 -20.93
CA ASP E 429 -14.08 15.99 -19.83
C ASP E 429 -12.88 16.93 -19.73
N MET E 430 -11.66 16.40 -19.85
CA MET E 430 -10.48 17.25 -19.81
C MET E 430 -10.38 18.17 -21.03
N ALA E 431 -10.83 17.70 -22.21
CA ALA E 431 -10.88 18.57 -23.38
C ALA E 431 -11.82 19.74 -23.13
N ASP E 432 -12.95 19.49 -22.46
CA ASP E 432 -13.86 20.57 -22.13
C ASP E 432 -13.18 21.60 -21.22
N MET E 433 -12.38 21.12 -20.25
CA MET E 433 -11.66 22.06 -19.39
C MET E 433 -10.63 22.86 -20.20
N LEU E 434 -9.86 22.19 -21.07
CA LEU E 434 -8.92 22.93 -21.90
C LEU E 434 -9.63 23.99 -22.75
N LEU E 435 -10.71 23.61 -23.44
CA LEU E 435 -11.41 24.56 -24.32
C LEU E 435 -12.02 25.72 -23.54
N GLY E 436 -12.56 25.45 -22.34
CA GLY E 436 -13.04 26.54 -21.51
C GLY E 436 -11.93 27.50 -21.12
N ASP E 437 -10.74 26.97 -20.85
CA ASP E 437 -9.59 27.81 -20.54
C ASP E 437 -9.11 28.56 -21.77
N ILE E 438 -9.18 27.95 -22.95
CA ILE E 438 -8.81 28.63 -24.18
C ILE E 438 -9.76 29.80 -24.44
N LYS E 439 -11.08 29.58 -24.29
CA LYS E 439 -12.03 30.66 -24.47
C LYS E 439 -11.80 31.80 -23.49
N ASN E 440 -11.63 31.48 -22.20
CA ASN E 440 -11.38 32.53 -21.21
C ASN E 440 -10.09 33.27 -21.52
N ALA E 441 -9.05 32.55 -21.94
CA ALA E 441 -7.79 33.20 -22.27
C ALA E 441 -7.97 34.17 -23.44
N ILE E 442 -8.73 33.76 -24.47
CA ILE E 442 -8.99 34.65 -25.60
C ILE E 442 -9.69 35.92 -25.14
N ALA E 443 -10.69 35.77 -24.26
CA ALA E 443 -11.43 36.94 -23.79
C ALA E 443 -10.51 37.91 -23.06
N GLU E 444 -9.57 37.39 -22.27
CA GLU E 444 -8.66 38.26 -21.54
C GLU E 444 -7.67 38.94 -22.49
N LEU E 445 -7.10 38.18 -23.44
CA LEU E 445 -6.10 38.74 -24.34
C LEU E 445 -6.70 39.80 -25.26
N GLU E 446 -7.98 39.67 -25.62
CA GLU E 446 -8.67 40.66 -26.44
C GLU E 446 -8.92 41.96 -25.72
N LYS E 447 -8.71 42.01 -24.40
CA LYS E 447 -8.83 43.24 -23.65
C LYS E 447 -7.57 44.11 -23.71
N LEU E 448 -6.49 43.60 -24.27
CA LEU E 448 -5.23 44.35 -24.33
C LEU E 448 -5.36 45.58 -25.21
N ASP E 449 -4.81 46.69 -24.74
CA ASP E 449 -4.76 47.93 -25.49
C ASP E 449 -3.46 48.13 -26.24
N PHE E 450 -2.41 47.40 -25.89
CA PHE E 450 -1.11 47.48 -26.51
C PHE E 450 -0.62 46.10 -26.92
N PRO E 451 0.27 46.02 -27.91
CA PRO E 451 0.77 44.70 -28.31
C PRO E 451 1.76 44.14 -27.30
N THR E 452 1.81 42.81 -27.24
CA THR E 452 2.74 42.11 -26.37
C THR E 452 4.12 42.09 -27.00
N PRO E 453 5.16 41.68 -26.26
CA PRO E 453 6.50 41.59 -26.90
C PRO E 453 6.52 40.70 -28.13
N THR E 454 5.94 39.51 -28.07
CA THR E 454 5.97 38.62 -29.22
C THR E 454 5.15 39.15 -30.38
N ARG E 455 4.10 39.92 -30.11
CA ARG E 455 3.37 40.56 -31.21
C ARG E 455 4.22 41.62 -31.89
N MET E 456 4.96 42.40 -31.11
CA MET E 456 5.84 43.41 -31.71
C MET E 456 6.97 42.76 -32.48
N ALA E 457 7.50 41.65 -31.96
CA ALA E 457 8.57 40.92 -32.62
C ALA E 457 8.18 40.46 -34.01
N GLN E 458 6.89 40.21 -34.23
CA GLN E 458 6.42 39.78 -35.54
C GLN E 458 6.43 40.91 -36.57
N GLU E 459 6.40 42.18 -36.15
CA GLU E 459 6.36 43.28 -37.09
C GLU E 459 7.74 43.64 -37.65
N GLU F 2 -13.66 -11.10 -29.43
CA GLU F 2 -14.17 -9.74 -29.37
C GLU F 2 -15.13 -9.57 -28.21
N ASP F 3 -14.85 -8.60 -27.35
CA ASP F 3 -15.67 -8.33 -26.17
C ASP F 3 -16.74 -7.31 -26.54
N LEU F 4 -18.00 -7.77 -26.60
CA LEU F 4 -19.07 -6.94 -27.14
C LEU F 4 -19.28 -5.67 -26.34
N ASN F 5 -19.19 -5.76 -25.01
CA ASN F 5 -19.55 -4.63 -24.15
C ASN F 5 -18.34 -3.83 -23.69
N PHE F 6 -17.22 -3.93 -24.40
CA PHE F 6 -15.97 -3.28 -23.97
C PHE F 6 -16.15 -1.80 -23.72
N ARG F 7 -16.77 -1.10 -24.66
CA ARG F 7 -16.94 0.35 -24.55
C ARG F 7 -18.00 0.73 -23.54
N LYS F 8 -18.88 -0.19 -23.15
CA LYS F 8 -20.02 0.13 -22.31
C LYS F 8 -19.73 0.03 -20.82
N GLY F 9 -18.59 -0.53 -20.43
CA GLY F 9 -18.28 -0.67 -19.02
C GLY F 9 -18.53 -2.07 -18.51
N ASP F 10 -17.67 -3.00 -18.87
CA ASP F 10 -17.72 -4.36 -18.35
C ASP F 10 -16.38 -4.68 -17.68
N ALA F 11 -16.14 -5.98 -17.41
CA ALA F 11 -14.96 -6.37 -16.65
C ALA F 11 -13.65 -6.16 -17.41
N LYS F 12 -13.70 -6.07 -18.73
CA LYS F 12 -12.50 -5.86 -19.55
C LYS F 12 -12.29 -4.41 -19.97
N THR F 13 -13.23 -3.53 -19.65
CA THR F 13 -13.18 -2.15 -20.15
C THR F 13 -11.89 -1.44 -19.73
N ASP F 14 -11.25 -0.77 -20.69
CA ASP F 14 -10.22 0.21 -20.37
C ASP F 14 -10.87 1.58 -20.24
N VAL F 15 -10.57 2.27 -19.14
CA VAL F 15 -11.23 3.53 -18.81
C VAL F 15 -11.25 4.46 -20.03
N PHE F 16 -10.10 4.61 -20.68
CA PHE F 16 -9.97 5.58 -21.76
C PHE F 16 -10.14 4.94 -23.13
N GLY F 17 -10.81 3.78 -23.18
CA GLY F 17 -11.33 3.21 -24.41
C GLY F 17 -12.83 3.01 -24.31
N SER F 18 -13.48 3.78 -23.43
CA SER F 18 -14.89 3.58 -23.12
C SER F 18 -15.73 4.76 -23.65
N ASP F 19 -17.02 4.48 -23.85
CA ASP F 19 -17.93 5.53 -24.27
C ASP F 19 -18.00 6.66 -23.25
N ARG F 20 -17.94 6.33 -21.97
CA ARG F 20 -18.12 7.34 -20.92
C ARG F 20 -17.04 8.40 -20.97
N MET F 21 -15.82 8.04 -21.34
CA MET F 21 -14.73 8.99 -21.42
C MET F 21 -14.70 9.77 -22.73
N LEU F 22 -15.73 9.60 -23.58
CA LEU F 22 -16.01 10.50 -24.69
C LEU F 22 -17.16 11.45 -24.37
N GLN F 23 -17.70 11.40 -23.14
CA GLN F 23 -18.85 12.19 -22.73
C GLN F 23 -18.45 13.14 -21.61
N PRO F 24 -19.14 14.27 -21.50
CA PRO F 24 -18.81 15.23 -20.44
C PRO F 24 -19.25 14.76 -19.06
N SER F 25 -18.63 15.34 -18.05
CA SER F 25 -19.06 15.14 -16.68
C SER F 25 -20.41 15.83 -16.46
N PRO F 26 -21.22 15.32 -15.54
CA PRO F 26 -22.55 15.91 -15.31
C PRO F 26 -22.45 17.29 -14.67
N VAL F 27 -23.12 18.26 -15.28
CA VAL F 27 -23.14 19.63 -14.81
C VAL F 27 -24.41 19.96 -14.05
N GLU F 28 -25.55 19.46 -14.53
CA GLU F 28 -26.86 19.81 -14.00
C GLU F 28 -27.57 18.70 -13.24
N ARG F 29 -27.52 17.48 -13.75
CA ARG F 29 -28.38 16.43 -13.27
C ARG F 29 -27.56 15.18 -12.99
N ILE F 30 -28.03 14.40 -12.04
CA ILE F 30 -27.34 13.12 -11.78
C ILE F 30 -27.42 12.26 -13.03
N PRO F 31 -26.36 11.56 -13.42
CA PRO F 31 -26.49 10.58 -14.51
C PRO F 31 -27.58 9.58 -14.20
N ASP F 32 -28.23 9.08 -15.25
CA ASP F 32 -29.28 8.08 -15.09
C ASP F 32 -28.73 6.78 -14.52
N GLY F 33 -27.51 6.42 -14.91
CA GLY F 33 -26.98 5.12 -14.57
C GLY F 33 -25.55 5.15 -14.07
N PRO F 34 -25.06 4.00 -13.62
CA PRO F 34 -23.75 3.92 -13.01
C PRO F 34 -22.65 3.76 -14.05
N THR F 35 -21.42 3.85 -13.57
CA THR F 35 -20.20 3.53 -14.30
C THR F 35 -19.35 2.63 -13.41
N THR F 36 -18.23 2.16 -13.96
CA THR F 36 -17.30 1.40 -13.16
C THR F 36 -16.56 2.32 -12.18
N PRO F 37 -16.12 1.80 -11.04
CA PRO F 37 -15.41 2.65 -10.08
C PRO F 37 -14.19 3.31 -10.71
N GLU F 38 -13.47 2.58 -11.57
CA GLU F 38 -12.26 3.13 -12.16
C GLU F 38 -12.57 4.33 -13.03
N VAL F 39 -13.65 4.27 -13.81
CA VAL F 39 -14.06 5.40 -14.65
C VAL F 39 -14.45 6.60 -13.81
N ALA F 40 -15.29 6.37 -12.80
CA ALA F 40 -15.73 7.48 -11.95
C ALA F 40 -14.55 8.09 -11.19
N TYR F 41 -13.60 7.25 -10.76
CA TYR F 41 -12.44 7.76 -10.04
C TYR F 41 -11.64 8.70 -10.93
N GLN F 42 -11.35 8.28 -12.17
CA GLN F 42 -10.64 9.17 -13.08
C GLN F 42 -11.43 10.44 -13.40
N MET F 43 -12.74 10.33 -13.62
CA MET F 43 -13.51 11.53 -13.99
C MET F 43 -13.43 12.60 -12.90
N VAL F 44 -13.50 12.21 -11.63
CA VAL F 44 -13.40 13.20 -10.56
C VAL F 44 -11.95 13.61 -10.35
N LYS F 45 -11.03 12.64 -10.26
CA LYS F 45 -9.62 12.95 -10.03
C LYS F 45 -9.06 13.87 -11.10
N ASP F 46 -9.36 13.56 -12.38
CA ASP F 46 -8.71 14.29 -13.46
C ASP F 46 -9.11 15.76 -13.48
N GLU F 47 -10.26 16.10 -12.89
CA GLU F 47 -10.68 17.50 -12.84
C GLU F 47 -9.85 18.34 -11.87
N THR F 48 -9.19 17.71 -10.90
CA THR F 48 -8.37 18.41 -9.91
C THR F 48 -6.95 18.67 -10.38
N PHE F 49 -6.55 18.18 -11.56
CA PHE F 49 -5.19 18.38 -12.02
C PHE F 49 -4.90 19.85 -12.32
N ALA F 50 -5.80 20.53 -13.04
CA ALA F 50 -5.52 21.84 -13.63
C ALA F 50 -5.84 22.96 -12.64
N GLN F 51 -5.14 22.93 -11.51
CA GLN F 51 -5.28 23.99 -10.52
C GLN F 51 -4.01 23.99 -9.69
N THR F 52 -3.92 24.96 -8.78
CA THR F 52 -2.74 25.10 -7.94
C THR F 52 -2.49 23.84 -7.14
N GLN F 53 -1.23 23.38 -7.11
CA GLN F 53 -0.89 22.28 -6.23
C GLN F 53 -0.72 22.78 -4.79
N PRO F 54 -1.27 22.07 -3.81
CA PRO F 54 -1.29 22.61 -2.43
C PRO F 54 0.05 23.07 -1.90
N ARG F 55 1.15 22.34 -2.15
CA ARG F 55 2.44 22.72 -1.58
C ARG F 55 3.04 23.95 -2.24
N LEU F 56 2.52 24.36 -3.40
CA LEU F 56 2.91 25.59 -4.08
C LEU F 56 1.92 26.72 -3.87
N ASN F 57 0.84 26.45 -3.13
CA ASN F 57 -0.15 27.46 -2.75
C ASN F 57 0.46 28.29 -1.62
N LEU F 58 1.01 29.46 -1.97
CA LEU F 58 1.61 30.30 -0.95
C LEU F 58 0.66 31.37 -0.47
N ALA F 59 -0.58 31.39 -0.99
CA ALA F 59 -1.61 32.25 -0.44
C ALA F 59 -2.19 31.69 0.85
N THR F 60 -2.28 30.37 0.97
CA THR F 60 -3.01 29.77 2.07
C THR F 60 -2.18 29.73 3.35
N PHE F 61 -2.86 29.87 4.47
CA PHE F 61 -2.29 29.68 5.80
C PHE F 61 -2.52 28.26 6.31
N VAL F 62 -3.32 27.48 5.60
CA VAL F 62 -3.83 26.21 6.10
C VAL F 62 -2.88 25.09 5.67
N THR F 63 -2.60 24.22 6.63
CA THR F 63 -1.66 23.11 6.51
C THR F 63 -1.83 22.32 5.21
N THR F 64 -0.72 22.13 4.50
CA THR F 64 -0.68 21.31 3.30
C THR F 64 0.25 20.11 3.44
N TYR F 65 0.88 19.93 4.60
CA TYR F 65 1.76 18.79 4.85
C TYR F 65 1.64 18.33 6.30
N MET F 66 1.51 17.01 6.49
CA MET F 66 1.77 16.32 7.76
C MET F 66 2.63 15.09 7.45
N ASP F 67 3.32 14.57 8.48
CA ASP F 67 4.19 13.41 8.22
C ASP F 67 3.33 12.19 7.88
N ASP F 68 4.00 11.09 7.53
CA ASP F 68 3.28 9.91 7.05
C ASP F 68 2.44 9.25 8.14
N TYR F 69 2.88 9.34 9.39
CA TYR F 69 2.16 8.69 10.49
C TYR F 69 0.89 9.45 10.84
N ALA F 70 0.97 10.78 10.92
CA ALA F 70 -0.25 11.55 11.09
C ALA F 70 -1.22 11.30 9.94
N THR F 71 -0.71 11.27 8.71
CA THR F 71 -1.60 11.10 7.57
C THR F 71 -2.29 9.75 7.60
N LYS F 72 -1.53 8.68 7.87
CA LYS F 72 -2.15 7.37 7.98
C LYS F 72 -3.19 7.36 9.09
N LEU F 73 -2.88 7.98 10.23
CA LEU F 73 -3.77 7.99 11.38
C LEU F 73 -5.09 8.70 11.05
N MET F 74 -5.01 9.84 10.36
CA MET F 74 -6.22 10.57 10.00
C MET F 74 -7.01 9.83 8.93
N ASN F 75 -6.32 9.25 7.94
CA ASN F 75 -6.99 8.48 6.90
C ASN F 75 -7.79 7.34 7.49
N GLU F 76 -7.22 6.66 8.48
CA GLU F 76 -7.90 5.52 9.10
C GLU F 76 -9.13 5.96 9.89
N ALA F 77 -9.22 7.23 10.24
CA ALA F 77 -10.38 7.75 10.98
C ALA F 77 -11.39 8.42 10.06
N ILE F 78 -11.31 8.18 8.75
CA ILE F 78 -12.17 8.91 7.81
C ILE F 78 -13.66 8.64 8.07
N ASN F 79 -13.99 7.50 8.68
CA ASN F 79 -15.39 7.15 8.91
C ASN F 79 -15.83 7.32 10.36
N ILE F 80 -15.15 8.16 11.14
CA ILE F 80 -15.50 8.36 12.53
C ILE F 80 -16.18 9.70 12.66
N ASN F 81 -17.43 9.68 13.08
CA ASN F 81 -18.20 10.91 13.29
C ASN F 81 -18.00 11.38 14.73
N TYR F 82 -17.26 12.49 14.90
CA TYR F 82 -16.90 12.95 16.25
C TYR F 82 -18.12 13.08 17.17
N ILE F 83 -19.23 13.64 16.68
CA ILE F 83 -20.31 14.03 17.57
C ILE F 83 -20.98 12.84 18.25
N ASP F 84 -20.76 11.63 17.74
CA ASP F 84 -21.25 10.41 18.38
C ASP F 84 -20.39 10.08 19.61
N GLU F 85 -20.43 11.01 20.57
CA GLU F 85 -19.56 10.91 21.73
C GLU F 85 -19.90 9.71 22.62
N THR F 86 -21.17 9.33 22.71
CA THR F 86 -21.54 8.13 23.48
C THR F 86 -20.96 6.88 22.85
N GLU F 87 -20.90 6.83 21.52
CA GLU F 87 -20.33 5.70 20.81
C GLU F 87 -18.81 5.72 20.82
N TYR F 88 -18.23 6.92 20.77
CA TYR F 88 -16.79 7.11 20.71
C TYR F 88 -16.34 7.99 21.87
N PRO F 89 -16.45 7.51 23.12
CA PRO F 89 -16.10 8.38 24.26
C PRO F 89 -14.61 8.62 24.40
N ARG F 90 -13.74 7.74 23.87
CA ARG F 90 -12.30 8.00 23.99
C ARG F 90 -11.89 9.19 23.13
N ILE F 91 -12.56 9.39 21.99
CA ILE F 91 -12.28 10.57 21.17
C ILE F 91 -12.88 11.82 21.80
N ALA F 92 -14.01 11.68 22.50
CA ALA F 92 -14.53 12.81 23.25
C ALA F 92 -13.53 13.26 24.31
N VAL F 93 -12.97 12.30 25.05
CA VAL F 93 -11.96 12.61 26.05
C VAL F 93 -10.71 13.17 25.39
N MET F 94 -10.26 12.56 24.30
CA MET F 94 -9.10 13.08 23.57
C MET F 94 -9.33 14.52 23.13
N ASN F 95 -10.54 14.83 22.66
CA ASN F 95 -10.89 16.22 22.33
C ASN F 95 -10.73 17.12 23.54
N GLY F 96 -11.23 16.69 24.71
CA GLY F 96 -11.07 17.47 25.91
C GLY F 96 -9.63 17.67 26.31
N LYS F 97 -8.78 16.67 26.07
CA LYS F 97 -7.36 16.82 26.37
C LYS F 97 -6.71 17.84 25.45
N CYS F 98 -7.09 17.84 24.17
CA CYS F 98 -6.56 18.86 23.28
C CYS F 98 -6.95 20.25 23.75
N ILE F 99 -8.21 20.43 24.15
CA ILE F 99 -8.66 21.73 24.65
C ILE F 99 -7.85 22.14 25.88
N ASN F 100 -7.65 21.19 26.81
CA ASN F 100 -6.85 21.49 28.00
C ASN F 100 -5.46 21.96 27.62
N ILE F 101 -4.81 21.23 26.70
CA ILE F 101 -3.44 21.54 26.29
C ILE F 101 -3.38 22.92 25.66
N VAL F 102 -4.37 23.24 24.81
CA VAL F 102 -4.40 24.55 24.16
C VAL F 102 -4.59 25.65 25.22
N ALA F 103 -5.55 25.45 26.12
CA ALA F 103 -5.81 26.44 27.16
C ALA F 103 -4.57 26.68 28.02
N ASN F 104 -3.81 25.63 28.30
CA ASN F 104 -2.60 25.80 29.10
C ASN F 104 -1.47 26.42 28.29
N LEU F 105 -1.42 26.16 26.99
CA LEU F 105 -0.49 26.87 26.13
C LEU F 105 -0.73 28.36 26.19
N TRP F 106 -1.99 28.75 26.36
CA TRP F 106 -2.40 30.14 26.46
C TRP F 106 -2.46 30.62 27.90
N ASN F 107 -1.84 29.86 28.82
CA ASN F 107 -1.67 30.27 30.22
C ASN F 107 -3.00 30.51 30.92
N SER F 108 -3.98 29.64 30.68
CA SER F 108 -5.27 29.78 31.33
C SER F 108 -5.12 29.67 32.85
N PRO F 109 -5.77 30.55 33.62
CA PRO F 109 -5.79 30.40 35.08
C PRO F 109 -6.89 29.48 35.60
N GLU F 110 -7.71 28.92 34.71
CA GLU F 110 -8.81 28.05 35.13
C GLU F 110 -8.29 26.87 35.93
N LYS F 111 -8.91 26.61 37.07
CA LYS F 111 -8.46 25.55 37.96
C LYS F 111 -9.01 24.18 37.57
N ASP F 112 -10.15 24.14 36.88
CA ASP F 112 -10.79 22.89 36.54
C ASP F 112 -9.86 22.02 35.71
N THR F 113 -9.85 20.71 35.99
CA THR F 113 -9.05 19.80 35.18
C THR F 113 -9.48 19.85 33.72
N TRP F 114 -10.80 19.88 33.47
CA TRP F 114 -11.31 19.97 32.11
C TRP F 114 -11.59 21.44 31.80
N LYS F 115 -10.74 22.02 30.97
CA LYS F 115 -10.75 23.44 30.65
C LYS F 115 -11.97 23.78 29.79
N THR F 116 -12.45 25.02 29.92
CA THR F 116 -13.63 25.46 29.16
C THR F 116 -13.19 25.83 27.74
N GLY F 117 -13.58 25.01 26.77
CA GLY F 117 -13.24 25.29 25.38
C GLY F 117 -14.12 24.47 24.46
N ALA F 118 -13.96 24.68 23.16
CA ALA F 118 -14.76 23.93 22.21
C ALA F 118 -13.98 23.62 20.93
N LEU F 119 -14.27 22.45 20.38
CA LEU F 119 -13.78 22.07 19.06
C LEU F 119 -14.48 22.87 17.98
N ALA F 120 -13.72 23.23 16.92
CA ALA F 120 -14.29 23.94 15.78
C ALA F 120 -13.75 23.33 14.48
N ILE F 121 -14.44 23.63 13.38
CA ILE F 121 -13.95 23.26 12.05
C ILE F 121 -12.81 24.19 11.62
N GLY F 122 -12.76 25.37 12.18
CA GLY F 122 -11.70 26.33 11.87
C GLY F 122 -11.88 27.55 12.74
N SER F 123 -11.09 28.59 12.46
CA SER F 123 -11.26 29.82 13.22
C SER F 123 -12.62 30.47 13.00
N SER F 124 -13.28 30.22 11.87
CA SER F 124 -14.58 30.81 11.61
C SER F 124 -15.57 30.44 12.72
N GLU F 125 -15.81 29.13 12.88
CA GLU F 125 -16.71 28.68 13.94
C GLU F 125 -16.18 29.07 15.31
N ALA F 126 -14.86 29.00 15.51
CA ALA F 126 -14.31 29.36 16.82
C ALA F 126 -14.52 30.85 17.10
N CYS F 127 -14.30 31.71 16.09
CA CYS F 127 -14.56 33.13 16.27
C CYS F 127 -16.03 33.42 16.53
N MET F 128 -16.93 32.77 15.77
CA MET F 128 -18.35 33.03 15.96
C MET F 128 -18.83 32.60 17.33
N LEU F 129 -18.29 31.50 17.85
CA LEU F 129 -18.64 31.07 19.21
C LEU F 129 -18.14 32.05 20.24
N GLY F 130 -16.93 32.59 20.06
CA GLY F 130 -16.45 33.62 20.95
C GLY F 130 -17.28 34.90 20.86
N GLY F 131 -17.71 35.25 19.65
CA GLY F 131 -18.54 36.44 19.49
C GLY F 131 -19.93 36.29 20.07
N VAL F 132 -20.58 35.15 19.83
CA VAL F 132 -21.91 34.93 20.40
C VAL F 132 -21.85 34.89 21.91
N ALA F 133 -20.78 34.28 22.45
CA ALA F 133 -20.60 34.29 23.91
C ALA F 133 -20.49 35.71 24.42
N ALA F 134 -19.68 36.55 23.76
CA ALA F 134 -19.57 37.94 24.18
C ALA F 134 -20.91 38.67 24.04
N TRP F 135 -21.65 38.39 22.97
CA TRP F 135 -22.95 39.04 22.74
C TRP F 135 -23.94 38.67 23.84
N LEU F 136 -23.97 37.41 24.24
CA LEU F 136 -24.91 36.98 25.28
C LEU F 136 -24.50 37.48 26.66
N ARG F 137 -23.19 37.52 26.95
CA ARG F 137 -22.77 38.08 28.23
C ARG F 137 -23.14 39.55 28.32
N TRP F 138 -23.02 40.28 27.21
CA TRP F 138 -23.40 41.69 27.21
C TRP F 138 -24.92 41.85 27.32
N ARG F 139 -25.71 41.01 26.64
CA ARG F 139 -27.16 41.08 26.79
C ARG F 139 -27.56 40.90 28.25
N LYS F 140 -26.97 39.90 28.93
CA LYS F 140 -27.32 39.66 30.32
C LYS F 140 -26.98 40.84 31.22
N LYS F 141 -25.81 41.46 31.02
CA LYS F 141 -25.40 42.57 31.87
C LYS F 141 -26.33 43.76 31.70
N ARG F 142 -26.64 44.11 30.44
CA ARG F 142 -27.49 45.27 30.18
C ARG F 142 -28.90 45.04 30.68
N GLN F 143 -29.41 43.83 30.53
CA GLN F 143 -30.74 43.51 31.04
C GLN F 143 -30.79 43.73 32.56
N ALA F 144 -29.80 43.18 33.27
CA ALA F 144 -29.76 43.34 34.72
C ALA F 144 -29.62 44.79 35.14
N GLN F 145 -29.01 45.62 34.29
CA GLN F 145 -28.83 47.03 34.60
C GLN F 145 -30.01 47.88 34.15
N GLY F 146 -30.99 47.31 33.45
CA GLY F 146 -32.09 48.08 32.93
C GLY F 146 -31.77 48.91 31.70
N LYS F 147 -30.65 48.64 31.02
CA LYS F 147 -30.23 49.35 29.82
C LYS F 147 -30.65 48.58 28.58
N PRO F 148 -30.71 49.24 27.42
CA PRO F 148 -31.11 48.52 26.20
C PRO F 148 -30.03 47.52 25.80
N PHE F 149 -30.46 46.45 25.13
CA PHE F 149 -29.52 45.47 24.63
C PHE F 149 -29.89 44.97 23.25
N ASP F 150 -30.47 45.82 22.43
CA ASP F 150 -30.94 45.47 21.10
C ASP F 150 -30.11 46.05 19.97
N LYS F 151 -29.02 46.78 20.27
CA LYS F 151 -28.18 47.40 19.24
C LYS F 151 -26.71 47.06 19.49
N PRO F 152 -26.34 45.78 19.44
CA PRO F 152 -24.95 45.38 19.75
C PRO F 152 -23.96 45.84 18.69
N ASN F 153 -22.73 46.10 19.13
CA ASN F 153 -21.62 46.35 18.20
C ASN F 153 -20.34 45.72 18.75
N PHE F 154 -19.35 45.58 17.86
CA PHE F 154 -18.01 45.16 18.24
C PHE F 154 -16.99 45.91 17.40
N VAL F 155 -15.75 45.97 17.92
CA VAL F 155 -14.68 46.80 17.36
C VAL F 155 -13.54 45.89 16.89
N ILE F 156 -12.99 46.19 15.71
CA ILE F 156 -11.95 45.36 15.12
C ILE F 156 -11.19 46.19 14.08
N SER F 157 -9.96 45.78 13.78
CA SER F 157 -9.17 46.45 12.74
C SER F 157 -9.85 46.31 11.38
N THR F 158 -9.56 47.26 10.48
CA THR F 158 -9.93 47.05 9.09
C THR F 158 -9.21 45.85 8.47
N GLY F 159 -8.16 45.36 9.12
CA GLY F 159 -7.50 44.14 8.68
C GLY F 159 -8.16 42.88 9.17
N PHE F 160 -9.45 42.96 9.53
CA PHE F 160 -10.19 41.78 9.96
C PHE F 160 -10.25 40.74 8.85
N GLN F 161 -10.31 39.48 9.25
CA GLN F 161 -10.58 38.41 8.31
C GLN F 161 -12.10 38.28 8.16
N VAL F 162 -12.53 37.83 6.97
CA VAL F 162 -13.92 37.96 6.54
C VAL F 162 -14.93 37.27 7.46
N VAL F 163 -14.50 36.33 8.31
CA VAL F 163 -15.47 35.65 9.17
C VAL F 163 -16.15 36.62 10.13
N TRP F 164 -15.48 37.71 10.51
CA TRP F 164 -16.11 38.67 11.41
C TRP F 164 -17.21 39.46 10.70
N GLU F 165 -17.08 39.65 9.38
CA GLU F 165 -18.15 40.21 8.58
C GLU F 165 -19.34 39.25 8.49
N LYS F 166 -19.06 37.95 8.34
CA LYS F 166 -20.11 36.93 8.43
C LYS F 166 -20.84 37.01 9.75
N PHE F 167 -20.08 37.06 10.84
CA PHE F 167 -20.66 37.24 12.16
C PHE F 167 -21.54 38.47 12.19
N ALA F 168 -21.08 39.58 11.61
CA ALA F 168 -21.86 40.81 11.58
C ALA F 168 -23.14 40.66 10.76
N GLN F 169 -23.06 39.99 9.61
CA GLN F 169 -24.23 39.78 8.75
C GLN F 169 -25.20 38.75 9.33
N LEU F 170 -24.69 37.57 9.72
CA LEU F 170 -25.57 36.47 10.07
C LEU F 170 -26.26 36.65 11.42
N TRP F 171 -25.71 37.49 12.30
CA TRP F 171 -26.34 37.80 13.58
C TRP F 171 -26.86 39.22 13.66
N GLN F 172 -26.73 40.02 12.59
CA GLN F 172 -27.17 41.42 12.57
C GLN F 172 -26.56 42.20 13.73
N ILE F 173 -25.22 42.15 13.82
CA ILE F 173 -24.44 42.89 14.80
C ILE F 173 -23.56 43.90 14.07
N GLU F 174 -23.49 45.12 14.59
CA GLU F 174 -22.76 46.18 13.91
C GLU F 174 -21.26 46.01 14.09
N MET F 175 -20.53 46.03 12.97
CA MET F 175 -19.08 45.97 12.98
C MET F 175 -18.50 47.38 12.88
N ARG F 176 -17.65 47.72 13.84
CA ARG F 176 -16.95 49.00 13.86
C ARG F 176 -15.47 48.76 13.58
N GLU F 177 -14.96 49.40 12.53
CA GLU F 177 -13.63 49.11 11.99
C GLU F 177 -12.69 50.28 12.26
N VAL F 178 -11.49 49.97 12.74
CA VAL F 178 -10.44 50.97 12.95
C VAL F 178 -9.51 50.92 11.75
N PRO F 179 -9.33 52.01 11.01
CA PRO F 179 -8.55 51.96 9.77
C PRO F 179 -7.07 51.77 10.03
N LEU F 180 -6.38 51.23 9.03
CA LEU F 180 -4.94 51.06 9.08
C LEU F 180 -4.27 52.25 8.41
N THR F 181 -3.14 52.67 8.98
CA THR F 181 -2.32 53.71 8.37
C THR F 181 -0.87 53.25 8.47
N LEU F 182 -0.01 53.85 7.65
CA LEU F 182 1.42 53.55 7.77
C LEU F 182 1.95 53.91 9.15
N GLU F 183 1.37 54.94 9.78
CA GLU F 183 1.76 55.29 11.14
C GLU F 183 1.26 54.25 12.14
N LYS F 184 0.11 53.64 11.88
CA LYS F 184 -0.49 52.66 12.79
C LYS F 184 -0.83 51.44 11.96
N THR F 185 0.17 50.57 11.76
CA THR F 185 0.05 49.40 10.90
C THR F 185 -0.70 48.24 11.54
N THR F 186 -0.99 48.30 12.84
CA THR F 186 -1.83 47.35 13.53
C THR F 186 -2.87 48.12 14.34
N LEU F 187 -3.77 47.38 15.01
CA LEU F 187 -4.87 48.01 15.75
C LEU F 187 -4.35 48.96 16.83
N ASP F 188 -4.71 50.25 16.69
CA ASP F 188 -4.31 51.25 17.68
C ASP F 188 -5.30 51.27 18.82
N PRO F 189 -4.87 51.03 20.06
CA PRO F 189 -5.83 50.93 21.16
C PRO F 189 -6.61 52.21 21.38
N GLU F 190 -5.95 53.36 21.23
CA GLU F 190 -6.65 54.63 21.43
C GLU F 190 -7.76 54.84 20.40
N GLU F 191 -7.47 54.62 19.12
CA GLU F 191 -8.52 54.79 18.12
C GLU F 191 -9.64 53.76 18.30
N ALA F 192 -9.30 52.54 18.73
CA ALA F 192 -10.32 51.53 18.99
C ALA F 192 -11.27 51.97 20.10
N LEU F 193 -10.73 52.50 21.20
CA LEU F 193 -11.56 52.89 22.34
C LEU F 193 -12.54 54.00 21.96
N LYS F 194 -12.17 54.86 21.03
CA LYS F 194 -13.06 55.93 20.57
C LYS F 194 -14.31 55.39 19.90
N MET F 195 -14.28 54.16 19.39
CA MET F 195 -15.45 53.57 18.73
C MET F 195 -16.27 52.71 19.67
N CYS F 196 -15.90 52.62 20.95
CA CYS F 196 -16.64 51.85 21.93
C CYS F 196 -17.73 52.71 22.58
N ASP F 197 -18.83 52.05 22.94
CA ASP F 197 -19.87 52.69 23.73
C ASP F 197 -20.54 51.63 24.60
N GLU F 198 -21.66 52.00 25.21
CA GLU F 198 -22.37 51.08 26.09
C GLU F 198 -22.90 49.84 25.39
N ASN F 199 -22.91 49.81 24.05
CA ASN F 199 -23.44 48.68 23.30
C ASN F 199 -22.33 47.80 22.69
N THR F 200 -21.07 48.06 23.01
CA THR F 200 -19.98 47.25 22.50
C THR F 200 -19.85 45.95 23.30
N ILE F 201 -19.84 44.82 22.57
CA ILE F 201 -19.77 43.52 23.22
C ILE F 201 -18.33 43.02 23.37
N CYS F 202 -17.40 43.50 22.56
CA CYS F 202 -16.00 43.15 22.70
C CYS F 202 -15.19 43.93 21.69
N VAL F 203 -13.88 43.98 21.94
CA VAL F 203 -12.89 44.40 20.96
C VAL F 203 -12.11 43.16 20.57
N VAL F 204 -11.77 43.04 19.29
CA VAL F 204 -11.13 41.84 18.74
C VAL F 204 -9.77 42.20 18.16
N PRO F 205 -8.71 42.09 18.95
CA PRO F 205 -7.35 42.14 18.38
C PRO F 205 -7.02 40.83 17.67
N ILE F 206 -6.08 40.90 16.73
CA ILE F 206 -5.74 39.78 15.86
C ILE F 206 -4.26 39.48 15.98
N GLN F 207 -3.92 38.19 16.18
CA GLN F 207 -2.55 37.71 16.17
C GLN F 207 -2.34 36.96 14.86
N GLY F 208 -1.69 37.62 13.90
CA GLY F 208 -1.54 37.04 12.58
C GLY F 208 -2.57 37.62 11.63
N VAL F 209 -2.57 38.94 11.49
CA VAL F 209 -3.49 39.60 10.56
C VAL F 209 -3.21 39.10 9.15
N THR F 210 -4.24 38.59 8.49
CA THR F 210 -4.06 37.97 7.17
C THR F 210 -3.50 38.95 6.16
N TRP F 211 -3.91 40.23 6.26
CA TRP F 211 -3.48 41.20 5.28
C TRP F 211 -2.00 41.52 5.40
N THR F 212 -1.44 41.48 6.62
CA THR F 212 -0.12 42.05 6.87
C THR F 212 0.89 41.11 7.50
N GLY F 213 0.45 40.01 8.11
CA GLY F 213 1.34 39.15 8.86
C GLY F 213 1.71 39.67 10.23
N LEU F 214 1.18 40.81 10.65
CA LEU F 214 1.57 41.42 11.91
C LEU F 214 0.64 40.95 13.04
N ASN F 215 0.95 41.40 14.26
CA ASN F 215 0.16 41.12 15.45
C ASN F 215 -0.34 42.43 16.06
N ASP F 216 -1.64 42.53 16.31
CA ASP F 216 -2.15 43.60 17.15
C ASP F 216 -1.57 43.47 18.57
N ASP F 217 -1.28 44.62 19.19
CA ASP F 217 -0.69 44.62 20.53
C ASP F 217 -1.80 44.43 21.54
N VAL F 218 -2.01 43.18 21.96
CA VAL F 218 -3.11 42.87 22.86
C VAL F 218 -2.87 43.45 24.25
N GLU F 219 -1.63 43.40 24.75
CA GLU F 219 -1.38 43.93 26.08
C GLU F 219 -1.62 45.44 26.12
N ALA F 220 -1.24 46.17 25.05
CA ALA F 220 -1.51 47.60 25.03
C ALA F 220 -3.02 47.86 25.00
N LEU F 221 -3.75 47.07 24.22
CA LEU F 221 -5.21 47.17 24.24
C LEU F 221 -5.76 46.90 25.64
N ASP F 222 -5.28 45.82 26.28
CA ASP F 222 -5.74 45.46 27.62
C ASP F 222 -5.50 46.61 28.59
N LYS F 223 -4.37 47.30 28.44
CA LYS F 223 -4.04 48.41 29.34
C LYS F 223 -5.06 49.53 29.20
N ALA F 224 -5.33 49.95 27.96
CA ALA F 224 -6.27 51.05 27.73
C ALA F 224 -7.70 50.66 28.09
N LEU F 225 -8.08 49.42 27.79
CA LEU F 225 -9.44 48.96 28.07
C LEU F 225 -9.72 48.97 29.57
N ASP F 226 -8.72 48.63 30.38
CA ASP F 226 -8.90 48.64 31.82
C ASP F 226 -9.22 50.05 32.31
N ALA F 227 -8.51 51.04 31.80
CA ALA F 227 -8.79 52.43 32.17
C ALA F 227 -10.18 52.85 31.71
N TYR F 228 -10.56 52.47 30.49
CA TYR F 228 -11.87 52.81 29.95
C TYR F 228 -13.00 52.16 30.74
N ASN F 229 -12.86 50.86 31.05
CA ASN F 229 -13.90 50.15 31.77
C ASN F 229 -14.05 50.67 33.19
N ALA F 230 -12.93 51.04 33.83
CA ALA F 230 -12.99 51.60 35.17
C ALA F 230 -13.76 52.92 35.19
N LYS F 231 -13.64 53.70 34.12
CA LYS F 231 -14.29 55.01 34.05
C LYS F 231 -15.75 54.91 33.64
N THR F 232 -16.10 54.00 32.73
CA THR F 232 -17.44 53.93 32.18
C THR F 232 -18.30 52.83 32.78
N GLY F 233 -17.70 51.79 33.35
CA GLY F 233 -18.47 50.65 33.81
C GLY F 233 -19.03 49.77 32.72
N TYR F 234 -18.63 49.98 31.45
CA TYR F 234 -19.19 49.21 30.35
C TYR F 234 -18.71 47.75 30.34
N ASP F 235 -17.57 47.46 30.97
CA ASP F 235 -17.11 46.08 31.16
C ASP F 235 -16.81 45.39 29.84
N ILE F 236 -16.20 46.11 28.92
CA ILE F 236 -15.97 45.61 27.56
C ILE F 236 -14.82 44.59 27.59
N PRO F 237 -15.02 43.39 27.08
CA PRO F 237 -13.95 42.39 27.10
C PRO F 237 -13.18 42.30 25.79
N ILE F 238 -12.09 41.54 25.81
CA ILE F 238 -11.33 41.19 24.63
C ILE F 238 -11.66 39.75 24.25
N HIS F 239 -11.77 39.50 22.94
CA HIS F 239 -11.64 38.18 22.34
C HIS F 239 -10.50 38.25 21.34
N VAL F 240 -9.50 37.38 21.51
CA VAL F 240 -8.34 37.40 20.62
C VAL F 240 -8.60 36.46 19.45
N ASP F 241 -8.64 37.01 18.24
CA ASP F 241 -8.60 36.19 17.05
C ASP F 241 -7.12 35.89 16.77
N ALA F 242 -6.66 34.74 17.25
CA ALA F 242 -5.26 34.31 17.13
C ALA F 242 -5.13 33.15 16.14
N ALA F 243 -5.92 33.23 15.06
CA ALA F 243 -6.03 32.14 14.09
C ALA F 243 -4.67 31.56 13.72
N SER F 244 -3.69 32.40 13.37
CA SER F 244 -2.34 31.92 13.13
C SER F 244 -1.46 32.00 14.38
N GLY F 245 -1.39 33.18 14.99
CA GLY F 245 -0.43 33.45 16.05
C GLY F 245 -0.62 32.61 17.30
N GLY F 246 -1.81 32.06 17.50
CA GLY F 246 -2.11 31.25 18.67
C GLY F 246 -1.26 30.01 18.81
N PHE F 247 -0.65 29.56 17.70
CA PHE F 247 0.28 28.43 17.71
C PHE F 247 1.70 28.85 17.36
N ILE F 248 1.97 30.15 17.33
CA ILE F 248 3.31 30.69 17.16
C ILE F 248 3.82 31.32 18.45
N LEU F 249 3.05 32.27 19.01
CA LEU F 249 3.50 33.02 20.18
C LEU F 249 3.90 32.16 21.38
N PRO F 250 3.16 31.11 21.78
CA PRO F 250 3.60 30.37 22.97
C PRO F 250 4.96 29.70 22.81
N PHE F 251 5.36 29.32 21.59
CA PHE F 251 6.61 28.59 21.37
C PHE F 251 7.78 29.52 21.07
N LEU F 252 7.57 30.54 20.24
CA LEU F 252 8.65 31.44 19.87
C LEU F 252 8.69 32.73 20.69
N TYR F 253 7.56 33.16 21.27
CA TYR F 253 7.53 34.40 22.04
C TYR F 253 6.83 34.18 23.39
N PRO F 254 7.34 33.25 24.21
CA PRO F 254 6.62 32.91 25.44
C PRO F 254 6.43 34.09 26.38
N ASP F 255 7.32 35.07 26.33
CA ASP F 255 7.26 36.20 27.30
C ASP F 255 6.31 37.31 26.80
N THR F 256 5.79 37.22 25.58
CA THR F 256 4.81 38.19 25.12
C THR F 256 3.48 37.91 25.81
N LYS F 257 3.02 38.87 26.62
CA LYS F 257 1.77 38.73 27.37
C LYS F 257 0.63 39.14 26.44
N TRP F 258 -0.02 38.13 25.87
CA TRP F 258 -1.10 38.34 24.91
C TRP F 258 -2.33 37.52 25.24
N ASP F 259 -2.25 36.61 26.19
CA ASP F 259 -3.27 35.58 26.36
C ASP F 259 -4.03 35.75 27.66
N PHE F 260 -4.39 34.63 28.31
CA PHE F 260 -5.16 34.67 29.54
C PHE F 260 -4.37 35.24 30.71
N ARG F 261 -3.08 35.54 30.53
CA ARG F 261 -2.35 36.34 31.51
C ARG F 261 -2.91 37.75 31.62
N LEU F 262 -3.64 38.22 30.60
CA LEU F 262 -4.18 39.57 30.57
C LEU F 262 -5.57 39.61 31.18
N LYS F 263 -5.85 40.68 31.92
CA LYS F 263 -7.07 40.75 32.74
C LYS F 263 -8.35 40.64 31.91
N TRP F 264 -8.39 41.30 30.75
CA TRP F 264 -9.63 41.42 29.99
C TRP F 264 -9.74 40.43 28.83
N VAL F 265 -8.79 39.51 28.67
CA VAL F 265 -8.84 38.47 27.63
C VAL F 265 -9.70 37.33 28.18
N LEU F 266 -10.98 37.31 27.80
CA LEU F 266 -11.88 36.30 28.31
C LEU F 266 -12.05 35.11 27.36
N SER F 267 -11.67 35.27 26.09
CA SER F 267 -11.68 34.15 25.15
C SER F 267 -10.63 34.36 24.08
N ILE F 268 -10.18 33.25 23.51
CA ILE F 268 -9.17 33.22 22.45
C ILE F 268 -9.58 32.13 21.47
N SER F 269 -9.36 32.37 20.17
CA SER F 269 -9.62 31.38 19.14
C SER F 269 -8.36 31.18 18.29
N VAL F 270 -8.26 30.00 17.66
CA VAL F 270 -7.09 29.63 16.85
C VAL F 270 -7.54 28.67 15.76
N SER F 271 -6.79 28.65 14.64
CA SER F 271 -6.96 27.65 13.58
C SER F 271 -5.95 26.53 13.81
N GLY F 272 -6.44 25.38 14.28
CA GLY F 272 -5.60 24.21 14.42
C GLY F 272 -5.00 23.75 13.10
N HIS F 273 -5.68 24.02 11.99
CA HIS F 273 -5.19 23.64 10.68
C HIS F 273 -4.33 24.71 10.00
N LYS F 274 -3.93 25.75 10.71
CA LYS F 274 -2.96 26.67 10.13
C LYS F 274 -1.57 26.38 10.68
N PHE F 275 -1.25 26.96 11.84
CA PHE F 275 0.02 26.65 12.46
C PHE F 275 -0.11 25.68 13.65
N GLY F 276 -1.31 25.19 13.91
CA GLY F 276 -1.44 24.00 14.74
C GLY F 276 -0.98 22.73 14.07
N LEU F 277 -0.71 22.78 12.77
CA LEU F 277 -0.02 21.75 11.98
C LEU F 277 -0.89 20.54 11.64
N VAL F 278 -2.21 20.72 11.56
CA VAL F 278 -3.16 19.66 11.23
C VAL F 278 -3.81 19.97 9.89
N TYR F 279 -4.11 18.92 9.12
CA TYR F 279 -4.81 19.07 7.85
C TYR F 279 -6.15 19.80 8.02
N PRO F 280 -6.68 20.37 6.94
CA PRO F 280 -7.91 21.18 7.01
C PRO F 280 -9.04 20.53 7.79
N GLY F 281 -9.66 21.32 8.67
CA GLY F 281 -10.84 20.93 9.42
C GLY F 281 -10.73 21.11 10.92
N LEU F 282 -9.84 21.98 11.41
CA LEU F 282 -9.62 22.10 12.85
C LEU F 282 -9.44 23.54 13.32
N GLY F 283 -10.24 23.90 14.32
CA GLY F 283 -10.05 25.13 15.07
C GLY F 283 -10.41 24.90 16.52
N TRP F 284 -9.99 25.83 17.38
CA TRP F 284 -10.24 25.76 18.81
C TRP F 284 -10.59 27.14 19.34
N VAL F 285 -11.52 27.19 20.31
CA VAL F 285 -11.83 28.39 21.07
C VAL F 285 -11.81 28.03 22.55
N CYS F 286 -11.14 28.84 23.36
CA CYS F 286 -11.10 28.66 24.81
C CYS F 286 -11.66 29.88 25.52
N TRP F 287 -12.26 29.65 26.68
CA TRP F 287 -12.66 30.72 27.56
C TRP F 287 -11.74 30.71 28.77
N LYS F 288 -11.57 31.89 29.37
CA LYS F 288 -10.69 32.05 30.51
C LYS F 288 -11.19 31.29 31.73
N GLY F 289 -12.48 31.06 31.81
CA GLY F 289 -13.09 30.30 32.89
C GLY F 289 -14.49 29.92 32.50
N LYS F 290 -15.07 29.02 33.30
CA LYS F 290 -16.43 28.54 33.02
C LYS F 290 -17.44 29.67 33.08
N GLU F 291 -17.20 30.67 33.92
CA GLU F 291 -18.20 31.74 34.09
C GLU F 291 -18.30 32.65 32.88
N TYR F 292 -17.42 32.52 31.89
CA TYR F 292 -17.50 33.34 30.68
C TYR F 292 -18.15 32.61 29.50
N LEU F 293 -18.59 31.36 29.68
CA LEU F 293 -19.34 30.67 28.64
C LEU F 293 -20.79 30.55 29.09
N PRO F 294 -21.71 31.35 28.52
CA PRO F 294 -23.10 31.34 28.99
C PRO F 294 -23.76 29.98 28.90
N GLU F 295 -24.58 29.67 29.91
CA GLU F 295 -25.34 28.42 29.93
C GLU F 295 -26.37 28.35 28.81
N GLU F 296 -26.86 29.51 28.33
CA GLU F 296 -27.79 29.49 27.22
C GLU F 296 -27.17 28.87 25.97
N MET F 297 -25.86 29.02 25.79
CA MET F 297 -25.16 28.51 24.62
C MET F 297 -24.80 27.06 24.73
N SER F 298 -24.73 26.54 25.95
CA SER F 298 -23.87 25.40 26.20
C SER F 298 -24.42 24.57 27.34
N PHE F 299 -23.97 23.33 27.37
CA PHE F 299 -24.16 22.42 28.49
C PHE F 299 -22.97 21.49 28.46
N SER F 300 -22.88 20.60 29.46
CA SER F 300 -21.75 19.70 29.52
C SER F 300 -22.23 18.27 29.82
N VAL F 301 -21.51 17.30 29.25
CA VAL F 301 -21.79 15.88 29.44
C VAL F 301 -20.52 15.21 29.94
N ASN F 302 -20.68 14.25 30.84
CA ASN F 302 -19.57 13.51 31.43
C ASN F 302 -19.33 12.25 30.62
N TYR F 303 -18.15 12.11 30.03
CA TYR F 303 -17.74 10.91 29.30
C TYR F 303 -16.50 10.36 29.99
N LEU F 304 -16.66 9.22 30.67
CA LEU F 304 -15.54 8.53 31.33
C LEU F 304 -14.77 9.45 32.26
N GLY F 305 -15.50 10.29 32.99
CA GLY F 305 -14.90 11.20 33.95
C GLY F 305 -14.47 12.54 33.40
N ALA F 306 -14.60 12.77 32.09
CA ALA F 306 -14.18 14.01 31.46
C ALA F 306 -15.39 14.90 31.24
N ASN F 307 -15.27 16.17 31.63
CA ASN F 307 -16.35 17.12 31.46
C ASN F 307 -16.16 17.79 30.10
N ILE F 308 -16.95 17.36 29.12
CA ILE F 308 -16.85 17.87 27.77
C ILE F 308 -18.01 18.85 27.57
N THR F 309 -17.68 20.13 27.42
CA THR F 309 -18.73 21.12 27.18
C THR F 309 -19.24 20.94 25.75
N GLN F 310 -20.57 21.00 25.59
CA GLN F 310 -21.25 20.77 24.33
C GLN F 310 -21.71 22.12 23.77
N VAL F 311 -20.85 22.74 22.97
CA VAL F 311 -21.20 23.98 22.27
C VAL F 311 -20.58 23.91 20.90
N GLY F 312 -21.30 24.40 19.90
CA GLY F 312 -20.77 24.44 18.55
C GLY F 312 -21.85 24.77 17.55
N LEU F 313 -21.44 25.27 16.39
CA LEU F 313 -22.40 25.50 15.32
C LEU F 313 -22.62 24.22 14.51
N ASN F 314 -21.55 23.49 14.24
CA ASN F 314 -21.67 22.24 13.52
C ASN F 314 -22.14 21.14 14.48
N PHE F 315 -22.51 20.00 13.92
CA PHE F 315 -22.88 18.85 14.74
C PHE F 315 -22.04 17.63 14.36
N SER F 316 -22.55 16.79 13.46
CA SER F 316 -21.74 15.69 12.93
C SER F 316 -20.56 16.23 12.11
N ARG F 317 -19.41 15.60 12.24
CA ARG F 317 -18.20 16.12 11.59
C ARG F 317 -17.12 15.06 11.65
N PRO F 318 -16.08 15.16 10.79
CA PRO F 318 -14.97 14.22 10.90
C PRO F 318 -14.25 14.37 12.23
N ALA F 319 -13.88 13.25 12.81
CA ALA F 319 -13.05 13.23 14.01
C ALA F 319 -11.55 13.14 13.70
N ALA F 320 -11.16 12.90 12.45
CA ALA F 320 -9.74 12.66 12.16
C ALA F 320 -8.85 13.80 12.65
N GLN F 321 -9.35 15.04 12.59
CA GLN F 321 -8.52 16.19 12.97
C GLN F 321 -8.20 16.21 14.46
N ILE F 322 -9.04 15.60 15.29
CA ILE F 322 -8.72 15.50 16.71
C ILE F 322 -7.54 14.56 16.92
N LEU F 323 -7.60 13.40 16.27
CA LEU F 323 -6.45 12.50 16.28
C LEU F 323 -5.21 13.21 15.76
N GLY F 324 -5.36 14.00 14.70
CA GLY F 324 -4.22 14.71 14.13
C GLY F 324 -3.61 15.67 15.12
N GLN F 325 -4.44 16.42 15.83
CA GLN F 325 -3.92 17.39 16.78
C GLN F 325 -3.23 16.70 17.94
N TYR F 326 -3.87 15.69 18.53
CA TYR F 326 -3.28 14.99 19.67
C TYR F 326 -1.98 14.28 19.27
N TYR F 327 -1.95 13.67 18.08
CA TYR F 327 -0.69 13.11 17.59
C TYR F 327 0.41 14.16 17.55
N GLN F 328 0.10 15.34 17.00
CA GLN F 328 1.13 16.38 16.90
C GLN F 328 1.64 16.81 18.27
N PHE F 329 0.73 16.95 19.24
CA PHE F 329 1.15 17.31 20.60
C PHE F 329 2.11 16.27 21.18
N ILE F 330 1.85 14.99 20.94
CA ILE F 330 2.70 13.93 21.50
C ILE F 330 3.97 13.75 20.66
N ARG F 331 3.82 13.72 19.35
CA ARG F 331 4.96 13.46 18.47
C ARG F 331 5.97 14.59 18.56
N LEU F 332 5.53 15.84 18.65
CA LEU F 332 6.46 16.95 18.68
C LEU F 332 6.76 17.46 20.08
N GLY F 333 5.76 17.54 20.95
CA GLY F 333 5.96 18.21 22.22
C GLY F 333 6.21 19.71 22.04
N PHE F 334 6.53 20.36 23.17
CA PHE F 334 6.86 21.78 23.11
C PHE F 334 8.09 22.01 22.26
N GLN F 335 9.14 21.20 22.46
CA GLN F 335 10.38 21.35 21.69
C GLN F 335 10.16 21.21 20.19
N GLY F 336 9.38 20.20 19.79
CA GLY F 336 9.14 19.96 18.37
C GLY F 336 8.35 21.07 17.71
N TYR F 337 7.29 21.57 18.37
CA TYR F 337 6.57 22.72 17.84
C TYR F 337 7.49 23.91 17.69
N LYS F 338 8.28 24.19 18.72
CA LYS F 338 9.21 25.30 18.65
C LYS F 338 10.19 25.15 17.48
N GLU F 339 10.69 23.92 17.24
CA GLU F 339 11.67 23.75 16.17
C GLU F 339 11.02 23.89 14.79
N VAL F 340 9.80 23.41 14.63
CA VAL F 340 9.09 23.52 13.35
C VAL F 340 8.69 24.97 13.07
N GLN F 341 8.10 25.65 14.08
CA GLN F 341 7.74 27.06 13.88
C GLN F 341 8.99 27.91 13.70
N TYR F 342 10.09 27.55 14.37
CA TYR F 342 11.36 28.23 14.14
C TYR F 342 11.76 28.12 12.67
N ASN F 343 11.65 26.92 12.09
CA ASN F 343 12.00 26.74 10.68
C ASN F 343 11.12 27.60 9.78
N SER F 344 9.81 27.54 9.96
CA SER F 344 8.93 28.33 9.10
C SER F 344 9.20 29.82 9.23
N LEU F 345 9.40 30.31 10.46
CA LEU F 345 9.69 31.72 10.65
C LEU F 345 11.05 32.10 10.07
N GLN F 346 12.05 31.23 10.25
CA GLN F 346 13.37 31.52 9.69
C GLN F 346 13.32 31.57 8.18
N ILE F 347 12.55 30.68 7.55
CA ILE F 347 12.44 30.71 6.10
C ILE F 347 11.69 31.97 5.65
N ALA F 348 10.63 32.36 6.37
CA ALA F 348 9.94 33.61 6.04
C ALA F 348 10.87 34.80 6.15
N LYS F 349 11.65 34.87 7.24
CA LYS F 349 12.62 35.94 7.40
C LYS F 349 13.63 35.93 6.27
N TYR F 350 14.07 34.72 5.87
CA TYR F 350 15.04 34.59 4.79
C TYR F 350 14.49 35.18 3.49
N ILE F 351 13.27 34.82 3.12
CA ILE F 351 12.67 35.33 1.89
C ILE F 351 12.49 36.84 1.98
N HIS F 352 12.04 37.33 3.13
CA HIS F 352 11.91 38.76 3.43
C HIS F 352 13.21 39.50 3.14
N GLY F 353 14.32 38.97 3.66
CA GLY F 353 15.60 39.61 3.43
C GLY F 353 16.02 39.59 1.97
N GLU F 354 15.73 38.49 1.27
CA GLU F 354 16.06 38.43 -0.15
C GLU F 354 15.13 39.32 -0.98
N ILE F 355 13.84 39.39 -0.62
CA ILE F 355 12.94 40.29 -1.31
C ILE F 355 13.43 41.74 -1.19
N ALA F 356 13.88 42.13 0.00
CA ALA F 356 14.30 43.52 0.23
C ALA F 356 15.51 43.89 -0.62
N LYS F 357 16.35 42.90 -0.98
CA LYS F 357 17.52 43.17 -1.79
C LYS F 357 17.19 43.37 -3.27
N MET F 358 15.98 43.02 -3.71
CA MET F 358 15.63 43.21 -5.12
C MET F 358 15.24 44.66 -5.39
N ALA F 359 15.71 45.17 -6.52
CA ALA F 359 15.48 46.57 -6.87
C ALA F 359 14.01 46.99 -6.88
N PRO F 360 13.05 46.19 -7.37
CA PRO F 360 11.66 46.69 -7.44
C PRO F 360 10.93 46.79 -6.11
N PHE F 361 11.42 46.19 -5.03
CA PHE F 361 10.59 45.88 -3.87
C PHE F 361 10.98 46.61 -2.61
N VAL F 362 9.99 46.80 -1.73
CA VAL F 362 10.19 47.24 -0.35
C VAL F 362 9.21 46.52 0.55
N ASN F 363 9.67 46.14 1.73
CA ASN F 363 8.82 45.39 2.65
C ASN F 363 7.95 46.33 3.46
N TYR F 364 6.71 45.90 3.69
CA TYR F 364 5.78 46.67 4.52
C TYR F 364 6.30 46.82 5.95
N SER F 365 7.01 45.82 6.45
CA SER F 365 7.46 45.83 7.83
C SER F 365 8.88 45.30 7.91
N GLU F 366 9.64 45.82 8.86
CA GLU F 366 10.95 45.26 9.15
C GLU F 366 10.87 44.13 10.16
N ASN F 367 9.70 43.92 10.74
CA ASN F 367 9.49 42.99 11.85
C ASN F 367 8.64 41.82 11.36
N VAL F 368 9.20 40.62 11.40
CA VAL F 368 8.52 39.40 10.97
C VAL F 368 8.28 38.56 12.22
N VAL F 369 7.03 38.55 12.69
CA VAL F 369 6.65 37.84 13.92
C VAL F 369 5.80 36.61 13.66
N ASN F 370 5.30 36.43 12.45
CA ASN F 370 4.62 35.23 12.02
C ASN F 370 5.23 34.79 10.71
N PRO F 371 5.18 33.49 10.38
CA PRO F 371 5.86 33.01 9.17
C PRO F 371 5.16 33.45 7.89
N LEU F 372 5.07 34.75 7.70
CA LEU F 372 4.54 35.37 6.50
C LEU F 372 4.84 36.86 6.56
N PHE F 373 4.81 37.50 5.40
CA PHE F 373 5.10 38.92 5.30
C PHE F 373 4.60 39.42 3.96
N ILE F 374 4.57 40.75 3.82
CA ILE F 374 4.08 41.37 2.61
C ILE F 374 5.08 42.43 2.16
N TRP F 375 5.12 42.66 0.85
CA TRP F 375 5.96 43.70 0.25
C TRP F 375 5.17 44.39 -0.86
N TYR F 376 5.68 45.52 -1.32
CA TYR F 376 5.07 46.21 -2.45
C TYR F 376 6.17 46.84 -3.29
N LEU F 377 5.78 47.43 -4.41
CA LEU F 377 6.77 48.06 -5.29
C LEU F 377 7.25 49.35 -4.65
N LYS F 378 8.56 49.61 -4.78
CA LYS F 378 9.08 50.89 -4.30
C LYS F 378 8.41 52.02 -5.08
N PRO F 379 7.86 53.03 -4.39
CA PRO F 379 7.08 54.06 -5.09
C PRO F 379 7.77 54.68 -6.30
N GLU F 380 9.06 54.99 -6.20
CA GLU F 380 9.76 55.55 -7.35
C GLU F 380 9.90 54.52 -8.46
N TYR F 381 10.08 53.24 -8.12
CA TYR F 381 10.15 52.22 -9.16
C TYR F 381 8.81 52.02 -9.84
N ALA F 382 7.72 52.02 -9.06
CA ALA F 382 6.38 51.75 -9.62
C ALA F 382 5.96 52.81 -10.64
N LYS F 383 6.37 54.07 -10.43
CA LYS F 383 5.92 55.16 -11.29
C LYS F 383 6.34 54.96 -12.74
N SER F 384 7.53 54.42 -12.98
CA SER F 384 8.02 54.24 -14.34
C SER F 384 7.96 52.79 -14.80
N ALA F 385 7.47 51.88 -13.95
CA ALA F 385 7.34 50.48 -14.35
C ALA F 385 6.12 50.31 -15.24
N LYS F 386 6.22 49.35 -16.16
CA LYS F 386 5.09 48.99 -17.01
C LYS F 386 4.22 47.89 -16.38
N TRP F 387 4.62 47.35 -15.24
CA TRP F 387 3.97 46.18 -14.66
C TRP F 387 3.62 46.43 -13.20
N THR F 388 2.74 45.58 -12.68
CA THR F 388 2.31 45.59 -11.29
C THR F 388 2.53 44.20 -10.68
N LEU F 389 2.27 44.11 -9.37
CA LEU F 389 2.38 42.81 -8.72
C LEU F 389 1.34 41.82 -9.22
N TYR F 390 0.22 42.32 -9.77
CA TYR F 390 -0.72 41.43 -10.43
C TYR F 390 -0.07 40.72 -11.60
N ASP F 391 0.79 41.44 -12.33
CA ASP F 391 1.53 40.82 -13.43
C ASP F 391 2.55 39.80 -12.91
N LEU F 392 3.16 40.08 -11.76
CA LEU F 392 4.11 39.14 -11.18
C LEU F 392 3.41 37.88 -10.67
N GLN F 393 2.24 38.03 -10.05
CA GLN F 393 1.45 36.88 -9.66
C GLN F 393 1.16 35.98 -10.86
N ASP F 394 0.77 36.59 -11.98
CA ASP F 394 0.46 35.82 -13.18
C ASP F 394 1.70 35.10 -13.71
N LYS F 395 2.86 35.77 -13.73
CA LYS F 395 4.09 35.13 -14.17
C LYS F 395 4.45 33.93 -13.28
N LEU F 396 4.29 34.08 -11.96
CA LEU F 396 4.63 32.97 -11.05
C LEU F 396 3.69 31.80 -11.22
N SER F 397 2.43 32.06 -11.55
CA SER F 397 1.46 31.00 -11.78
C SER F 397 1.86 30.11 -12.95
N GLN F 398 2.61 30.66 -13.91
CA GLN F 398 3.08 29.86 -15.04
C GLN F 398 4.06 28.77 -14.61
N HIS F 399 4.67 28.90 -13.43
CA HIS F 399 5.51 27.85 -12.85
C HIS F 399 4.84 27.11 -11.72
N GLY F 400 3.53 27.28 -11.54
CA GLY F 400 2.76 26.52 -10.58
C GLY F 400 2.53 27.17 -9.23
N TRP F 401 3.15 28.31 -8.95
CA TRP F 401 2.96 28.98 -7.67
C TRP F 401 1.62 29.72 -7.62
N MET F 402 1.09 29.87 -6.41
CA MET F 402 0.10 30.90 -6.14
C MET F 402 0.71 31.86 -5.13
N VAL F 403 1.10 33.04 -5.59
CA VAL F 403 1.55 34.09 -4.69
C VAL F 403 0.65 35.30 -4.90
N PRO F 404 -0.25 35.60 -3.96
CA PRO F 404 -1.33 36.56 -4.23
C PRO F 404 -0.91 38.02 -4.12
N ALA F 405 -1.43 38.82 -5.03
CA ALA F 405 -1.34 40.27 -4.97
C ALA F 405 -2.73 40.83 -4.68
N TYR F 406 -2.78 41.87 -3.85
CA TYR F 406 -4.06 42.42 -3.40
C TYR F 406 -3.82 43.79 -2.77
N THR F 407 -4.90 44.57 -2.69
CA THR F 407 -4.86 45.86 -2.03
C THR F 407 -5.19 45.72 -0.54
N LEU F 408 -4.52 46.52 0.27
CA LEU F 408 -4.71 46.49 1.71
C LEU F 408 -6.05 47.11 2.09
N PRO F 409 -6.53 46.85 3.33
CA PRO F 409 -7.78 47.47 3.78
C PRO F 409 -7.67 48.96 4.05
N SER F 410 -8.79 49.55 4.51
CA SER F 410 -9.02 50.98 4.56
C SER F 410 -7.82 51.79 4.98
N LYS F 411 -7.58 52.86 4.21
CA LYS F 411 -6.55 53.90 4.22
C LYS F 411 -5.21 53.41 3.68
N LEU F 412 -5.06 52.11 3.38
CA LEU F 412 -3.92 51.65 2.61
C LEU F 412 -4.39 50.96 1.33
N GLU F 413 -5.63 51.24 0.92
CA GLU F 413 -6.22 50.61 -0.26
C GLU F 413 -5.51 50.98 -1.55
N ASP F 414 -4.61 51.98 -1.50
CA ASP F 414 -3.76 52.35 -2.62
C ASP F 414 -2.52 51.48 -2.72
N TYR F 415 -2.27 50.66 -1.72
CA TYR F 415 -1.09 49.79 -1.68
C TYR F 415 -1.46 48.43 -2.25
N VAL F 416 -0.88 48.10 -3.40
CA VAL F 416 -0.92 46.73 -3.91
C VAL F 416 0.25 45.99 -3.31
N VAL F 417 -0.04 44.91 -2.58
CA VAL F 417 0.99 44.14 -1.90
C VAL F 417 0.94 42.70 -2.37
N MET F 418 2.02 41.98 -2.11
CA MET F 418 2.12 40.56 -2.36
C MET F 418 2.50 39.88 -1.06
N ARG F 419 1.93 38.70 -0.82
CA ARG F 419 2.12 37.98 0.43
C ARG F 419 2.70 36.58 0.18
N VAL F 420 3.64 36.18 1.03
CA VAL F 420 4.14 34.81 1.05
C VAL F 420 3.92 34.24 2.45
N VAL F 421 3.26 33.09 2.53
CA VAL F 421 3.06 32.35 3.78
C VAL F 421 3.92 31.11 3.73
N VAL F 422 4.75 30.92 4.75
CA VAL F 422 5.64 29.77 4.85
C VAL F 422 5.04 28.80 5.86
N ARG F 423 4.62 27.63 5.38
CA ARG F 423 4.05 26.59 6.22
C ARG F 423 5.04 25.44 6.34
N GLN F 424 4.80 24.55 7.30
CA GLN F 424 5.60 23.33 7.40
C GLN F 424 5.52 22.55 6.08
N GLY F 425 6.68 22.16 5.57
CA GLY F 425 6.78 21.55 4.26
C GLY F 425 7.24 22.50 3.17
N PHE F 426 7.38 23.80 3.47
CA PHE F 426 8.02 24.76 2.58
C PHE F 426 9.41 25.02 3.16
N SER F 427 10.44 24.54 2.46
CA SER F 427 11.81 24.51 2.94
C SER F 427 12.64 25.65 2.37
N ARG F 428 13.86 25.78 2.88
CA ARG F 428 14.85 26.67 2.29
C ARG F 428 15.07 26.36 0.81
N ASP F 429 15.14 25.07 0.45
CA ASP F 429 15.35 24.73 -0.96
C ASP F 429 14.19 25.24 -1.82
N MET F 430 12.95 25.13 -1.33
CA MET F 430 11.80 25.63 -2.08
C MET F 430 11.75 27.16 -2.13
N ALA F 431 12.16 27.84 -1.06
CA ALA F 431 12.27 29.30 -1.10
C ALA F 431 13.25 29.75 -2.18
N ASP F 432 14.36 29.03 -2.33
CA ASP F 432 15.32 29.36 -3.37
C ASP F 432 14.71 29.22 -4.76
N MET F 433 13.88 28.20 -4.95
CA MET F 433 13.17 28.02 -6.19
C MET F 433 12.23 29.21 -6.45
N LEU F 434 11.47 29.58 -5.43
CA LEU F 434 10.57 30.71 -5.56
C LEU F 434 11.33 31.99 -5.91
N LEU F 435 12.39 32.29 -5.16
CA LEU F 435 13.16 33.50 -5.40
C LEU F 435 13.81 33.49 -6.79
N GLY F 436 14.22 32.31 -7.27
CA GLY F 436 14.73 32.24 -8.63
C GLY F 436 13.68 32.61 -9.66
N ASP F 437 12.45 32.12 -9.46
CA ASP F 437 11.36 32.42 -10.37
C ASP F 437 10.92 33.88 -10.28
N ILE F 438 11.00 34.47 -9.09
CA ILE F 438 10.67 35.90 -8.96
C ILE F 438 11.69 36.74 -9.72
N LYS F 439 12.98 36.47 -9.51
CA LYS F 439 14.02 37.21 -10.22
C LYS F 439 13.87 37.06 -11.73
N ASN F 440 13.62 35.82 -12.18
CA ASN F 440 13.38 35.58 -13.60
C ASN F 440 12.17 36.37 -14.10
N ALA F 441 11.07 36.36 -13.33
CA ALA F 441 9.85 37.04 -13.75
C ALA F 441 10.04 38.56 -13.82
N ILE F 442 10.77 39.15 -12.86
CA ILE F 442 11.06 40.57 -12.90
C ILE F 442 11.82 40.92 -14.18
N ALA F 443 12.80 40.11 -14.54
CA ALA F 443 13.64 40.37 -15.71
C ALA F 443 12.80 40.37 -16.98
N GLU F 444 11.85 39.45 -17.08
CA GLU F 444 10.95 39.41 -18.24
C GLU F 444 10.01 40.62 -18.24
N LEU F 445 9.45 40.98 -17.09
CA LEU F 445 8.50 42.09 -17.04
C LEU F 445 9.17 43.41 -17.37
N GLU F 446 10.45 43.57 -17.00
CA GLU F 446 11.20 44.78 -17.29
C GLU F 446 11.50 44.92 -18.78
N LYS F 447 11.23 43.89 -19.57
CA LYS F 447 11.37 43.98 -21.02
C LYS F 447 10.15 44.60 -21.69
N LEU F 448 9.08 44.84 -20.95
CA LEU F 448 7.86 45.38 -21.55
C LEU F 448 8.08 46.81 -22.03
N ASP F 449 7.60 47.08 -23.24
CA ASP F 449 7.66 48.42 -23.81
C ASP F 449 6.37 49.20 -23.59
N PHE F 450 5.29 48.53 -23.25
CA PHE F 450 3.99 49.14 -23.01
C PHE F 450 3.44 48.67 -21.68
N PRO F 451 2.57 49.47 -21.07
CA PRO F 451 2.01 49.08 -19.76
C PRO F 451 1.02 47.94 -19.88
N THR F 452 0.89 47.17 -18.81
CA THR F 452 -0.07 46.08 -18.75
C THR F 452 -1.44 46.62 -18.38
N PRO F 453 -2.50 45.82 -18.53
CA PRO F 453 -3.83 46.30 -18.11
C PRO F 453 -3.90 46.75 -16.65
N THR F 454 -3.35 45.98 -15.71
CA THR F 454 -3.38 46.40 -14.32
C THR F 454 -2.52 47.64 -14.08
N ARG F 455 -1.45 47.83 -14.85
CA ARG F 455 -0.67 49.05 -14.72
C ARG F 455 -1.44 50.27 -15.22
N MET F 456 -2.19 50.13 -16.31
CA MET F 456 -2.96 51.24 -16.84
C MET F 456 -4.08 51.63 -15.89
N ALA F 457 -4.69 50.64 -15.22
CA ALA F 457 -5.74 50.93 -14.26
C ALA F 457 -5.23 51.73 -13.06
N GLN F 458 -3.98 51.51 -12.66
CA GLN F 458 -3.43 52.33 -11.57
C GLN F 458 -3.16 53.78 -11.97
N GLU F 459 -3.07 54.07 -13.27
CA GLU F 459 -2.84 55.43 -13.72
C GLU F 459 -4.13 56.26 -13.72
N1 PLP G . 0.44 -24.73 28.68
C2 PLP G . 0.43 -23.46 29.18
C2A PLP G . 1.04 -23.25 30.55
C3 PLP G . -0.10 -22.40 28.43
O3 PLP G . -0.12 -21.10 28.90
C4 PLP G . -0.62 -22.66 27.17
C4A PLP G . -0.81 -21.50 26.22
C5 PLP G . -0.64 -23.96 26.67
C6 PLP G . -0.08 -24.99 27.42
C5A PLP G . -1.21 -24.25 25.30
O4P PLP G . -0.31 -23.72 24.36
P PLP G . -0.76 -23.18 22.91
O1P PLP G . -0.86 -24.35 21.96
O2P PLP G . 0.35 -22.23 22.48
O3P PLP G . -2.08 -22.49 23.08
N ABU H . -5.27 -20.17 27.98
CD ABU H . -4.01 -19.89 27.32
CB ABU H . -4.12 -20.32 25.85
CG ABU H . -5.13 -19.45 25.09
C ABU H . -4.60 -18.04 24.79
O ABU H . -3.66 -17.56 25.45
OXT ABU H . -5.13 -17.37 23.88
N1 PLP I . 32.29 -0.67 -20.06
C2 PLP I . 32.49 -1.34 -18.86
C2A PLP I . 33.88 -1.45 -18.29
C3 PLP I . 31.40 -1.89 -18.17
O3 PLP I . 31.59 -2.55 -16.96
C4 PLP I . 30.12 -1.77 -18.70
C4A PLP I . 28.95 -2.00 -17.77
C5 PLP I . 29.93 -1.12 -19.91
C6 PLP I . 31.02 -0.57 -20.59
C5A PLP I . 28.54 -0.99 -20.48
O4P PLP I . 27.81 -0.08 -19.71
P PLP I . 26.23 -0.20 -19.50
O1P PLP I . 25.90 -1.66 -19.30
O2P PLP I . 25.90 0.63 -18.26
O3P PLP I . 25.55 0.37 -20.73
N ABU J . 28.85 -6.68 -18.79
CD ABU J . 28.58 -5.70 -17.75
CB ABU J . 27.23 -5.03 -18.02
CG ABU J . 26.13 -6.08 -17.82
C ABU J . 25.71 -6.10 -16.34
O ABU J . 26.42 -5.57 -15.46
OXT ABU J . 24.63 -6.66 -16.02
N1 PLP K . -2.31 -37.63 3.19
C2 PLP K . -2.22 -37.32 1.85
C2A PLP K . -2.83 -38.24 0.83
C3 PLP K . -1.58 -36.14 1.46
O3 PLP K . -1.52 -35.79 0.13
C4 PLP K . -1.06 -35.29 2.43
C4A PLP K . -0.90 -33.82 2.09
C5 PLP K . -1.13 -35.64 3.77
C6 PLP K . -1.77 -36.82 4.16
C5A PLP K . -0.56 -34.74 4.83
O4P PLP K . -1.41 -33.62 4.92
P PLP K . -0.84 -32.19 5.33
O1P PLP K . 0.50 -31.95 4.68
O2P PLP K . -1.85 -31.23 4.74
O3P PLP K . -0.71 -32.16 6.83
N ABU L . 3.73 -34.53 0.27
CD ABU L . 2.43 -33.86 0.28
CB ABU L . 2.39 -32.95 1.51
CG ABU L . 3.39 -31.78 1.42
C ABU L . 3.15 -30.85 0.22
O ABU L . 2.28 -31.08 -0.66
OXT ABU L . 3.86 -29.83 0.11
N1 PLP M . -31.78 17.30 11.54
C2 PLP M . -32.03 15.97 11.30
C2A PLP M . -33.43 15.53 10.98
C3 PLP M . -30.97 15.05 11.33
O3 PLP M . -31.20 13.73 11.05
C4 PLP M . -29.69 15.48 11.60
C4A PLP M . -28.53 14.56 11.32
C5 PLP M . -29.46 16.84 11.85
C6 PLP M . -30.51 17.75 11.82
C5A PLP M . -28.06 17.32 12.17
O4P PLP M . -27.31 17.25 10.98
P PLP M . -25.74 16.93 10.92
O1P PLP M . -25.44 15.95 12.02
O2P PLP M . -25.50 16.40 9.55
O3P PLP M . -24.96 18.20 11.19
N ABU N . -28.71 12.93 15.93
CD ABU N . -28.27 12.11 14.79
CB ABU N . -27.17 12.84 14.03
CG ABU N . -25.79 12.33 14.49
C ABU N . -25.46 10.99 13.82
O ABU N . -24.38 10.40 14.07
OXT ABU N . -26.27 10.48 13.00
N1 PLP O . 10.66 10.89 -34.87
C2 PLP O . 9.33 11.23 -34.64
C2A PLP O . 8.39 11.35 -35.80
C3 PLP O . 8.86 11.45 -33.36
O3 PLP O . 7.55 11.79 -33.15
C4 PLP O . 9.73 11.33 -32.28
C4A PLP O . 9.13 11.19 -30.90
C5 PLP O . 11.06 11.00 -32.50
C6 PLP O . 11.52 10.77 -33.80
C5A PLP O . 12.01 10.85 -31.34
O4P PLP O . 11.59 9.66 -30.70
P PLP O . 11.77 9.38 -29.12
O1P PLP O . 13.23 9.09 -28.89
O2P PLP O . 10.85 8.25 -28.72
O3P PLP O . 11.44 10.65 -28.39
N ABU P . 7.94 13.78 -29.71
CD ABU P . 9.28 14.32 -29.59
CB ABU P . 9.37 15.09 -28.28
CG ABU P . 9.28 14.16 -27.06
C ABU P . 7.87 14.02 -26.49
O ABU P . 6.88 13.63 -27.18
OXT ABU P . 7.71 14.22 -25.26
N1 PLP Q . -9.34 35.03 11.37
C2 PLP Q . -8.03 35.08 10.96
C2A PLP Q . -7.09 36.10 11.53
C3 PLP Q . -7.58 34.16 10.02
O3 PLP Q . -6.26 34.17 9.64
C4 PLP Q . -8.43 33.19 9.51
C4A PLP Q . -7.78 31.86 9.24
C5 PLP Q . -9.76 33.17 9.91
C6 PLP Q . -10.21 34.09 10.85
C5A PLP Q . -10.70 32.14 9.35
O4P PLP Q . -10.37 30.90 9.91
P PLP Q . -10.56 29.51 9.15
O1P PLP Q . -9.71 28.50 9.89
O2P PLP Q . -10.10 29.67 7.72
O3P PLP Q . -12.01 29.14 9.19
N ABU R . -7.44 32.32 6.23
CD ABU R . -7.27 33.14 5.06
CB ABU R . -7.82 32.33 3.89
CG ABU R . -7.94 30.86 4.33
C ABU R . -6.61 30.14 4.08
O ABU R . -6.55 29.23 3.23
OXT ABU R . -5.57 30.44 4.74
#